data_9P8S
#
_entry.id   9P8S
#
_cell.length_a   1.00
_cell.length_b   1.00
_cell.length_c   1.00
_cell.angle_alpha   90.00
_cell.angle_beta   90.00
_cell.angle_gamma   90.00
#
_symmetry.space_group_name_H-M   'P 1'
#
loop_
_entity.id
_entity.type
_entity.pdbx_description
1 polymer 'DNTP triphosphohydrolase'
2 non-polymer 'MAGNESIUM ION'
#
_entity_poly.entity_id   1
_entity_poly.type   'polypeptide(L)'
_entity_poly.pdbx_seq_one_letter_code
;GSMHWNDLLNSNRRKPKNEKKESSQDTSKGRQQIERDYDRILFAAPTRRLADKTQVFPLDKNDSVRTRLTHSHEVANLSR
GIGMRLAFELEDDVFKDVSEDICLKRDVPALLAAIGLVHDMGNPPFGHQGEKAMSEWFTKNLPEHSDNYKDKIYGDFRHF
DGNSQTLRLVTKLQILNDGYGLNLTYATLASMIKYPRSSESDSSLWKKHGFFLSEKDVVQDIWNNTGLSEGVRHPFTYIM
EACDDIAYSVLDAEDIIKKGFASFHDLIDFIQSNQFCKEDDVAKRVIENCKKIHADYAQQKLSPAELNDMSMQMFRVYAI
AELVDAVVIAFKDNINEFLNDTCEIKDLISCSSGKNLCQALKKFDSSRGYQHRSVLKLELEGSNYIKGLMDMLWLGIKGR
ATGDTQYDTPFGRYVYGRISENYRRIFEQENNLPACYKEAQLLADAISGMTDSYLIALHDELRALHQYECRQR
;
_entity_poly.pdbx_strand_id   A,B,D,E,G,H,J,K
#
# COMPACT_ATOMS: atom_id res chain seq x y z
N GLY A 1 -35.88 -59.45 21.98
CA GLY A 1 -34.48 -59.59 21.64
C GLY A 1 -33.60 -58.56 22.30
N SER A 2 -32.56 -59.03 22.99
CA SER A 2 -31.61 -58.17 23.67
C SER A 2 -30.22 -58.40 23.11
N MET A 3 -29.52 -57.32 22.79
CA MET A 3 -28.16 -57.43 22.27
C MET A 3 -27.20 -57.85 23.38
N HIS A 4 -26.11 -58.47 22.98
CA HIS A 4 -25.12 -59.01 23.91
C HIS A 4 -23.85 -58.17 23.86
N TRP A 5 -23.22 -58.00 25.01
CA TRP A 5 -22.00 -57.20 25.08
C TRP A 5 -20.85 -57.81 24.32
N ASN A 6 -20.87 -59.13 24.09
CA ASN A 6 -19.81 -59.76 23.30
C ASN A 6 -19.81 -59.23 21.88
N ASP A 7 -21.00 -59.07 21.29
CA ASP A 7 -21.07 -58.50 19.94
C ASP A 7 -20.81 -57.00 19.95
N LEU A 8 -21.36 -56.30 20.94
CA LEU A 8 -21.19 -54.85 21.00
C LEU A 8 -19.74 -54.45 21.23
N LEU A 9 -18.97 -55.29 21.93
CA LEU A 9 -17.55 -55.05 22.17
C LEU A 9 -16.67 -55.89 21.27
N ASN A 10 -17.11 -56.11 20.03
CA ASN A 10 -16.34 -56.91 19.08
C ASN A 10 -15.02 -56.21 18.76
N SER A 11 -13.92 -56.89 19.03
CA SER A 11 -12.59 -56.36 18.80
C SER A 11 -12.03 -56.73 17.43
N ASN A 12 -12.80 -57.43 16.61
CA ASN A 12 -12.35 -57.74 15.27
C ASN A 12 -12.40 -56.49 14.39
N ARG A 13 -11.67 -56.54 13.28
CA ARG A 13 -11.57 -55.43 12.35
C ARG A 13 -12.09 -55.84 10.99
N ARG A 14 -12.51 -54.84 10.21
CA ARG A 14 -13.10 -55.12 8.90
C ARG A 14 -12.10 -55.78 7.96
N LYS A 15 -10.86 -55.31 7.96
CA LYS A 15 -9.84 -55.85 7.07
C LYS A 15 -9.45 -57.24 7.53
N PRO A 16 -9.59 -58.27 6.69
CA PRO A 16 -9.25 -59.67 7.05
C PRO A 16 -7.76 -59.84 7.36
N ARG A 31 -0.80 -54.36 23.93
CA ARG A 31 -1.97 -53.50 23.95
C ARG A 31 -3.21 -54.23 23.43
N GLN A 32 -4.37 -53.87 23.95
CA GLN A 32 -5.62 -54.39 23.41
C GLN A 32 -5.93 -53.72 22.07
N GLN A 33 -6.86 -54.32 21.34
CA GLN A 33 -7.19 -53.82 20.00
C GLN A 33 -7.83 -52.44 20.07
N ILE A 34 -8.71 -52.23 21.04
CA ILE A 34 -9.42 -50.95 21.14
C ILE A 34 -8.46 -49.83 21.57
N GLU A 35 -7.52 -50.15 22.45
CA GLU A 35 -6.48 -49.17 22.80
C GLU A 35 -5.68 -48.79 21.56
N ARG A 36 -5.36 -49.77 20.72
CA ARG A 36 -4.69 -49.48 19.46
C ARG A 36 -5.56 -48.60 18.57
N ASP A 37 -6.88 -48.81 18.60
CA ASP A 37 -7.79 -47.95 17.84
C ASP A 37 -7.69 -46.50 18.30
N TYR A 38 -7.69 -46.30 19.62
CA TYR A 38 -7.56 -44.94 20.14
C TYR A 38 -6.22 -44.33 19.73
N ASP A 39 -5.15 -45.11 19.79
CA ASP A 39 -3.84 -44.60 19.38
C ASP A 39 -3.83 -44.22 17.91
N ARG A 40 -4.41 -45.05 17.05
CA ARG A 40 -4.45 -44.74 15.63
C ARG A 40 -5.28 -43.49 15.37
N ILE A 41 -6.39 -43.33 16.09
CA ILE A 41 -7.19 -42.12 15.93
C ILE A 41 -6.41 -40.89 16.35
N LEU A 42 -5.68 -40.99 17.47
CA LEU A 42 -4.90 -39.84 17.94
C LEU A 42 -3.79 -39.48 16.96
N PHE A 43 -3.13 -40.47 16.38
CA PHE A 43 -2.01 -40.22 15.47
C PHE A 43 -2.46 -39.89 14.06
N ALA A 44 -3.76 -39.94 13.77
CA ALA A 44 -4.25 -39.66 12.43
C ALA A 44 -4.05 -38.19 12.06
N ALA A 45 -3.82 -37.95 10.77
CA ALA A 45 -3.65 -36.59 10.28
C ALA A 45 -4.90 -35.73 10.48
N PRO A 46 -6.12 -36.19 10.19
CA PRO A 46 -7.29 -35.33 10.44
C PRO A 46 -7.45 -34.90 11.89
N THR A 47 -7.02 -35.75 12.84
CA THR A 47 -7.06 -35.36 14.24
C THR A 47 -6.19 -34.13 14.49
N ARG A 48 -5.00 -34.10 13.89
CA ARG A 48 -4.15 -32.93 14.01
C ARG A 48 -4.72 -31.74 13.25
N ARG A 49 -5.34 -31.99 12.09
CA ARG A 49 -5.97 -30.91 11.34
C ARG A 49 -7.13 -30.28 12.09
N LEU A 50 -7.74 -31.02 13.03
CA LEU A 50 -8.84 -30.47 13.82
C LEU A 50 -8.42 -29.24 14.61
N ALA A 51 -7.12 -29.06 14.88
CA ALA A 51 -6.66 -27.90 15.63
C ALA A 51 -6.90 -26.59 14.91
N ASP A 52 -7.05 -26.62 13.59
CA ASP A 52 -7.24 -25.41 12.79
C ASP A 52 -8.69 -25.22 12.35
N LYS A 53 -9.61 -26.00 12.90
CA LYS A 53 -11.03 -25.88 12.58
C LYS A 53 -11.76 -25.20 13.72
N THR A 54 -12.55 -24.18 13.40
CA THR A 54 -13.28 -23.44 14.40
C THR A 54 -14.35 -24.31 15.05
N GLN A 55 -14.46 -24.22 16.37
CA GLN A 55 -15.49 -24.95 17.10
C GLN A 55 -16.75 -24.10 17.27
N VAL A 56 -16.64 -22.98 17.98
CA VAL A 56 -17.74 -22.02 18.09
C VAL A 56 -17.23 -20.63 17.76
N PHE A 57 -16.23 -20.18 18.50
CA PHE A 57 -15.69 -18.83 18.43
C PHE A 57 -14.50 -18.77 17.49
N PRO A 58 -14.18 -17.60 16.95
CA PRO A 58 -12.98 -17.47 16.11
C PRO A 58 -11.72 -17.87 16.86
N LEU A 59 -10.87 -18.64 16.20
CA LEU A 59 -9.65 -19.15 16.80
C LEU A 59 -8.44 -18.26 16.54
N ASP A 60 -8.60 -17.19 15.75
CA ASP A 60 -7.48 -16.29 15.49
C ASP A 60 -7.07 -15.55 16.75
N LYS A 61 -8.03 -15.20 17.60
CA LYS A 61 -7.73 -14.45 18.81
C LYS A 61 -6.85 -15.28 19.74
N ASN A 62 -5.94 -14.60 20.44
CA ASN A 62 -5.03 -15.25 21.38
C ASN A 62 -5.69 -15.23 22.76
N ASP A 63 -6.67 -16.11 22.94
CA ASP A 63 -7.40 -16.18 24.19
C ASP A 63 -7.67 -17.61 24.64
N SER A 64 -6.94 -18.59 24.10
CA SER A 64 -7.08 -19.99 24.49
C SER A 64 -8.53 -20.47 24.32
N VAL A 65 -9.14 -20.06 23.21
CA VAL A 65 -10.52 -20.45 22.95
C VAL A 65 -10.57 -21.88 22.42
N ARG A 66 -11.69 -22.55 22.65
CA ARG A 66 -11.84 -23.94 22.25
C ARG A 66 -11.85 -24.06 20.74
N THR A 67 -11.06 -25.01 20.23
CA THR A 67 -11.10 -25.43 18.84
C THR A 67 -11.73 -26.82 18.76
N ARG A 68 -11.76 -27.38 17.55
CA ARG A 68 -12.30 -28.73 17.39
C ARG A 68 -11.42 -29.75 18.09
N LEU A 69 -10.10 -29.55 18.07
CA LEU A 69 -9.20 -30.50 18.70
C LEU A 69 -9.36 -30.50 20.22
N THR A 70 -9.36 -29.31 20.83
CA THR A 70 -9.52 -29.23 22.27
C THR A 70 -10.88 -29.75 22.72
N HIS A 71 -11.93 -29.41 21.96
CA HIS A 71 -13.26 -29.92 22.28
C HIS A 71 -13.31 -31.44 22.16
N SER A 72 -12.69 -32.00 21.12
CA SER A 72 -12.66 -33.44 20.96
C SER A 72 -11.91 -34.10 22.11
N HIS A 73 -10.80 -33.52 22.53
CA HIS A 73 -10.04 -34.09 23.64
C HIS A 73 -10.83 -34.02 24.94
N GLU A 74 -11.57 -32.93 25.16
CA GLU A 74 -12.39 -32.84 26.37
C GLU A 74 -13.51 -33.87 26.35
N VAL A 75 -14.17 -34.05 25.20
CA VAL A 75 -15.20 -35.07 25.08
C VAL A 75 -14.61 -36.46 25.32
N ALA A 76 -13.42 -36.71 24.76
CA ALA A 76 -12.77 -37.99 24.96
C ALA A 76 -12.44 -38.23 26.42
N ASN A 77 -11.99 -37.20 27.12
CA ASN A 77 -11.67 -37.34 28.54
C ASN A 77 -12.93 -37.62 29.36
N LEU A 78 -14.02 -36.92 29.06
CA LEU A 78 -15.27 -37.18 29.78
C LEU A 78 -15.76 -38.60 29.53
N SER A 79 -15.70 -39.04 28.27
CA SER A 79 -16.13 -40.40 27.95
C SER A 79 -15.23 -41.43 28.61
N ARG A 80 -13.92 -41.16 28.67
CA ARG A 80 -13.00 -42.08 29.32
C ARG A 80 -13.28 -42.17 30.81
N GLY A 81 -13.59 -41.04 31.45
CA GLY A 81 -13.96 -41.08 32.86
C GLY A 81 -15.23 -41.87 33.10
N ILE A 82 -16.23 -41.68 32.24
CA ILE A 82 -17.46 -42.45 32.36
C ILE A 82 -17.17 -43.94 32.19
N GLY A 83 -16.31 -44.28 31.24
CA GLY A 83 -15.94 -45.68 31.06
C GLY A 83 -15.18 -46.24 32.25
N MET A 84 -14.32 -45.41 32.85
CA MET A 84 -13.64 -45.82 34.07
C MET A 84 -14.64 -46.19 35.16
N ARG A 85 -15.64 -45.33 35.35
CA ARG A 85 -16.68 -45.61 36.35
C ARG A 85 -17.46 -46.87 35.99
N LEU A 86 -17.82 -47.03 34.72
CA LEU A 86 -18.60 -48.19 34.31
C LEU A 86 -17.84 -49.50 34.48
N ALA A 87 -16.57 -49.53 34.12
CA ALA A 87 -15.79 -50.76 34.15
C ALA A 87 -15.22 -51.10 35.51
N PHE A 88 -14.99 -50.11 36.38
CA PHE A 88 -14.41 -50.37 37.69
C PHE A 88 -15.42 -50.37 38.81
N GLU A 89 -16.40 -49.46 38.76
CA GLU A 89 -17.40 -49.39 39.83
C GLU A 89 -18.67 -50.16 39.48
N LEU A 90 -19.38 -49.74 38.44
CA LEU A 90 -20.65 -50.35 38.09
C LEU A 90 -20.49 -51.43 37.02
N GLU A 91 -19.68 -52.45 37.30
CA GLU A 91 -19.47 -53.51 36.32
C GLU A 91 -20.63 -54.50 36.32
N ASP A 92 -21.00 -55.00 37.50
CA ASP A 92 -22.08 -55.97 37.59
C ASP A 92 -23.43 -55.37 37.25
N ASP A 93 -23.57 -54.04 37.35
CA ASP A 93 -24.87 -53.43 37.08
C ASP A 93 -25.17 -53.36 35.59
N VAL A 94 -24.17 -53.11 34.76
CA VAL A 94 -24.38 -52.89 33.34
C VAL A 94 -23.78 -54.00 32.50
N PHE A 95 -22.64 -54.57 32.90
CA PHE A 95 -22.03 -55.67 32.15
C PHE A 95 -22.38 -56.99 32.84
N LYS A 96 -23.64 -57.40 32.67
CA LYS A 96 -24.11 -58.62 33.32
C LYS A 96 -23.59 -59.87 32.62
N ASP A 97 -23.60 -59.90 31.30
CA ASP A 97 -23.21 -61.09 30.52
C ASP A 97 -22.09 -60.69 29.57
N VAL A 98 -20.86 -60.89 30.01
CA VAL A 98 -19.67 -60.55 29.23
C VAL A 98 -18.71 -61.74 29.27
N SER A 99 -18.17 -62.10 28.11
CA SER A 99 -17.20 -63.17 28.04
C SER A 99 -15.94 -62.82 28.82
N GLU A 100 -15.27 -63.85 29.35
CA GLU A 100 -14.11 -63.63 30.20
C GLU A 100 -12.92 -63.08 29.43
N ASP A 101 -12.82 -63.42 28.13
CA ASP A 101 -11.67 -62.96 27.35
C ASP A 101 -11.68 -61.45 27.15
N ILE A 102 -12.83 -60.81 27.33
CA ILE A 102 -12.93 -59.36 27.19
C ILE A 102 -12.50 -58.71 28.49
N CYS A 103 -11.53 -57.80 28.41
CA CYS A 103 -11.06 -57.05 29.57
C CYS A 103 -11.79 -55.70 29.55
N LEU A 104 -12.85 -55.59 30.35
CA LEU A 104 -13.65 -54.37 30.36
C LEU A 104 -12.82 -53.18 30.81
N LYS A 105 -11.99 -53.37 31.84
CA LYS A 105 -11.23 -52.26 32.42
C LYS A 105 -10.26 -51.66 31.42
N ARG A 106 -9.87 -52.41 30.40
CA ARG A 106 -8.99 -51.90 29.37
C ARG A 106 -9.72 -51.50 28.09
N ASP A 107 -10.88 -52.10 27.82
CA ASP A 107 -11.60 -51.88 26.57
C ASP A 107 -12.61 -50.74 26.67
N VAL A 108 -13.46 -50.74 27.70
CA VAL A 108 -14.53 -49.74 27.78
C VAL A 108 -13.99 -48.33 27.87
N PRO A 109 -13.07 -47.98 28.78
CA PRO A 109 -12.55 -46.61 28.78
C PRO A 109 -11.87 -46.23 27.48
N ALA A 110 -11.09 -47.15 26.90
CA ALA A 110 -10.43 -46.86 25.64
C ALA A 110 -11.42 -46.66 24.52
N LEU A 111 -12.47 -47.49 24.48
CA LEU A 111 -13.49 -47.36 23.43
C LEU A 111 -14.21 -46.02 23.54
N LEU A 112 -14.61 -45.66 24.75
CA LEU A 112 -15.31 -44.38 24.93
C LEU A 112 -14.40 -43.21 24.60
N ALA A 113 -13.12 -43.28 25.00
CA ALA A 113 -12.19 -42.21 24.68
C ALA A 113 -12.00 -42.09 23.17
N ALA A 114 -11.87 -43.22 22.47
CA ALA A 114 -11.68 -43.18 21.02
C ALA A 114 -12.88 -42.58 20.31
N ILE A 115 -14.09 -43.04 20.67
CA ILE A 115 -15.27 -42.52 19.99
C ILE A 115 -15.51 -41.06 20.34
N GLY A 116 -15.11 -40.63 21.55
CA GLY A 116 -15.19 -39.22 21.88
C GLY A 116 -14.21 -38.39 21.09
N LEU A 117 -12.99 -38.89 20.91
CA LEU A 117 -11.96 -38.13 20.19
C LEU A 117 -12.28 -38.03 18.71
N VAL A 118 -12.87 -39.08 18.12
CA VAL A 118 -13.09 -39.12 16.69
C VAL A 118 -14.44 -38.55 16.27
N HIS A 119 -15.30 -38.18 17.23
CA HIS A 119 -16.70 -37.90 16.91
C HIS A 119 -16.87 -36.72 15.98
N ASP A 120 -15.97 -35.73 16.04
CA ASP A 120 -16.09 -34.52 15.22
C ASP A 120 -14.97 -34.42 14.18
N MET A 121 -14.42 -35.56 13.77
CA MET A 121 -13.25 -35.53 12.89
C MET A 121 -13.60 -35.12 11.47
N GLY A 122 -14.81 -35.42 11.00
CA GLY A 122 -15.22 -35.12 9.65
C GLY A 122 -16.11 -33.90 9.49
N ASN A 123 -16.25 -33.07 10.52
CA ASN A 123 -17.09 -31.90 10.41
C ASN A 123 -16.41 -30.84 9.53
N PRO A 124 -17.18 -30.12 8.73
CA PRO A 124 -16.61 -29.06 7.90
C PRO A 124 -16.15 -27.90 8.75
N PRO A 125 -15.32 -27.01 8.21
CA PRO A 125 -14.83 -25.88 9.00
C PRO A 125 -15.93 -24.87 9.30
N PHE A 126 -15.55 -23.86 10.09
CA PHE A 126 -16.40 -22.72 10.41
C PHE A 126 -17.61 -23.11 11.27
N GLY A 127 -17.41 -24.09 12.15
CA GLY A 127 -18.43 -24.45 13.12
C GLY A 127 -19.69 -25.02 12.50
N HIS A 128 -20.82 -24.76 13.14
CA HIS A 128 -22.10 -25.25 12.64
C HIS A 128 -22.47 -24.60 11.32
N GLN A 129 -22.02 -23.36 11.11
CA GLN A 129 -22.30 -22.67 9.88
C GLN A 129 -21.66 -23.38 8.70
N GLY A 130 -20.62 -24.15 8.93
CA GLY A 130 -20.04 -24.95 7.86
C GLY A 130 -21.02 -25.96 7.30
N GLU A 131 -21.62 -26.76 8.19
CA GLU A 131 -22.64 -27.71 7.77
C GLU A 131 -23.83 -26.99 7.16
N LYS A 132 -24.26 -25.89 7.78
CA LYS A 132 -25.42 -25.18 7.26
C LYS A 132 -25.16 -24.64 5.85
N ALA A 133 -23.98 -24.07 5.63
CA ALA A 133 -23.65 -23.51 4.32
C ALA A 133 -23.50 -24.60 3.27
N MET A 134 -22.88 -25.73 3.63
CA MET A 134 -22.78 -26.84 2.70
C MET A 134 -24.18 -27.35 2.32
N SER A 135 -25.06 -27.48 3.30
CA SER A 135 -26.42 -27.95 3.03
C SER A 135 -27.16 -26.95 2.13
N GLU A 136 -27.02 -25.66 2.40
CA GLU A 136 -27.70 -24.66 1.58
C GLU A 136 -27.18 -24.68 0.15
N TRP A 137 -25.86 -24.76 -0.01
CA TRP A 137 -25.29 -24.80 -1.36
C TRP A 137 -25.75 -26.04 -2.11
N PHE A 138 -25.76 -27.19 -1.45
CA PHE A 138 -26.20 -28.41 -2.12
C PHE A 138 -27.68 -28.36 -2.46
N THR A 139 -28.49 -27.77 -1.57
CA THR A 139 -29.91 -27.61 -1.87
C THR A 139 -30.13 -26.72 -3.08
N LYS A 140 -29.35 -25.64 -3.18
CA LYS A 140 -29.54 -24.72 -4.31
C LYS A 140 -29.01 -25.32 -5.60
N ASN A 141 -27.87 -26.00 -5.56
CA ASN A 141 -27.21 -26.47 -6.78
C ASN A 141 -27.55 -27.90 -7.14
N LEU A 142 -28.27 -28.63 -6.29
CA LEU A 142 -28.78 -29.96 -6.60
C LEU A 142 -30.28 -29.93 -6.36
N PRO A 143 -31.05 -29.32 -7.26
CA PRO A 143 -32.48 -29.15 -7.02
C PRO A 143 -33.18 -30.49 -6.86
N GLU A 144 -34.10 -30.57 -5.91
CA GLU A 144 -34.86 -31.80 -5.69
C GLU A 144 -35.87 -32.03 -6.80
N HIS A 145 -36.34 -30.97 -7.45
CA HIS A 145 -37.28 -31.13 -8.55
C HIS A 145 -36.61 -31.60 -9.82
N SER A 146 -35.33 -31.32 -9.99
CA SER A 146 -34.61 -31.72 -11.19
C SER A 146 -34.52 -33.24 -11.27
N ASP A 147 -34.49 -33.75 -12.50
CA ASP A 147 -34.44 -35.19 -12.72
C ASP A 147 -33.12 -35.80 -12.27
N ASN A 148 -32.02 -35.04 -12.38
CA ASN A 148 -30.72 -35.58 -11.99
C ASN A 148 -30.61 -35.78 -10.49
N TYR A 149 -31.24 -34.90 -9.71
CA TYR A 149 -31.10 -34.89 -8.25
C TYR A 149 -32.44 -35.06 -7.58
N LYS A 150 -33.30 -35.90 -8.14
CA LYS A 150 -34.63 -36.13 -7.58
C LYS A 150 -34.63 -37.21 -6.50
N ASP A 151 -33.71 -38.17 -6.57
CA ASP A 151 -33.70 -39.26 -5.62
C ASP A 151 -33.36 -38.77 -4.22
N LYS A 152 -33.85 -39.49 -3.21
CA LYS A 152 -33.60 -39.11 -1.82
C LYS A 152 -32.14 -39.28 -1.41
N ILE A 153 -31.36 -40.03 -2.19
CA ILE A 153 -29.97 -40.25 -1.83
C ILE A 153 -29.20 -38.93 -1.82
N TYR A 154 -29.55 -38.02 -2.73
CA TYR A 154 -28.89 -36.72 -2.76
C TYR A 154 -29.22 -35.88 -1.55
N GLY A 155 -30.22 -36.26 -0.76
CA GLY A 155 -30.41 -35.64 0.55
C GLY A 155 -29.16 -35.74 1.40
N ASP A 156 -28.37 -36.81 1.22
CA ASP A 156 -27.09 -36.94 1.89
C ASP A 156 -26.26 -35.67 1.80
N PHE A 157 -26.43 -34.91 0.71
CA PHE A 157 -25.76 -33.62 0.58
C PHE A 157 -26.68 -32.44 0.83
N ARG A 158 -27.98 -32.59 0.56
CA ARG A 158 -28.90 -31.50 0.83
C ARG A 158 -29.11 -31.30 2.32
N HIS A 159 -28.93 -32.36 3.10
CA HIS A 159 -28.96 -32.27 4.56
C HIS A 159 -27.63 -32.78 5.11
N PHE A 160 -26.53 -32.30 4.54
CA PHE A 160 -25.21 -32.79 4.86
C PHE A 160 -24.94 -32.72 6.37
N ASP A 161 -24.42 -33.80 6.91
CA ASP A 161 -24.12 -33.91 8.33
C ASP A 161 -22.69 -34.42 8.52
N GLY A 162 -22.05 -33.94 9.58
CA GLY A 162 -20.65 -34.27 9.82
C GLY A 162 -20.40 -35.69 10.28
N ASN A 163 -21.40 -36.34 10.88
CA ASN A 163 -21.20 -37.70 11.37
C ASN A 163 -20.98 -38.68 10.23
N SER A 164 -21.79 -38.57 9.17
CA SER A 164 -21.62 -39.45 8.02
C SER A 164 -20.26 -39.22 7.37
N GLN A 165 -19.83 -37.96 7.28
CA GLN A 165 -18.52 -37.67 6.71
C GLN A 165 -17.41 -38.23 7.59
N THR A 166 -17.58 -38.18 8.91
CA THR A 166 -16.58 -38.77 9.80
C THR A 166 -16.48 -40.28 9.60
N LEU A 167 -17.63 -40.95 9.48
CA LEU A 167 -17.61 -42.38 9.24
C LEU A 167 -16.96 -42.71 7.90
N ARG A 168 -17.28 -41.92 6.87
CA ARG A 168 -16.65 -42.11 5.56
C ARG A 168 -15.14 -41.91 5.66
N LEU A 169 -14.71 -40.91 6.42
CA LEU A 169 -13.29 -40.63 6.58
C LEU A 169 -12.57 -41.80 7.25
N VAL A 170 -13.17 -42.34 8.31
CA VAL A 170 -12.51 -43.42 9.04
C VAL A 170 -12.62 -44.77 8.34
N THR A 171 -13.53 -44.91 7.37
CA THR A 171 -13.69 -46.19 6.69
C THR A 171 -13.12 -46.26 5.29
N LYS A 172 -12.97 -45.13 4.59
CA LYS A 172 -12.63 -45.17 3.17
C LYS A 172 -11.42 -44.31 2.80
N LEU A 173 -10.78 -43.65 3.75
CA LEU A 173 -9.72 -42.69 3.45
C LEU A 173 -8.36 -43.24 3.86
N GLN A 174 -7.65 -43.83 2.90
CA GLN A 174 -6.25 -44.20 3.07
C GLN A 174 -5.63 -44.61 1.73
N GLY A 179 -8.85 -50.42 1.18
CA GLY A 179 -10.07 -49.64 1.31
C GLY A 179 -10.75 -49.81 2.66
N TYR A 180 -9.97 -49.71 3.72
CA TYR A 180 -10.49 -49.85 5.08
C TYR A 180 -10.10 -48.71 6.01
N GLY A 181 -9.33 -47.74 5.53
CA GLY A 181 -8.98 -46.59 6.36
C GLY A 181 -8.10 -46.99 7.52
N LEU A 182 -8.47 -46.52 8.72
CA LEU A 182 -7.68 -46.75 9.93
C LEU A 182 -7.85 -48.17 10.47
N ASN A 183 -8.77 -48.96 9.92
CA ASN A 183 -9.02 -50.34 10.35
C ASN A 183 -9.39 -50.38 11.83
N LEU A 184 -10.39 -49.58 12.19
CA LEU A 184 -10.90 -49.58 13.56
C LEU A 184 -11.67 -50.88 13.82
N THR A 185 -11.78 -51.22 15.09
CA THR A 185 -12.53 -52.41 15.47
C THR A 185 -14.01 -52.22 15.20
N TYR A 186 -14.74 -53.33 15.16
CA TYR A 186 -16.18 -53.27 14.92
C TYR A 186 -16.90 -52.51 16.03
N ALA A 187 -16.42 -52.64 17.28
CA ALA A 187 -17.04 -51.92 18.38
C ALA A 187 -16.91 -50.41 18.18
N THR A 188 -15.72 -49.96 17.81
CA THR A 188 -15.50 -48.53 17.58
C THR A 188 -16.39 -48.02 16.45
N LEU A 189 -16.39 -48.73 15.31
CA LEU A 189 -17.18 -48.29 14.17
C LEU A 189 -18.67 -48.29 14.50
N ALA A 190 -19.13 -49.30 15.24
CA ALA A 190 -20.53 -49.33 15.64
C ALA A 190 -20.88 -48.16 16.54
N SER A 191 -19.98 -47.82 17.47
CA SER A 191 -20.23 -46.67 18.33
C SER A 191 -20.12 -45.34 17.59
N MET A 192 -19.43 -45.31 16.45
CA MET A 192 -19.34 -44.08 15.67
C MET A 192 -20.69 -43.69 15.07
N ILE A 193 -21.50 -44.69 14.71
CA ILE A 193 -22.76 -44.42 14.01
C ILE A 193 -23.72 -43.76 15.00
N LYS A 194 -23.89 -42.45 14.88
CA LYS A 194 -24.74 -41.70 15.80
C LYS A 194 -26.22 -41.84 15.47
N TYR A 195 -26.57 -41.87 14.19
CA TYR A 195 -27.95 -42.06 13.78
C TYR A 195 -28.05 -43.31 12.91
N PRO A 196 -28.58 -44.42 13.41
CA PRO A 196 -28.56 -45.68 12.66
C PRO A 196 -29.57 -45.72 11.52
N ARG A 197 -29.45 -44.76 10.59
CA ARG A 197 -30.31 -44.72 9.42
C ARG A 197 -29.64 -43.87 8.35
N SER A 198 -30.08 -44.07 7.11
CA SER A 198 -29.62 -43.30 5.97
C SER A 198 -30.71 -42.35 5.50
N SER A 199 -30.34 -41.47 4.57
CA SER A 199 -31.30 -40.53 4.01
C SER A 199 -32.41 -41.26 3.25
N GLU A 200 -32.09 -42.40 2.64
CA GLU A 200 -33.11 -43.21 2.00
C GLU A 200 -34.11 -43.76 3.00
N SER A 201 -33.65 -44.09 4.20
CA SER A 201 -34.53 -44.60 5.24
C SER A 201 -35.47 -43.50 5.74
N ASP A 202 -36.56 -43.94 6.34
CA ASP A 202 -37.60 -43.05 6.86
C ASP A 202 -37.88 -43.32 8.33
N SER A 203 -36.82 -43.45 9.13
CA SER A 203 -36.98 -43.73 10.55
C SER A 203 -37.57 -42.52 11.25
N SER A 204 -38.62 -42.75 12.05
CA SER A 204 -39.21 -41.68 12.84
C SER A 204 -38.39 -41.38 14.08
N LEU A 205 -37.68 -42.37 14.62
CA LEU A 205 -36.91 -42.15 15.84
C LEU A 205 -35.80 -41.14 15.62
N TRP A 206 -35.09 -41.25 14.50
CA TRP A 206 -33.98 -40.36 14.18
C TRP A 206 -34.34 -39.49 12.99
N LYS A 207 -34.18 -38.19 13.13
CA LYS A 207 -34.52 -37.23 12.08
C LYS A 207 -33.32 -36.87 11.20
N LYS A 208 -32.16 -37.48 11.45
CA LYS A 208 -30.96 -37.23 10.65
C LYS A 208 -30.38 -38.55 10.18
N HIS A 209 -29.77 -38.52 9.01
CA HIS A 209 -29.07 -39.69 8.49
C HIS A 209 -27.69 -39.78 9.12
N GLY A 210 -27.25 -41.00 9.40
CA GLY A 210 -25.99 -41.22 10.08
C GLY A 210 -24.87 -41.70 9.19
N PHE A 211 -25.18 -42.09 7.96
CA PHE A 211 -24.15 -42.54 7.04
C PHE A 211 -24.59 -42.25 5.61
N PHE A 212 -23.61 -42.15 4.73
CA PHE A 212 -23.86 -41.88 3.32
C PHE A 212 -24.30 -43.15 2.60
N LEU A 213 -24.78 -42.97 1.37
CA LEU A 213 -25.11 -44.11 0.53
C LEU A 213 -23.86 -44.93 0.22
N SER A 214 -22.73 -44.25 0.00
CA SER A 214 -21.48 -44.94 -0.31
C SER A 214 -21.02 -45.84 0.83
N GLU A 215 -21.47 -45.58 2.06
CA GLU A 215 -21.14 -46.41 3.20
C GLU A 215 -22.22 -47.42 3.52
N LYS A 216 -23.27 -47.50 2.69
CA LYS A 216 -24.42 -48.36 2.99
C LYS A 216 -23.99 -49.79 3.21
N ASP A 217 -23.07 -50.30 2.39
CA ASP A 217 -22.56 -51.65 2.60
C ASP A 217 -21.76 -51.73 3.89
N VAL A 218 -20.86 -50.78 4.11
CA VAL A 218 -19.92 -50.88 5.23
C VAL A 218 -20.67 -50.97 6.55
N VAL A 219 -21.61 -50.06 6.77
CA VAL A 219 -22.37 -50.08 8.01
C VAL A 219 -23.13 -51.40 8.14
N GLN A 220 -23.63 -51.92 7.03
CA GLN A 220 -24.30 -53.21 7.06
C GLN A 220 -23.36 -54.28 7.62
N ASP A 221 -22.12 -54.30 7.12
CA ASP A 221 -21.14 -55.23 7.66
C ASP A 221 -20.96 -55.02 9.15
N ILE A 222 -20.88 -53.76 9.58
CA ILE A 222 -20.80 -53.47 11.01
C ILE A 222 -22.03 -54.02 11.73
N TRP A 223 -23.20 -53.78 11.16
CA TRP A 223 -24.42 -54.31 11.77
C TRP A 223 -24.43 -55.82 11.77
N ASN A 224 -23.68 -56.45 10.87
CA ASN A 224 -23.60 -57.91 10.85
C ASN A 224 -22.58 -58.47 11.82
N ASN A 225 -21.75 -57.61 12.43
CA ASN A 225 -20.71 -58.09 13.33
C ASN A 225 -20.90 -57.63 14.77
N THR A 226 -21.81 -56.68 15.04
CA THR A 226 -22.03 -56.18 16.38
C THR A 226 -23.43 -56.46 16.89
N GLY A 227 -24.26 -57.16 16.14
CA GLY A 227 -25.62 -57.43 16.55
C GLY A 227 -26.58 -56.28 16.42
N LEU A 228 -26.14 -55.18 15.80
CA LEU A 228 -26.98 -54.01 15.63
C LEU A 228 -27.77 -54.12 14.31
N SER A 229 -28.64 -53.14 14.09
CA SER A 229 -29.44 -53.09 12.88
C SER A 229 -29.89 -51.66 12.67
N GLU A 230 -30.64 -51.44 11.59
CA GLU A 230 -31.14 -50.10 11.28
C GLU A 230 -32.05 -49.60 12.39
N GLY A 231 -31.81 -48.37 12.84
CA GLY A 231 -32.60 -47.75 13.87
C GLY A 231 -32.18 -48.10 15.28
N VAL A 232 -31.24 -49.01 15.45
CA VAL A 232 -30.77 -49.42 16.77
C VAL A 232 -29.41 -48.80 17.01
N ARG A 233 -29.29 -48.05 18.10
CA ARG A 233 -28.06 -47.34 18.42
C ARG A 233 -27.17 -48.18 19.33
N HIS A 234 -25.87 -48.07 19.13
CA HIS A 234 -24.94 -48.70 20.05
C HIS A 234 -25.06 -48.04 21.42
N PRO A 235 -25.04 -48.82 22.51
CA PRO A 235 -25.21 -48.21 23.84
C PRO A 235 -24.20 -47.12 24.16
N PHE A 236 -22.96 -47.27 23.70
CA PHE A 236 -21.94 -46.26 24.00
C PHE A 236 -22.12 -45.00 23.17
N THR A 237 -22.90 -45.06 22.10
CA THR A 237 -23.20 -43.86 21.33
C THR A 237 -23.99 -42.87 22.18
N TYR A 238 -24.89 -43.36 23.02
CA TYR A 238 -25.62 -42.48 23.94
C TYR A 238 -24.66 -41.78 24.90
N ILE A 239 -23.69 -42.52 25.43
CA ILE A 239 -22.72 -41.93 26.35
C ILE A 239 -21.89 -40.87 25.63
N MET A 240 -21.44 -41.17 24.41
CA MET A 240 -20.65 -40.20 23.66
C MET A 240 -21.45 -38.95 23.35
N GLU A 241 -22.72 -39.12 22.96
CA GLU A 241 -23.57 -37.96 22.69
C GLU A 241 -23.82 -37.14 23.95
N ALA A 242 -24.02 -37.80 25.08
CA ALA A 242 -24.20 -37.07 26.34
C ALA A 242 -22.95 -36.29 26.71
N CYS A 243 -21.78 -36.91 26.53
CA CYS A 243 -20.54 -36.19 26.81
C CYS A 243 -20.36 -35.01 25.86
N ASP A 244 -20.73 -35.19 24.59
CA ASP A 244 -20.66 -34.08 23.64
C ASP A 244 -21.56 -32.93 24.07
N ASP A 245 -22.79 -33.25 24.48
CA ASP A 245 -23.72 -32.20 24.92
C ASP A 245 -23.20 -31.50 26.17
N ILE A 246 -22.68 -32.27 27.13
CA ILE A 246 -22.14 -31.67 28.34
C ILE A 246 -20.98 -30.74 28.01
N ALA A 247 -20.08 -31.20 27.14
CA ALA A 247 -18.94 -30.37 26.76
C ALA A 247 -19.40 -29.09 26.09
N TYR A 248 -20.29 -29.19 25.10
CA TYR A 248 -20.87 -28.02 24.48
C TYR A 248 -21.39 -27.05 25.54
N SER A 249 -22.37 -27.51 26.33
CA SER A 249 -23.09 -26.61 27.23
C SER A 249 -22.17 -25.97 28.25
N VAL A 250 -21.22 -26.72 28.79
CA VAL A 250 -20.41 -26.19 29.89
C VAL A 250 -19.24 -25.35 29.36
N LEU A 251 -18.44 -25.91 28.45
CA LEU A 251 -17.27 -25.17 28.02
C LEU A 251 -17.62 -24.01 27.09
N ASP A 252 -18.77 -24.04 26.41
CA ASP A 252 -19.18 -22.85 25.68
C ASP A 252 -19.48 -21.69 26.63
N ALA A 253 -20.15 -21.98 27.74
CA ALA A 253 -20.38 -20.96 28.75
C ALA A 253 -19.06 -20.48 29.36
N GLU A 254 -18.14 -21.41 29.60
CA GLU A 254 -16.84 -21.02 30.13
C GLU A 254 -16.11 -20.09 29.18
N ASP A 255 -16.15 -20.39 27.88
CA ASP A 255 -15.53 -19.51 26.89
C ASP A 255 -16.24 -18.18 26.80
N ILE A 256 -17.56 -18.17 26.95
CA ILE A 256 -18.32 -16.93 26.93
C ILE A 256 -17.87 -16.02 28.06
N ILE A 257 -17.73 -16.58 29.26
CA ILE A 257 -17.26 -15.77 30.39
C ILE A 257 -15.82 -15.35 30.18
N LYS A 258 -14.99 -16.25 29.64
CA LYS A 258 -13.58 -15.94 29.44
C LYS A 258 -13.39 -14.78 28.47
N LYS A 259 -14.16 -14.76 27.39
CA LYS A 259 -14.04 -13.70 26.40
C LYS A 259 -14.64 -12.39 26.87
N GLY A 260 -15.35 -12.39 28.00
CA GLY A 260 -15.97 -11.19 28.51
C GLY A 260 -17.35 -10.90 27.96
N PHE A 261 -17.92 -11.80 27.16
CA PHE A 261 -19.27 -11.60 26.65
C PHE A 261 -20.32 -11.65 27.75
N ALA A 262 -19.97 -12.23 28.90
CA ALA A 262 -20.86 -12.28 30.05
C ALA A 262 -20.01 -12.48 31.30
N SER A 263 -20.64 -12.35 32.44
CA SER A 263 -19.97 -12.50 33.72
C SER A 263 -20.49 -13.76 34.43
N PHE A 264 -19.75 -14.17 35.46
CA PHE A 264 -20.16 -15.32 36.25
C PHE A 264 -21.50 -15.06 36.93
N HIS A 265 -21.69 -13.84 37.46
CA HIS A 265 -22.96 -13.49 38.08
C HIS A 265 -24.08 -13.51 37.05
N ASP A 266 -23.80 -13.14 35.80
CA ASP A 266 -24.79 -13.24 34.75
C ASP A 266 -25.23 -14.68 34.53
N LEU A 267 -24.27 -15.60 34.50
CA LEU A 267 -24.61 -17.01 34.34
C LEU A 267 -25.42 -17.53 35.51
N ILE A 268 -25.04 -17.13 36.73
CA ILE A 268 -25.77 -17.57 37.92
C ILE A 268 -27.20 -17.05 37.89
N ASP A 269 -27.37 -15.78 37.52
CA ASP A 269 -28.70 -15.20 37.44
C ASP A 269 -29.53 -15.87 36.35
N PHE A 270 -28.92 -16.17 35.21
CA PHE A 270 -29.63 -16.86 34.14
C PHE A 270 -30.10 -18.23 34.59
N ILE A 271 -29.25 -18.98 35.28
CA ILE A 271 -29.63 -20.30 35.75
C ILE A 271 -30.73 -20.21 36.79
N GLN A 272 -30.60 -19.27 37.74
CA GLN A 272 -31.60 -19.13 38.79
C GLN A 272 -32.95 -18.71 38.23
N SER A 273 -32.96 -17.79 37.26
CA SER A 273 -34.20 -17.29 36.69
C SER A 273 -34.78 -18.21 35.64
N ASN A 274 -34.07 -19.27 35.25
CA ASN A 274 -34.61 -20.21 34.29
C ASN A 274 -35.83 -20.92 34.86
N GLN A 275 -36.85 -21.09 34.02
CA GLN A 275 -38.13 -21.61 34.51
C GLN A 275 -37.99 -23.02 35.06
N PHE A 276 -37.24 -23.88 34.37
CA PHE A 276 -37.12 -25.27 34.78
C PHE A 276 -36.02 -25.52 35.80
N CYS A 277 -35.18 -24.53 36.08
CA CYS A 277 -34.09 -24.69 37.03
C CYS A 277 -34.39 -24.09 38.39
N LYS A 278 -35.56 -23.48 38.58
CA LYS A 278 -35.92 -22.95 39.88
C LYS A 278 -36.14 -24.06 40.91
N GLU A 279 -36.72 -25.18 40.47
CA GLU A 279 -36.97 -26.31 41.35
C GLU A 279 -36.05 -27.50 41.08
N ASP A 280 -35.17 -27.41 40.09
CA ASP A 280 -34.29 -28.51 39.76
C ASP A 280 -33.26 -28.72 40.86
N ASP A 281 -33.15 -29.95 41.35
CA ASP A 281 -32.25 -30.22 42.46
C ASP A 281 -30.79 -30.04 42.07
N VAL A 282 -30.40 -30.54 40.91
CA VAL A 282 -29.01 -30.44 40.46
C VAL A 282 -28.62 -28.99 40.25
N ALA A 283 -29.50 -28.23 39.59
CA ALA A 283 -29.20 -26.82 39.33
C ALA A 283 -29.09 -26.04 40.63
N LYS A 284 -30.00 -26.28 41.57
CA LYS A 284 -29.95 -25.59 42.85
C LYS A 284 -28.69 -25.94 43.62
N ARG A 285 -28.31 -27.22 43.61
CA ARG A 285 -27.08 -27.62 44.30
C ARG A 285 -25.85 -26.95 43.69
N VAL A 286 -25.77 -26.92 42.36
CA VAL A 286 -24.63 -26.29 41.69
C VAL A 286 -24.59 -24.81 42.01
N ILE A 287 -25.75 -24.14 41.96
CA ILE A 287 -25.81 -22.71 42.24
C ILE A 287 -25.38 -22.43 43.67
N GLU A 288 -25.85 -23.24 44.63
CA GLU A 288 -25.49 -23.02 46.03
C GLU A 288 -23.99 -23.22 46.25
N ASN A 289 -23.42 -24.27 45.66
CA ASN A 289 -21.98 -24.49 45.80
C ASN A 289 -21.18 -23.35 45.18
N CYS A 290 -21.62 -22.86 44.02
CA CYS A 290 -20.90 -21.77 43.37
C CYS A 290 -21.01 -20.48 44.17
N LYS A 291 -22.18 -20.22 44.76
CA LYS A 291 -22.33 -19.06 45.63
C LYS A 291 -21.41 -19.16 46.84
N LYS A 292 -21.33 -20.34 47.45
CA LYS A 292 -20.45 -20.53 48.60
C LYS A 292 -19.00 -20.27 48.22
N ILE A 293 -18.57 -20.79 47.06
CA ILE A 293 -17.18 -20.61 46.65
C ILE A 293 -16.90 -19.15 46.31
N HIS A 294 -17.81 -18.50 45.58
CA HIS A 294 -17.63 -17.11 45.22
C HIS A 294 -17.62 -16.20 46.45
N ALA A 295 -18.29 -16.62 47.53
CA ALA A 295 -18.22 -15.86 48.77
C ALA A 295 -16.81 -15.81 49.33
N ASP A 296 -15.98 -16.81 49.04
CA ASP A 296 -14.60 -16.83 49.51
C ASP A 296 -13.62 -16.29 48.48
N TYR A 297 -13.88 -16.50 47.19
CA TYR A 297 -12.95 -16.04 46.16
C TYR A 297 -12.86 -14.52 46.07
N ALA A 298 -13.90 -13.81 46.53
CA ALA A 298 -13.89 -12.36 46.40
C ALA A 298 -13.01 -11.67 47.43
N GLN A 299 -12.64 -12.36 48.51
CA GLN A 299 -11.82 -11.73 49.54
C GLN A 299 -10.43 -11.38 49.02
N GLN A 300 -9.81 -12.29 48.27
CA GLN A 300 -8.48 -12.03 47.74
C GLN A 300 -8.53 -10.96 46.66
N LYS A 301 -7.49 -10.14 46.62
CA LYS A 301 -7.40 -9.04 45.65
C LYS A 301 -7.24 -9.64 44.26
N LEU A 302 -8.32 -9.64 43.49
CA LEU A 302 -8.32 -10.19 42.14
C LEU A 302 -8.99 -9.20 41.20
N SER A 303 -8.50 -9.15 39.97
CA SER A 303 -9.15 -8.36 38.95
C SER A 303 -10.52 -8.94 38.63
N PRO A 304 -11.46 -8.12 38.14
CA PRO A 304 -12.77 -8.66 37.78
C PRO A 304 -12.69 -9.80 36.78
N ALA A 305 -11.78 -9.72 35.81
CA ALA A 305 -11.57 -10.84 34.90
C ALA A 305 -11.03 -12.06 35.65
N GLU A 306 -10.10 -11.84 36.59
CA GLU A 306 -9.53 -12.96 37.33
C GLU A 306 -10.56 -13.63 38.22
N LEU A 307 -11.38 -12.82 38.91
CA LEU A 307 -12.43 -13.39 39.74
C LEU A 307 -13.45 -14.12 38.89
N ASN A 308 -13.80 -13.57 37.73
CA ASN A 308 -14.71 -14.24 36.83
C ASN A 308 -14.14 -15.58 36.38
N ASP A 309 -12.85 -15.62 36.05
CA ASP A 309 -12.22 -16.86 35.62
C ASP A 309 -12.19 -17.90 36.74
N MET A 310 -11.87 -17.47 37.95
CA MET A 310 -11.85 -18.41 39.08
C MET A 310 -13.24 -19.00 39.33
N SER A 311 -14.25 -18.14 39.40
CA SER A 311 -15.61 -18.62 39.63
C SER A 311 -16.09 -19.49 38.48
N MET A 312 -15.73 -19.12 37.25
CA MET A 312 -16.11 -19.91 36.09
C MET A 312 -15.47 -21.29 36.12
N GLN A 313 -14.20 -21.37 36.51
CA GLN A 313 -13.54 -22.66 36.62
C GLN A 313 -14.19 -23.53 37.69
N MET A 314 -14.52 -22.94 38.85
CA MET A 314 -15.18 -23.71 39.89
C MET A 314 -16.55 -24.19 39.45
N PHE A 315 -17.31 -23.31 38.78
CA PHE A 315 -18.61 -23.70 38.26
C PHE A 315 -18.47 -24.81 37.22
N ARG A 316 -17.46 -24.72 36.37
CA ARG A 316 -17.22 -25.77 35.38
C ARG A 316 -16.97 -27.11 36.07
N VAL A 317 -16.13 -27.10 37.11
CA VAL A 317 -15.85 -28.34 37.83
C VAL A 317 -17.12 -28.93 38.42
N TYR A 318 -17.88 -28.09 39.14
CA TYR A 318 -19.08 -28.59 39.80
C TYR A 318 -20.13 -29.09 38.80
N ALA A 319 -20.38 -28.29 37.76
CA ALA A 319 -21.40 -28.64 36.78
C ALA A 319 -21.01 -29.89 36.00
N ILE A 320 -19.74 -30.01 35.60
CA ILE A 320 -19.31 -31.19 34.87
C ILE A 320 -19.44 -32.42 35.75
N ALA A 321 -19.03 -32.32 37.02
CA ALA A 321 -19.17 -33.45 37.93
C ALA A 321 -20.63 -33.88 38.06
N GLU A 322 -21.51 -32.91 38.31
CA GLU A 322 -22.92 -33.24 38.50
C GLU A 322 -23.55 -33.83 37.24
N LEU A 323 -23.27 -33.23 36.08
CA LEU A 323 -23.85 -33.73 34.84
C LEU A 323 -23.32 -35.11 34.49
N VAL A 324 -22.02 -35.36 34.70
CA VAL A 324 -21.46 -36.67 34.42
C VAL A 324 -22.07 -37.71 35.34
N ASP A 325 -22.22 -37.37 36.63
CA ASP A 325 -22.83 -38.32 37.56
C ASP A 325 -24.27 -38.62 37.17
N ALA A 326 -25.03 -37.60 36.79
CA ALA A 326 -26.41 -37.82 36.37
C ALA A 326 -26.48 -38.68 35.11
N VAL A 327 -25.58 -38.45 34.16
CA VAL A 327 -25.56 -39.24 32.93
C VAL A 327 -25.23 -40.69 33.24
N VAL A 328 -24.25 -40.92 34.12
CA VAL A 328 -23.88 -42.27 34.50
C VAL A 328 -25.05 -42.98 35.19
N ILE A 329 -25.74 -42.28 36.08
CA ILE A 329 -26.89 -42.87 36.76
C ILE A 329 -27.98 -43.23 35.76
N ALA A 330 -28.26 -42.32 34.82
CA ALA A 330 -29.29 -42.58 33.82
C ALA A 330 -28.91 -43.78 32.95
N PHE A 331 -27.63 -43.87 32.56
CA PHE A 331 -27.20 -45.00 31.75
C PHE A 331 -27.32 -46.31 32.51
N LYS A 332 -26.95 -46.31 33.80
CA LYS A 332 -27.07 -47.52 34.60
C LYS A 332 -28.52 -47.93 34.76
N ASP A 333 -29.42 -46.96 34.98
CA ASP A 333 -30.82 -47.29 35.22
C ASP A 333 -31.49 -47.81 33.95
N ASN A 334 -31.14 -47.26 32.80
CA ASN A 334 -31.76 -47.62 31.53
C ASN A 334 -30.91 -48.56 30.69
N ILE A 335 -30.03 -49.35 31.32
CA ILE A 335 -29.14 -50.20 30.56
C ILE A 335 -29.92 -51.32 29.86
N ASN A 336 -30.96 -51.85 30.51
CA ASN A 336 -31.76 -52.90 29.88
C ASN A 336 -32.49 -52.37 28.67
N GLU A 337 -33.01 -51.15 28.74
CA GLU A 337 -33.67 -50.55 27.58
C GLU A 337 -32.68 -50.33 26.44
N PHE A 338 -31.47 -49.87 26.77
CA PHE A 338 -30.46 -49.65 25.75
C PHE A 338 -30.06 -50.97 25.08
N LEU A 339 -29.91 -52.04 25.87
CA LEU A 339 -29.51 -53.32 25.33
C LEU A 339 -30.61 -54.00 24.51
N ASN A 340 -31.82 -53.46 24.53
CA ASN A 340 -32.93 -54.02 23.76
C ASN A 340 -33.02 -53.33 22.41
N ASP A 341 -33.37 -54.09 21.38
CA ASP A 341 -33.48 -53.53 20.04
C ASP A 341 -34.58 -52.48 19.98
N THR A 342 -35.71 -52.73 20.65
CA THR A 342 -36.83 -51.79 20.68
C THR A 342 -36.56 -50.72 21.75
N CYS A 343 -35.58 -49.87 21.45
CA CYS A 343 -35.18 -48.79 22.34
C CYS A 343 -35.66 -47.47 21.76
N GLU A 344 -36.40 -46.70 22.55
CA GLU A 344 -36.96 -45.43 22.11
C GLU A 344 -36.35 -44.24 22.84
N ILE A 345 -35.27 -44.44 23.58
CA ILE A 345 -34.62 -43.32 24.26
C ILE A 345 -33.93 -42.44 23.23
N LYS A 346 -34.22 -41.14 23.30
CA LYS A 346 -33.62 -40.20 22.35
C LYS A 346 -32.18 -39.87 22.73
N ASP A 347 -31.97 -39.38 23.94
CA ASP A 347 -30.64 -39.02 24.41
C ASP A 347 -30.54 -39.32 25.90
N LEU A 348 -29.30 -39.47 26.37
CA LEU A 348 -29.05 -39.80 27.76
C LEU A 348 -29.32 -38.61 28.68
N ILE A 349 -29.10 -37.39 28.19
CA ILE A 349 -29.35 -36.21 29.01
C ILE A 349 -30.83 -36.08 29.33
N SER A 350 -31.69 -36.30 28.35
CA SER A 350 -33.13 -36.08 28.53
C SER A 350 -33.71 -37.00 29.61
N CYS A 351 -33.20 -38.22 29.72
CA CYS A 351 -33.67 -39.16 30.72
C CYS A 351 -32.91 -39.06 32.03
N SER A 352 -31.98 -38.12 32.15
CA SER A 352 -31.18 -37.93 33.36
C SER A 352 -31.74 -36.78 34.19
N SER A 353 -31.21 -36.66 35.41
CA SER A 353 -31.64 -35.60 36.31
C SER A 353 -30.98 -34.27 36.00
N GLY A 354 -30.01 -34.23 35.08
CA GLY A 354 -29.33 -32.99 34.75
C GLY A 354 -29.81 -32.36 33.47
N LYS A 355 -30.98 -32.79 32.98
CA LYS A 355 -31.50 -32.25 31.72
C LYS A 355 -31.83 -30.77 31.86
N ASN A 356 -32.38 -30.36 32.99
CA ASN A 356 -32.76 -28.96 33.17
C ASN A 356 -31.54 -28.05 33.17
N LEU A 357 -30.48 -28.45 33.90
CA LEU A 357 -29.27 -27.63 33.93
C LEU A 357 -28.62 -27.55 32.57
N CYS A 358 -28.57 -28.68 31.84
CA CYS A 358 -27.99 -28.67 30.50
C CYS A 358 -28.81 -27.79 29.55
N GLN A 359 -30.14 -27.87 29.64
CA GLN A 359 -30.98 -27.02 28.80
C GLN A 359 -30.77 -25.56 29.12
N ALA A 360 -30.68 -25.21 30.40
CA ALA A 360 -30.43 -23.83 30.78
C ALA A 360 -29.07 -23.35 30.28
N LEU A 361 -28.05 -24.20 30.38
CA LEU A 361 -26.73 -23.83 29.88
C LEU A 361 -26.74 -23.63 28.37
N LYS A 362 -27.45 -24.50 27.64
CA LYS A 362 -27.56 -24.32 26.20
C LYS A 362 -28.29 -23.03 25.86
N LYS A 363 -29.34 -22.70 26.59
CA LYS A 363 -30.06 -21.45 26.36
C LYS A 363 -29.15 -20.26 26.63
N PHE A 364 -28.37 -20.31 27.70
CA PHE A 364 -27.44 -19.23 28.01
C PHE A 364 -26.39 -19.08 26.91
N ASP A 365 -25.85 -20.21 26.43
CA ASP A 365 -24.86 -20.16 25.37
C ASP A 365 -25.44 -19.57 24.10
N SER A 366 -26.68 -19.96 23.76
CA SER A 366 -27.33 -19.42 22.57
C SER A 366 -27.57 -17.92 22.71
N SER A 367 -28.04 -17.48 23.89
CA SER A 367 -28.40 -16.08 24.05
C SER A 367 -27.18 -15.17 24.13
N ARG A 368 -26.12 -15.62 24.79
CA ARG A 368 -24.96 -14.78 25.05
C ARG A 368 -23.80 -15.01 24.09
N GLY A 369 -23.56 -16.24 23.67
CA GLY A 369 -22.40 -16.51 22.84
C GLY A 369 -22.69 -16.72 21.37
N TYR A 370 -23.74 -17.50 21.06
CA TYR A 370 -23.97 -17.87 19.67
C TYR A 370 -24.54 -16.73 18.84
N GLN A 371 -25.08 -15.69 19.48
CA GLN A 371 -25.61 -14.54 18.77
C GLN A 371 -24.77 -13.29 18.99
N HIS A 372 -23.53 -13.45 19.47
CA HIS A 372 -22.65 -12.31 19.63
C HIS A 372 -22.18 -11.82 18.27
N ARG A 373 -21.70 -10.57 18.24
CA ARG A 373 -21.24 -9.97 16.99
C ARG A 373 -20.12 -10.79 16.36
N SER A 374 -19.14 -11.20 17.17
CA SER A 374 -18.00 -11.94 16.63
C SER A 374 -18.43 -13.27 16.04
N VAL A 375 -19.30 -14.00 16.74
CA VAL A 375 -19.74 -15.30 16.26
C VAL A 375 -20.58 -15.15 14.99
N LEU A 376 -21.49 -14.17 14.96
CA LEU A 376 -22.30 -13.95 13.77
C LEU A 376 -21.45 -13.55 12.58
N LYS A 377 -20.45 -12.69 12.80
CA LYS A 377 -19.55 -12.30 11.72
C LYS A 377 -18.76 -13.50 11.22
N LEU A 378 -18.29 -14.35 12.14
CA LEU A 378 -17.57 -15.55 11.73
C LEU A 378 -18.46 -16.47 10.91
N GLU A 379 -19.71 -16.65 11.33
CA GLU A 379 -20.63 -17.49 10.57
C GLU A 379 -20.88 -16.92 9.18
N LEU A 380 -21.07 -15.60 9.09
CA LEU A 380 -21.30 -14.98 7.78
C LEU A 380 -20.10 -15.15 6.87
N GLU A 381 -18.89 -14.91 7.41
CA GLU A 381 -17.68 -15.06 6.62
C GLU A 381 -17.49 -16.50 6.18
N GLY A 382 -17.74 -17.45 7.08
CA GLY A 382 -17.61 -18.85 6.72
C GLY A 382 -18.59 -19.26 5.64
N SER A 383 -19.84 -18.79 5.75
CA SER A 383 -20.83 -19.09 4.73
C SER A 383 -20.41 -18.53 3.37
N ASN A 384 -19.95 -17.28 3.35
CA ASN A 384 -19.51 -16.68 2.10
C ASN A 384 -18.35 -17.45 1.49
N TYR A 385 -17.32 -17.73 2.31
CA TYR A 385 -16.15 -18.45 1.80
C TYR A 385 -16.52 -19.83 1.28
N ILE A 386 -17.31 -20.57 2.06
CA ILE A 386 -17.65 -21.94 1.69
C ILE A 386 -18.47 -21.95 0.41
N LYS A 387 -19.46 -21.07 0.30
CA LYS A 387 -20.31 -21.09 -0.89
C LYS A 387 -19.54 -20.65 -2.12
N GLY A 388 -18.68 -19.63 -2.01
CA GLY A 388 -17.87 -19.24 -3.15
C GLY A 388 -16.91 -20.33 -3.58
N LEU A 389 -16.25 -20.97 -2.62
CA LEU A 389 -15.32 -22.05 -2.96
C LEU A 389 -16.05 -23.22 -3.57
N MET A 390 -17.25 -23.54 -3.06
CA MET A 390 -18.03 -24.62 -3.64
C MET A 390 -18.44 -24.31 -5.06
N ASP A 391 -18.79 -23.05 -5.34
CA ASP A 391 -19.10 -22.66 -6.71
C ASP A 391 -17.89 -22.87 -7.63
N MET A 392 -16.74 -22.35 -7.22
CA MET A 392 -15.56 -22.45 -8.08
C MET A 392 -15.10 -23.90 -8.24
N LEU A 393 -15.28 -24.74 -7.23
CA LEU A 393 -14.91 -26.14 -7.37
C LEU A 393 -15.92 -26.90 -8.21
N TRP A 394 -17.21 -26.61 -8.06
CA TRP A 394 -18.24 -27.22 -8.88
C TRP A 394 -18.02 -26.90 -10.35
N LEU A 395 -17.45 -25.73 -10.64
CA LEU A 395 -17.11 -25.42 -12.03
C LEU A 395 -16.17 -26.47 -12.63
N GLY A 396 -15.31 -27.07 -11.81
CA GLY A 396 -14.38 -28.07 -12.31
C GLY A 396 -14.73 -29.51 -11.98
N ILE A 397 -15.74 -29.72 -11.15
CA ILE A 397 -16.14 -31.06 -10.75
C ILE A 397 -17.35 -31.55 -11.55
N LYS A 398 -18.35 -30.70 -11.74
CA LYS A 398 -19.57 -31.12 -12.39
C LYS A 398 -19.31 -31.58 -13.82
N GLY A 399 -19.88 -32.74 -14.17
CA GLY A 399 -19.77 -33.28 -15.51
C GLY A 399 -18.64 -34.27 -15.70
N ARG A 400 -17.73 -34.39 -14.73
CA ARG A 400 -16.61 -35.32 -14.89
C ARG A 400 -17.07 -36.76 -14.99
N ALA A 401 -18.07 -37.14 -14.19
CA ALA A 401 -18.56 -38.51 -14.17
C ALA A 401 -19.78 -38.72 -15.04
N THR A 402 -20.60 -37.70 -15.26
CA THR A 402 -21.81 -37.84 -16.06
C THR A 402 -21.53 -37.91 -17.55
N GLY A 403 -20.32 -37.60 -17.99
CA GLY A 403 -19.97 -37.64 -19.39
C GLY A 403 -19.88 -36.29 -20.07
N ASP A 404 -20.39 -35.23 -19.43
CA ASP A 404 -20.28 -33.90 -20.01
C ASP A 404 -18.83 -33.44 -20.02
N THR A 405 -18.58 -32.31 -20.67
CA THR A 405 -17.23 -31.85 -20.97
C THR A 405 -17.05 -30.40 -20.50
N GLN A 406 -18.08 -29.84 -19.87
CA GLN A 406 -18.02 -28.45 -19.43
C GLN A 406 -16.92 -28.18 -18.44
N TYR A 407 -16.39 -29.20 -17.77
CA TYR A 407 -15.30 -29.02 -16.83
C TYR A 407 -13.95 -28.86 -17.53
N ASP A 408 -13.85 -29.23 -18.80
CA ASP A 408 -12.57 -29.29 -19.51
C ASP A 408 -12.14 -27.89 -19.94
N THR A 409 -11.85 -27.08 -18.95
CA THR A 409 -11.32 -25.73 -19.10
C THR A 409 -10.08 -25.61 -18.24
N PRO A 410 -9.19 -24.66 -18.55
CA PRO A 410 -8.00 -24.50 -17.69
C PRO A 410 -8.35 -24.25 -16.23
N PHE A 411 -9.39 -23.46 -15.96
CA PHE A 411 -9.82 -23.27 -14.58
C PHE A 411 -10.35 -24.56 -13.98
N GLY A 412 -11.15 -25.31 -14.75
CA GLY A 412 -11.66 -26.58 -14.26
C GLY A 412 -10.55 -27.57 -13.99
N ARG A 413 -9.58 -27.66 -14.90
CA ARG A 413 -8.44 -28.56 -14.68
C ARG A 413 -7.65 -28.13 -13.45
N TYR A 414 -7.44 -26.83 -13.26
CA TYR A 414 -6.69 -26.38 -12.10
C TYR A 414 -7.40 -26.69 -10.81
N VAL A 415 -8.71 -26.41 -10.74
CA VAL A 415 -9.43 -26.65 -9.49
C VAL A 415 -9.57 -28.14 -9.23
N TYR A 416 -9.64 -28.96 -10.27
CA TYR A 416 -9.60 -30.40 -10.06
C TYR A 416 -8.26 -30.84 -9.51
N GLY A 417 -7.17 -30.28 -10.04
CA GLY A 417 -5.85 -30.61 -9.53
C GLY A 417 -5.59 -30.10 -8.13
N ARG A 418 -6.33 -29.09 -7.68
CA ARG A 418 -6.17 -28.58 -6.33
C ARG A 418 -6.83 -29.48 -5.28
N ILE A 419 -7.77 -30.33 -5.70
CA ILE A 419 -8.40 -31.24 -4.76
C ILE A 419 -7.39 -32.29 -4.30
N SER A 420 -7.52 -32.72 -3.05
CA SER A 420 -6.61 -33.71 -2.50
C SER A 420 -6.67 -35.00 -3.32
N GLU A 421 -5.51 -35.66 -3.44
CA GLU A 421 -5.39 -36.78 -4.37
C GLU A 421 -6.23 -37.97 -3.95
N ASN A 422 -6.39 -38.21 -2.65
CA ASN A 422 -7.18 -39.36 -2.21
C ASN A 422 -8.64 -39.20 -2.57
N TYR A 423 -9.19 -37.98 -2.42
CA TYR A 423 -10.58 -37.75 -2.80
C TYR A 423 -10.78 -37.99 -4.29
N ARG A 424 -9.85 -37.53 -5.12
CA ARG A 424 -9.95 -37.78 -6.56
C ARG A 424 -9.83 -39.26 -6.88
N ARG A 425 -8.94 -39.96 -6.18
CA ARG A 425 -8.77 -41.40 -6.39
C ARG A 425 -10.06 -42.15 -6.08
N ILE A 426 -10.71 -41.80 -4.97
CA ILE A 426 -12.00 -42.40 -4.65
C ILE A 426 -13.05 -42.01 -5.69
N PHE A 427 -12.99 -40.78 -6.18
CA PHE A 427 -13.94 -40.33 -7.19
C PHE A 427 -13.79 -41.11 -8.49
N GLU A 428 -12.56 -41.45 -8.87
CA GLU A 428 -12.31 -42.23 -10.09
C GLU A 428 -12.23 -43.70 -9.71
N GLN A 429 -13.40 -44.28 -9.44
CA GLN A 429 -13.51 -45.69 -9.10
C GLN A 429 -14.80 -46.23 -9.70
N GLU A 430 -14.89 -47.56 -9.76
CA GLU A 430 -16.06 -48.23 -10.26
C GLU A 430 -16.92 -48.70 -9.09
N ASN A 431 -18.17 -48.26 -9.07
CA ASN A 431 -19.11 -48.65 -8.03
C ASN A 431 -20.52 -48.37 -8.55
N ASN A 432 -21.51 -48.69 -7.72
CA ASN A 432 -22.90 -48.50 -8.09
C ASN A 432 -23.40 -47.07 -7.84
N LEU A 433 -22.54 -46.21 -7.31
CA LEU A 433 -22.96 -44.84 -7.03
C LEU A 433 -23.27 -44.10 -8.32
N PRO A 434 -24.38 -43.36 -8.39
CA PRO A 434 -24.66 -42.55 -9.58
C PRO A 434 -23.59 -41.48 -9.79
N ALA A 435 -23.40 -41.11 -11.06
CA ALA A 435 -22.34 -40.17 -11.40
C ALA A 435 -22.53 -38.83 -10.72
N CYS A 436 -23.76 -38.32 -10.69
CA CYS A 436 -24.04 -37.08 -9.99
C CYS A 436 -23.73 -37.22 -8.50
N TYR A 437 -24.08 -38.36 -7.91
CA TYR A 437 -23.75 -38.61 -6.52
C TYR A 437 -22.24 -38.62 -6.32
N LYS A 438 -21.50 -39.22 -7.25
CA LYS A 438 -20.04 -39.24 -7.11
C LYS A 438 -19.46 -37.84 -7.16
N GLU A 439 -19.95 -37.00 -8.08
CA GLU A 439 -19.46 -35.62 -8.15
C GLU A 439 -19.78 -34.85 -6.88
N ALA A 440 -21.02 -34.98 -6.39
CA ALA A 440 -21.40 -34.29 -5.17
C ALA A 440 -20.57 -34.77 -3.99
N GLN A 441 -20.31 -36.07 -3.91
CA GLN A 441 -19.50 -36.60 -2.82
C GLN A 441 -18.06 -36.12 -2.91
N LEU A 442 -17.52 -36.00 -4.13
CA LEU A 442 -16.19 -35.45 -4.29
C LEU A 442 -16.13 -34.02 -3.76
N LEU A 443 -17.13 -33.21 -4.12
CA LEU A 443 -17.16 -31.84 -3.62
C LEU A 443 -17.29 -31.79 -2.10
N ALA A 444 -18.15 -32.63 -1.55
CA ALA A 444 -18.35 -32.65 -0.09
C ALA A 444 -17.09 -33.09 0.63
N ASP A 445 -16.40 -34.11 0.10
CA ASP A 445 -15.14 -34.55 0.70
C ASP A 445 -14.09 -33.46 0.63
N ALA A 446 -14.00 -32.76 -0.50
CA ALA A 446 -13.01 -31.69 -0.63
C ALA A 446 -13.30 -30.57 0.37
N ILE A 447 -14.55 -30.16 0.49
CA ILE A 447 -14.88 -29.04 1.37
C ILE A 447 -14.74 -29.43 2.84
N SER A 448 -15.19 -30.63 3.20
CA SER A 448 -15.25 -31.02 4.61
C SER A 448 -13.86 -31.13 5.23
N GLY A 449 -12.89 -31.62 4.47
CA GLY A 449 -11.57 -31.85 5.01
C GLY A 449 -10.70 -30.62 5.14
N MET A 450 -11.20 -29.46 4.76
CA MET A 450 -10.42 -28.23 4.79
C MET A 450 -10.51 -27.56 6.14
N THR A 451 -9.41 -26.91 6.53
CA THR A 451 -9.40 -26.05 7.69
C THR A 451 -9.82 -24.63 7.29
N ASP A 452 -10.04 -23.78 8.29
CA ASP A 452 -10.47 -22.41 8.02
C ASP A 452 -9.43 -21.66 7.19
N SER A 453 -8.18 -21.70 7.63
CA SER A 453 -7.12 -20.96 6.93
C SER A 453 -6.92 -21.51 5.52
N TYR A 454 -6.88 -22.83 5.37
CA TYR A 454 -6.70 -23.42 4.06
C TYR A 454 -7.87 -23.10 3.14
N LEU A 455 -9.09 -23.17 3.65
CA LEU A 455 -10.26 -22.85 2.84
C LEU A 455 -10.23 -21.40 2.40
N ILE A 456 -9.89 -20.49 3.31
CA ILE A 456 -9.84 -19.06 2.95
C ILE A 456 -8.76 -18.81 1.91
N ALA A 457 -7.57 -19.39 2.09
CA ALA A 457 -6.49 -19.19 1.14
C ALA A 457 -6.85 -19.73 -0.23
N LEU A 458 -7.41 -20.95 -0.29
CA LEU A 458 -7.80 -21.52 -1.57
C LEU A 458 -8.90 -20.69 -2.23
N HIS A 459 -9.87 -20.22 -1.45
CA HIS A 459 -10.92 -19.39 -2.01
C HIS A 459 -10.35 -18.11 -2.60
N ASP A 460 -9.44 -17.46 -1.88
CA ASP A 460 -8.85 -16.23 -2.40
C ASP A 460 -8.05 -16.47 -3.67
N GLU A 461 -7.25 -17.55 -3.70
CA GLU A 461 -6.44 -17.83 -4.87
C GLU A 461 -7.33 -18.17 -6.08
N LEU A 462 -8.34 -19.00 -5.87
CA LEU A 462 -9.25 -19.35 -6.97
C LEU A 462 -10.02 -18.14 -7.45
N ARG A 463 -10.44 -17.27 -6.53
CA ARG A 463 -11.14 -16.05 -6.93
C ARG A 463 -10.23 -15.15 -7.76
N ALA A 464 -8.95 -15.07 -7.39
CA ALA A 464 -8.00 -14.29 -8.17
C ALA A 464 -7.82 -14.88 -9.56
N LEU A 465 -7.77 -16.21 -9.66
CA LEU A 465 -7.52 -16.87 -10.95
C LEU A 465 -8.78 -17.00 -11.80
N HIS A 466 -9.97 -16.77 -11.24
CA HIS A 466 -11.23 -16.97 -11.94
C HIS A 466 -11.73 -15.72 -12.65
N GLN A 467 -10.94 -14.64 -12.67
CA GLN A 467 -11.45 -13.36 -13.14
C GLN A 467 -11.88 -13.42 -14.61
N TYR A 468 -11.06 -14.03 -15.47
CA TYR A 468 -11.39 -14.05 -16.89
C TYR A 468 -12.59 -14.95 -17.17
N GLU A 469 -12.58 -16.17 -16.64
CA GLU A 469 -13.65 -17.10 -16.95
C GLU A 469 -14.97 -16.66 -16.34
N CYS A 470 -14.93 -15.99 -15.19
CA CYS A 470 -16.16 -15.49 -14.58
C CYS A 470 -16.83 -14.45 -15.46
N ARG A 471 -16.04 -13.56 -16.06
CA ARG A 471 -16.59 -12.53 -16.93
C ARG A 471 -16.85 -13.07 -18.32
N SER B 2 15.84 -48.29 50.43
CA SER B 2 15.16 -48.10 49.15
C SER B 2 13.93 -47.22 49.30
N MET B 3 13.15 -47.12 48.23
CA MET B 3 11.94 -46.29 48.19
C MET B 3 10.72 -47.17 48.01
N HIS B 4 9.65 -46.83 48.71
CA HIS B 4 8.41 -47.59 48.68
C HIS B 4 7.41 -46.94 47.73
N TRP B 5 6.63 -47.78 47.05
CA TRP B 5 5.63 -47.28 46.12
C TRP B 5 4.50 -46.54 46.81
N ASN B 6 4.31 -46.77 48.12
CA ASN B 6 3.26 -46.04 48.84
C ASN B 6 3.55 -44.54 48.87
N ASP B 7 4.82 -44.17 49.10
CA ASP B 7 5.19 -42.76 49.09
C ASP B 7 5.28 -42.22 47.67
N LEU B 8 5.80 -43.02 46.74
CA LEU B 8 5.95 -42.55 45.37
C LEU B 8 4.61 -42.32 44.70
N LEU B 9 3.59 -43.07 45.08
CA LEU B 9 2.23 -42.91 44.57
C LEU B 9 1.33 -42.17 45.56
N ASN B 10 1.89 -41.21 46.28
CA ASN B 10 1.12 -40.46 47.26
C ASN B 10 0.04 -39.64 46.57
N SER B 11 -1.21 -39.96 46.84
CA SER B 11 -2.34 -39.27 46.23
C SER B 11 -2.77 -38.05 47.04
N ASN B 12 -2.11 -37.76 48.15
CA ASN B 12 -2.40 -36.55 48.91
C ASN B 12 -1.99 -35.32 48.11
N ARG B 13 -2.77 -34.25 48.28
CA ARG B 13 -2.52 -33.00 47.58
C ARG B 13 -1.85 -32.00 48.52
N ARG B 14 -1.07 -31.09 47.92
CA ARG B 14 -0.27 -30.18 48.72
C ARG B 14 -1.13 -29.23 49.54
N LYS B 15 -2.25 -28.78 48.99
CA LYS B 15 -3.11 -27.85 49.70
C LYS B 15 -3.73 -28.54 50.91
N PRO B 16 -3.64 -27.95 52.10
CA PRO B 16 -4.24 -28.58 53.28
C PRO B 16 -5.75 -28.67 53.15
N LYS B 17 -6.30 -29.75 53.71
CA LYS B 17 -7.73 -30.00 53.64
C LYS B 17 -8.37 -29.94 55.03
N ARG B 31 -14.24 -41.17 41.13
CA ARG B 31 -12.93 -41.16 40.49
C ARG B 31 -11.81 -41.32 41.51
N GLN B 32 -10.58 -41.15 41.04
CA GLN B 32 -9.40 -41.14 41.89
C GLN B 32 -8.74 -39.77 41.81
N GLN B 33 -7.92 -39.47 42.82
CA GLN B 33 -7.23 -38.19 42.85
C GLN B 33 -6.29 -38.03 41.67
N ILE B 34 -5.56 -39.09 41.34
CA ILE B 34 -4.57 -39.02 40.27
C ILE B 34 -5.25 -38.83 38.91
N GLU B 35 -6.40 -39.49 38.71
CA GLU B 35 -7.18 -39.25 37.50
C GLU B 35 -7.65 -37.80 37.45
N ARG B 36 -8.07 -37.27 38.61
CA ARG B 36 -8.45 -35.87 38.69
C ARG B 36 -7.29 -34.96 38.31
N ASP B 37 -6.06 -35.38 38.59
CA ASP B 37 -4.90 -34.59 38.17
C ASP B 37 -4.85 -34.42 36.66
N TYR B 38 -4.99 -35.53 35.92
CA TYR B 38 -5.01 -35.44 34.47
C TYR B 38 -6.19 -34.61 33.98
N ASP B 39 -7.35 -34.78 34.60
CA ASP B 39 -8.51 -34.00 34.20
C ASP B 39 -8.28 -32.51 34.39
N ARG B 40 -7.69 -32.11 35.52
CA ARG B 40 -7.40 -30.71 35.77
C ARG B 40 -6.35 -30.18 34.80
N ILE B 41 -5.33 -30.98 34.50
CA ILE B 41 -4.29 -30.53 33.59
C ILE B 41 -4.85 -30.32 32.19
N LEU B 42 -5.75 -31.21 31.76
CA LEU B 42 -6.29 -31.08 30.40
C LEU B 42 -7.10 -29.79 30.25
N PHE B 43 -7.88 -29.41 31.27
CA PHE B 43 -8.74 -28.24 31.17
C PHE B 43 -8.01 -26.94 31.50
N ALA B 44 -6.72 -27.00 31.85
CA ALA B 44 -5.99 -25.78 32.16
C ALA B 44 -5.81 -24.91 30.92
N ALA B 45 -5.85 -23.59 31.13
CA ALA B 45 -5.67 -22.66 30.04
C ALA B 45 -4.30 -22.78 29.36
N PRO B 46 -3.18 -22.89 30.08
CA PRO B 46 -1.89 -23.07 29.38
C PRO B 46 -1.84 -24.33 28.52
N THR B 47 -2.59 -25.37 28.89
CA THR B 47 -2.66 -26.55 28.03
C THR B 47 -3.26 -26.21 26.68
N ARG B 48 -4.31 -25.38 26.67
CA ARG B 48 -4.86 -24.92 25.39
C ARG B 48 -3.90 -23.97 24.69
N ARG B 49 -3.18 -23.14 25.46
CA ARG B 49 -2.21 -22.23 24.86
C ARG B 49 -1.08 -23.00 24.17
N LEU B 50 -0.82 -24.23 24.60
CA LEU B 50 0.21 -25.04 23.96
C LEU B 50 -0.06 -25.28 22.49
N ALA B 51 -1.32 -25.15 22.05
CA ALA B 51 -1.63 -25.36 20.64
C ALA B 51 -1.05 -24.27 19.76
N ASP B 52 -0.71 -23.12 20.33
CA ASP B 52 -0.18 -21.99 19.58
C ASP B 52 1.33 -21.83 19.73
N LYS B 53 2.00 -22.80 20.33
CA LYS B 53 3.45 -22.77 20.49
C LYS B 53 4.08 -23.78 19.54
N THR B 54 5.07 -23.35 18.78
CA THR B 54 5.73 -24.23 17.82
C THR B 54 6.56 -25.28 18.55
N GLN B 55 6.59 -26.49 17.98
CA GLN B 55 7.39 -27.56 18.55
C GLN B 55 8.78 -27.61 17.91
N VAL B 56 8.83 -27.86 16.60
CA VAL B 56 10.08 -27.80 15.85
C VAL B 56 9.90 -26.91 14.63
N PHE B 57 8.91 -27.23 13.79
CA PHE B 57 8.62 -26.62 12.50
C PHE B 57 7.60 -25.50 12.64
N PRO B 58 7.66 -24.50 11.75
CA PRO B 58 6.67 -23.42 11.79
C PRO B 58 5.28 -23.92 11.45
N LEU B 59 4.28 -23.22 11.97
CA LEU B 59 2.88 -23.61 11.79
C LEU B 59 2.36 -23.05 10.47
N ASP B 60 2.14 -23.93 9.51
CA ASP B 60 1.58 -23.53 8.21
C ASP B 60 0.05 -23.64 8.25
N LYS B 61 -0.57 -23.29 7.13
CA LYS B 61 -2.02 -23.34 7.01
C LYS B 61 -2.54 -24.69 6.53
N ASN B 62 -1.65 -25.59 6.09
CA ASN B 62 -2.08 -26.87 5.53
C ASN B 62 -1.37 -28.02 6.20
N ASP B 63 -0.11 -27.83 6.55
CA ASP B 63 0.68 -28.90 7.14
C ASP B 63 0.12 -29.29 8.51
N SER B 64 0.24 -30.58 8.83
CA SER B 64 -0.20 -31.12 10.11
C SER B 64 0.99 -31.36 11.04
N VAL B 65 1.98 -30.47 11.00
CA VAL B 65 3.16 -30.64 11.83
C VAL B 65 2.77 -30.52 13.30
N ARG B 66 3.56 -31.18 14.15
CA ARG B 66 3.25 -31.22 15.58
C ARG B 66 3.42 -29.83 16.21
N THR B 67 2.46 -29.46 17.04
CA THR B 67 2.59 -28.32 17.93
C THR B 67 3.02 -28.83 19.30
N ARG B 68 3.11 -27.92 20.26
CA ARG B 68 3.38 -28.35 21.64
C ARG B 68 2.20 -29.15 22.18
N LEU B 69 0.98 -28.80 21.80
CA LEU B 69 -0.19 -29.52 22.30
C LEU B 69 -0.26 -30.92 21.73
N THR B 70 -0.07 -31.06 20.41
CA THR B 70 -0.11 -32.39 19.80
C THR B 70 1.03 -33.26 20.30
N HIS B 71 2.22 -32.68 20.44
CA HIS B 71 3.35 -33.43 20.97
C HIS B 71 3.08 -33.87 22.41
N SER B 72 2.50 -32.98 23.22
CA SER B 72 2.20 -33.33 24.60
C SER B 72 1.15 -34.44 24.67
N HIS B 73 0.14 -34.38 23.80
CA HIS B 73 -0.88 -35.42 23.79
C HIS B 73 -0.29 -36.76 23.34
N GLU B 74 0.61 -36.73 22.37
CA GLU B 74 1.26 -37.96 21.93
C GLU B 74 2.14 -38.56 23.03
N VAL B 75 2.89 -37.71 23.73
CA VAL B 75 3.70 -38.19 24.85
C VAL B 75 2.81 -38.75 25.95
N ALA B 76 1.69 -38.09 26.22
CA ALA B 76 0.75 -38.59 27.23
C ALA B 76 0.18 -39.94 26.84
N ASN B 77 -0.15 -40.11 25.56
CA ASN B 77 -0.67 -41.39 25.11
C ASN B 77 0.38 -42.50 25.24
N LEU B 78 1.62 -42.20 24.86
CA LEU B 78 2.69 -43.19 25.02
C LEU B 78 2.87 -43.57 26.49
N SER B 79 2.90 -42.57 27.37
CA SER B 79 3.07 -42.83 28.79
C SER B 79 1.89 -43.62 29.35
N ARG B 80 0.68 -43.32 28.89
CA ARG B 80 -0.50 -44.06 29.34
C ARG B 80 -0.43 -45.51 28.89
N GLY B 81 0.04 -45.75 27.67
CA GLY B 81 0.24 -47.14 27.24
C GLY B 81 1.26 -47.86 28.08
N ILE B 82 2.37 -47.19 28.39
CA ILE B 82 3.38 -47.77 29.28
C ILE B 82 2.75 -48.11 30.62
N GLY B 83 1.92 -47.21 31.15
CA GLY B 83 1.28 -47.45 32.43
C GLY B 83 0.31 -48.61 32.40
N MET B 84 -0.45 -48.73 31.31
CA MET B 84 -1.33 -49.89 31.16
C MET B 84 -0.53 -51.18 31.15
N ARG B 85 0.59 -51.20 30.42
CA ARG B 85 1.43 -52.39 30.41
C ARG B 85 1.98 -52.71 31.80
N LEU B 86 2.40 -51.67 32.53
CA LEU B 86 2.98 -51.90 33.85
C LEU B 86 1.94 -52.38 34.85
N ALA B 87 0.74 -51.80 34.82
CA ALA B 87 -0.26 -52.09 35.84
C ALA B 87 -1.06 -53.34 35.54
N PHE B 88 -1.22 -53.70 34.27
CA PHE B 88 -2.06 -54.83 33.91
C PHE B 88 -1.29 -56.11 33.62
N GLU B 89 -0.02 -56.02 33.29
CA GLU B 89 0.76 -57.19 32.92
C GLU B 89 1.98 -57.42 33.80
N LEU B 90 2.69 -56.36 34.18
CA LEU B 90 3.92 -56.48 34.95
C LEU B 90 3.76 -55.97 36.38
N GLU B 91 2.57 -56.10 36.95
CA GLU B 91 2.34 -55.60 38.31
C GLU B 91 3.21 -56.33 39.32
N ASP B 92 3.30 -57.67 39.20
CA ASP B 92 4.09 -58.43 40.16
C ASP B 92 5.58 -58.15 40.01
N ASP B 93 6.04 -57.95 38.77
CA ASP B 93 7.47 -57.70 38.54
C ASP B 93 7.89 -56.28 38.92
N VAL B 94 6.98 -55.31 38.87
CA VAL B 94 7.31 -53.91 39.09
C VAL B 94 6.84 -53.42 40.46
N PHE B 95 5.54 -53.54 40.74
CA PHE B 95 4.96 -53.01 41.97
C PHE B 95 4.86 -54.13 43.00
N LYS B 96 5.84 -54.16 43.91
CA LYS B 96 5.84 -55.08 45.03
C LYS B 96 5.67 -54.29 46.32
N ASP B 97 4.97 -54.87 47.28
CA ASP B 97 4.69 -54.23 48.57
C ASP B 97 3.97 -52.90 48.37
N VAL B 98 2.78 -52.99 47.78
CA VAL B 98 1.92 -51.84 47.53
C VAL B 98 0.62 -52.04 48.29
N SER B 99 0.19 -51.00 49.00
CA SER B 99 -1.02 -51.10 49.80
C SER B 99 -2.23 -51.41 48.92
N GLU B 100 -3.14 -52.22 49.45
CA GLU B 100 -4.36 -52.55 48.72
C GLU B 100 -5.26 -51.34 48.51
N ASP B 101 -5.05 -50.27 49.27
CA ASP B 101 -5.83 -49.05 49.05
C ASP B 101 -5.51 -48.44 47.69
N ILE B 102 -4.28 -48.55 47.23
CA ILE B 102 -3.87 -47.97 45.96
C ILE B 102 -4.34 -48.87 44.82
N CYS B 103 -5.12 -48.30 43.90
CA CYS B 103 -5.57 -49.01 42.70
C CYS B 103 -4.59 -48.70 41.58
N LEU B 104 -3.65 -49.62 41.34
CA LEU B 104 -2.60 -49.37 40.34
C LEU B 104 -3.20 -49.19 38.95
N LYS B 105 -4.18 -50.03 38.60
CA LYS B 105 -4.75 -49.99 37.26
C LYS B 105 -5.44 -48.68 36.95
N ARG B 106 -5.82 -47.92 37.97
CA ARG B 106 -6.41 -46.60 37.78
C ARG B 106 -5.44 -45.46 38.02
N ASP B 107 -4.42 -45.68 38.84
CA ASP B 107 -3.50 -44.61 39.20
C ASP B 107 -2.31 -44.51 38.26
N VAL B 108 -1.63 -45.63 38.02
CA VAL B 108 -0.38 -45.59 37.24
C VAL B 108 -0.61 -45.08 35.82
N PRO B 109 -1.56 -45.60 35.03
CA PRO B 109 -1.76 -45.02 33.70
C PRO B 109 -2.18 -43.56 33.74
N ALA B 110 -3.06 -43.20 34.68
CA ALA B 110 -3.47 -41.80 34.80
C ALA B 110 -2.31 -40.92 35.20
N LEU B 111 -1.47 -41.39 36.12
CA LEU B 111 -0.32 -40.59 36.54
C LEU B 111 0.65 -40.37 35.39
N LEU B 112 0.95 -41.44 34.63
CA LEU B 112 1.87 -41.29 33.52
C LEU B 112 1.30 -40.40 32.43
N ALA B 113 0.00 -40.53 32.14
CA ALA B 113 -0.62 -39.65 31.16
C ALA B 113 -0.59 -38.20 31.61
N ALA B 114 -0.88 -37.95 32.90
CA ALA B 114 -0.87 -36.58 33.40
C ALA B 114 0.51 -35.96 33.32
N ILE B 115 1.55 -36.72 33.71
CA ILE B 115 2.89 -36.15 33.67
C ILE B 115 3.40 -36.03 32.23
N GLY B 116 2.88 -36.85 31.31
CA GLY B 116 3.23 -36.66 29.91
C GLY B 116 2.58 -35.46 29.28
N LEU B 117 1.33 -35.18 29.65
CA LEU B 117 0.61 -34.04 29.08
C LEU B 117 1.15 -32.70 29.61
N VAL B 118 1.74 -32.70 30.80
CA VAL B 118 2.17 -31.47 31.45
C VAL B 118 3.64 -31.19 31.27
N HIS B 119 4.40 -32.09 30.65
CA HIS B 119 5.85 -31.99 30.66
C HIS B 119 6.38 -30.77 29.92
N ASP B 120 5.59 -30.16 29.04
CA ASP B 120 6.05 -29.03 28.23
C ASP B 120 5.16 -27.81 28.41
N MET B 121 4.43 -27.73 29.52
CA MET B 121 3.52 -26.61 29.73
C MET B 121 4.27 -25.28 29.83
N GLY B 122 5.37 -25.25 30.57
CA GLY B 122 6.10 -24.02 30.81
C GLY B 122 7.18 -23.67 29.82
N ASN B 123 7.30 -24.43 28.73
CA ASN B 123 8.35 -24.15 27.76
C ASN B 123 8.05 -22.85 27.02
N PRO B 124 9.08 -22.05 26.72
CA PRO B 124 8.87 -20.81 25.97
C PRO B 124 8.49 -21.12 24.53
N PRO B 125 7.97 -20.13 23.79
CA PRO B 125 7.63 -20.36 22.39
C PRO B 125 8.85 -20.49 21.50
N PHE B 126 8.61 -20.70 20.20
CA PHE B 126 9.68 -20.77 19.19
C PHE B 126 10.62 -21.94 19.46
N GLY B 127 10.07 -23.06 19.95
CA GLY B 127 10.85 -24.28 20.09
C GLY B 127 11.99 -24.17 21.08
N HIS B 128 13.05 -24.96 20.79
CA HIS B 128 14.23 -24.95 21.64
C HIS B 128 14.94 -23.60 21.58
N GLN B 129 14.81 -22.91 20.43
CA GLN B 129 15.43 -21.60 20.30
C GLN B 129 14.82 -20.61 21.28
N GLY B 130 13.60 -20.86 21.74
CA GLY B 130 13.03 -20.01 22.77
C GLY B 130 13.83 -20.05 24.04
N GLU B 131 14.09 -21.26 24.55
CA GLU B 131 14.92 -21.40 25.74
C GLU B 131 16.32 -20.87 25.49
N LYS B 132 16.88 -21.15 24.31
CA LYS B 132 18.23 -20.68 24.02
C LYS B 132 18.31 -19.16 24.03
N ALA B 133 17.32 -18.51 23.43
CA ALA B 133 17.31 -17.04 23.36
C ALA B 133 17.09 -16.43 24.74
N MET B 134 16.20 -17.02 25.53
CA MET B 134 16.01 -16.53 26.89
C MET B 134 17.31 -16.65 27.69
N SER B 135 18.00 -17.79 27.56
CA SER B 135 19.26 -17.97 28.28
C SER B 135 20.30 -16.97 27.82
N GLU B 136 20.42 -16.74 26.51
CA GLU B 136 21.41 -15.79 26.01
C GLU B 136 21.11 -14.38 26.48
N TRP B 137 19.84 -13.98 26.42
CA TRP B 137 19.48 -12.64 26.87
C TRP B 137 19.75 -12.47 28.35
N PHE B 138 19.43 -13.47 29.16
CA PHE B 138 19.68 -13.37 30.59
C PHE B 138 21.17 -13.35 30.89
N THR B 139 21.95 -14.11 30.13
CA THR B 139 23.40 -14.08 30.29
C THR B 139 23.97 -12.71 29.97
N LYS B 140 23.46 -12.07 28.92
CA LYS B 140 23.96 -10.76 28.54
C LYS B 140 23.51 -9.65 29.49
N ASN B 141 22.23 -9.64 29.88
CA ASN B 141 21.67 -8.56 30.67
C ASN B 141 21.69 -8.81 32.17
N LEU B 142 22.14 -9.99 32.60
CA LEU B 142 22.35 -10.30 34.02
C LEU B 142 23.78 -10.80 34.16
N PRO B 143 24.76 -9.91 34.02
CA PRO B 143 26.16 -10.35 33.95
C PRO B 143 26.58 -11.10 35.21
N GLU B 144 27.35 -12.17 35.01
CA GLU B 144 27.85 -12.97 36.12
C GLU B 144 28.90 -12.23 36.93
N HIS B 145 29.67 -11.35 36.30
CA HIS B 145 30.69 -10.58 37.02
C HIS B 145 30.10 -9.44 37.84
N SER B 146 28.95 -8.90 37.43
CA SER B 146 28.34 -7.81 38.17
C SER B 146 27.92 -8.28 39.56
N ASP B 147 28.19 -7.44 40.56
CA ASP B 147 27.91 -7.81 41.95
C ASP B 147 26.42 -8.03 42.18
N ASN B 148 25.57 -7.39 41.38
CA ASN B 148 24.14 -7.62 41.50
C ASN B 148 23.77 -9.05 41.14
N TYR B 149 24.51 -9.67 40.21
CA TYR B 149 24.24 -11.03 39.75
C TYR B 149 25.54 -11.83 39.82
N LYS B 150 25.82 -12.39 41.00
CA LYS B 150 26.95 -13.30 41.17
C LYS B 150 26.55 -14.66 41.69
N ASP B 151 25.47 -14.75 42.45
CA ASP B 151 25.07 -16.01 43.05
C ASP B 151 24.64 -17.01 41.97
N LYS B 152 24.76 -18.29 42.30
CA LYS B 152 24.34 -19.34 41.39
C LYS B 152 22.84 -19.30 41.14
N ILE B 153 22.07 -18.63 41.98
CA ILE B 153 20.62 -18.60 41.83
C ILE B 153 20.22 -17.94 40.52
N TYR B 154 20.97 -16.92 40.10
CA TYR B 154 20.67 -16.26 38.84
C TYR B 154 20.99 -17.15 37.65
N GLY B 155 21.76 -18.22 37.85
CA GLY B 155 21.87 -19.23 36.83
C GLY B 155 20.53 -19.79 36.41
N ASP B 156 19.57 -19.81 37.35
CA ASP B 156 18.20 -20.19 37.05
C ASP B 156 17.68 -19.48 35.80
N PHE B 157 18.17 -18.28 35.53
CA PHE B 157 17.81 -17.55 34.32
C PHE B 157 18.89 -17.58 33.25
N ARG B 158 20.16 -17.68 33.66
CA ARG B 158 21.23 -17.76 32.66
C ARG B 158 21.23 -19.11 31.96
N HIS B 159 20.71 -20.15 32.62
CA HIS B 159 20.53 -21.46 32.02
C HIS B 159 19.06 -21.84 32.10
N PHE B 160 18.18 -20.92 31.69
CA PHE B 160 16.75 -21.09 31.84
C PHE B 160 16.28 -22.41 31.24
N ASP B 161 15.46 -23.13 31.99
CA ASP B 161 14.95 -24.43 31.60
C ASP B 161 13.44 -24.44 31.69
N GLY B 162 12.80 -25.11 30.71
CA GLY B 162 11.35 -25.14 30.69
C GLY B 162 10.72 -25.97 31.79
N ASN B 163 11.46 -26.97 32.30
CA ASN B 163 10.91 -27.82 33.35
C ASN B 163 10.68 -27.03 34.65
N SER B 164 11.63 -26.16 34.99
CA SER B 164 11.47 -25.33 36.19
C SER B 164 10.25 -24.42 36.05
N GLN B 165 10.07 -23.82 34.87
CA GLN B 165 8.90 -22.97 34.65
C GLN B 165 7.61 -23.78 34.68
N THR B 166 7.64 -25.01 34.19
CA THR B 166 6.45 -25.86 34.28
C THR B 166 6.09 -26.15 35.72
N LEU B 167 7.09 -26.48 36.55
CA LEU B 167 6.82 -26.71 37.96
C LEU B 167 6.30 -25.45 38.63
N ARG B 168 6.88 -24.29 38.28
CA ARG B 168 6.41 -23.03 38.82
C ARG B 168 4.95 -22.77 38.44
N LEU B 169 4.59 -23.05 37.19
CA LEU B 169 3.22 -22.85 36.74
C LEU B 169 2.25 -23.76 37.48
N VAL B 170 2.61 -25.04 37.62
CA VAL B 170 1.68 -25.96 38.26
C VAL B 170 1.61 -25.78 39.77
N THR B 171 2.62 -25.19 40.38
CA THR B 171 2.65 -25.05 41.83
C THR B 171 2.29 -23.66 42.35
N LYS B 172 2.59 -22.60 41.59
CA LYS B 172 2.43 -21.24 42.08
C LYS B 172 1.73 -20.36 41.04
N LEU B 173 0.65 -20.86 40.45
CA LEU B 173 -0.04 -20.05 39.46
C LEU B 173 -1.54 -20.29 39.44
N GLN B 174 -2.30 -19.45 40.15
CA GLN B 174 -3.75 -19.39 40.07
C GLN B 174 -4.27 -18.20 40.86
N GLY B 179 -1.34 -19.84 47.12
CA GLY B 179 -0.05 -20.51 47.28
C GLY B 179 0.08 -21.77 46.46
N TYR B 180 -1.05 -22.26 45.97
CA TYR B 180 -1.11 -23.47 45.15
C TYR B 180 -1.83 -23.18 43.85
N GLY B 181 -1.53 -24.00 42.84
CA GLY B 181 -2.13 -23.82 41.54
C GLY B 181 -3.20 -24.85 41.23
N LEU B 182 -2.86 -25.82 40.38
CA LEU B 182 -3.77 -26.90 40.03
C LEU B 182 -4.01 -27.88 41.16
N ASN B 183 -3.25 -27.78 42.26
CA ASN B 183 -3.37 -28.66 43.41
C ASN B 183 -3.18 -30.12 42.99
N LEU B 184 -2.11 -30.37 42.25
CA LEU B 184 -1.79 -31.72 41.81
C LEU B 184 -1.36 -32.57 43.00
N THR B 185 -1.53 -33.88 42.86
CA THR B 185 -1.13 -34.79 43.92
C THR B 185 0.39 -34.80 44.07
N TYR B 186 0.84 -35.31 45.23
CA TYR B 186 2.27 -35.36 45.50
C TYR B 186 2.99 -36.27 44.50
N ALA B 187 2.34 -37.36 44.10
CA ALA B 187 2.95 -38.26 43.12
C ALA B 187 3.19 -37.54 41.81
N THR B 188 2.20 -36.79 41.33
CA THR B 188 2.36 -36.07 40.07
C THR B 188 3.48 -35.04 40.18
N LEU B 189 3.45 -34.22 41.22
CA LEU B 189 4.47 -33.18 41.37
C LEU B 189 5.86 -33.77 41.48
N ALA B 190 5.99 -34.89 42.21
CA ALA B 190 7.28 -35.56 42.29
C ALA B 190 7.71 -36.08 40.92
N SER B 191 6.76 -36.54 40.11
CA SER B 191 7.10 -37.07 38.80
C SER B 191 7.51 -35.97 37.82
N MET B 192 6.97 -34.76 37.96
CA MET B 192 7.34 -33.70 37.03
C MET B 192 8.71 -33.11 37.29
N ILE B 193 9.36 -33.44 38.40
CA ILE B 193 10.70 -32.93 38.68
C ILE B 193 11.67 -33.77 37.85
N LYS B 194 12.03 -33.26 36.66
CA LYS B 194 12.88 -34.02 35.76
C LYS B 194 14.30 -34.15 36.30
N TYR B 195 14.87 -33.03 36.74
CA TYR B 195 16.22 -33.02 37.31
C TYR B 195 16.13 -32.66 38.78
N PRO B 196 16.26 -33.61 39.69
CA PRO B 196 16.07 -33.30 41.11
C PRO B 196 17.23 -32.54 41.73
N ARG B 197 17.49 -31.32 41.24
CA ARG B 197 18.53 -30.48 41.81
C ARG B 197 18.22 -29.03 41.44
N SER B 198 18.86 -28.12 42.17
CA SER B 198 18.72 -26.69 41.95
C SER B 198 20.00 -26.13 41.34
N SER B 199 19.97 -24.85 41.00
CA SER B 199 21.15 -24.19 40.45
C SER B 199 22.27 -24.12 41.49
N GLU B 200 21.91 -23.82 42.75
CA GLU B 200 22.92 -23.73 43.80
C GLU B 200 23.61 -25.08 44.02
N SER B 201 22.84 -26.16 44.04
CA SER B 201 23.40 -27.49 44.26
C SER B 201 24.11 -27.97 43.00
N ASP B 202 25.36 -28.40 43.15
CA ASP B 202 26.17 -28.90 42.05
C ASP B 202 26.36 -30.39 42.21
N SER B 203 25.84 -31.17 41.26
CA SER B 203 25.97 -32.61 41.27
C SER B 203 26.35 -33.09 39.89
N SER B 204 27.20 -34.13 39.83
CA SER B 204 27.59 -34.70 38.55
C SER B 204 26.50 -35.56 37.94
N LEU B 205 25.50 -35.95 38.72
CA LEU B 205 24.44 -36.80 38.19
C LEU B 205 23.62 -36.07 37.13
N TRP B 206 23.25 -34.82 37.40
CA TRP B 206 22.42 -34.03 36.50
C TRP B 206 23.12 -32.72 36.18
N LYS B 207 23.18 -32.38 34.90
CA LYS B 207 23.82 -31.16 34.44
C LYS B 207 22.85 -29.99 34.31
N LYS B 208 21.58 -30.20 34.63
CA LYS B 208 20.56 -29.15 34.56
C LYS B 208 19.82 -29.07 35.88
N HIS B 209 19.35 -27.87 36.20
CA HIS B 209 18.51 -27.66 37.38
C HIS B 209 17.05 -27.94 37.02
N GLY B 210 16.33 -28.50 37.96
CA GLY B 210 14.94 -28.88 37.70
C GLY B 210 13.90 -27.97 38.30
N PHE B 211 14.33 -27.03 39.15
CA PHE B 211 13.39 -26.10 39.76
C PHE B 211 14.11 -24.80 40.09
N PHE B 212 13.33 -23.73 40.18
CA PHE B 212 13.86 -22.42 40.51
C PHE B 212 14.12 -22.31 42.01
N LEU B 213 14.77 -21.22 42.40
CA LEU B 213 14.97 -20.94 43.82
C LEU B 213 13.64 -20.72 44.52
N SER B 214 12.72 -20.03 43.86
CA SER B 214 11.43 -19.71 44.47
C SER B 214 10.61 -20.95 44.80
N GLU B 215 10.93 -22.09 44.19
CA GLU B 215 10.23 -23.34 44.46
C GLU B 215 11.00 -24.25 45.40
N LYS B 216 12.12 -23.76 45.95
CA LYS B 216 12.95 -24.61 46.82
C LYS B 216 12.14 -25.14 48.00
N ASP B 217 11.28 -24.31 48.57
CA ASP B 217 10.44 -24.77 49.68
C ASP B 217 9.38 -25.76 49.20
N VAL B 218 8.85 -25.55 47.99
CA VAL B 218 7.83 -26.45 47.48
C VAL B 218 8.41 -27.83 47.22
N VAL B 219 9.53 -27.89 46.51
CA VAL B 219 10.15 -29.17 46.17
C VAL B 219 10.54 -29.91 47.44
N GLN B 220 11.14 -29.21 48.40
CA GLN B 220 11.46 -29.83 49.68
C GLN B 220 10.23 -30.41 50.34
N ASP B 221 9.06 -29.76 50.18
CA ASP B 221 7.83 -30.35 50.67
C ASP B 221 7.50 -31.63 49.91
N ILE B 222 7.60 -31.59 48.58
CA ILE B 222 7.28 -32.76 47.76
C ILE B 222 8.17 -33.93 48.13
N TRP B 223 9.48 -33.69 48.22
CA TRP B 223 10.41 -34.73 48.63
C TRP B 223 10.05 -35.28 50.00
N ASN B 224 9.48 -34.45 50.86
CA ASN B 224 9.11 -34.92 52.19
C ASN B 224 7.92 -35.87 52.13
N ASN B 225 7.03 -35.70 51.16
CA ASN B 225 5.81 -36.50 51.08
C ASN B 225 5.93 -37.65 50.09
N THR B 226 7.09 -37.84 49.47
CA THR B 226 7.28 -38.91 48.51
C THR B 226 8.52 -39.76 48.79
N GLY B 227 9.26 -39.48 49.85
CA GLY B 227 10.45 -40.25 50.15
C GLY B 227 11.59 -40.02 49.20
N LEU B 228 11.57 -38.91 48.48
CA LEU B 228 12.62 -38.56 47.53
C LEU B 228 13.57 -37.55 48.16
N SER B 229 14.65 -37.26 47.46
CA SER B 229 15.67 -36.34 47.95
C SER B 229 16.38 -35.70 46.77
N GLU B 230 17.30 -34.80 47.08
CA GLU B 230 18.12 -34.16 46.05
C GLU B 230 18.94 -35.20 45.31
N GLY B 231 18.89 -35.13 43.98
CA GLY B 231 19.60 -36.07 43.13
C GLY B 231 18.87 -37.37 42.90
N VAL B 232 17.80 -37.62 43.65
CA VAL B 232 17.00 -38.83 43.49
C VAL B 232 15.77 -38.48 42.66
N ARG B 233 15.57 -39.22 41.58
CA ARG B 233 14.52 -38.92 40.61
C ARG B 233 13.40 -39.94 40.74
N HIS B 234 12.16 -39.46 40.61
CA HIS B 234 11.02 -40.34 40.68
C HIS B 234 11.08 -41.36 39.55
N PRO B 235 10.76 -42.64 39.81
CA PRO B 235 10.90 -43.66 38.76
C PRO B 235 10.08 -43.36 37.51
N PHE B 236 8.89 -42.79 37.64
CA PHE B 236 8.07 -42.52 36.48
C PHE B 236 8.61 -41.37 35.63
N THR B 237 9.51 -40.56 36.20
CA THR B 237 10.14 -39.51 35.41
C THR B 237 11.01 -40.11 34.31
N TYR B 238 11.66 -41.24 34.59
CA TYR B 238 12.42 -41.93 33.56
C TYR B 238 11.51 -42.36 32.41
N ILE B 239 10.34 -42.89 32.74
CA ILE B 239 9.39 -43.32 31.72
C ILE B 239 8.91 -42.13 30.90
N MET B 240 8.59 -41.02 31.58
CA MET B 240 8.13 -39.84 30.87
C MET B 240 9.22 -39.29 29.95
N GLU B 241 10.46 -39.27 30.42
CA GLU B 241 11.56 -38.79 29.58
C GLU B 241 11.80 -39.71 28.39
N ALA B 242 11.71 -41.03 28.60
CA ALA B 242 11.87 -41.97 27.49
C ALA B 242 10.77 -41.79 26.46
N CYS B 243 9.52 -41.61 26.92
CA CYS B 243 8.43 -41.37 25.98
C CYS B 243 8.63 -40.05 25.24
N ASP B 244 9.11 -39.02 25.93
CA ASP B 244 9.40 -37.75 25.28
C ASP B 244 10.44 -37.92 24.19
N ASP B 245 11.52 -38.66 24.49
CA ASP B 245 12.56 -38.87 23.48
C ASP B 245 12.04 -39.67 22.29
N ILE B 246 11.25 -40.71 22.55
CA ILE B 246 10.70 -41.52 21.48
C ILE B 246 9.80 -40.68 20.59
N ALA B 247 8.92 -39.89 21.20
CA ALA B 247 8.05 -39.00 20.42
C ALA B 247 8.88 -38.03 19.61
N TYR B 248 9.83 -37.35 20.25
CA TYR B 248 10.73 -36.44 19.55
C TYR B 248 11.29 -37.09 18.29
N SER B 249 12.04 -38.17 18.46
CA SER B 249 12.74 -38.79 17.34
C SER B 249 11.76 -39.24 16.25
N VAL B 250 10.85 -40.15 16.61
CA VAL B 250 10.02 -40.79 15.60
C VAL B 250 9.11 -39.77 14.91
N LEU B 251 8.45 -38.93 15.70
CA LEU B 251 7.48 -38.01 15.13
C LEU B 251 8.15 -36.86 14.40
N ASP B 252 9.34 -36.44 14.80
CA ASP B 252 10.07 -35.46 14.01
C ASP B 252 10.52 -36.05 12.68
N ALA B 253 10.92 -37.31 12.67
CA ALA B 253 11.22 -37.97 11.40
C ALA B 253 9.98 -38.02 10.52
N GLU B 254 8.83 -38.35 11.11
CA GLU B 254 7.59 -38.39 10.34
C GLU B 254 7.23 -37.02 9.78
N ASP B 255 7.41 -35.97 10.58
CA ASP B 255 7.14 -34.62 10.10
C ASP B 255 8.10 -34.22 8.98
N ILE B 256 9.37 -34.64 9.09
CA ILE B 256 10.34 -34.36 8.03
C ILE B 256 9.90 -35.02 6.73
N ILE B 257 9.47 -36.28 6.81
CA ILE B 257 9.02 -36.97 5.61
C ILE B 257 7.76 -36.31 5.04
N LYS B 258 6.83 -35.93 5.92
CA LYS B 258 5.58 -35.33 5.46
C LYS B 258 5.82 -33.99 4.78
N LYS B 259 6.69 -33.16 5.34
CA LYS B 259 6.96 -31.85 4.76
C LYS B 259 7.74 -31.94 3.45
N GLY B 260 8.25 -33.11 3.09
CA GLY B 260 8.99 -33.27 1.85
C GLY B 260 10.47 -32.97 1.95
N PHE B 261 10.99 -32.69 3.15
CA PHE B 261 12.42 -32.44 3.29
C PHE B 261 13.25 -33.69 3.05
N ALA B 262 12.65 -34.87 3.18
CA ALA B 262 13.33 -36.12 2.91
C ALA B 262 12.28 -37.17 2.56
N SER B 263 12.74 -38.27 1.98
CA SER B 263 11.88 -39.36 1.58
C SER B 263 12.02 -40.52 2.55
N PHE B 264 11.07 -41.45 2.46
CA PHE B 264 11.13 -42.66 3.28
C PHE B 264 12.38 -43.46 2.98
N HIS B 265 12.74 -43.57 1.71
CA HIS B 265 13.96 -44.26 1.34
C HIS B 265 15.20 -43.57 1.91
N ASP B 266 15.17 -42.24 2.00
CA ASP B 266 16.28 -41.53 2.63
C ASP B 266 16.43 -41.94 4.08
N LEU B 267 15.32 -42.02 4.82
CA LEU B 267 15.38 -42.45 6.22
C LEU B 267 15.87 -43.89 6.34
N ILE B 268 15.38 -44.77 5.46
CA ILE B 268 15.81 -46.16 5.51
C ILE B 268 17.30 -46.28 5.24
N ASP B 269 17.80 -45.55 4.25
CA ASP B 269 19.22 -45.58 3.96
C ASP B 269 20.04 -45.00 5.11
N PHE B 270 19.55 -43.92 5.71
CA PHE B 270 20.26 -43.31 6.83
C PHE B 270 20.37 -44.28 7.99
N ILE B 271 19.28 -44.98 8.31
CA ILE B 271 19.32 -45.96 9.39
C ILE B 271 20.23 -47.12 9.05
N GLN B 272 20.13 -47.63 7.81
CA GLN B 272 20.97 -48.75 7.40
C GLN B 272 22.44 -48.38 7.38
N SER B 273 22.77 -47.18 6.90
CA SER B 273 24.15 -46.73 6.82
C SER B 273 24.70 -46.21 8.15
N ASN B 274 23.85 -46.10 9.17
CA ASN B 274 24.32 -45.65 10.47
C ASN B 274 25.27 -46.68 11.07
N GLN B 275 26.36 -46.19 11.65
CA GLN B 275 27.39 -47.09 12.17
C GLN B 275 26.85 -47.96 13.31
N PHE B 276 26.13 -47.35 14.24
CA PHE B 276 25.63 -48.11 15.39
C PHE B 276 24.42 -48.95 15.03
N CYS B 277 23.57 -48.47 14.11
CA CYS B 277 22.39 -49.23 13.74
C CYS B 277 22.70 -50.47 12.92
N LYS B 278 23.92 -50.59 12.40
CA LYS B 278 24.34 -51.85 11.81
C LYS B 278 24.39 -52.92 12.89
N GLU B 279 24.08 -54.16 12.50
CA GLU B 279 23.97 -55.32 13.38
C GLU B 279 23.30 -54.99 14.70
N ASP B 280 22.23 -54.21 14.65
CA ASP B 280 21.40 -53.89 15.81
C ASP B 280 20.04 -54.54 15.62
N ASP B 281 19.62 -55.36 16.58
CA ASP B 281 18.45 -56.22 16.38
C ASP B 281 17.19 -55.40 16.14
N VAL B 282 16.95 -54.38 16.96
CA VAL B 282 15.73 -53.59 16.81
C VAL B 282 15.74 -52.84 15.50
N ALA B 283 16.87 -52.22 15.16
CA ALA B 283 16.96 -51.47 13.91
C ALA B 283 16.77 -52.39 12.71
N LYS B 284 17.40 -53.56 12.72
CA LYS B 284 17.24 -54.48 11.60
C LYS B 284 15.80 -54.97 11.48
N ARG B 285 15.16 -55.27 12.61
CA ARG B 285 13.78 -55.72 12.59
C ARG B 285 12.87 -54.66 11.97
N VAL B 286 13.02 -53.42 12.44
CA VAL B 286 12.20 -52.33 11.90
C VAL B 286 12.47 -52.14 10.42
N ILE B 287 13.75 -52.20 10.01
CA ILE B 287 14.10 -51.97 8.61
C ILE B 287 13.48 -53.05 7.73
N GLU B 288 13.58 -54.32 8.14
CA GLU B 288 13.01 -55.39 7.33
C GLU B 288 11.49 -55.29 7.25
N ASN B 289 10.83 -55.02 8.37
CA ASN B 289 9.37 -54.88 8.33
C ASN B 289 8.95 -53.74 7.42
N CYS B 290 9.62 -52.60 7.53
CA CYS B 290 9.28 -51.45 6.70
C CYS B 290 9.57 -51.72 5.23
N LYS B 291 10.65 -52.43 4.93
CA LYS B 291 10.96 -52.75 3.55
C LYS B 291 9.90 -53.67 2.94
N LYS B 292 9.47 -54.69 3.70
CA LYS B 292 8.40 -55.55 3.19
C LYS B 292 7.12 -54.77 2.96
N ILE B 293 6.74 -53.92 3.92
CA ILE B 293 5.50 -53.16 3.78
C ILE B 293 5.60 -52.18 2.61
N HIS B 294 6.76 -51.57 2.42
CA HIS B 294 6.94 -50.65 1.31
C HIS B 294 6.86 -51.38 -0.03
N ALA B 295 7.45 -52.58 -0.11
CA ALA B 295 7.34 -53.37 -1.31
C ALA B 295 5.89 -53.71 -1.62
N ASP B 296 5.12 -54.08 -0.59
CA ASP B 296 3.70 -54.35 -0.79
C ASP B 296 2.95 -53.10 -1.23
N TYR B 297 3.28 -51.94 -0.64
CA TYR B 297 2.56 -50.71 -0.94
C TYR B 297 2.86 -50.21 -2.35
N ALA B 298 4.08 -50.45 -2.85
CA ALA B 298 4.48 -49.89 -4.12
C ALA B 298 3.59 -50.35 -5.27
N GLN B 299 2.96 -51.51 -5.12
CA GLN B 299 2.07 -52.02 -6.16
C GLN B 299 0.88 -51.09 -6.37
N GLN B 300 0.28 -50.61 -5.29
CA GLN B 300 -0.86 -49.71 -5.38
C GLN B 300 -0.45 -48.41 -6.03
N LYS B 301 -1.26 -47.94 -6.97
CA LYS B 301 -0.97 -46.72 -7.73
C LYS B 301 -1.25 -45.52 -6.84
N LEU B 302 -0.19 -44.97 -6.25
CA LEU B 302 -0.28 -43.80 -5.38
C LEU B 302 0.73 -42.75 -5.82
N SER B 303 0.41 -41.49 -5.52
CA SER B 303 1.35 -40.42 -5.76
C SER B 303 2.58 -40.61 -4.87
N PRO B 304 3.75 -40.11 -5.30
CA PRO B 304 4.95 -40.26 -4.45
C PRO B 304 4.77 -39.73 -3.04
N ALA B 305 4.06 -38.61 -2.88
CA ALA B 305 3.76 -38.11 -1.55
C ALA B 305 2.91 -39.11 -0.77
N GLU B 306 1.90 -39.69 -1.42
CA GLU B 306 1.03 -40.65 -0.74
C GLU B 306 1.79 -41.91 -0.35
N LEU B 307 2.63 -42.43 -1.24
CA LEU B 307 3.44 -43.60 -0.90
C LEU B 307 4.40 -43.30 0.24
N ASN B 308 5.03 -42.13 0.21
CA ASN B 308 5.90 -41.73 1.30
C ASN B 308 5.13 -41.65 2.61
N ASP B 309 3.93 -41.07 2.58
CA ASP B 309 3.13 -40.95 3.79
C ASP B 309 2.76 -42.31 4.36
N MET B 310 2.32 -43.23 3.50
CA MET B 310 1.93 -44.56 3.97
C MET B 310 3.13 -45.31 4.55
N SER B 311 4.26 -45.27 3.84
CA SER B 311 5.46 -45.95 4.33
C SER B 311 5.93 -45.35 5.64
N MET B 312 5.88 -44.02 5.76
CA MET B 312 6.32 -43.37 6.99
C MET B 312 5.35 -43.67 8.14
N GLN B 313 4.06 -43.78 7.86
CA GLN B 313 3.11 -44.14 8.91
C GLN B 313 3.39 -45.56 9.42
N MET B 314 3.62 -46.50 8.51
CA MET B 314 3.94 -47.86 8.95
C MET B 314 5.26 -47.90 9.71
N PHE B 315 6.25 -47.13 9.25
CA PHE B 315 7.52 -47.05 9.98
C PHE B 315 7.31 -46.47 11.37
N ARG B 316 6.47 -45.44 11.49
CA ARG B 316 6.19 -44.86 12.79
C ARG B 316 5.56 -45.89 13.72
N VAL B 317 4.60 -46.66 13.21
CA VAL B 317 3.95 -47.68 14.03
C VAL B 317 4.98 -48.69 14.51
N TYR B 318 5.78 -49.23 13.59
CA TYR B 318 6.74 -50.27 13.96
C TYR B 318 7.78 -49.73 14.93
N ALA B 319 8.35 -48.56 14.64
CA ALA B 319 9.41 -48.00 15.47
C ALA B 319 8.90 -47.64 16.85
N ILE B 320 7.71 -47.04 16.93
CA ILE B 320 7.14 -46.69 18.23
C ILE B 320 6.88 -47.95 19.04
N ALA B 321 6.33 -48.99 18.41
CA ALA B 321 6.08 -50.24 19.13
C ALA B 321 7.38 -50.83 19.66
N GLU B 322 8.41 -50.89 18.81
CA GLU B 322 9.68 -51.48 19.24
C GLU B 322 10.33 -50.67 20.36
N LEU B 323 10.35 -49.35 20.22
CA LEU B 323 10.98 -48.51 21.22
C LEU B 323 10.22 -48.56 22.54
N VAL B 324 8.89 -48.58 22.49
CA VAL B 324 8.10 -48.66 23.71
C VAL B 324 8.33 -49.99 24.40
N ASP B 325 8.38 -51.08 23.63
CA ASP B 325 8.64 -52.38 24.24
C ASP B 325 10.02 -52.43 24.87
N ALA B 326 11.02 -51.87 24.19
CA ALA B 326 12.37 -51.84 24.75
C ALA B 326 12.41 -51.02 26.03
N VAL B 327 11.72 -49.87 26.05
CA VAL B 327 11.67 -49.04 27.24
C VAL B 327 11.00 -49.77 28.39
N VAL B 328 9.91 -50.48 28.10
CA VAL B 328 9.22 -51.25 29.14
C VAL B 328 10.15 -52.31 29.71
N ILE B 329 10.85 -53.03 28.83
CA ILE B 329 11.76 -54.09 29.29
C ILE B 329 12.87 -53.51 30.15
N ALA B 330 13.45 -52.38 29.71
CA ALA B 330 14.53 -51.76 30.48
C ALA B 330 14.03 -51.29 31.84
N PHE B 331 12.84 -50.70 31.89
CA PHE B 331 12.29 -50.23 33.16
C PHE B 331 12.02 -51.41 34.09
N LYS B 332 11.45 -52.49 33.56
CA LYS B 332 11.16 -53.65 34.39
C LYS B 332 12.44 -54.29 34.93
N ASP B 333 13.47 -54.38 34.09
CA ASP B 333 14.72 -55.02 34.51
C ASP B 333 15.45 -54.19 35.56
N ASN B 334 15.38 -52.87 35.44
CA ASN B 334 16.12 -51.97 36.33
C ASN B 334 15.23 -51.35 37.40
N ILE B 335 14.11 -51.98 37.73
CA ILE B 335 13.17 -51.38 38.67
C ILE B 335 13.79 -51.31 40.07
N ASN B 336 14.59 -52.31 40.44
CA ASN B 336 15.21 -52.30 41.76
C ASN B 336 16.19 -51.14 41.90
N GLU B 337 16.97 -50.87 40.85
CA GLU B 337 17.89 -49.74 40.89
C GLU B 337 17.13 -48.41 40.91
N PHE B 338 16.02 -48.33 40.18
CA PHE B 338 15.22 -47.10 40.17
C PHE B 338 14.62 -46.82 41.53
N LEU B 339 14.32 -47.86 42.30
CA LEU B 339 13.75 -47.69 43.64
C LEU B 339 14.82 -47.47 44.70
N ASN B 340 16.09 -47.44 44.32
CA ASN B 340 17.18 -47.20 45.25
C ASN B 340 17.59 -45.74 45.19
N ASP B 341 17.90 -45.18 46.37
CA ASP B 341 18.29 -43.78 46.45
C ASP B 341 19.61 -43.49 45.74
N THR B 342 20.43 -44.50 45.50
CA THR B 342 21.72 -44.35 44.85
C THR B 342 21.67 -44.72 43.37
N CYS B 343 20.56 -44.44 42.71
CA CYS B 343 20.43 -44.78 41.30
C CYS B 343 21.38 -43.93 40.45
N GLU B 344 22.13 -44.60 39.57
CA GLU B 344 23.05 -43.93 38.67
C GLU B 344 22.57 -43.90 37.23
N ILE B 345 21.35 -44.37 36.96
CA ILE B 345 20.82 -44.37 35.61
C ILE B 345 20.53 -42.93 35.18
N LYS B 346 21.00 -42.56 33.99
CA LYS B 346 20.77 -41.22 33.48
C LYS B 346 19.52 -41.14 32.61
N ASP B 347 19.22 -42.18 31.86
CA ASP B 347 18.01 -42.21 31.03
C ASP B 347 17.62 -43.66 30.80
N LEU B 348 16.33 -43.86 30.51
CA LEU B 348 15.81 -45.20 30.28
C LEU B 348 16.17 -45.74 28.91
N ILE B 349 16.31 -44.85 27.91
CA ILE B 349 16.59 -45.30 26.55
C ILE B 349 17.95 -45.96 26.46
N SER B 350 18.97 -45.35 27.10
CA SER B 350 20.33 -45.86 26.98
C SER B 350 20.49 -47.25 27.59
N CYS B 351 19.62 -47.62 28.52
CA CYS B 351 19.65 -48.96 29.10
C CYS B 351 18.77 -49.95 28.36
N SER B 352 18.13 -49.52 27.28
CA SER B 352 17.24 -50.38 26.51
C SER B 352 17.91 -50.81 25.22
N SER B 353 17.27 -51.77 24.54
CA SER B 353 17.78 -52.27 23.28
C SER B 353 17.48 -51.34 22.11
N GLY B 354 16.68 -50.29 22.31
CA GLY B 354 16.34 -49.38 21.25
C GLY B 354 17.13 -48.08 21.27
N LYS B 355 18.24 -48.05 22.02
CA LYS B 355 19.02 -46.83 22.12
C LYS B 355 19.67 -46.48 20.78
N ASN B 356 20.15 -47.48 20.05
CA ASN B 356 20.80 -47.21 18.76
C ASN B 356 19.82 -46.63 17.76
N LEU B 357 18.61 -47.19 17.69
CA LEU B 357 17.60 -46.68 16.77
C LEU B 357 17.21 -45.25 17.12
N CYS B 358 17.05 -44.97 18.42
CA CYS B 358 16.70 -43.62 18.84
C CYS B 358 17.80 -42.63 18.51
N GLN B 359 19.06 -43.03 18.73
CA GLN B 359 20.18 -42.16 18.38
C GLN B 359 20.23 -41.89 16.89
N ALA B 360 20.04 -42.93 16.07
CA ALA B 360 20.05 -42.74 14.63
C ALA B 360 18.91 -41.83 14.18
N LEU B 361 17.72 -42.00 14.77
CA LEU B 361 16.60 -41.14 14.42
C LEU B 361 16.87 -39.70 14.81
N LYS B 362 17.48 -39.49 15.98
CA LYS B 362 17.82 -38.13 16.40
C LYS B 362 18.84 -37.51 15.46
N LYS B 363 19.84 -38.28 15.03
CA LYS B 363 20.82 -37.76 14.08
C LYS B 363 20.16 -37.43 12.74
N PHE B 364 19.24 -38.28 12.29
CA PHE B 364 18.52 -38.00 11.05
C PHE B 364 17.70 -36.73 11.16
N ASP B 365 17.02 -36.55 12.29
CA ASP B 365 16.22 -35.33 12.49
C ASP B 365 17.12 -34.09 12.52
N SER B 366 18.27 -34.19 13.18
CA SER B 366 19.18 -33.05 13.24
C SER B 366 19.73 -32.72 11.85
N SER B 367 20.06 -33.75 11.07
CA SER B 367 20.67 -33.51 9.76
C SER B 367 19.66 -32.97 8.76
N ARG B 368 18.45 -33.53 8.73
CA ARG B 368 17.49 -33.17 7.71
C ARG B 368 16.43 -32.20 8.17
N GLY B 369 15.97 -32.29 9.41
CA GLY B 369 14.90 -31.44 9.88
C GLY B 369 15.32 -30.20 10.63
N TYR B 370 16.18 -30.36 11.64
CA TYR B 370 16.50 -29.24 12.51
C TYR B 370 17.39 -28.22 11.82
N GLN B 371 18.18 -28.65 10.85
CA GLN B 371 19.07 -27.75 10.12
C GLN B 371 18.50 -27.33 8.77
N HIS B 372 17.23 -27.63 8.51
CA HIS B 372 16.59 -27.14 7.29
C HIS B 372 16.46 -25.63 7.34
N ARG B 373 16.43 -25.01 6.16
CA ARG B 373 16.42 -23.55 6.09
C ARG B 373 15.17 -22.97 6.73
N SER B 374 14.03 -23.64 6.60
CA SER B 374 12.80 -23.15 7.22
C SER B 374 12.92 -23.15 8.75
N VAL B 375 13.46 -24.22 9.32
CA VAL B 375 13.60 -24.28 10.77
C VAL B 375 14.64 -23.27 11.25
N LEU B 376 15.73 -23.10 10.49
CA LEU B 376 16.72 -22.10 10.86
C LEU B 376 16.14 -20.70 10.81
N LYS B 377 15.33 -20.40 9.80
CA LYS B 377 14.69 -19.09 9.73
C LYS B 377 13.71 -18.89 10.88
N LEU B 378 12.96 -19.94 11.23
CA LEU B 378 12.05 -19.83 12.36
C LEU B 378 12.82 -19.57 13.65
N GLU B 379 13.94 -20.26 13.85
CA GLU B 379 14.75 -20.05 15.05
C GLU B 379 15.32 -18.65 15.09
N LEU B 380 15.81 -18.14 13.96
CA LEU B 380 16.37 -16.79 13.92
C LEU B 380 15.30 -15.75 14.22
N GLU B 381 14.12 -15.89 13.60
CA GLU B 381 13.04 -14.96 13.86
C GLU B 381 12.61 -15.01 15.32
N GLY B 382 12.50 -16.22 15.88
CA GLY B 382 12.13 -16.35 17.28
C GLY B 382 13.14 -15.71 18.20
N SER B 383 14.43 -15.92 17.92
CA SER B 383 15.47 -15.30 18.73
C SER B 383 15.39 -13.78 18.67
N ASN B 384 15.23 -13.23 17.46
CA ASN B 384 15.11 -11.78 17.31
C ASN B 384 13.91 -11.25 18.09
N TYR B 385 12.75 -11.86 17.89
CA TYR B 385 11.54 -11.40 18.57
C TYR B 385 11.68 -11.48 20.08
N ILE B 386 12.17 -12.62 20.57
CA ILE B 386 12.26 -12.83 22.01
C ILE B 386 13.23 -11.84 22.63
N LYS B 387 14.40 -11.65 22.01
CA LYS B 387 15.39 -10.75 22.60
C LYS B 387 14.91 -9.30 22.56
N GLY B 388 14.28 -8.88 21.46
CA GLY B 388 13.75 -7.53 21.41
C GLY B 388 12.67 -7.28 22.43
N LEU B 389 11.73 -8.23 22.55
CA LEU B 389 10.66 -8.08 23.52
C LEU B 389 11.20 -8.10 24.94
N MET B 390 12.20 -8.94 25.21
CA MET B 390 12.81 -8.96 26.53
C MET B 390 13.50 -7.65 26.85
N ASP B 391 14.19 -7.04 25.88
CA ASP B 391 14.76 -5.71 26.10
C ASP B 391 13.68 -4.71 26.45
N MET B 392 12.60 -4.68 25.66
CA MET B 392 11.56 -3.68 25.87
C MET B 392 10.83 -3.91 27.19
N LEU B 393 10.67 -5.16 27.62
CA LEU B 393 10.03 -5.43 28.91
C LEU B 393 10.97 -5.12 30.07
N TRP B 394 12.26 -5.44 29.92
CA TRP B 394 13.23 -5.08 30.95
C TRP B 394 13.30 -3.59 31.15
N LEU B 395 13.03 -2.81 30.09
CA LEU B 395 12.98 -1.36 30.25
C LEU B 395 11.93 -0.95 31.28
N GLY B 396 10.87 -1.73 31.44
CA GLY B 396 9.82 -1.39 32.39
C GLY B 396 9.79 -2.25 33.64
N ILE B 397 10.63 -3.28 33.69
CA ILE B 397 10.68 -4.18 34.83
C ILE B 397 11.83 -3.85 35.77
N LYS B 398 13.01 -3.57 35.21
CA LYS B 398 14.21 -3.39 36.02
C LYS B 398 14.05 -2.24 37.00
N GLY B 399 14.43 -2.48 38.26
CA GLY B 399 14.36 -1.49 39.30
C GLY B 399 13.06 -1.43 40.07
N ARG B 400 12.04 -2.17 39.64
CA ARG B 400 10.75 -2.11 40.32
C ARG B 400 10.83 -2.66 41.74
N ALA B 401 11.72 -3.61 41.99
CA ALA B 401 11.88 -4.20 43.30
C ALA B 401 13.12 -3.74 44.04
N THR B 402 14.19 -3.38 43.33
CA THR B 402 15.39 -2.89 44.00
C THR B 402 15.18 -1.52 44.60
N GLY B 403 14.37 -0.68 43.95
CA GLY B 403 14.10 0.65 44.44
C GLY B 403 14.40 1.74 43.44
N ASP B 404 15.37 1.51 42.58
CA ASP B 404 15.72 2.49 41.56
C ASP B 404 14.56 2.68 40.59
N THR B 405 14.27 3.93 40.25
CA THR B 405 13.04 4.31 39.57
C THR B 405 13.27 4.70 38.11
N GLN B 406 14.15 3.98 37.41
CA GLN B 406 14.27 4.19 35.98
C GLN B 406 13.06 3.69 35.21
N TYR B 407 12.26 2.80 35.81
CA TYR B 407 11.09 2.22 35.16
C TYR B 407 9.93 3.18 35.09
N ASP B 408 9.90 4.24 35.91
CA ASP B 408 8.73 5.11 36.02
C ASP B 408 8.71 6.09 34.85
N THR B 409 8.45 5.53 33.67
CA THR B 409 8.25 6.27 32.43
C THR B 409 6.96 5.77 31.81
N PRO B 410 6.32 6.59 30.96
CA PRO B 410 5.07 6.12 30.33
C PRO B 410 5.25 4.81 29.57
N PHE B 411 6.37 4.64 28.86
CA PHE B 411 6.63 3.37 28.20
C PHE B 411 6.83 2.25 29.21
N GLY B 412 7.57 2.51 30.28
CA GLY B 412 7.76 1.50 31.30
C GLY B 412 6.47 1.11 31.99
N ARG B 413 5.64 2.11 32.32
CA ARG B 413 4.35 1.82 32.93
C ARG B 413 3.46 1.03 31.98
N TYR B 414 3.47 1.38 30.69
CA TYR B 414 2.66 0.65 29.73
C TYR B 414 3.10 -0.80 29.61
N VAL B 415 4.41 -1.04 29.47
CA VAL B 415 4.89 -2.41 29.29
C VAL B 415 4.69 -3.21 30.56
N TYR B 416 4.76 -2.57 31.73
CA TYR B 416 4.42 -3.27 32.97
C TYR B 416 2.94 -3.63 32.99
N GLY B 417 2.07 -2.73 32.53
CA GLY B 417 0.65 -3.02 32.48
C GLY B 417 0.27 -4.06 31.46
N ARG B 418 1.09 -4.26 30.43
CA ARG B 418 0.82 -5.30 29.44
C ARG B 418 1.18 -6.69 29.93
N ILE B 419 1.96 -6.81 31.00
CA ILE B 419 2.27 -8.11 31.57
C ILE B 419 1.03 -8.68 32.23
N SER B 420 0.92 -10.02 32.21
CA SER B 420 -0.24 -10.69 32.78
C SER B 420 -0.36 -10.35 34.27
N GLU B 421 -1.62 -10.18 34.72
CA GLU B 421 -1.87 -9.69 36.07
C GLU B 421 -1.38 -10.67 37.12
N ASN B 422 -1.52 -11.97 36.86
CA ASN B 422 -1.08 -12.97 37.84
C ASN B 422 0.42 -12.90 38.07
N TYR B 423 1.20 -12.76 37.00
CA TYR B 423 2.66 -12.66 37.15
C TYR B 423 3.03 -11.42 37.94
N ARG B 424 2.37 -10.29 37.67
CA ARG B 424 2.63 -9.08 38.43
C ARG B 424 2.27 -9.24 39.90
N ARG B 425 1.16 -9.93 40.18
CA ARG B 425 0.76 -10.16 41.56
C ARG B 425 1.79 -11.00 42.30
N ILE B 426 2.30 -12.04 41.64
CA ILE B 426 3.36 -12.84 42.25
C ILE B 426 4.62 -12.02 42.45
N PHE B 427 4.94 -11.15 41.49
CA PHE B 427 6.12 -10.30 41.62
C PHE B 427 6.00 -9.34 42.79
N GLU B 428 4.80 -8.80 43.02
CA GLU B 428 4.60 -7.81 44.08
C GLU B 428 4.45 -8.44 45.46
N GLN B 429 4.35 -9.76 45.54
CA GLN B 429 4.27 -10.42 46.84
C GLN B 429 5.57 -10.25 47.61
N GLU B 430 5.45 -10.19 48.94
CA GLU B 430 6.61 -10.06 49.80
C GLU B 430 7.10 -11.44 50.20
N ASN B 431 8.37 -11.73 49.90
CA ASN B 431 8.98 -13.00 50.26
C ASN B 431 10.47 -12.76 50.48
N ASN B 432 11.22 -13.85 50.60
CA ASN B 432 12.65 -13.76 50.87
C ASN B 432 13.50 -13.75 49.60
N LEU B 433 12.88 -13.76 48.43
CA LEU B 433 13.65 -13.73 47.20
C LEU B 433 14.32 -12.36 47.03
N PRO B 434 15.58 -12.33 46.56
CA PRO B 434 16.22 -11.04 46.27
C PRO B 434 15.48 -10.28 45.18
N ALA B 435 15.58 -8.95 45.24
CA ALA B 435 14.81 -8.11 44.34
C ALA B 435 15.18 -8.35 42.87
N CYS B 436 16.47 -8.47 42.58
CA CYS B 436 16.89 -8.74 41.20
C CYS B 436 16.35 -10.07 40.73
N TYR B 437 16.37 -11.09 41.60
CA TYR B 437 15.79 -12.37 41.26
C TYR B 437 14.30 -12.23 40.97
N LYS B 438 13.59 -11.43 41.76
CA LYS B 438 12.16 -11.25 41.53
C LYS B 438 11.90 -10.59 40.18
N GLU B 439 12.68 -9.57 39.83
CA GLU B 439 12.49 -8.92 38.54
C GLU B 439 12.79 -9.87 37.38
N ALA B 440 13.89 -10.62 37.49
CA ALA B 440 14.24 -11.57 36.43
C ALA B 440 13.18 -12.65 36.31
N GLN B 441 12.63 -13.12 37.43
CA GLN B 441 11.59 -14.14 37.38
C GLN B 441 10.31 -13.58 36.79
N LEU B 442 10.00 -12.32 37.06
CA LEU B 442 8.84 -11.69 36.42
C LEU B 442 9.01 -11.67 34.92
N LEU B 443 10.20 -11.28 34.45
CA LEU B 443 10.44 -11.26 33.01
C LEU B 443 10.36 -12.66 32.41
N ALA B 444 10.93 -13.65 33.10
CA ALA B 444 10.91 -15.03 32.60
C ALA B 444 9.49 -15.58 32.54
N ASP B 445 8.69 -15.30 33.57
CA ASP B 445 7.31 -15.75 33.57
C ASP B 445 6.52 -15.08 32.46
N ALA B 446 6.74 -13.78 32.23
CA ALA B 446 6.04 -13.09 31.16
C ALA B 446 6.40 -13.68 29.80
N ILE B 447 7.69 -13.89 29.54
CA ILE B 447 8.10 -14.34 28.22
C ILE B 447 7.69 -15.79 27.98
N SER B 448 7.85 -16.65 29.00
CA SER B 448 7.60 -18.07 28.82
C SER B 448 6.13 -18.36 28.54
N GLY B 449 5.23 -17.60 29.14
CA GLY B 449 3.81 -17.87 29.00
C GLY B 449 3.19 -17.43 27.69
N MET B 450 3.94 -16.73 26.84
CA MET B 450 3.39 -16.24 25.60
C MET B 450 3.46 -17.30 24.50
N THR B 451 2.51 -17.24 23.58
CA THR B 451 2.57 -18.03 22.36
C THR B 451 3.35 -17.27 21.30
N ASP B 452 3.59 -17.95 20.16
CA ASP B 452 4.38 -17.33 19.10
C ASP B 452 3.68 -16.09 18.55
N SER B 453 2.41 -16.24 18.16
CA SER B 453 1.69 -15.12 17.55
C SER B 453 1.51 -13.98 18.54
N TYR B 454 1.17 -14.29 19.79
CA TYR B 454 1.01 -13.25 20.80
C TYR B 454 2.33 -12.53 21.05
N LEU B 455 3.43 -13.28 21.13
CA LEU B 455 4.73 -12.65 21.33
C LEU B 455 5.08 -11.73 20.18
N ILE B 456 4.83 -12.18 18.94
CA ILE B 456 5.12 -11.33 17.78
C ILE B 456 4.27 -10.07 17.80
N ALA B 457 2.98 -10.22 18.11
CA ALA B 457 2.09 -9.06 18.15
C ALA B 457 2.52 -8.06 19.21
N LEU B 458 2.84 -8.55 20.42
CA LEU B 458 3.28 -7.66 21.47
C LEU B 458 4.60 -6.99 21.12
N HIS B 459 5.52 -7.74 20.50
CA HIS B 459 6.78 -7.15 20.09
C HIS B 459 6.57 -6.03 19.08
N ASP B 460 5.70 -6.26 18.09
CA ASP B 460 5.41 -5.22 17.10
C ASP B 460 4.77 -4.01 17.76
N GLU B 461 3.81 -4.23 18.67
CA GLU B 461 3.17 -3.11 19.35
C GLU B 461 4.18 -2.27 20.13
N LEU B 462 4.99 -2.94 20.95
CA LEU B 462 5.95 -2.21 21.76
C LEU B 462 7.00 -1.51 20.90
N ARG B 463 7.45 -2.16 19.82
CA ARG B 463 8.40 -1.54 18.92
C ARG B 463 7.81 -0.29 18.28
N ALA B 464 6.54 -0.34 17.90
CA ALA B 464 5.89 0.85 17.37
C ALA B 464 5.81 1.94 18.41
N LEU B 465 5.52 1.58 19.66
CA LEU B 465 5.37 2.58 20.72
C LEU B 465 6.68 3.02 21.35
N HIS B 466 7.80 2.36 21.03
CA HIS B 466 9.08 2.66 21.65
C HIS B 466 9.93 3.62 20.82
N GLN B 467 9.39 4.15 19.73
CA GLN B 467 10.20 4.91 18.79
C GLN B 467 10.79 6.16 19.44
N TYR B 468 9.99 6.91 20.20
CA TYR B 468 10.49 8.15 20.76
C TYR B 468 11.50 7.89 21.88
N GLU B 469 11.17 6.99 22.80
CA GLU B 469 12.04 6.75 23.95
C GLU B 469 13.32 6.03 23.56
N CYS B 470 13.35 5.36 22.39
CA CYS B 470 14.56 4.68 21.96
C CYS B 470 15.69 5.67 21.72
N ARG B 471 15.39 6.80 21.09
CA ARG B 471 16.41 7.81 20.81
C ARG B 471 16.12 9.10 21.57
N GLY C 1 -61.67 29.71 24.87
CA GLY C 1 -60.88 28.91 25.79
C GLY C 1 -59.43 29.29 25.81
N SER C 2 -58.90 29.57 27.00
CA SER C 2 -57.51 29.94 27.19
C SER C 2 -56.84 28.94 28.11
N MET C 3 -55.67 28.45 27.71
CA MET C 3 -54.92 27.51 28.53
C MET C 3 -54.34 28.21 29.74
N HIS C 4 -54.11 27.44 30.79
CA HIS C 4 -53.62 27.96 32.06
C HIS C 4 -52.17 27.53 32.28
N TRP C 5 -51.38 28.42 32.88
CA TRP C 5 -49.97 28.12 33.12
C TRP C 5 -49.77 26.98 34.09
N ASN C 6 -50.76 26.71 34.96
CA ASN C 6 -50.64 25.59 35.89
C ASN C 6 -50.56 24.27 35.13
N ASP C 7 -51.38 24.11 34.08
CA ASP C 7 -51.31 22.90 33.28
C ASP C 7 -50.08 22.89 32.38
N LEU C 8 -49.76 24.05 31.79
CA LEU C 8 -48.61 24.11 30.88
C LEU C 8 -47.29 23.87 31.60
N LEU C 9 -47.21 24.23 32.89
CA LEU C 9 -46.02 24.00 33.70
C LEU C 9 -46.20 22.81 34.62
N ASN C 10 -46.91 21.79 34.17
CA ASN C 10 -47.13 20.60 34.98
C ASN C 10 -45.81 19.89 35.26
N SER C 11 -45.48 19.75 36.53
CA SER C 11 -44.24 19.11 36.95
C SER C 11 -44.40 17.62 37.21
N ASN C 12 -45.59 17.06 36.99
CA ASN C 12 -45.77 15.63 37.15
C ASN C 12 -45.12 14.88 35.99
N ARG C 13 -44.88 13.59 36.21
CA ARG C 13 -44.22 12.74 35.23
C ARG C 13 -45.14 11.61 34.82
N ARG C 14 -44.89 11.07 33.63
CA ARG C 14 -45.76 10.02 33.09
C ARG C 14 -45.72 8.77 33.96
N LYS C 15 -44.54 8.38 34.43
CA LYS C 15 -44.41 7.18 35.24
C LYS C 15 -45.03 7.41 36.61
N PRO C 16 -46.02 6.62 37.03
CA PRO C 16 -46.68 6.76 38.34
C PRO C 16 -45.73 6.56 39.51
N ARG C 31 -33.73 20.12 44.56
CA ARG C 31 -33.93 20.56 43.19
C ARG C 31 -35.39 20.45 42.77
N GLN C 32 -35.82 21.34 41.90
CA GLN C 32 -37.15 21.22 41.31
C GLN C 32 -37.17 20.10 40.28
N GLN C 33 -38.38 19.69 39.91
CA GLN C 33 -38.52 18.57 38.98
C GLN C 33 -37.98 18.91 37.60
N ILE C 34 -38.24 20.13 37.13
CA ILE C 34 -37.81 20.53 35.79
C ILE C 34 -36.28 20.66 35.73
N GLU C 35 -35.68 21.17 36.81
CA GLU C 35 -34.22 21.19 36.88
C GLU C 35 -33.65 19.78 36.80
N ARG C 36 -34.30 18.83 37.48
CA ARG C 36 -33.89 17.44 37.36
C ARG C 36 -34.05 16.94 35.93
N ASP C 37 -35.09 17.39 35.24
CA ASP C 37 -35.27 17.02 33.83
C ASP C 37 -34.09 17.50 32.99
N TYR C 38 -33.68 18.75 33.20
CA TYR C 38 -32.53 19.26 32.46
C TYR C 38 -31.27 18.46 32.78
N ASP C 39 -31.08 18.11 34.05
CA ASP C 39 -29.90 17.32 34.43
C ASP C 39 -29.93 15.95 33.77
N ARG C 40 -31.09 15.29 33.76
CA ARG C 40 -31.19 13.98 33.12
C ARG C 40 -30.93 14.07 31.63
N ILE C 41 -31.43 15.14 30.98
CA ILE C 41 -31.17 15.31 29.56
C ILE C 41 -29.68 15.51 29.31
N LEU C 42 -29.03 16.31 30.15
CA LEU C 42 -27.59 16.55 29.97
C LEU C 42 -26.78 15.28 30.17
N PHE C 43 -27.14 14.46 31.15
CA PHE C 43 -26.39 13.25 31.45
C PHE C 43 -26.75 12.08 30.55
N ALA C 44 -27.73 12.25 29.66
CA ALA C 44 -28.15 11.16 28.79
C ALA C 44 -27.06 10.82 27.77
N ALA C 45 -27.00 9.54 27.41
CA ALA C 45 -26.03 9.09 26.42
C ALA C 45 -26.24 9.73 25.05
N PRO C 46 -27.45 9.85 24.50
CA PRO C 46 -27.60 10.51 23.20
C PRO C 46 -27.11 11.95 23.18
N THR C 47 -27.22 12.66 24.31
CA THR C 47 -26.69 14.02 24.38
C THR C 47 -25.18 14.01 24.14
N ARG C 48 -24.47 13.05 24.73
CA ARG C 48 -23.04 12.95 24.48
C ARG C 48 -22.75 12.47 23.06
N ARG C 49 -23.59 11.58 22.52
CA ARG C 49 -23.42 11.14 21.15
C ARG C 49 -23.62 12.26 20.15
N LEU C 50 -24.36 13.31 20.53
CA LEU C 50 -24.56 14.45 19.63
C LEU C 50 -23.25 15.12 19.24
N ALA C 51 -22.18 14.94 20.03
CA ALA C 51 -20.90 15.56 19.70
C ALA C 51 -20.29 15.02 18.43
N ASP C 52 -20.68 13.82 18.00
CA ASP C 52 -20.14 13.20 16.79
C ASP C 52 -21.08 13.28 15.61
N LYS C 53 -22.14 14.06 15.70
CA LYS C 53 -23.09 14.23 14.62
C LYS C 53 -22.88 15.59 13.96
N THR C 54 -22.78 15.60 12.63
CA THR C 54 -22.55 16.82 11.90
C THR C 54 -23.76 17.75 12.00
N GLN C 55 -23.50 19.03 12.21
CA GLN C 55 -24.57 20.02 12.26
C GLN C 55 -24.80 20.65 10.88
N VAL C 56 -23.79 21.33 10.35
CA VAL C 56 -23.85 21.85 8.98
C VAL C 56 -22.59 21.45 8.23
N PHE C 57 -21.44 21.82 8.76
CA PHE C 57 -20.14 21.64 8.13
C PHE C 57 -19.48 20.37 8.61
N PRO C 58 -18.55 19.82 7.84
CA PRO C 58 -17.81 18.63 8.30
C PRO C 58 -17.08 18.90 9.61
N LEU C 59 -17.17 17.95 10.53
CA LEU C 59 -16.57 18.09 11.85
C LEU C 59 -15.17 17.48 11.93
N ASP C 60 -14.70 16.84 10.86
CA ASP C 60 -13.36 16.27 10.88
C ASP C 60 -12.29 17.36 10.95
N LYS C 61 -12.53 18.49 10.31
CA LYS C 61 -11.55 19.57 10.29
C LYS C 61 -11.34 20.11 11.70
N ASN C 62 -10.10 20.50 11.99
CA ASN C 62 -9.74 21.05 13.30
C ASN C 62 -9.89 22.58 13.23
N ASP C 63 -11.15 23.02 13.26
CA ASP C 63 -11.44 24.44 13.17
C ASP C 63 -12.53 24.88 14.13
N SER C 64 -12.83 24.09 15.16
CA SER C 64 -13.83 24.43 16.17
C SER C 64 -15.19 24.72 15.52
N VAL C 65 -15.55 23.91 14.54
CA VAL C 65 -16.82 24.10 13.85
C VAL C 65 -17.96 23.55 14.70
N ARG C 66 -19.15 24.11 14.50
CA ARG C 66 -20.31 23.71 15.29
C ARG C 66 -20.71 22.28 14.97
N THR C 67 -20.94 21.50 16.02
CA THR C 67 -21.55 20.18 15.93
C THR C 67 -22.96 20.25 16.48
N ARG C 68 -23.63 19.09 16.53
CA ARG C 68 -24.97 19.05 17.10
C ARG C 68 -24.95 19.37 18.59
N LEU C 69 -23.90 18.92 19.29
CA LEU C 69 -23.83 19.16 20.73
C LEU C 69 -23.63 20.65 21.03
N THR C 70 -22.67 21.28 20.35
CA THR C 70 -22.43 22.70 20.57
C THR C 70 -23.63 23.54 20.18
N HIS C 71 -24.26 23.20 19.05
CA HIS C 71 -25.46 23.92 18.63
C HIS C 71 -26.59 23.75 19.65
N SER C 72 -26.77 22.53 20.17
CA SER C 72 -27.79 22.30 21.17
C SER C 72 -27.50 23.09 22.44
N HIS C 73 -26.25 23.16 22.86
CA HIS C 73 -25.90 23.92 24.05
C HIS C 73 -26.13 25.41 23.84
N GLU C 74 -25.83 25.92 22.64
CA GLU C 74 -26.08 27.33 22.37
C GLU C 74 -27.57 27.63 22.37
N VAL C 75 -28.38 26.76 21.76
CA VAL C 75 -29.82 26.95 21.78
C VAL C 75 -30.34 26.90 23.22
N ALA C 76 -29.82 25.97 24.02
CA ALA C 76 -30.24 25.87 25.41
C ALA C 76 -29.88 27.13 26.18
N ASN C 77 -28.70 27.69 25.93
CA ASN C 77 -28.29 28.92 26.62
C ASN C 77 -29.18 30.09 26.22
N LEU C 78 -29.50 30.21 24.93
CA LEU C 78 -30.39 31.29 24.50
C LEU C 78 -31.77 31.15 25.12
N SER C 79 -32.29 29.92 25.14
CA SER C 79 -33.60 29.69 25.74
C SER C 79 -33.57 29.96 27.24
N ARG C 80 -32.48 29.59 27.91
CA ARG C 80 -32.36 29.86 29.33
C ARG C 80 -32.31 31.35 29.61
N GLY C 81 -31.60 32.11 28.79
CA GLY C 81 -31.59 33.56 28.95
C GLY C 81 -32.97 34.17 28.75
N ILE C 82 -33.69 33.70 27.73
CA ILE C 82 -35.05 34.19 27.51
C ILE C 82 -35.93 33.86 28.72
N GLY C 83 -35.77 32.66 29.27
CA GLY C 83 -36.54 32.30 30.45
C GLY C 83 -36.17 33.13 31.67
N MET C 84 -34.88 33.46 31.79
CA MET C 84 -34.44 34.36 32.85
C MET C 84 -35.17 35.69 32.76
N ARG C 85 -35.21 36.26 31.54
CA ARG C 85 -35.91 37.52 31.34
C ARG C 85 -37.40 37.39 31.63
N LEU C 86 -38.02 36.30 31.17
CA LEU C 86 -39.45 36.11 31.37
C LEU C 86 -39.82 35.96 32.85
N ALA C 87 -39.03 35.20 33.60
CA ALA C 87 -39.36 34.90 34.99
C ALA C 87 -38.93 35.98 35.96
N PHE C 88 -37.90 36.76 35.65
CA PHE C 88 -37.42 37.79 36.56
C PHE C 88 -37.88 39.19 36.19
N GLU C 89 -37.92 39.52 34.90
CA GLU C 89 -38.34 40.86 34.49
C GLU C 89 -39.82 40.91 34.12
N LEU C 90 -40.22 40.19 33.08
CA LEU C 90 -41.59 40.25 32.60
C LEU C 90 -42.45 39.14 33.18
N GLU C 91 -42.56 39.08 34.51
CA GLU C 91 -43.36 38.04 35.14
C GLU C 91 -44.85 38.38 35.09
N ASP C 92 -45.21 39.59 35.52
CA ASP C 92 -46.61 39.98 35.53
C ASP C 92 -47.18 40.14 34.13
N ASP C 93 -46.33 40.34 33.13
CA ASP C 93 -46.83 40.56 31.77
C ASP C 93 -47.30 39.26 31.13
N VAL C 94 -46.61 38.15 31.38
CA VAL C 94 -46.89 36.90 30.71
C VAL C 94 -47.43 35.85 31.67
N PHE C 95 -46.97 35.82 32.92
CA PHE C 95 -47.48 34.86 33.90
C PHE C 95 -48.50 35.56 34.79
N LYS C 96 -49.68 35.79 34.22
CA LYS C 96 -50.73 36.50 34.95
C LYS C 96 -51.39 35.61 36.00
N ASP C 97 -51.69 34.37 35.67
CA ASP C 97 -52.42 33.45 36.55
C ASP C 97 -51.56 32.20 36.75
N VAL C 98 -50.77 32.19 37.81
CA VAL C 98 -49.88 31.08 38.12
C VAL C 98 -50.05 30.74 39.60
N SER C 99 -50.17 29.45 39.90
CA SER C 99 -50.27 29.01 41.28
C SER C 99 -49.01 29.33 42.05
N GLU C 100 -49.16 29.56 43.36
CA GLU C 100 -48.04 29.99 44.19
C GLU C 100 -47.01 28.89 44.36
N ASP C 101 -47.44 27.62 44.32
CA ASP C 101 -46.49 26.53 44.53
C ASP C 101 -45.48 26.41 43.40
N ILE C 102 -45.78 27.00 42.25
CA ILE C 102 -44.87 26.97 41.11
C ILE C 102 -43.85 28.08 41.27
N CYS C 103 -42.56 27.74 41.24
CA CYS C 103 -41.48 28.70 41.31
C CYS C 103 -41.03 28.99 39.88
N LEU C 104 -41.52 30.11 39.32
CA LEU C 104 -41.20 30.44 37.94
C LEU C 104 -39.71 30.66 37.75
N LYS C 105 -39.07 31.34 38.70
CA LYS C 105 -37.66 31.68 38.56
C LYS C 105 -36.77 30.45 38.49
N ARG C 106 -37.24 29.32 39.01
CA ARG C 106 -36.49 28.08 38.94
C ARG C 106 -36.98 27.14 37.84
N ASP C 107 -38.24 27.24 37.45
CA ASP C 107 -38.83 26.32 36.48
C ASP C 107 -38.71 26.81 35.04
N VAL C 108 -39.08 28.06 34.77
CA VAL C 108 -39.09 28.54 33.39
C VAL C 108 -37.72 28.51 32.75
N PRO C 109 -36.66 29.08 33.35
CA PRO C 109 -35.34 28.98 32.71
C PRO C 109 -34.88 27.54 32.53
N ALA C 110 -35.11 26.69 33.54
CA ALA C 110 -34.71 25.30 33.43
C ALA C 110 -35.48 24.58 32.34
N LEU C 111 -36.79 24.86 32.24
CA LEU C 111 -37.60 24.21 31.20
C LEU C 111 -37.14 24.62 29.81
N LEU C 112 -36.91 25.91 29.61
CA LEU C 112 -36.46 26.38 28.30
C LEU C 112 -35.08 25.82 27.97
N ALA C 113 -34.17 25.77 28.96
CA ALA C 113 -32.86 25.21 28.72
C ALA C 113 -32.94 23.73 28.35
N ALA C 114 -33.80 22.97 29.05
CA ALA C 114 -33.93 21.55 28.76
C ALA C 114 -34.48 21.31 27.36
N ILE C 115 -35.55 22.03 27.00
CA ILE C 115 -36.14 21.81 25.68
C ILE C 115 -35.20 22.29 24.58
N GLY C 116 -34.38 23.31 24.86
CA GLY C 116 -33.38 23.72 23.89
C GLY C 116 -32.29 22.69 23.72
N LEU C 117 -31.85 22.09 24.83
CA LEU C 117 -30.76 21.11 24.76
C LEU C 117 -31.21 19.83 24.09
N VAL C 118 -32.47 19.42 24.30
CA VAL C 118 -32.94 18.14 23.79
C VAL C 118 -33.55 18.23 22.41
N HIS C 119 -33.68 19.43 21.83
CA HIS C 119 -34.50 19.61 20.64
C HIS C 119 -33.98 18.85 19.44
N ASP C 120 -32.66 18.66 19.33
CA ASP C 120 -32.07 17.98 18.18
C ASP C 120 -31.44 16.63 18.56
N MET C 121 -31.95 16.01 19.62
CA MET C 121 -31.31 14.80 20.13
C MET C 121 -31.55 13.59 19.22
N GLY C 122 -32.69 13.54 18.53
CA GLY C 122 -33.03 12.42 17.68
C GLY C 122 -32.82 12.63 16.20
N ASN C 123 -32.12 13.68 15.79
CA ASN C 123 -31.90 13.92 14.38
C ASN C 123 -30.88 12.92 13.84
N PRO C 124 -31.06 12.45 12.61
CA PRO C 124 -30.09 11.53 12.00
C PRO C 124 -28.79 12.24 11.70
N PRO C 125 -27.71 11.50 11.46
CA PRO C 125 -26.42 12.13 11.19
C PRO C 125 -26.41 12.83 9.84
N PHE C 126 -25.28 13.50 9.58
CA PHE C 126 -24.99 14.15 8.29
C PHE C 126 -25.92 15.33 8.02
N GLY C 127 -26.29 16.05 9.08
CA GLY C 127 -27.04 17.29 8.93
C GLY C 127 -28.42 17.09 8.35
N HIS C 128 -28.89 18.08 7.60
CA HIS C 128 -30.21 18.02 6.99
C HIS C 128 -30.27 16.93 5.94
N GLN C 129 -29.14 16.64 5.29
CA GLN C 129 -29.10 15.60 4.29
C GLN C 129 -29.40 14.25 4.89
N GLY C 130 -29.19 14.08 6.18
CA GLY C 130 -29.56 12.84 6.84
C GLY C 130 -31.06 12.59 6.77
N GLU C 131 -31.85 13.59 7.19
CA GLU C 131 -33.29 13.48 7.09
C GLU C 131 -33.73 13.34 5.64
N LYS C 132 -33.13 14.12 4.75
CA LYS C 132 -33.53 14.06 3.34
C LYS C 132 -33.26 12.67 2.75
N ALA C 133 -32.10 12.10 3.05
CA ALA C 133 -31.76 10.78 2.52
C ALA C 133 -32.63 9.69 3.12
N MET C 134 -32.92 9.77 4.42
CA MET C 134 -33.83 8.80 5.02
C MET C 134 -35.21 8.88 4.38
N SER C 135 -35.71 10.10 4.16
CA SER C 135 -37.02 10.27 3.53
C SER C 135 -37.01 9.72 2.11
N GLU C 136 -35.95 9.99 1.35
CA GLU C 136 -35.89 9.49 -0.02
C GLU C 136 -35.84 7.97 -0.06
N TRP C 137 -35.03 7.37 0.82
CA TRP C 137 -34.94 5.92 0.86
C TRP C 137 -36.28 5.30 1.23
N PHE C 138 -36.95 5.87 2.22
CA PHE C 138 -38.24 5.32 2.63
C PHE C 138 -39.29 5.50 1.55
N THR C 139 -39.25 6.64 0.83
CA THR C 139 -40.17 6.83 -0.28
C THR C 139 -39.94 5.81 -1.38
N LYS C 140 -38.67 5.51 -1.67
CA LYS C 140 -38.39 4.56 -2.75
C LYS C 140 -38.72 3.13 -2.32
N ASN C 141 -38.40 2.76 -1.09
CA ASN C 141 -38.53 1.37 -0.65
C ASN C 141 -39.84 1.07 0.05
N LEU C 142 -40.67 2.08 0.33
CA LEU C 142 -42.02 1.89 0.86
C LEU C 142 -42.97 2.62 -0.07
N PRO C 143 -43.25 2.05 -1.24
CA PRO C 143 -44.06 2.77 -2.23
C PRO C 143 -45.45 3.08 -1.69
N GLU C 144 -45.93 4.29 -1.98
CA GLU C 144 -47.27 4.68 -1.54
C GLU C 144 -48.35 3.96 -2.33
N HIS C 145 -48.06 3.56 -3.56
CA HIS C 145 -49.04 2.83 -4.35
C HIS C 145 -49.18 1.38 -3.92
N SER C 146 -48.13 0.81 -3.33
CA SER C 146 -48.17 -0.57 -2.90
C SER C 146 -49.19 -0.76 -1.78
N ASP C 147 -49.78 -1.95 -1.73
CA ASP C 147 -50.80 -2.24 -0.73
C ASP C 147 -50.23 -2.30 0.68
N ASN C 148 -48.97 -2.73 0.83
CA ASN C 148 -48.39 -2.82 2.16
C ASN C 148 -48.14 -1.45 2.77
N TYR C 149 -47.80 -0.46 1.95
CA TYR C 149 -47.39 0.86 2.42
C TYR C 149 -48.29 1.94 1.85
N LYS C 150 -49.58 1.65 1.74
CA LYS C 150 -50.54 2.61 1.19
C LYS C 150 -51.07 3.57 2.25
N ASP C 151 -51.13 3.15 3.51
CA ASP C 151 -51.69 3.99 4.55
C ASP C 151 -50.83 5.22 4.79
N LYS C 152 -51.46 6.30 5.26
CA LYS C 152 -50.74 7.54 5.51
C LYS C 152 -49.78 7.43 6.69
N ILE C 153 -49.93 6.40 7.53
CA ILE C 153 -49.06 6.26 8.68
C ILE C 153 -47.61 6.08 8.25
N TYR C 154 -47.39 5.39 7.13
CA TYR C 154 -46.04 5.20 6.62
C TYR C 154 -45.42 6.50 6.14
N GLY C 155 -46.22 7.55 5.97
CA GLY C 155 -45.64 8.88 5.76
C GLY C 155 -44.68 9.26 6.86
N ASP C 156 -44.93 8.78 8.09
CA ASP C 156 -44.01 8.97 9.20
C ASP C 156 -42.57 8.67 8.81
N PHE C 157 -42.37 7.75 7.86
CA PHE C 157 -41.04 7.46 7.35
C PHE C 157 -40.79 8.06 5.97
N ARG C 158 -41.84 8.23 5.16
CA ARG C 158 -41.65 8.85 3.86
C ARG C 158 -41.34 10.33 3.98
N HIS C 159 -41.81 10.96 5.06
CA HIS C 159 -41.47 12.34 5.37
C HIS C 159 -40.81 12.39 6.74
N PHE C 160 -39.83 11.52 6.96
CA PHE C 160 -39.21 11.35 8.26
C PHE C 160 -38.66 12.68 8.79
N ASP C 161 -38.96 12.97 10.04
CA ASP C 161 -38.53 14.20 10.69
C ASP C 161 -37.88 13.88 12.03
N GLY C 162 -36.89 14.69 12.39
CA GLY C 162 -36.12 14.43 13.59
C GLY C 162 -36.85 14.71 14.89
N ASN C 163 -37.86 15.57 14.87
CA ASN C 163 -38.57 15.90 16.09
C ASN C 163 -39.35 14.71 16.63
N SER C 164 -40.04 13.99 15.74
CA SER C 164 -40.77 12.80 16.17
C SER C 164 -39.81 11.74 16.72
N GLN C 165 -38.66 11.58 16.07
CA GLN C 165 -37.68 10.62 16.57
C GLN C 165 -37.13 11.05 17.93
N THR C 166 -36.95 12.35 18.13
CA THR C 166 -36.49 12.83 19.44
C THR C 166 -37.52 12.54 20.52
N LEU C 167 -38.80 12.77 20.22
CA LEU C 167 -39.84 12.47 21.19
C LEU C 167 -39.90 10.97 21.49
N ARG C 168 -39.78 10.15 20.44
CA ARG C 168 -39.74 8.70 20.64
C ARG C 168 -38.55 8.30 21.51
N LEU C 169 -37.40 8.92 21.27
CA LEU C 169 -36.21 8.62 22.04
C LEU C 169 -36.39 8.95 23.52
N VAL C 170 -36.97 10.12 23.80
CA VAL C 170 -37.13 10.53 25.19
C VAL C 170 -38.29 9.84 25.89
N THR C 171 -39.20 9.22 25.14
CA THR C 171 -40.35 8.58 25.77
C THR C 171 -40.30 7.06 25.81
N LYS C 172 -39.55 6.41 24.92
CA LYS C 172 -39.63 4.96 24.78
C LYS C 172 -38.29 4.25 24.87
N LEU C 173 -37.19 4.96 25.07
CA LEU C 173 -35.85 4.37 24.99
C LEU C 173 -35.22 4.28 26.38
N GLN C 174 -35.34 3.11 27.00
CA GLN C 174 -34.62 2.79 28.22
C GLN C 174 -34.75 1.30 28.55
N GLY C 179 -41.14 1.57 30.45
CA GLY C 179 -41.40 2.13 29.14
C GLY C 179 -41.71 3.62 29.18
N TYR C 180 -40.88 4.37 29.90
CA TYR C 180 -41.06 5.81 30.02
C TYR C 180 -39.81 6.61 29.71
N GLY C 181 -38.69 5.95 29.39
CA GLY C 181 -37.49 6.68 29.02
C GLY C 181 -36.92 7.46 30.19
N LEU C 182 -36.60 8.73 29.93
CA LEU C 182 -35.98 9.59 30.93
C LEU C 182 -36.98 10.09 31.98
N ASN C 183 -38.27 9.84 31.80
CA ASN C 183 -39.31 10.26 32.73
C ASN C 183 -39.30 11.78 32.92
N LEU C 184 -39.34 12.49 31.80
CA LEU C 184 -39.42 13.94 31.83
C LEU C 184 -40.80 14.38 32.32
N THR C 185 -40.85 15.60 32.83
CA THR C 185 -42.12 16.15 33.29
C THR C 185 -43.06 16.40 32.12
N TYR C 186 -44.34 16.55 32.43
CA TYR C 186 -45.33 16.80 31.39
C TYR C 186 -45.06 18.13 30.68
N ALA C 187 -44.57 19.13 31.42
CA ALA C 187 -44.26 20.41 30.79
C ALA C 187 -43.16 20.26 29.75
N THR C 188 -42.10 19.53 30.10
CA THR C 188 -41.00 19.32 29.16
C THR C 188 -41.48 18.58 27.93
N LEU C 189 -42.21 17.47 28.13
CA LEU C 189 -42.68 16.68 26.99
C LEU C 189 -43.63 17.48 26.11
N ALA C 190 -44.49 18.28 26.73
CA ALA C 190 -45.39 19.12 25.95
C ALA C 190 -44.62 20.14 25.13
N SER C 191 -43.58 20.74 25.72
CA SER C 191 -42.77 21.69 24.97
C SER C 191 -41.92 21.02 23.90
N MET C 192 -41.66 19.72 24.02
CA MET C 192 -40.89 19.02 22.99
C MET C 192 -41.67 18.91 21.68
N ILE C 193 -42.99 18.80 21.76
CA ILE C 193 -43.81 18.57 20.57
C ILE C 193 -43.81 19.86 19.74
N LYS C 194 -43.02 19.87 18.66
CA LYS C 194 -42.89 21.05 17.82
C LYS C 194 -44.07 21.23 16.88
N TYR C 195 -44.59 20.14 16.33
CA TYR C 195 -45.75 20.20 15.45
C TYR C 195 -46.87 19.36 16.05
N PRO C 196 -47.91 19.95 16.63
CA PRO C 196 -48.93 19.17 17.34
C PRO C 196 -49.88 18.43 16.40
N ARG C 197 -49.32 17.57 15.56
CA ARG C 197 -50.12 16.75 14.66
C ARG C 197 -49.29 15.57 14.20
N SER C 198 -49.98 14.54 13.72
CA SER C 198 -49.36 13.34 13.17
C SER C 198 -49.53 13.31 11.66
N SER C 199 -48.85 12.35 11.02
CA SER C 199 -48.97 12.19 9.58
C SER C 199 -50.40 11.81 9.18
N GLU C 200 -51.10 11.08 10.03
CA GLU C 200 -52.50 10.77 9.77
C GLU C 200 -53.36 12.02 9.78
N SER C 201 -53.03 12.98 10.64
CA SER C 201 -53.77 14.23 10.71
C SER C 201 -53.55 15.07 9.45
N ASP C 202 -54.48 15.98 9.21
CA ASP C 202 -54.45 16.85 8.04
C ASP C 202 -54.54 18.32 8.45
N SER C 203 -53.74 18.71 9.44
CA SER C 203 -53.75 20.08 9.91
C SER C 203 -53.16 21.01 8.85
N SER C 204 -53.88 22.09 8.55
CA SER C 204 -53.37 23.09 7.62
C SER C 204 -52.34 24.00 8.27
N LEU C 205 -52.44 24.22 9.58
CA LEU C 205 -51.52 25.13 10.25
C LEU C 205 -50.09 24.60 10.19
N TRP C 206 -49.91 23.30 10.43
CA TRP C 206 -48.59 22.68 10.44
C TRP C 206 -48.48 21.71 9.26
N LYS C 207 -47.42 21.86 8.48
CA LYS C 207 -47.20 21.03 7.30
C LYS C 207 -46.31 19.82 7.59
N LYS C 208 -45.89 19.64 8.84
CA LYS C 208 -45.07 18.50 9.23
C LYS C 208 -45.68 17.80 10.42
N HIS C 209 -45.49 16.49 10.48
CA HIS C 209 -45.94 15.72 11.63
C HIS C 209 -44.93 15.84 12.76
N GLY C 210 -45.43 15.90 13.99
CA GLY C 210 -44.58 16.11 15.14
C GLY C 210 -44.33 14.87 15.98
N PHE C 211 -45.07 13.80 15.73
CA PHE C 211 -44.87 12.57 16.46
C PHE C 211 -45.26 11.38 15.59
N PHE C 212 -44.70 10.23 15.92
CA PHE C 212 -44.97 9.00 15.19
C PHE C 212 -46.31 8.41 15.62
N LEU C 213 -46.76 7.42 14.85
CA LEU C 213 -47.96 6.68 15.22
C LEU C 213 -47.74 5.93 16.54
N SER C 214 -46.54 5.38 16.73
CA SER C 214 -46.23 4.64 17.94
C SER C 214 -46.31 5.51 19.19
N GLU C 215 -46.19 6.84 19.04
CA GLU C 215 -46.31 7.76 20.15
C GLU C 215 -47.70 8.37 20.25
N LYS C 216 -48.63 7.94 19.40
CA LYS C 216 -49.96 8.56 19.35
C LYS C 216 -50.62 8.55 20.71
N ASP C 217 -50.52 7.44 21.45
CA ASP C 217 -51.07 7.40 22.80
C ASP C 217 -50.32 8.35 23.72
N VAL C 218 -48.99 8.30 23.69
CA VAL C 218 -48.20 9.04 24.67
C VAL C 218 -48.51 10.53 24.60
N VAL C 219 -48.46 11.10 23.39
CA VAL C 219 -48.74 12.52 23.25
C VAL C 219 -50.15 12.82 23.73
N GLN C 220 -51.09 11.92 23.47
CA GLN C 220 -52.45 12.11 23.97
C GLN C 220 -52.44 12.27 25.49
N ASP C 221 -51.71 11.39 26.17
CA ASP C 221 -51.58 11.52 27.62
C ASP C 221 -51.00 12.87 27.99
N ILE C 222 -49.98 13.31 27.25
CA ILE C 222 -49.42 14.65 27.48
C ILE C 222 -50.50 15.71 27.27
N TRP C 223 -51.25 15.58 26.18
CA TRP C 223 -52.33 16.53 25.93
C TRP C 223 -53.40 16.46 27.00
N ASN C 224 -53.51 15.33 27.70
CA ASN C 224 -54.48 15.21 28.78
C ASN C 224 -53.98 15.76 30.10
N ASN C 225 -52.69 16.10 30.19
CA ASN C 225 -52.13 16.58 31.45
C ASN C 225 -51.64 18.02 31.38
N THR C 226 -51.54 18.62 30.19
CA THR C 226 -51.07 19.98 30.04
C THR C 226 -52.12 20.91 29.47
N GLY C 227 -53.33 20.45 29.23
CA GLY C 227 -54.37 21.28 28.65
C GLY C 227 -54.23 21.53 27.17
N LEU C 228 -53.29 20.85 26.51
CA LEU C 228 -53.09 21.03 25.09
C LEU C 228 -53.96 20.05 24.30
N SER C 229 -53.92 20.18 22.98
CA SER C 229 -54.69 19.31 22.10
C SER C 229 -54.03 19.33 20.73
N GLU C 230 -54.61 18.58 19.80
CA GLU C 230 -54.08 18.52 18.44
C GLU C 230 -54.12 19.89 17.79
N GLY C 231 -53.00 20.29 17.19
CA GLY C 231 -52.90 21.55 16.51
C GLY C 231 -52.56 22.73 17.41
N VAL C 232 -52.53 22.53 18.71
CA VAL C 232 -52.22 23.60 19.66
C VAL C 232 -50.81 23.40 20.17
N ARG C 233 -49.97 24.42 20.01
CA ARG C 233 -48.57 24.35 20.39
C ARG C 233 -48.37 24.86 21.80
N HIS C 234 -47.45 24.25 22.52
CA HIS C 234 -47.06 24.78 23.81
C HIS C 234 -46.40 26.14 23.63
N PRO C 235 -46.71 27.12 24.49
CA PRO C 235 -46.13 28.46 24.30
C PRO C 235 -44.61 28.48 24.27
N PHE C 236 -43.96 27.62 25.06
CA PHE C 236 -42.49 27.61 25.08
C PHE C 236 -41.90 26.96 23.84
N THR C 237 -42.70 26.21 23.10
CA THR C 237 -42.22 25.64 21.84
C THR C 237 -41.89 26.75 20.85
N TYR C 238 -42.68 27.82 20.84
CA TYR C 238 -42.37 28.97 19.99
C TYR C 238 -41.03 29.59 20.37
N ILE C 239 -40.77 29.74 21.66
CA ILE C 239 -39.51 30.30 22.12
C ILE C 239 -38.35 29.40 21.71
N MET C 240 -38.50 28.09 21.90
CA MET C 240 -37.43 27.16 21.52
C MET C 240 -37.17 27.20 20.02
N GLU C 241 -38.23 27.26 19.21
CA GLU C 241 -38.06 27.33 17.76
C GLU C 241 -37.39 28.64 17.36
N ALA C 242 -37.77 29.75 18.00
CA ALA C 242 -37.12 31.03 17.70
C ALA C 242 -35.64 31.00 18.05
N CYS C 243 -35.31 30.41 19.20
CA CYS C 243 -33.90 30.30 19.58
C CYS C 243 -33.15 29.40 18.60
N ASP C 244 -33.78 28.32 18.14
CA ASP C 244 -33.16 27.45 17.15
C ASP C 244 -32.88 28.21 15.86
N ASP C 245 -33.86 29.00 15.40
CA ASP C 245 -33.67 29.77 14.17
C ASP C 245 -32.57 30.81 14.34
N ILE C 246 -32.55 31.50 15.48
CA ILE C 246 -31.51 32.50 15.73
C ILE C 246 -30.14 31.84 15.73
N ALA C 247 -30.02 30.70 16.41
CA ALA C 247 -28.74 30.00 16.46
C ALA C 247 -28.29 29.59 15.07
N TYR C 248 -29.18 28.95 14.30
CA TYR C 248 -28.88 28.62 12.92
C TYR C 248 -28.34 29.83 12.18
N SER C 249 -29.17 30.88 12.08
CA SER C 249 -28.85 32.01 11.21
C SER C 249 -27.56 32.70 11.62
N VAL C 250 -27.32 32.86 12.92
CA VAL C 250 -26.18 33.65 13.37
C VAL C 250 -24.90 32.80 13.39
N LEU C 251 -24.93 31.65 14.06
CA LEU C 251 -23.70 30.89 14.18
C LEU C 251 -23.31 30.19 12.88
N ASP C 252 -24.26 29.93 11.97
CA ASP C 252 -23.85 29.43 10.66
C ASP C 252 -23.05 30.49 9.90
N ALA C 253 -23.49 31.75 9.96
CA ALA C 253 -22.73 32.82 9.36
C ALA C 253 -21.36 32.98 10.04
N GLU C 254 -21.34 32.86 11.36
CA GLU C 254 -20.07 32.94 12.07
C GLU C 254 -19.10 31.85 11.63
N ASP C 255 -19.61 30.62 11.47
CA ASP C 255 -18.78 29.53 10.98
C ASP C 255 -18.34 29.75 9.55
N ILE C 256 -19.22 30.33 8.72
CA ILE C 256 -18.86 30.62 7.34
C ILE C 256 -17.69 31.58 7.29
N ILE C 257 -17.74 32.64 8.10
CA ILE C 257 -16.62 33.58 8.13
C ILE C 257 -15.38 32.93 8.71
N LYS C 258 -15.55 32.10 9.75
CA LYS C 258 -14.42 31.46 10.39
C LYS C 258 -13.67 30.53 9.43
N LYS C 259 -14.41 29.77 8.63
CA LYS C 259 -13.79 28.86 7.68
C LYS C 259 -13.18 29.57 6.48
N GLY C 260 -13.43 30.86 6.33
CA GLY C 260 -12.91 31.61 5.20
C GLY C 260 -13.76 31.57 3.96
N PHE C 261 -14.95 30.96 4.01
CA PHE C 261 -15.83 30.94 2.86
C PHE C 261 -16.36 32.32 2.51
N ALA C 262 -16.29 33.26 3.45
CA ALA C 262 -16.70 34.63 3.21
C ALA C 262 -16.01 35.52 4.25
N SER C 263 -16.11 36.81 4.05
CA SER C 263 -15.50 37.79 4.93
C SER C 263 -16.59 38.56 5.68
N PHE C 264 -16.16 39.27 6.73
CA PHE C 264 -17.09 40.09 7.49
C PHE C 264 -17.68 41.19 6.62
N HIS C 265 -16.84 41.81 5.77
CA HIS C 265 -17.34 42.83 4.86
C HIS C 265 -18.33 42.24 3.87
N ASP C 266 -18.14 40.98 3.46
CA ASP C 266 -19.10 40.32 2.60
C ASP C 266 -20.45 40.19 3.29
N LEU C 267 -20.45 39.79 4.56
CA LEU C 267 -21.71 39.69 5.29
C LEU C 267 -22.37 41.04 5.45
N ILE C 268 -21.59 42.08 5.74
CA ILE C 268 -22.15 43.42 5.90
C ILE C 268 -22.77 43.89 4.59
N ASP C 269 -22.07 43.67 3.47
CA ASP C 269 -22.59 44.06 2.18
C ASP C 269 -23.85 43.28 1.82
N PHE C 270 -23.88 41.98 2.13
CA PHE C 270 -25.07 41.18 1.87
C PHE C 270 -26.26 41.69 2.66
N ILE C 271 -26.05 42.03 3.93
CA ILE C 271 -27.15 42.53 4.75
C ILE C 271 -27.62 43.88 4.24
N GLN C 272 -26.69 44.77 3.91
CA GLN C 272 -27.06 46.10 3.45
C GLN C 272 -27.80 46.05 2.12
N SER C 273 -27.35 45.19 1.21
CA SER C 273 -27.97 45.08 -0.11
C SER C 273 -29.23 44.24 -0.11
N ASN C 274 -29.56 43.59 0.99
CA ASN C 274 -30.79 42.81 1.06
C ASN C 274 -32.00 43.73 0.93
N GLN C 275 -32.99 43.26 0.16
CA GLN C 275 -34.13 44.12 -0.17
C GLN C 275 -34.91 44.53 1.07
N PHE C 276 -35.14 43.59 1.99
CA PHE C 276 -35.95 43.87 3.16
C PHE C 276 -35.16 44.45 4.32
N CYS C 277 -33.84 44.47 4.24
CA CYS C 277 -33.01 45.00 5.32
C CYS C 277 -32.51 46.41 5.06
N LYS C 278 -32.85 47.01 3.92
CA LYS C 278 -32.45 48.38 3.65
C LYS C 278 -33.17 49.36 4.58
N GLU C 279 -34.44 49.09 4.88
CA GLU C 279 -35.23 49.95 5.75
C GLU C 279 -35.49 49.33 7.13
N ASP C 280 -35.03 48.10 7.36
CA ASP C 280 -35.26 47.45 8.64
C ASP C 280 -34.48 48.13 9.75
N ASP C 281 -35.17 48.50 10.83
CA ASP C 281 -34.51 49.23 11.90
C ASP C 281 -33.47 48.38 12.61
N VAL C 282 -33.80 47.13 12.92
CA VAL C 282 -32.87 46.25 13.63
C VAL C 282 -31.62 46.00 12.79
N ALA C 283 -31.83 45.70 11.50
CA ALA C 283 -30.69 45.43 10.63
C ALA C 283 -29.79 46.66 10.49
N LYS C 284 -30.40 47.84 10.32
CA LYS C 284 -29.62 49.06 10.20
C LYS C 284 -28.85 49.35 11.47
N ARG C 285 -29.48 49.15 12.63
CA ARG C 285 -28.78 49.36 13.90
C ARG C 285 -27.60 48.42 14.06
N VAL C 286 -27.80 47.14 13.73
CA VAL C 286 -26.72 46.16 13.85
C VAL C 286 -25.58 46.52 12.90
N ILE C 287 -25.92 46.89 11.66
CA ILE C 287 -24.89 47.25 10.68
C ILE C 287 -24.11 48.47 11.15
N GLU C 288 -24.80 49.48 11.67
CA GLU C 288 -24.12 50.69 12.12
C GLU C 288 -23.19 50.39 13.30
N ASN C 289 -23.66 49.59 14.25
CA ASN C 289 -22.79 49.24 15.38
C ASN C 289 -21.58 48.44 14.92
N CYS C 290 -21.77 47.52 13.99
CA CYS C 290 -20.65 46.72 13.50
C CYS C 290 -19.66 47.58 12.73
N LYS C 291 -20.16 48.53 11.94
CA LYS C 291 -19.27 49.46 11.25
C LYS C 291 -18.46 50.28 12.24
N LYS C 292 -19.11 50.78 13.30
CA LYS C 292 -18.40 51.55 14.31
C LYS C 292 -17.31 50.73 14.97
N ILE C 293 -17.61 49.47 15.30
CA ILE C 293 -16.62 48.63 15.98
C ILE C 293 -15.48 48.28 15.02
N HIS C 294 -15.80 47.93 13.77
CA HIS C 294 -14.76 47.60 12.80
C HIS C 294 -13.88 48.80 12.50
N ALA C 295 -14.41 50.02 12.65
CA ALA C 295 -13.57 51.21 12.48
C ALA C 295 -12.46 51.27 13.51
N ASP C 296 -12.65 50.67 14.69
CA ASP C 296 -11.63 50.65 15.72
C ASP C 296 -10.79 49.38 15.70
N TYR C 297 -11.38 48.24 15.34
CA TYR C 297 -10.63 46.98 15.34
C TYR C 297 -9.53 46.95 14.29
N ALA C 298 -9.64 47.75 13.23
CA ALA C 298 -8.65 47.71 12.16
C ALA C 298 -7.35 48.41 12.53
N GLN C 299 -7.36 49.28 13.55
CA GLN C 299 -6.15 50.00 13.91
C GLN C 299 -5.06 49.07 14.42
N GLN C 300 -5.42 48.11 15.27
CA GLN C 300 -4.44 47.18 15.81
C GLN C 300 -3.95 46.23 14.72
N LYS C 301 -2.67 45.89 14.80
CA LYS C 301 -2.04 45.00 13.83
C LYS C 301 -2.63 43.61 13.99
N LEU C 302 -3.53 43.24 13.08
CA LEU C 302 -4.19 41.95 13.11
C LEU C 302 -4.15 41.33 11.72
N SER C 303 -4.03 40.01 11.67
CA SER C 303 -4.13 39.30 10.41
C SER C 303 -5.54 39.44 9.85
N PRO C 304 -5.70 39.33 8.52
CA PRO C 304 -7.06 39.40 7.96
C PRO C 304 -8.01 38.37 8.56
N ALA C 305 -7.53 37.16 8.83
CA ALA C 305 -8.35 36.18 9.53
C ALA C 305 -8.68 36.65 10.94
N GLU C 306 -7.70 37.23 11.64
CA GLU C 306 -7.94 37.68 13.01
C GLU C 306 -8.93 38.83 13.05
N LEU C 307 -8.78 39.80 12.13
CA LEU C 307 -9.73 40.90 12.07
C LEU C 307 -11.12 40.40 11.70
N ASN C 308 -11.20 39.45 10.77
CA ASN C 308 -12.49 38.87 10.42
C ASN C 308 -13.13 38.19 11.62
N ASP C 309 -12.34 37.45 12.40
CA ASP C 309 -12.87 36.77 13.58
C ASP C 309 -13.35 37.77 14.63
N MET C 310 -12.58 38.83 14.87
CA MET C 310 -12.99 39.84 15.84
C MET C 310 -14.30 40.50 15.43
N SER C 311 -14.38 40.94 14.18
CA SER C 311 -15.60 41.59 13.70
C SER C 311 -16.77 40.63 13.69
N MET C 312 -16.52 39.36 13.35
CA MET C 312 -17.57 38.36 13.35
C MET C 312 -18.09 38.11 14.75
N GLN C 313 -17.20 38.05 15.74
CA GLN C 313 -17.63 37.87 17.12
C GLN C 313 -18.46 39.06 17.60
N MET C 314 -18.03 40.28 17.27
CA MET C 314 -18.81 41.44 17.67
C MET C 314 -20.18 41.47 17.00
N PHE C 315 -20.22 41.12 15.71
CA PHE C 315 -21.49 41.05 15.00
C PHE C 315 -22.38 39.97 15.60
N ARG C 316 -21.80 38.84 15.97
CA ARG C 316 -22.58 37.78 16.61
C ARG C 316 -23.20 38.27 17.91
N VAL C 317 -22.41 38.97 18.72
CA VAL C 317 -22.94 39.49 19.98
C VAL C 317 -24.10 40.44 19.73
N TYR C 318 -23.89 41.42 18.83
CA TYR C 318 -24.92 42.42 18.59
C TYR C 318 -26.18 41.80 17.99
N ALA C 319 -26.01 40.94 16.98
CA ALA C 319 -27.16 40.34 16.31
C ALA C 319 -27.93 39.42 17.24
N ILE C 320 -27.22 38.61 18.04
CA ILE C 320 -27.90 37.72 18.97
C ILE C 320 -28.68 38.53 20.00
N ALA C 321 -28.06 39.60 20.53
CA ALA C 321 -28.77 40.44 21.49
C ALA C 321 -30.03 41.04 20.88
N GLU C 322 -29.91 41.61 19.68
CA GLU C 322 -31.07 42.24 19.05
C GLU C 322 -32.17 41.24 18.73
N LEU C 323 -31.80 40.08 18.17
CA LEU C 323 -32.79 39.08 17.82
C LEU C 323 -33.47 38.50 19.05
N VAL C 324 -32.71 38.26 20.13
CA VAL C 324 -33.30 37.75 21.35
C VAL C 324 -34.26 38.76 21.94
N ASP C 325 -33.86 40.05 21.95
CA ASP C 325 -34.76 41.07 22.47
C ASP C 325 -36.03 41.17 21.65
N ALA C 326 -35.92 41.12 20.33
CA ALA C 326 -37.09 41.17 19.47
C ALA C 326 -38.00 39.97 19.71
N VAL C 327 -37.43 38.78 19.87
CA VAL C 327 -38.21 37.58 20.12
C VAL C 327 -38.94 37.69 21.45
N VAL C 328 -38.25 38.18 22.48
CA VAL C 328 -38.87 38.35 23.79
C VAL C 328 -40.03 39.35 23.71
N ILE C 329 -39.82 40.46 23.01
CA ILE C 329 -40.88 41.45 22.86
C ILE C 329 -42.08 40.85 22.14
N ALA C 330 -41.83 40.10 21.06
CA ALA C 330 -42.92 39.49 20.31
C ALA C 330 -43.68 38.49 21.18
N PHE C 331 -42.96 37.69 21.97
CA PHE C 331 -43.62 36.73 22.84
C PHE C 331 -44.46 37.42 23.89
N LYS C 332 -43.95 38.51 24.48
CA LYS C 332 -44.71 39.24 25.48
C LYS C 332 -45.96 39.86 24.87
N ASP C 333 -45.84 40.41 23.66
CA ASP C 333 -46.98 41.09 23.05
C ASP C 333 -48.07 40.09 22.64
N ASN C 334 -47.68 38.91 22.17
CA ASN C 334 -48.62 37.91 21.68
C ASN C 334 -48.86 36.79 22.67
N ILE C 335 -48.68 37.05 23.98
CA ILE C 335 -48.83 36.00 24.96
C ILE C 335 -50.29 35.54 25.06
N ASN C 336 -51.23 36.48 24.94
CA ASN C 336 -52.65 36.10 25.00
C ASN C 336 -53.03 35.22 23.82
N GLU C 337 -52.51 35.53 22.63
CA GLU C 337 -52.78 34.69 21.47
C GLU C 337 -52.18 33.30 21.65
N PHE C 338 -50.97 33.23 22.20
CA PHE C 338 -50.33 31.94 22.43
C PHE C 338 -51.12 31.10 23.44
N LEU C 339 -51.61 31.74 24.51
CA LEU C 339 -52.34 31.04 25.55
C LEU C 339 -53.73 30.60 25.10
N ASN C 340 -54.19 31.05 23.93
CA ASN C 340 -55.49 30.67 23.40
C ASN C 340 -55.34 29.46 22.49
N ASP C 341 -56.32 28.57 22.53
CA ASP C 341 -56.28 27.37 21.70
C ASP C 341 -56.31 27.74 20.22
N THR C 342 -57.12 28.73 19.85
CA THR C 342 -57.22 29.18 18.46
C THR C 342 -56.07 30.15 18.16
N CYS C 343 -54.86 29.58 18.11
CA CYS C 343 -53.65 30.34 17.84
C CYS C 343 -53.17 30.02 16.43
N GLU C 344 -52.98 31.05 15.61
CA GLU C 344 -52.56 30.88 14.23
C GLU C 344 -51.16 31.42 13.97
N ILE C 345 -50.41 31.76 15.01
CA ILE C 345 -49.04 32.23 14.82
C ILE C 345 -48.17 31.08 14.37
N LYS C 346 -47.44 31.30 13.28
CA LYS C 346 -46.56 30.26 12.73
C LYS C 346 -45.27 30.15 13.54
N ASP C 347 -44.54 31.25 13.65
CA ASP C 347 -43.28 31.26 14.38
C ASP C 347 -43.11 32.61 15.07
N LEU C 348 -42.28 32.63 16.10
CA LEU C 348 -42.06 33.85 16.87
C LEU C 348 -41.21 34.86 16.09
N ILE C 349 -40.31 34.39 15.23
CA ILE C 349 -39.48 35.30 14.45
C ILE C 349 -40.34 36.10 13.48
N SER C 350 -41.29 35.46 12.82
CA SER C 350 -42.07 36.12 11.78
C SER C 350 -42.90 37.27 12.34
N CYS C 351 -43.38 37.15 13.57
CA CYS C 351 -44.15 38.21 14.20
C CYS C 351 -43.29 39.19 14.98
N SER C 352 -41.97 39.04 14.94
CA SER C 352 -41.06 39.92 15.65
C SER C 352 -40.46 40.95 14.70
N SER C 353 -39.76 41.92 15.28
CA SER C 353 -39.13 42.97 14.48
C SER C 353 -37.81 42.52 13.88
N GLY C 354 -37.31 41.34 14.24
CA GLY C 354 -36.04 40.86 13.71
C GLY C 354 -36.19 39.85 12.61
N LYS C 355 -37.40 39.75 12.02
CA LYS C 355 -37.62 38.77 10.97
C LYS C 355 -36.79 39.08 9.73
N ASN C 356 -36.64 40.35 9.38
CA ASN C 356 -35.88 40.71 8.19
C ASN C 356 -34.41 40.35 8.34
N LEU C 357 -33.82 40.66 9.50
CA LEU C 357 -32.41 40.33 9.72
C LEU C 357 -32.19 38.84 9.72
N CYS C 358 -33.10 38.08 10.35
CA CYS C 358 -32.97 36.63 10.36
C CYS C 358 -33.11 36.05 8.96
N GLN C 359 -34.05 36.57 8.17
CA GLN C 359 -34.20 36.10 6.80
C GLN C 359 -32.97 36.40 5.98
N ALA C 360 -32.40 37.60 6.14
CA ALA C 360 -31.18 37.94 5.41
C ALA C 360 -30.02 37.04 5.82
N LEU C 361 -29.91 36.75 7.11
CA LEU C 361 -28.84 35.86 7.58
C LEU C 361 -29.02 34.45 7.03
N LYS C 362 -30.26 33.96 6.99
CA LYS C 362 -30.51 32.65 6.40
C LYS C 362 -30.17 32.63 4.92
N LYS C 363 -30.51 33.69 4.20
CA LYS C 363 -30.17 33.77 2.79
C LYS C 363 -28.66 33.78 2.59
N PHE C 364 -27.94 34.53 3.43
CA PHE C 364 -26.48 34.57 3.34
C PHE C 364 -25.89 33.19 3.63
N ASP C 365 -26.41 32.50 4.65
CA ASP C 365 -25.91 31.17 4.97
C ASP C 365 -26.17 30.20 3.84
N SER C 366 -27.35 30.27 3.22
CA SER C 366 -27.65 29.40 2.09
C SER C 366 -26.75 29.68 0.91
N SER C 367 -26.52 30.97 0.61
CA SER C 367 -25.75 31.31 -0.58
C SER C 367 -24.26 31.03 -0.41
N ARG C 368 -23.71 31.27 0.77
CA ARG C 368 -22.28 31.17 1.00
C ARG C 368 -21.84 29.87 1.65
N GLY C 369 -22.63 29.33 2.57
CA GLY C 369 -22.19 28.15 3.30
C GLY C 369 -22.85 26.86 2.87
N TYR C 370 -24.17 26.87 2.66
CA TYR C 370 -24.87 25.62 2.40
C TYR C 370 -24.64 25.09 1.00
N GLN C 371 -24.14 25.92 0.08
CA GLN C 371 -23.84 25.48 -1.28
C GLN C 371 -22.34 25.48 -1.56
N HIS C 372 -21.52 25.51 -0.51
CA HIS C 372 -20.08 25.42 -0.70
C HIS C 372 -19.69 24.00 -1.12
N ARG C 373 -18.50 23.88 -1.70
CA ARG C 373 -18.02 22.58 -2.16
C ARG C 373 -17.95 21.58 -1.02
N SER C 374 -17.41 21.99 0.12
CA SER C 374 -17.26 21.06 1.25
C SER C 374 -18.61 20.58 1.75
N VAL C 375 -19.58 21.50 1.90
CA VAL C 375 -20.88 21.13 2.40
C VAL C 375 -21.60 20.22 1.42
N LEU C 376 -21.55 20.55 0.12
CA LEU C 376 -22.19 19.71 -0.88
C LEU C 376 -21.58 18.32 -0.92
N LYS C 377 -20.24 18.24 -0.84
CA LYS C 377 -19.58 16.94 -0.82
C LYS C 377 -19.98 16.14 0.42
N LEU C 378 -20.07 16.81 1.57
CA LEU C 378 -20.50 16.13 2.79
C LEU C 378 -21.92 15.61 2.65
N GLU C 379 -22.82 16.41 2.07
CA GLU C 379 -24.19 15.96 1.87
C GLU C 379 -24.25 14.76 0.93
N LEU C 380 -23.47 14.80 -0.16
CA LEU C 380 -23.46 13.68 -1.10
C LEU C 380 -22.94 12.41 -0.44
N GLU C 381 -21.84 12.54 0.31
CA GLU C 381 -21.28 11.38 1.00
C GLU C 381 -22.25 10.83 2.03
N GLY C 382 -22.91 11.71 2.79
CA GLY C 382 -23.87 11.26 3.76
C GLY C 382 -25.05 10.56 3.14
N SER C 383 -25.55 11.09 2.02
CA SER C 383 -26.65 10.44 1.31
C SER C 383 -26.24 9.05 0.83
N ASN C 384 -25.06 8.95 0.24
CA ASN C 384 -24.59 7.65 -0.24
C ASN C 384 -24.46 6.65 0.90
N TYR C 385 -23.79 7.06 1.99
CA TYR C 385 -23.59 6.16 3.12
C TYR C 385 -24.92 5.73 3.72
N ILE C 386 -25.82 6.68 3.94
CA ILE C 386 -27.09 6.38 4.59
C ILE C 386 -27.92 5.45 3.73
N LYS C 387 -28.00 5.72 2.43
CA LYS C 387 -28.83 4.89 1.58
C LYS C 387 -28.26 3.49 1.44
N GLY C 388 -26.94 3.36 1.30
CA GLY C 388 -26.34 2.03 1.24
C GLY C 388 -26.53 1.25 2.52
N LEU C 389 -26.33 1.91 3.67
CA LEU C 389 -26.53 1.23 4.95
C LEU C 389 -27.97 0.83 5.14
N MET C 390 -28.91 1.70 4.72
CA MET C 390 -30.32 1.36 4.84
C MET C 390 -30.68 0.18 3.97
N ASP C 391 -30.09 0.09 2.77
CA ASP C 391 -30.31 -1.08 1.93
C ASP C 391 -29.82 -2.35 2.61
N MET C 392 -28.58 -2.33 3.10
CA MET C 392 -28.02 -3.53 3.71
C MET C 392 -28.75 -3.91 4.99
N LEU C 393 -29.26 -2.94 5.74
CA LEU C 393 -30.02 -3.26 6.95
C LEU C 393 -31.41 -3.76 6.61
N TRP C 394 -32.06 -3.17 5.60
CA TRP C 394 -33.36 -3.63 5.15
C TRP C 394 -33.28 -5.07 4.67
N LEU C 395 -32.14 -5.48 4.13
CA LEU C 395 -31.96 -6.89 3.76
C LEU C 395 -32.18 -7.81 4.96
N GLY C 396 -31.85 -7.36 6.17
CA GLY C 396 -32.02 -8.19 7.35
C GLY C 396 -33.20 -7.83 8.24
N ILE C 397 -33.87 -6.73 7.94
CA ILE C 397 -35.00 -6.27 8.74
C ILE C 397 -36.33 -6.66 8.09
N LYS C 398 -36.45 -6.46 6.79
CA LYS C 398 -37.73 -6.69 6.12
C LYS C 398 -38.16 -8.14 6.24
N GLY C 399 -39.43 -8.35 6.60
CA GLY C 399 -40.01 -9.67 6.70
C GLY C 399 -39.97 -10.27 8.08
N ARG C 400 -39.23 -9.67 9.02
CA ARG C 400 -39.15 -10.24 10.37
C ARG C 400 -40.50 -10.25 11.06
N ALA C 401 -41.28 -9.18 10.90
CA ALA C 401 -42.57 -9.07 11.56
C ALA C 401 -43.74 -9.49 10.69
N THR C 402 -43.62 -9.37 9.37
CA THR C 402 -44.70 -9.73 8.47
C THR C 402 -44.87 -11.23 8.30
N GLY C 403 -43.92 -12.03 8.75
CA GLY C 403 -43.99 -13.47 8.63
C GLY C 403 -43.13 -14.07 7.55
N ASP C 404 -42.61 -13.25 6.63
CA ASP C 404 -41.72 -13.76 5.60
C ASP C 404 -40.40 -14.24 6.22
N THR C 405 -39.57 -14.87 5.40
CA THR C 405 -38.39 -15.58 5.87
C THR C 405 -37.15 -15.13 5.09
N GLN C 406 -37.33 -14.17 4.18
CA GLN C 406 -36.23 -13.70 3.35
C GLN C 406 -35.08 -13.12 4.14
N TYR C 407 -35.31 -12.71 5.39
CA TYR C 407 -34.24 -12.19 6.22
C TYR C 407 -33.35 -13.29 6.79
N ASP C 408 -33.80 -14.54 6.78
CA ASP C 408 -33.11 -15.63 7.47
C ASP C 408 -31.93 -16.11 6.63
N THR C 409 -30.95 -15.23 6.51
CA THR C 409 -29.69 -15.49 5.85
C THR C 409 -28.57 -15.09 6.80
N PRO C 410 -27.36 -15.62 6.63
CA PRO C 410 -26.26 -15.21 7.51
C PRO C 410 -26.02 -13.70 7.50
N PHE C 411 -26.13 -13.06 6.34
CA PHE C 411 -26.01 -11.60 6.28
C PHE C 411 -27.15 -10.93 7.01
N GLY C 412 -28.37 -11.43 6.82
CA GLY C 412 -29.51 -10.86 7.53
C GLY C 412 -29.39 -11.02 9.03
N ARG C 413 -28.98 -12.20 9.48
CA ARG C 413 -28.78 -12.42 10.92
C ARG C 413 -27.70 -11.51 11.46
N TYR C 414 -26.60 -11.34 10.72
CA TYR C 414 -25.52 -10.47 11.20
C TYR C 414 -25.97 -9.03 11.29
N VAL C 415 -26.65 -8.51 10.27
CA VAL C 415 -27.06 -7.11 10.30
C VAL C 415 -28.14 -6.90 11.35
N TYR C 416 -29.00 -7.89 11.60
CA TYR C 416 -29.93 -7.77 12.71
C TYR C 416 -29.20 -7.73 14.04
N GLY C 417 -28.17 -8.56 14.21
CA GLY C 417 -27.40 -8.54 15.44
C GLY C 417 -26.58 -7.28 15.62
N ARG C 418 -26.28 -6.56 14.53
CA ARG C 418 -25.54 -5.32 14.64
C ARG C 418 -26.40 -4.16 15.13
N ILE C 419 -27.73 -4.27 15.02
CA ILE C 419 -28.61 -3.23 15.51
C ILE C 419 -28.56 -3.18 17.03
N SER C 420 -28.69 -1.99 17.59
CA SER C 420 -28.65 -1.82 19.03
C SER C 420 -29.76 -2.63 19.70
N GLU C 421 -29.45 -3.17 20.87
CA GLU C 421 -30.34 -4.14 21.50
C GLU C 421 -31.68 -3.52 21.92
N ASN C 422 -31.68 -2.26 22.33
CA ASN C 422 -32.94 -1.63 22.75
C ASN C 422 -33.90 -1.48 21.59
N TYR C 423 -33.40 -1.10 20.41
CA TYR C 423 -34.26 -0.99 19.25
C TYR C 423 -34.88 -2.33 18.88
N ARG C 424 -34.08 -3.40 18.94
CA ARG C 424 -34.61 -4.74 18.66
C ARG C 424 -35.64 -5.14 19.72
N ARG C 425 -35.38 -4.81 20.98
CA ARG C 425 -36.31 -5.14 22.06
C ARG C 425 -37.65 -4.46 21.84
N ILE C 426 -37.63 -3.18 21.46
CA ILE C 426 -38.86 -2.48 21.14
C ILE C 426 -39.52 -3.08 19.90
N PHE C 427 -38.71 -3.51 18.93
CA PHE C 427 -39.26 -4.12 17.72
C PHE C 427 -39.97 -5.44 18.03
N GLU C 428 -39.45 -6.22 18.97
CA GLU C 428 -40.07 -7.49 19.37
C GLU C 428 -40.97 -7.23 20.56
N GLN C 429 -42.12 -6.61 20.28
CA GLN C 429 -43.11 -6.33 21.31
C GLN C 429 -44.50 -6.49 20.70
N GLU C 430 -45.50 -6.59 21.57
CA GLU C 430 -46.88 -6.70 21.15
C GLU C 430 -47.55 -5.34 21.24
N ASN C 431 -48.09 -4.87 20.12
CA ASN C 431 -48.80 -3.60 20.06
C ASN C 431 -49.67 -3.60 18.81
N ASN C 432 -50.40 -2.51 18.61
CA ASN C 432 -51.29 -2.39 17.47
C ASN C 432 -50.58 -1.91 16.21
N LEU C 433 -49.28 -1.66 16.29
CA LEU C 433 -48.54 -1.19 15.12
C LEU C 433 -48.51 -2.27 14.04
N PRO C 434 -48.76 -1.92 12.78
CA PRO C 434 -48.63 -2.91 11.70
C PRO C 434 -47.20 -3.41 11.58
N ALA C 435 -47.06 -4.65 11.10
CA ALA C 435 -45.76 -5.28 11.03
C ALA C 435 -44.80 -4.51 10.13
N CYS C 436 -45.28 -4.05 8.98
CA CYS C 436 -44.46 -3.23 8.10
C CYS C 436 -44.04 -1.94 8.80
N TYR C 437 -44.96 -1.33 9.54
CA TYR C 437 -44.62 -0.14 10.31
C TYR C 437 -43.56 -0.45 11.35
N LYS C 438 -43.66 -1.60 12.01
CA LYS C 438 -42.65 -1.96 13.01
C LYS C 438 -41.28 -2.13 12.38
N GLU C 439 -41.22 -2.80 11.21
CA GLU C 439 -39.93 -2.96 10.53
C GLU C 439 -39.35 -1.62 10.11
N ALA C 440 -40.19 -0.75 9.53
CA ALA C 440 -39.71 0.56 9.12
C ALA C 440 -39.24 1.38 10.31
N GLN C 441 -39.95 1.30 11.43
CA GLN C 441 -39.55 2.03 12.62
C GLN C 441 -38.25 1.49 13.20
N LEU C 442 -38.05 0.16 13.13
CA LEU C 442 -36.78 -0.40 13.57
C LEU C 442 -35.63 0.15 12.73
N LEU C 443 -35.82 0.18 11.41
CA LEU C 443 -34.78 0.73 10.54
C LEU C 443 -34.52 2.20 10.83
N ALA C 444 -35.59 2.98 11.02
CA ALA C 444 -35.44 4.41 11.29
C ALA C 444 -34.74 4.64 12.62
N ASP C 445 -35.09 3.87 13.65
CA ASP C 445 -34.41 3.99 14.93
C ASP C 445 -32.94 3.63 14.83
N ALA C 446 -32.63 2.57 14.08
CA ALA C 446 -31.23 2.17 13.93
C ALA C 446 -30.43 3.26 13.21
N ILE C 447 -30.98 3.82 12.15
CA ILE C 447 -30.23 4.81 11.37
C ILE C 447 -30.11 6.13 12.13
N SER C 448 -31.19 6.56 12.78
CA SER C 448 -31.21 7.89 13.40
C SER C 448 -30.22 8.00 14.55
N GLY C 449 -30.05 6.94 15.32
CA GLY C 449 -29.20 6.99 16.49
C GLY C 449 -27.72 6.89 16.21
N MET C 450 -27.32 6.75 14.96
CA MET C 450 -25.92 6.58 14.60
C MET C 450 -25.23 7.92 14.43
N THR C 451 -23.95 7.95 14.78
CA THR C 451 -23.10 9.09 14.48
C THR C 451 -22.48 8.92 13.10
N ASP C 452 -21.82 9.98 12.62
CA ASP C 452 -21.22 9.93 11.29
C ASP C 452 -20.15 8.84 11.21
N SER C 453 -19.23 8.84 12.17
CA SER C 453 -18.14 7.86 12.14
C SER C 453 -18.67 6.44 12.29
N TYR C 454 -19.60 6.23 13.21
CA TYR C 454 -20.16 4.89 13.40
C TYR C 454 -20.92 4.43 12.17
N LEU C 455 -21.70 5.32 11.56
CA LEU C 455 -22.44 4.96 10.36
C LEU C 455 -21.50 4.61 9.22
N ILE C 456 -20.43 5.38 9.04
CA ILE C 456 -19.47 5.11 7.97
C ILE C 456 -18.78 3.79 8.21
N ALA C 457 -18.33 3.53 9.44
CA ALA C 457 -17.64 2.29 9.74
C ALA C 457 -18.55 1.09 9.53
N LEU C 458 -19.80 1.16 10.02
CA LEU C 458 -20.73 0.06 9.83
C LEU C 458 -21.04 -0.16 8.35
N HIS C 459 -21.21 0.92 7.59
CA HIS C 459 -21.46 0.79 6.17
C HIS C 459 -20.30 0.10 5.47
N ASP C 460 -19.07 0.51 5.79
CA ASP C 460 -17.91 -0.11 5.16
C ASP C 460 -17.80 -1.59 5.51
N GLU C 461 -18.01 -1.93 6.79
CA GLU C 461 -17.90 -3.33 7.20
C GLU C 461 -18.99 -4.18 6.55
N LEU C 462 -20.22 -3.69 6.53
CA LEU C 462 -21.31 -4.44 5.90
C LEU C 462 -21.09 -4.58 4.41
N ARG C 463 -20.58 -3.53 3.76
CA ARG C 463 -20.28 -3.61 2.33
C ARG C 463 -19.20 -4.65 2.06
N ALA C 464 -18.19 -4.72 2.94
CA ALA C 464 -17.15 -5.73 2.80
C ALA C 464 -17.74 -7.14 2.96
N LEU C 465 -18.64 -7.31 3.91
CA LEU C 465 -19.20 -8.64 4.19
C LEU C 465 -20.33 -9.03 3.24
N HIS C 466 -20.87 -8.10 2.46
CA HIS C 466 -22.01 -8.34 1.59
C HIS C 466 -21.62 -8.79 0.19
N GLN C 467 -20.33 -9.01 -0.07
CA GLN C 467 -19.88 -9.22 -1.44
C GLN C 467 -20.52 -10.47 -2.07
N TYR C 468 -20.56 -11.57 -1.33
CA TYR C 468 -21.09 -12.81 -1.91
C TYR C 468 -22.60 -12.72 -2.13
N GLU C 469 -23.34 -12.28 -1.11
CA GLU C 469 -24.79 -12.26 -1.22
C GLU C 469 -25.25 -11.22 -2.24
N CYS C 470 -24.52 -10.12 -2.38
CA CYS C 470 -24.89 -9.11 -3.37
C CYS C 470 -24.79 -9.67 -4.79
N ARG C 471 -23.76 -10.45 -5.06
CA ARG C 471 -23.58 -11.04 -6.39
C ARG C 471 -24.43 -12.29 -6.54
N SER D 2 -12.68 39.82 58.13
CA SER D 2 -13.28 38.85 57.21
C SER D 2 -13.46 39.44 55.83
N MET D 3 -14.15 38.71 54.96
CA MET D 3 -14.40 39.11 53.58
C MET D 3 -15.89 39.30 53.36
N HIS D 4 -16.24 40.33 52.61
CA HIS D 4 -17.63 40.68 52.34
C HIS D 4 -18.05 40.15 50.98
N TRP D 5 -19.31 39.73 50.88
CA TRP D 5 -19.83 39.21 49.63
C TRP D 5 -19.94 40.28 48.55
N ASN D 6 -19.97 41.56 48.94
CA ASN D 6 -20.03 42.62 47.94
C ASN D 6 -18.77 42.63 47.07
N ASP D 7 -17.60 42.44 47.69
CA ASP D 7 -16.36 42.38 46.93
C ASP D 7 -16.21 41.04 46.22
N LEU D 8 -16.60 39.95 46.88
CA LEU D 8 -16.45 38.64 46.27
C LEU D 8 -17.35 38.46 45.05
N LEU D 9 -18.49 39.13 45.03
CA LEU D 9 -19.41 39.10 43.89
C LEU D 9 -19.31 40.37 43.05
N ASN D 10 -18.11 40.91 42.93
CA ASN D 10 -17.90 42.13 42.15
C ASN D 10 -18.21 41.87 40.68
N SER D 11 -19.24 42.53 40.17
CA SER D 11 -19.64 42.37 38.78
C SER D 11 -18.92 43.34 37.84
N ASN D 12 -18.03 44.17 38.37
CA ASN D 12 -17.23 45.05 37.52
C ASN D 12 -16.25 44.22 36.70
N ARG D 13 -16.00 44.69 35.48
CA ARG D 13 -15.10 44.01 34.56
C ARG D 13 -13.75 44.72 34.54
N ARG D 14 -12.70 43.95 34.23
CA ARG D 14 -11.35 44.47 34.32
C ARG D 14 -11.11 45.58 33.31
N LYS D 15 -11.67 45.45 32.11
CA LYS D 15 -11.45 46.46 31.08
C LYS D 15 -12.12 47.77 31.49
N PRO D 16 -11.39 48.89 31.45
CA PRO D 16 -12.01 50.17 31.82
C PRO D 16 -13.13 50.54 30.87
N LYS D 17 -14.14 51.20 31.43
CA LYS D 17 -15.32 51.60 30.66
C LYS D 17 -15.42 53.12 30.58
N ARG D 31 -30.15 41.43 31.03
CA ARG D 31 -29.38 40.40 31.72
C ARG D 31 -28.52 40.97 32.82
N GLN D 32 -27.65 40.13 33.38
CA GLN D 32 -26.67 40.54 34.36
C GLN D 32 -25.28 40.32 33.80
N GLN D 33 -24.30 41.01 34.39
CA GLN D 33 -22.92 40.87 33.93
C GLN D 33 -22.41 39.45 34.12
N ILE D 34 -22.72 38.84 35.25
CA ILE D 34 -22.21 37.51 35.56
C ILE D 34 -22.83 36.47 34.63
N GLU D 35 -24.11 36.63 34.30
CA GLU D 35 -24.73 35.76 33.29
C GLU D 35 -24.04 35.94 31.94
N ARG D 36 -23.72 37.20 31.60
CA ARG D 36 -22.98 37.47 30.38
C ARG D 36 -21.63 36.78 30.38
N ASP D 37 -21.03 36.60 31.56
CA ASP D 37 -19.76 35.86 31.63
C ASP D 37 -19.92 34.44 31.15
N TYR D 38 -20.95 33.73 31.64
CA TYR D 38 -21.20 32.37 31.17
C TYR D 38 -21.52 32.34 29.69
N ASP D 39 -22.31 33.31 29.22
CA ASP D 39 -22.63 33.36 27.80
C ASP D 39 -21.39 33.53 26.94
N ARG D 40 -20.48 34.42 27.35
CA ARG D 40 -19.25 34.63 26.60
C ARG D 40 -18.36 33.39 26.65
N ILE D 41 -18.28 32.73 27.80
CA ILE D 41 -17.44 31.55 27.92
C ILE D 41 -17.96 30.43 27.03
N LEU D 42 -19.29 30.27 26.96
CA LEU D 42 -19.85 29.19 26.15
C LEU D 42 -19.53 29.37 24.67
N PHE D 43 -19.59 30.61 24.17
CA PHE D 43 -19.37 30.86 22.75
C PHE D 43 -17.90 30.99 22.39
N ALA D 44 -16.99 30.89 23.35
CA ALA D 44 -15.57 31.00 23.05
C ALA D 44 -15.09 29.82 22.21
N ALA D 45 -14.15 30.10 21.31
CA ALA D 45 -13.60 29.05 20.47
C ALA D 45 -12.89 27.95 21.26
N PRO D 46 -12.05 28.25 22.26
CA PRO D 46 -11.44 27.15 23.04
C PRO D 46 -12.46 26.27 23.74
N THR D 47 -13.63 26.81 24.09
CA THR D 47 -14.67 25.97 24.66
C THR D 47 -15.12 24.91 23.66
N ARG D 48 -15.26 25.29 22.39
CA ARG D 48 -15.58 24.30 21.36
C ARG D 48 -14.40 23.36 21.12
N ARG D 49 -13.18 23.88 21.20
CA ARG D 49 -12.00 23.05 21.03
C ARG D 49 -11.90 21.98 22.12
N LEU D 50 -12.50 22.24 23.28
CA LEU D 50 -12.49 21.26 24.36
C LEU D 50 -13.15 19.94 23.96
N ALA D 51 -14.01 19.95 22.94
CA ALA D 51 -14.66 18.73 22.50
C ALA D 51 -13.67 17.75 21.87
N ASP D 52 -12.52 18.23 21.42
CA ASP D 52 -11.52 17.41 20.77
C ASP D 52 -10.35 17.06 21.67
N LYS D 53 -10.45 17.35 22.96
CA LYS D 53 -9.40 17.02 23.92
C LYS D 53 -9.88 15.86 24.80
N THR D 54 -9.05 14.84 24.93
CA THR D 54 -9.41 13.68 25.73
C THR D 54 -9.43 14.03 27.21
N GLN D 55 -10.38 13.43 27.94
CA GLN D 55 -10.46 13.64 29.37
C GLN D 55 -9.68 12.57 30.14
N VAL D 56 -10.09 11.31 29.99
CA VAL D 56 -9.34 10.19 30.56
C VAL D 56 -9.10 9.15 29.49
N PHE D 57 -10.17 8.67 28.86
CA PHE D 57 -10.20 7.58 27.89
C PHE D 57 -10.08 8.11 26.46
N PRO D 58 -9.53 7.30 25.56
CA PRO D 58 -9.44 7.73 24.15
C PRO D 58 -10.81 7.84 23.51
N LEU D 59 -10.89 8.70 22.50
CA LEU D 59 -12.16 8.98 21.83
C LEU D 59 -12.39 7.94 20.73
N ASP D 60 -13.36 7.06 20.96
CA ASP D 60 -13.72 6.05 19.97
C ASP D 60 -14.84 6.58 19.06
N LYS D 61 -15.25 5.75 18.11
CA LYS D 61 -16.30 6.12 17.17
C LYS D 61 -17.70 5.77 17.67
N ASN D 62 -17.81 5.02 18.76
CA ASN D 62 -19.12 4.57 19.24
C ASN D 62 -19.30 4.90 20.71
N ASP D 63 -18.23 4.83 21.49
CA ASP D 63 -18.32 5.07 22.92
C ASP D 63 -18.70 6.52 23.20
N SER D 64 -19.46 6.72 24.28
CA SER D 64 -19.87 8.04 24.72
C SER D 64 -19.04 8.51 25.91
N VAL D 65 -17.74 8.19 25.92
CA VAL D 65 -16.89 8.57 27.02
C VAL D 65 -16.77 10.09 27.08
N ARG D 66 -16.52 10.60 28.28
CA ARG D 66 -16.46 12.04 28.50
C ARG D 66 -15.25 12.65 27.78
N THR D 67 -15.47 13.77 27.11
CA THR D 67 -14.40 14.62 26.63
C THR D 67 -14.18 15.74 27.63
N ARG D 68 -13.28 16.66 27.31
CA ARG D 68 -13.13 17.85 28.15
C ARG D 68 -14.38 18.71 28.10
N LEU D 69 -15.05 18.78 26.96
CA LEU D 69 -16.25 19.60 26.84
C LEU D 69 -17.39 19.01 27.64
N THR D 70 -17.64 17.71 27.51
CA THR D 70 -18.71 17.08 28.27
C THR D 70 -18.44 17.12 29.77
N HIS D 71 -17.20 16.89 30.16
CA HIS D 71 -16.83 16.98 31.57
C HIS D 71 -17.03 18.40 32.09
N SER D 72 -16.64 19.40 31.30
CA SER D 72 -16.81 20.79 31.72
C SER D 72 -18.29 21.14 31.84
N HIS D 73 -19.12 20.66 30.92
CA HIS D 73 -20.55 20.94 30.99
C HIS D 73 -21.17 20.26 32.21
N GLU D 74 -20.74 19.04 32.52
CA GLU D 74 -21.24 18.35 33.70
C GLU D 74 -20.84 19.07 34.98
N VAL D 75 -19.59 19.52 35.06
CA VAL D 75 -19.14 20.28 36.22
C VAL D 75 -19.92 21.58 36.34
N ALA D 76 -20.17 22.25 35.22
CA ALA D 76 -20.94 23.48 35.23
C ALA D 76 -22.36 23.24 35.71
N ASN D 77 -22.97 22.13 35.28
CA ASN D 77 -24.32 21.81 35.73
C ASN D 77 -24.35 21.54 37.24
N LEU D 78 -23.37 20.78 37.73
CA LEU D 78 -23.30 20.53 39.17
C LEU D 78 -23.14 21.83 39.95
N SER D 79 -22.24 22.70 39.49
CA SER D 79 -22.02 23.97 40.17
C SER D 79 -23.26 24.85 40.11
N ARG D 80 -23.97 24.84 38.99
CA ARG D 80 -25.20 25.62 38.88
C ARG D 80 -26.26 25.09 39.83
N GLY D 81 -26.36 23.77 39.98
CA GLY D 81 -27.29 23.23 40.98
C GLY D 81 -26.92 23.65 42.38
N ILE D 82 -25.63 23.61 42.71
CA ILE D 82 -25.17 24.08 44.01
C ILE D 82 -25.56 25.54 44.20
N GLY D 83 -25.39 26.36 43.17
CA GLY D 83 -25.73 27.76 43.27
C GLY D 83 -27.21 28.00 43.45
N MET D 84 -28.04 27.22 42.75
CA MET D 84 -29.49 27.31 42.97
C MET D 84 -29.85 26.98 44.40
N ARG D 85 -29.24 25.92 44.95
CA ARG D 85 -29.51 25.57 46.34
C ARG D 85 -29.07 26.68 47.29
N LEU D 86 -27.90 27.27 47.03
CA LEU D 86 -27.39 28.31 47.92
C LEU D 86 -28.24 29.58 47.85
N ALA D 87 -28.66 29.98 46.65
CA ALA D 87 -29.33 31.26 46.48
C ALA D 87 -30.82 31.18 46.77
N PHE D 88 -31.44 30.02 46.58
CA PHE D 88 -32.88 29.91 46.74
C PHE D 88 -33.32 29.31 48.08
N GLU D 89 -32.45 28.58 48.75
CA GLU D 89 -32.81 27.92 50.00
C GLU D 89 -31.96 28.33 51.18
N LEU D 90 -30.65 28.50 51.00
CA LEU D 90 -29.73 28.81 52.08
C LEU D 90 -29.19 30.24 52.00
N GLU D 91 -29.99 31.17 51.47
CA GLU D 91 -29.51 32.54 51.33
C GLU D 91 -29.23 33.17 52.68
N ASP D 92 -30.12 32.96 53.66
CA ASP D 92 -29.92 33.57 54.98
C ASP D 92 -28.74 32.94 55.70
N ASP D 93 -28.53 31.63 55.53
CA ASP D 93 -27.43 30.95 56.21
C ASP D 93 -26.08 31.23 55.58
N VAL D 94 -26.03 31.54 54.28
CA VAL D 94 -24.77 31.71 53.56
C VAL D 94 -24.47 33.18 53.28
N PHE D 95 -25.39 33.87 52.59
CA PHE D 95 -25.16 35.24 52.16
C PHE D 95 -25.79 36.19 53.17
N LYS D 96 -24.96 36.72 54.07
CA LYS D 96 -25.38 37.73 55.02
C LYS D 96 -24.67 39.04 54.70
N ASP D 97 -25.37 40.15 54.91
CA ASP D 97 -24.85 41.49 54.62
C ASP D 97 -24.45 41.61 53.15
N VAL D 98 -25.44 41.45 52.28
CA VAL D 98 -25.27 41.55 50.84
C VAL D 98 -26.15 42.69 50.34
N SER D 99 -25.57 43.55 49.51
CA SER D 99 -26.30 44.70 49.01
C SER D 99 -27.52 44.26 48.21
N GLU D 100 -28.61 45.03 48.33
CA GLU D 100 -29.83 44.73 47.59
C GLU D 100 -29.64 44.89 46.09
N ASP D 101 -28.58 45.58 45.66
CA ASP D 101 -28.30 45.70 44.23
C ASP D 101 -27.94 44.35 43.63
N ILE D 102 -27.27 43.49 44.40
CA ILE D 102 -26.84 42.19 43.91
C ILE D 102 -28.03 41.23 43.94
N CYS D 103 -28.35 40.65 42.78
CA CYS D 103 -29.40 39.64 42.67
C CYS D 103 -28.74 38.28 42.78
N LEU D 104 -28.79 37.69 43.99
CA LEU D 104 -28.11 36.41 44.22
C LEU D 104 -28.67 35.31 43.34
N LYS D 105 -30.00 35.26 43.20
CA LYS D 105 -30.65 34.19 42.45
C LYS D 105 -30.26 34.20 40.99
N ARG D 106 -29.78 35.33 40.47
CA ARG D 106 -29.30 35.40 39.09
C ARG D 106 -27.79 35.36 38.97
N ASP D 107 -27.07 35.79 40.02
CA ASP D 107 -25.62 35.87 39.95
C ASP D 107 -24.93 34.59 40.40
N VAL D 108 -25.30 34.09 41.58
CA VAL D 108 -24.57 32.94 42.15
C VAL D 108 -24.66 31.71 41.26
N PRO D 109 -25.84 31.25 40.80
CA PRO D 109 -25.84 30.09 39.90
C PRO D 109 -25.10 30.34 38.60
N ALA D 110 -25.26 31.53 38.02
CA ALA D 110 -24.54 31.86 36.79
C ALA D 110 -23.04 31.89 37.02
N LEU D 111 -22.61 32.45 38.15
CA LEU D 111 -21.17 32.51 38.45
C LEU D 111 -20.60 31.11 38.61
N LEU D 112 -21.29 30.24 39.36
CA LEU D 112 -20.79 28.89 39.56
C LEU D 112 -20.78 28.11 38.26
N ALA D 113 -21.82 28.26 37.44
CA ALA D 113 -21.82 27.59 36.14
C ALA D 113 -20.69 28.07 35.25
N ALA D 114 -20.45 29.39 35.23
CA ALA D 114 -19.38 29.93 34.39
C ALA D 114 -18.02 29.43 34.83
N ILE D 115 -17.77 29.41 36.15
CA ILE D 115 -16.46 28.95 36.60
C ILE D 115 -16.32 27.44 36.47
N GLY D 116 -17.44 26.70 36.46
CA GLY D 116 -17.35 25.27 36.19
C GLY D 116 -17.09 24.96 34.73
N LEU D 117 -17.67 25.74 33.82
CA LEU D 117 -17.47 25.50 32.39
C LEU D 117 -16.07 25.88 31.93
N VAL D 118 -15.41 26.80 32.64
CA VAL D 118 -14.13 27.34 32.21
C VAL D 118 -12.96 26.69 32.92
N HIS D 119 -13.20 25.80 33.89
CA HIS D 119 -12.14 25.34 34.76
C HIS D 119 -11.07 24.52 34.04
N ASP D 120 -11.37 23.99 32.85
CA ASP D 120 -10.42 23.13 32.13
C ASP D 120 -10.15 23.65 30.73
N MET D 121 -10.35 24.95 30.50
CA MET D 121 -10.15 25.50 29.17
C MET D 121 -8.68 25.42 28.74
N GLY D 122 -7.76 25.75 29.63
CA GLY D 122 -6.35 25.79 29.29
C GLY D 122 -5.57 24.52 29.48
N ASN D 123 -6.25 23.41 29.80
CA ASN D 123 -5.53 22.17 30.02
C ASN D 123 -4.96 21.63 28.72
N PRO D 124 -3.77 21.04 28.73
CA PRO D 124 -3.20 20.47 27.51
C PRO D 124 -3.97 19.23 27.10
N PRO D 125 -3.78 18.75 25.86
CA PRO D 125 -4.47 17.54 25.43
C PRO D 125 -3.91 16.29 26.07
N PHE D 126 -4.48 15.13 25.72
CA PHE D 126 -4.01 13.82 26.20
C PHE D 126 -4.13 13.70 27.72
N GLY D 127 -5.19 14.29 28.28
CA GLY D 127 -5.48 14.10 29.69
C GLY D 127 -4.43 14.66 30.63
N HIS D 128 -4.31 14.00 31.79
CA HIS D 128 -3.32 14.40 32.78
C HIS D 128 -1.91 14.16 32.26
N GLN D 129 -1.75 13.17 31.39
CA GLN D 129 -0.44 12.91 30.82
C GLN D 129 0.05 14.08 29.99
N GLY D 130 -0.87 14.91 29.49
CA GLY D 130 -0.45 16.11 28.79
C GLY D 130 0.33 17.04 29.68
N GLU D 131 -0.24 17.37 30.84
CA GLU D 131 0.47 18.21 31.81
C GLU D 131 1.75 17.54 32.27
N LYS D 132 1.70 16.22 32.52
CA LYS D 132 2.89 15.52 32.98
C LYS D 132 4.02 15.58 31.95
N ALA D 133 3.67 15.38 30.68
CA ALA D 133 4.67 15.39 29.61
C ALA D 133 5.23 16.79 29.41
N MET D 134 4.37 17.80 29.46
CA MET D 134 4.87 19.17 29.36
C MET D 134 5.84 19.48 30.49
N SER D 135 5.48 19.08 31.72
CA SER D 135 6.36 19.32 32.86
C SER D 135 7.68 18.60 32.70
N GLU D 136 7.65 17.34 32.26
CA GLU D 136 8.89 16.58 32.10
C GLU D 136 9.78 17.19 31.02
N TRP D 137 9.18 17.58 29.90
CA TRP D 137 9.96 18.19 28.83
C TRP D 137 10.57 19.50 29.28
N PHE D 138 9.81 20.32 30.00
CA PHE D 138 10.35 21.59 30.47
C PHE D 138 11.44 21.37 31.51
N THR D 139 11.28 20.36 32.36
CA THR D 139 12.33 20.03 33.32
C THR D 139 13.62 19.61 32.62
N LYS D 140 13.50 18.82 31.56
CA LYS D 140 14.69 18.36 30.85
C LYS D 140 15.35 19.46 30.02
N ASN D 141 14.56 20.25 29.29
CA ASN D 141 15.09 21.24 28.36
C ASN D 141 15.24 22.63 28.96
N LEU D 142 14.81 22.83 30.20
CA LEU D 142 15.03 24.08 30.94
C LEU D 142 15.68 23.71 32.26
N PRO D 143 16.95 23.30 32.23
CA PRO D 143 17.58 22.75 33.43
C PRO D 143 17.60 23.75 34.57
N GLU D 144 17.34 23.25 35.78
CA GLU D 144 17.35 24.09 36.97
C GLU D 144 18.75 24.54 37.35
N HIS D 145 19.76 23.74 37.05
CA HIS D 145 21.14 24.11 37.36
C HIS D 145 21.70 25.14 36.39
N SER D 146 21.22 25.16 35.15
CA SER D 146 21.72 26.11 34.17
C SER D 146 21.39 27.54 34.60
N ASP D 147 22.36 28.44 34.45
CA ASP D 147 22.20 29.82 34.90
C ASP D 147 21.07 30.52 34.15
N ASN D 148 20.77 30.08 32.93
CA ASN D 148 19.66 30.66 32.19
C ASN D 148 18.33 30.37 32.88
N TYR D 149 18.21 29.22 33.54
CA TYR D 149 16.98 28.82 34.22
C TYR D 149 17.32 28.40 35.65
N LYS D 150 17.36 29.39 36.55
CA LYS D 150 17.53 29.13 37.98
C LYS D 150 16.41 29.69 38.83
N ASP D 151 15.77 30.76 38.39
CA ASP D 151 14.73 31.39 39.18
C ASP D 151 13.52 30.47 39.33
N LYS D 152 12.78 30.68 40.41
CA LYS D 152 11.56 29.91 40.64
C LYS D 152 10.51 30.17 39.57
N ILE D 153 10.63 31.26 38.81
CA ILE D 153 9.62 31.61 37.81
C ILE D 153 9.55 30.53 36.73
N TYR D 154 10.69 29.94 36.38
CA TYR D 154 10.69 28.88 35.38
C TYR D 154 10.04 27.61 35.90
N GLY D 155 9.86 27.49 37.22
CA GLY D 155 9.02 26.44 37.74
C GLY D 155 7.62 26.47 37.15
N ASP D 156 7.14 27.67 36.80
CA ASP D 156 5.88 27.82 36.09
C ASP D 156 5.77 26.85 34.92
N PHE D 157 6.89 26.50 34.31
CA PHE D 157 6.90 25.51 33.24
C PHE D 157 7.41 24.15 33.67
N ARG D 158 8.28 24.10 34.68
CA ARG D 158 8.75 22.81 35.16
C ARG D 158 7.66 22.08 35.94
N HIS D 159 6.72 22.82 36.51
CA HIS D 159 5.55 22.26 37.16
C HIS D 159 4.29 22.80 36.51
N PHE D 160 4.26 22.75 35.17
CA PHE D 160 3.19 23.36 34.40
C PHE D 160 1.82 22.88 34.87
N ASP D 161 0.91 23.83 35.05
CA ASP D 161 -0.43 23.56 35.55
C ASP D 161 -1.45 24.16 34.59
N GLY D 162 -2.56 23.41 34.39
CA GLY D 162 -3.57 23.87 33.46
C GLY D 162 -4.36 25.08 33.94
N ASN D 163 -4.45 25.27 35.26
CA ASN D 163 -5.21 26.40 35.80
C ASN D 163 -4.54 27.73 35.44
N SER D 164 -3.22 27.78 35.52
CA SER D 164 -2.50 29.00 35.15
C SER D 164 -2.72 29.32 33.67
N GLN D 165 -2.67 28.30 32.81
CA GLN D 165 -2.91 28.52 31.39
C GLN D 165 -4.35 28.95 31.13
N THR D 166 -5.30 28.41 31.90
CA THR D 166 -6.69 28.85 31.76
C THR D 166 -6.85 30.32 32.11
N LEU D 167 -6.23 30.74 33.21
CA LEU D 167 -6.28 32.15 33.58
C LEU D 167 -5.61 33.02 32.53
N ARG D 168 -4.48 32.55 31.98
CA ARG D 168 -3.81 33.28 30.93
C ARG D 168 -4.70 33.42 29.70
N LEU D 169 -5.40 32.34 29.32
CA LEU D 169 -6.28 32.39 28.17
C LEU D 169 -7.43 33.36 28.39
N VAL D 170 -8.05 33.32 29.57
CA VAL D 170 -9.20 34.18 29.79
C VAL D 170 -8.82 35.63 30.01
N THR D 171 -7.58 35.90 30.42
CA THR D 171 -7.17 37.27 30.72
C THR D 171 -6.34 37.94 29.65
N LYS D 172 -5.55 37.18 28.88
CA LYS D 172 -4.60 37.76 27.94
C LYS D 172 -4.67 37.06 26.58
N LEU D 173 -5.88 36.84 26.08
CA LEU D 173 -5.99 36.18 24.79
C LEU D 173 -7.19 36.65 23.98
N GLN D 174 -6.97 37.61 23.08
CA GLN D 174 -7.94 38.02 22.07
C GLN D 174 -7.30 38.99 21.10
N GLY D 179 -5.16 43.83 25.84
CA GLY D 179 -4.71 43.52 27.20
C GLY D 179 -5.68 42.64 27.96
N TYR D 180 -6.90 42.53 27.44
CA TYR D 180 -7.95 41.72 28.04
C TYR D 180 -8.51 40.75 27.03
N GLY D 181 -9.09 39.66 27.53
CA GLY D 181 -9.64 38.64 26.66
C GLY D 181 -11.15 38.65 26.62
N LEU D 182 -11.77 37.70 27.31
CA LEU D 182 -13.23 37.62 27.39
C LEU D 182 -13.84 38.72 28.23
N ASN D 183 -13.03 39.50 28.95
CA ASN D 183 -13.49 40.58 29.81
C ASN D 183 -14.47 40.05 30.85
N LEU D 184 -14.07 38.98 31.53
CA LEU D 184 -14.88 38.39 32.58
C LEU D 184 -14.94 39.33 33.79
N THR D 185 -16.00 39.19 34.57
CA THR D 185 -16.15 40.01 35.76
C THR D 185 -15.09 39.65 36.80
N TYR D 186 -14.90 40.56 37.76
CA TYR D 186 -13.91 40.33 38.80
C TYR D 186 -14.25 39.12 39.65
N ALA D 187 -15.54 38.90 39.89
CA ALA D 187 -15.96 37.73 40.67
C ALA D 187 -15.56 36.44 39.96
N THR D 188 -15.81 36.36 38.66
CA THR D 188 -15.45 35.16 37.91
C THR D 188 -13.94 34.94 37.93
N LEU D 189 -13.17 35.97 37.61
CA LEU D 189 -11.72 35.83 37.57
C LEU D 189 -11.16 35.44 38.93
N ALA D 190 -11.71 36.02 40.00
CA ALA D 190 -11.28 35.63 41.34
C ALA D 190 -11.63 34.18 41.62
N SER D 191 -12.77 33.71 41.11
CA SER D 191 -13.17 32.34 41.36
C SER D 191 -12.32 31.33 40.59
N MET D 192 -11.82 31.70 39.41
CA MET D 192 -11.01 30.76 38.64
C MET D 192 -9.61 30.57 39.18
N ILE D 193 -9.17 31.39 40.14
CA ILE D 193 -7.84 31.23 40.72
C ILE D 193 -7.94 30.08 41.73
N LYS D 194 -7.57 28.87 41.28
CA LYS D 194 -7.72 27.70 42.13
C LYS D 194 -6.72 27.73 43.29
N TYR D 195 -5.45 28.01 42.99
CA TYR D 195 -4.41 28.10 44.01
C TYR D 195 -3.91 29.53 44.09
N PRO D 196 -4.31 30.30 45.09
CA PRO D 196 -3.93 31.71 45.12
C PRO D 196 -2.47 31.95 45.50
N ARG D 197 -1.55 31.46 44.67
CA ARG D 197 -0.13 31.69 44.90
C ARG D 197 0.60 31.52 43.58
N SER D 198 1.82 32.04 43.53
CA SER D 198 2.68 31.95 42.36
C SER D 198 3.83 30.97 42.64
N SER D 199 4.63 30.72 41.61
CA SER D 199 5.79 29.85 41.76
C SER D 199 6.82 30.46 42.72
N GLU D 200 7.04 31.77 42.61
CA GLU D 200 8.01 32.44 43.49
C GLU D 200 7.58 32.35 44.95
N SER D 201 6.30 32.57 45.22
CA SER D 201 5.80 32.52 46.59
C SER D 201 5.69 31.07 47.06
N ASP D 202 6.27 30.78 48.22
CA ASP D 202 6.25 29.45 48.80
C ASP D 202 5.36 29.47 50.04
N SER D 203 4.27 28.70 50.00
CA SER D 203 3.35 28.60 51.11
C SER D 203 2.99 27.14 51.33
N SER D 204 2.83 26.76 52.60
CA SER D 204 2.44 25.40 52.92
C SER D 204 0.97 25.14 52.66
N LEU D 205 0.17 26.19 52.50
CA LEU D 205 -1.26 26.01 52.27
C LEU D 205 -1.52 25.31 50.94
N TRP D 206 -0.85 25.75 49.88
CA TRP D 206 -1.05 25.22 48.54
C TRP D 206 0.29 24.75 47.97
N LYS D 207 0.30 23.54 47.43
CA LYS D 207 1.50 22.95 46.85
C LYS D 207 1.62 23.21 45.36
N LYS D 208 0.68 23.93 44.77
CA LYS D 208 0.70 24.25 43.34
C LYS D 208 0.53 25.75 43.16
N HIS D 209 1.11 26.27 42.08
CA HIS D 209 0.92 27.66 41.70
C HIS D 209 -0.34 27.80 40.85
N GLY D 210 -1.04 28.90 41.04
CA GLY D 210 -2.30 29.10 40.34
C GLY D 210 -2.25 30.05 39.17
N PHE D 211 -1.13 30.75 39.00
CA PHE D 211 -0.99 31.69 37.90
C PHE D 211 0.48 31.82 37.53
N PHE D 212 0.71 32.22 36.28
CA PHE D 212 2.06 32.42 35.78
C PHE D 212 2.62 33.75 36.27
N LEU D 213 3.92 33.95 36.03
CA LEU D 213 4.54 35.24 36.34
C LEU D 213 3.92 36.35 35.50
N SER D 214 3.64 36.08 34.23
CA SER D 214 3.11 37.09 33.33
C SER D 214 1.75 37.61 33.78
N GLU D 215 1.04 36.88 34.63
CA GLU D 215 -0.25 37.30 35.14
C GLU D 215 -0.17 37.88 36.54
N LYS D 216 1.05 38.06 37.07
CA LYS D 216 1.19 38.56 38.44
C LYS D 216 0.52 39.91 38.60
N ASP D 217 0.62 40.78 37.60
CA ASP D 217 -0.05 42.08 37.69
C ASP D 217 -1.56 41.93 37.58
N VAL D 218 -2.02 40.98 36.76
CA VAL D 218 -3.46 40.80 36.60
C VAL D 218 -4.08 40.29 37.89
N VAL D 219 -3.50 39.24 38.47
CA VAL D 219 -4.04 38.65 39.69
C VAL D 219 -4.04 39.68 40.81
N GLN D 220 -2.94 40.42 40.96
CA GLN D 220 -2.89 41.49 41.95
C GLN D 220 -4.01 42.49 41.74
N ASP D 221 -4.38 42.76 40.48
CA ASP D 221 -5.54 43.60 40.23
C ASP D 221 -6.82 42.93 40.72
N ILE D 222 -6.99 41.65 40.40
CA ILE D 222 -8.19 40.92 40.81
C ILE D 222 -8.33 40.92 42.32
N TRP D 223 -7.25 40.58 43.02
CA TRP D 223 -7.26 40.60 44.48
C TRP D 223 -7.61 41.99 45.00
N ASN D 224 -7.24 43.03 44.27
CA ASN D 224 -7.55 44.38 44.71
C ASN D 224 -9.04 44.68 44.61
N ASN D 225 -9.73 44.07 43.65
CA ASN D 225 -11.14 44.35 43.40
C ASN D 225 -12.07 43.33 44.03
N THR D 226 -11.53 42.34 44.75
CA THR D 226 -12.35 41.33 45.38
C THR D 226 -12.04 41.13 46.87
N GLY D 227 -11.12 41.91 47.43
CA GLY D 227 -10.79 41.75 48.83
C GLY D 227 -10.04 40.49 49.15
N LEU D 228 -9.43 39.87 48.16
CA LEU D 228 -8.66 38.65 48.35
C LEU D 228 -7.17 38.97 48.40
N SER D 229 -6.37 37.96 48.72
CA SER D 229 -4.93 38.14 48.86
C SER D 229 -4.24 36.82 48.55
N GLU D 230 -2.91 36.85 48.59
CA GLU D 230 -2.12 35.64 48.39
C GLU D 230 -2.44 34.61 49.46
N GLY D 231 -2.70 33.38 49.03
CA GLY D 231 -3.05 32.30 49.93
C GLY D 231 -4.50 32.26 50.32
N VAL D 232 -5.26 33.31 50.00
CA VAL D 232 -6.68 33.37 50.31
C VAL D 232 -7.45 33.01 49.03
N ARG D 233 -8.33 32.02 49.14
CA ARG D 233 -9.03 31.47 47.99
C ARG D 233 -10.48 31.92 48.01
N HIS D 234 -11.02 32.23 46.84
CA HIS D 234 -12.41 32.64 46.74
C HIS D 234 -13.31 31.50 47.20
N PRO D 235 -14.37 31.80 47.97
CA PRO D 235 -15.21 30.70 48.51
C PRO D 235 -15.81 29.81 47.43
N PHE D 236 -16.20 30.37 46.29
CA PHE D 236 -16.81 29.55 45.25
C PHE D 236 -15.80 28.64 44.56
N THR D 237 -14.51 28.91 44.72
CA THR D 237 -13.50 28.01 44.17
C THR D 237 -13.55 26.65 44.87
N TYR D 238 -13.84 26.65 46.17
CA TYR D 238 -14.02 25.39 46.88
C TYR D 238 -15.18 24.59 46.29
N ILE D 239 -16.28 25.27 45.99
CA ILE D 239 -17.44 24.60 45.40
C ILE D 239 -17.10 24.05 44.03
N MET D 240 -16.41 24.85 43.21
CA MET D 240 -16.03 24.39 41.88
C MET D 240 -15.10 23.19 41.95
N GLU D 241 -14.13 23.21 42.87
CA GLU D 241 -13.22 22.08 43.02
C GLU D 241 -13.94 20.84 43.52
N ALA D 242 -14.89 21.00 44.45
CA ALA D 242 -15.66 19.86 44.92
C ALA D 242 -16.50 19.27 43.81
N CYS D 243 -17.13 20.11 42.99
CA CYS D 243 -17.90 19.61 41.86
C CYS D 243 -17.00 18.91 40.85
N ASP D 244 -15.80 19.45 40.62
CA ASP D 244 -14.85 18.81 39.73
C ASP D 244 -14.48 17.43 40.23
N ASP D 245 -14.20 17.31 41.54
CA ASP D 245 -13.84 16.01 42.10
C ASP D 245 -15.01 15.02 42.01
N ILE D 246 -16.22 15.48 42.31
CA ILE D 246 -17.39 14.61 42.24
C ILE D 246 -17.59 14.11 40.82
N ALA D 247 -17.51 15.02 39.85
CA ALA D 247 -17.64 14.62 38.45
C ALA D 247 -16.56 13.62 38.07
N TYR D 248 -15.30 13.95 38.38
CA TYR D 248 -14.20 13.03 38.12
C TYR D 248 -14.53 11.63 38.62
N SER D 249 -14.73 11.49 39.92
CA SER D 249 -14.92 10.17 40.51
C SER D 249 -16.13 9.45 39.91
N VAL D 250 -17.32 10.04 40.07
CA VAL D 250 -18.54 9.33 39.71
C VAL D 250 -18.58 9.04 38.21
N LEU D 251 -18.29 10.05 37.39
CA LEU D 251 -18.42 9.87 35.95
C LEU D 251 -17.31 9.02 35.37
N ASP D 252 -16.12 9.02 35.96
CA ASP D 252 -15.09 8.08 35.52
C ASP D 252 -15.48 6.65 35.88
N ALA D 253 -16.09 6.45 37.04
CA ALA D 253 -16.61 5.12 37.36
C ALA D 253 -17.67 4.71 36.36
N GLU D 254 -18.56 5.62 35.99
CA GLU D 254 -19.60 5.31 35.02
C GLU D 254 -19.00 4.97 33.66
N ASP D 255 -17.98 5.71 33.23
CA ASP D 255 -17.31 5.42 31.98
C ASP D 255 -16.60 4.07 32.02
N ILE D 256 -16.01 3.72 33.17
CA ILE D 256 -15.37 2.42 33.32
C ILE D 256 -16.40 1.31 33.15
N ILE D 257 -17.55 1.46 33.79
CA ILE D 257 -18.60 0.45 33.67
C ILE D 257 -19.10 0.37 32.23
N LYS D 258 -19.29 1.53 31.59
CA LYS D 258 -19.83 1.54 30.23
C LYS D 258 -18.87 0.89 29.25
N LYS D 259 -17.57 1.16 29.37
CA LYS D 259 -16.59 0.59 28.46
C LYS D 259 -16.39 -0.91 28.68
N GLY D 260 -16.93 -1.48 29.74
CA GLY D 260 -16.79 -2.89 30.02
C GLY D 260 -15.55 -3.28 30.79
N PHE D 261 -14.76 -2.31 31.25
CA PHE D 261 -13.57 -2.64 32.04
C PHE D 261 -13.93 -3.21 33.40
N ALA D 262 -15.14 -2.94 33.88
CA ALA D 262 -15.60 -3.49 35.14
C ALA D 262 -17.13 -3.52 35.12
N SER D 263 -17.70 -4.27 36.04
CA SER D 263 -19.14 -4.42 36.15
C SER D 263 -19.66 -3.61 37.33
N PHE D 264 -20.98 -3.42 37.35
CA PHE D 264 -21.61 -2.72 38.46
C PHE D 264 -21.39 -3.47 39.77
N HIS D 265 -21.48 -4.79 39.74
CA HIS D 265 -21.20 -5.58 40.93
C HIS D 265 -19.76 -5.42 41.39
N ASP D 266 -18.82 -5.25 40.45
CA ASP D 266 -17.44 -5.00 40.84
C ASP D 266 -17.32 -3.70 41.62
N LEU D 267 -17.99 -2.64 41.15
CA LEU D 267 -17.96 -1.37 41.86
C LEU D 267 -18.61 -1.49 43.24
N ILE D 268 -19.74 -2.20 43.31
CA ILE D 268 -20.41 -2.36 44.59
C ILE D 268 -19.54 -3.11 45.58
N ASP D 269 -18.89 -4.18 45.12
CA ASP D 269 -17.99 -4.93 45.99
C ASP D 269 -16.79 -4.09 46.41
N PHE D 270 -16.24 -3.31 45.49
CA PHE D 270 -15.10 -2.46 45.82
C PHE D 270 -15.48 -1.45 46.89
N ILE D 271 -16.64 -0.82 46.76
CA ILE D 271 -17.08 0.14 47.77
C ILE D 271 -17.34 -0.55 49.10
N GLN D 272 -18.01 -1.71 49.06
CA GLN D 272 -18.31 -2.43 50.30
C GLN D 272 -17.05 -2.91 50.98
N SER D 273 -16.09 -3.42 50.22
CA SER D 273 -14.84 -3.93 50.77
C SER D 273 -13.83 -2.84 51.11
N ASN D 274 -14.13 -1.59 50.75
CA ASN D 274 -13.23 -0.50 51.09
C ASN D 274 -13.18 -0.30 52.60
N GLN D 275 -11.97 -0.09 53.12
CA GLN D 275 -11.79 0.01 54.56
C GLN D 275 -12.53 1.22 55.13
N PHE D 276 -12.41 2.37 54.48
CA PHE D 276 -13.04 3.57 55.00
C PHE D 276 -14.54 3.60 54.72
N CYS D 277 -14.97 3.04 53.58
CA CYS D 277 -16.38 3.05 53.25
C CYS D 277 -17.21 2.11 54.12
N LYS D 278 -16.56 1.21 54.85
CA LYS D 278 -17.28 0.45 55.88
C LYS D 278 -17.77 1.40 56.96
N GLU D 279 -18.94 1.08 57.52
CA GLU D 279 -19.64 1.88 58.52
C GLU D 279 -19.60 3.37 58.20
N ASP D 280 -19.80 3.71 56.93
CA ASP D 280 -19.90 5.10 56.48
C ASP D 280 -21.32 5.33 56.01
N ASP D 281 -21.99 6.34 56.58
CA ASP D 281 -23.43 6.50 56.38
C ASP D 281 -23.77 6.73 54.91
N VAL D 282 -23.05 7.63 54.25
CA VAL D 282 -23.36 7.94 52.86
C VAL D 282 -23.09 6.74 51.97
N ALA D 283 -21.96 6.08 52.17
CA ALA D 283 -21.63 4.90 51.36
C ALA D 283 -22.65 3.79 51.57
N LYS D 284 -23.03 3.53 52.82
CA LYS D 284 -24.02 2.49 53.08
C LYS D 284 -25.37 2.83 52.45
N ARG D 285 -25.79 4.09 52.56
CA ARG D 285 -27.06 4.51 51.97
C ARG D 285 -27.06 4.28 50.46
N VAL D 286 -25.99 4.73 49.80
CA VAL D 286 -25.89 4.55 48.35
C VAL D 286 -25.88 3.07 48.00
N ILE D 287 -25.14 2.27 48.76
CA ILE D 287 -25.02 0.84 48.45
C ILE D 287 -26.38 0.16 48.58
N GLU D 288 -27.12 0.45 49.65
CA GLU D 288 -28.42 -0.17 49.84
C GLU D 288 -29.41 0.26 48.76
N ASN D 289 -29.44 1.55 48.43
CA ASN D 289 -30.35 2.01 47.38
C ASN D 289 -30.02 1.34 46.04
N CYS D 290 -28.74 1.28 45.70
CA CYS D 290 -28.34 0.68 44.43
C CYS D 290 -28.63 -0.82 44.42
N LYS D 291 -28.45 -1.50 45.55
CA LYS D 291 -28.75 -2.92 45.61
C LYS D 291 -30.24 -3.18 45.42
N LYS D 292 -31.09 -2.38 46.06
CA LYS D 292 -32.53 -2.54 45.85
C LYS D 292 -32.90 -2.29 44.40
N ILE D 293 -32.37 -1.22 43.80
CA ILE D 293 -32.72 -0.90 42.42
C ILE D 293 -32.21 -1.99 41.47
N HIS D 294 -31.02 -2.52 41.74
CA HIS D 294 -30.48 -3.59 40.91
C HIS D 294 -31.32 -4.85 41.02
N ALA D 295 -31.78 -5.18 42.23
CA ALA D 295 -32.65 -6.32 42.40
C ALA D 295 -33.94 -6.14 41.62
N ASP D 296 -34.52 -4.93 41.65
CA ASP D 296 -35.72 -4.66 40.87
C ASP D 296 -35.45 -4.77 39.37
N TYR D 297 -34.29 -4.27 38.93
CA TYR D 297 -33.98 -4.25 37.50
C TYR D 297 -33.72 -5.65 36.97
N ALA D 298 -33.15 -6.53 37.80
CA ALA D 298 -32.74 -7.84 37.31
C ALA D 298 -33.90 -8.65 36.76
N GLN D 299 -35.13 -8.35 37.21
CA GLN D 299 -36.30 -9.06 36.72
C GLN D 299 -36.51 -8.82 35.23
N GLN D 300 -36.36 -7.57 34.79
CA GLN D 300 -36.53 -7.24 33.38
C GLN D 300 -35.47 -7.93 32.54
N LYS D 301 -35.88 -8.52 31.43
CA LYS D 301 -34.99 -9.27 30.56
C LYS D 301 -34.15 -8.28 29.76
N LEU D 302 -32.92 -8.04 30.21
CA LEU D 302 -31.99 -7.14 29.55
C LEU D 302 -30.65 -7.84 29.35
N SER D 303 -29.93 -7.38 28.32
CA SER D 303 -28.58 -7.87 28.10
C SER D 303 -27.69 -7.45 29.28
N PRO D 304 -26.63 -8.22 29.56
CA PRO D 304 -25.74 -7.83 30.68
C PRO D 304 -25.20 -6.41 30.57
N ALA D 305 -24.88 -5.97 29.35
CA ALA D 305 -24.46 -4.60 29.15
C ALA D 305 -25.57 -3.62 29.52
N GLU D 306 -26.80 -3.93 29.10
CA GLU D 306 -27.93 -3.05 29.40
C GLU D 306 -28.21 -2.99 30.89
N LEU D 307 -28.19 -4.14 31.57
CA LEU D 307 -28.38 -4.15 33.02
C LEU D 307 -27.29 -3.38 33.74
N ASN D 308 -26.04 -3.56 33.31
CA ASN D 308 -24.94 -2.80 33.88
C ASN D 308 -25.14 -1.31 33.67
N ASP D 309 -25.56 -0.91 32.47
CA ASP D 309 -25.78 0.50 32.19
C ASP D 309 -26.87 1.09 33.07
N MET D 310 -27.99 0.38 33.21
CA MET D 310 -29.09 0.89 34.03
C MET D 310 -28.68 1.00 35.50
N SER D 311 -28.02 -0.04 36.01
CA SER D 311 -27.58 -0.01 37.40
C SER D 311 -26.57 1.09 37.64
N MET D 312 -25.65 1.29 36.69
CA MET D 312 -24.64 2.34 36.84
C MET D 312 -25.28 3.72 36.73
N GLN D 313 -26.30 3.89 35.89
CA GLN D 313 -26.98 5.17 35.82
C GLN D 313 -27.68 5.49 37.14
N MET D 314 -28.37 4.50 37.72
CA MET D 314 -29.01 4.74 39.01
C MET D 314 -27.98 5.02 40.10
N PHE D 315 -26.86 4.30 40.08
CA PHE D 315 -25.79 4.57 41.04
C PHE D 315 -25.24 5.97 40.86
N ARG D 316 -25.07 6.41 39.61
CA ARG D 316 -24.59 7.76 39.37
C ARG D 316 -25.55 8.79 39.94
N VAL D 317 -26.85 8.60 39.72
CA VAL D 317 -27.84 9.54 40.25
C VAL D 317 -27.74 9.60 41.77
N TYR D 318 -27.77 8.44 42.42
CA TYR D 318 -27.76 8.41 43.89
C TYR D 318 -26.47 9.01 44.44
N ALA D 319 -25.32 8.60 43.90
CA ALA D 319 -24.04 9.06 44.41
C ALA D 319 -23.85 10.55 44.19
N ILE D 320 -24.23 11.05 43.01
CA ILE D 320 -24.11 12.48 42.74
C ILE D 320 -25.00 13.26 43.68
N ALA D 321 -26.23 12.80 43.89
CA ALA D 321 -27.13 13.51 44.81
C ALA D 321 -26.54 13.54 46.22
N GLU D 322 -26.06 12.39 46.71
CA GLU D 322 -25.52 12.34 48.07
C GLU D 322 -24.28 13.22 48.21
N LEU D 323 -23.37 13.15 47.25
CA LEU D 323 -22.14 13.93 47.33
C LEU D 323 -22.42 15.42 47.22
N VAL D 324 -23.36 15.82 46.35
CA VAL D 324 -23.70 17.22 46.22
C VAL D 324 -24.34 17.73 47.51
N ASP D 325 -25.23 16.94 48.11
CA ASP D 325 -25.84 17.36 49.37
C ASP D 325 -24.80 17.49 50.47
N ALA D 326 -23.86 16.54 50.54
CA ALA D 326 -22.80 16.62 51.54
C ALA D 326 -21.93 17.86 51.33
N VAL D 327 -21.60 18.16 50.07
CA VAL D 327 -20.81 19.34 49.76
C VAL D 327 -21.54 20.61 50.16
N VAL D 328 -22.84 20.67 49.87
CA VAL D 328 -23.64 21.84 50.25
C VAL D 328 -23.64 22.01 51.76
N ILE D 329 -23.84 20.91 52.50
CA ILE D 329 -23.87 20.99 53.96
C ILE D 329 -22.52 21.45 54.50
N ALA D 330 -21.43 20.91 53.96
CA ALA D 330 -20.10 21.30 54.42
C ALA D 330 -19.83 22.77 54.13
N PHE D 331 -20.22 23.24 52.94
CA PHE D 331 -20.01 24.65 52.60
C PHE D 331 -20.83 25.55 53.50
N LYS D 332 -22.08 25.19 53.76
CA LYS D 332 -22.92 26.01 54.62
C LYS D 332 -22.39 26.06 56.05
N ASP D 333 -21.92 24.92 56.56
CA ASP D 333 -21.43 24.87 57.94
C ASP D 333 -20.13 25.66 58.10
N ASN D 334 -19.27 25.63 57.09
CA ASN D 334 -17.96 26.27 57.17
C ASN D 334 -17.91 27.60 56.43
N ILE D 335 -19.06 28.25 56.24
CA ILE D 335 -19.08 29.49 55.46
C ILE D 335 -18.32 30.60 56.18
N ASN D 336 -18.40 30.64 57.51
CA ASN D 336 -17.70 31.67 58.26
C ASN D 336 -16.18 31.53 58.11
N GLU D 337 -15.68 30.30 58.14
CA GLU D 337 -14.25 30.08 57.95
C GLU D 337 -13.84 30.42 56.52
N PHE D 338 -14.69 30.11 55.54
CA PHE D 338 -14.37 30.42 54.14
C PHE D 338 -14.31 31.92 53.91
N LEU D 339 -15.09 32.70 54.67
CA LEU D 339 -15.08 34.15 54.54
C LEU D 339 -13.98 34.81 55.35
N ASN D 340 -13.17 34.02 56.06
CA ASN D 340 -12.06 34.55 56.85
C ASN D 340 -10.77 34.43 56.06
N ASP D 341 -9.92 35.46 56.17
CA ASP D 341 -8.66 35.48 55.45
C ASP D 341 -7.70 34.39 55.91
N THR D 342 -7.90 33.84 57.10
CA THR D 342 -7.04 32.81 57.66
C THR D 342 -7.64 31.41 57.50
N CYS D 343 -8.34 31.17 56.40
CA CYS D 343 -8.95 29.87 56.18
C CYS D 343 -7.89 28.80 55.96
N GLU D 344 -8.02 27.68 56.69
CA GLU D 344 -7.10 26.56 56.57
C GLU D 344 -7.71 25.37 55.85
N ILE D 345 -8.93 25.50 55.32
CA ILE D 345 -9.57 24.40 54.62
C ILE D 345 -8.85 24.17 53.30
N LYS D 346 -8.50 22.91 53.02
CA LYS D 346 -7.83 22.57 51.78
C LYS D 346 -8.81 22.17 50.67
N ASP D 347 -9.90 21.51 51.02
CA ASP D 347 -10.92 21.13 50.03
C ASP D 347 -12.25 20.97 50.74
N LEU D 348 -13.33 21.12 49.97
CA LEU D 348 -14.66 21.01 50.53
C LEU D 348 -15.08 19.57 50.78
N ILE D 349 -14.57 18.63 49.97
CA ILE D 349 -14.97 17.23 50.11
C ILE D 349 -14.51 16.67 51.44
N SER D 350 -13.27 16.95 51.84
CA SER D 350 -12.71 16.36 53.05
C SER D 350 -13.45 16.82 54.31
N CYS D 351 -14.12 17.96 54.26
CA CYS D 351 -14.91 18.43 55.39
C CYS D 351 -16.36 17.98 55.32
N SER D 352 -16.73 17.20 54.31
CA SER D 352 -18.09 16.73 54.14
C SER D 352 -18.20 15.26 54.54
N SER D 353 -19.44 14.79 54.62
CA SER D 353 -19.71 13.41 54.97
C SER D 353 -19.50 12.46 53.80
N GLY D 354 -19.27 12.97 52.59
CA GLY D 354 -19.08 12.12 51.44
C GLY D 354 -17.63 11.95 51.03
N LYS D 355 -16.70 12.28 51.93
CA LYS D 355 -15.29 12.18 51.59
C LYS D 355 -14.87 10.72 51.41
N ASN D 356 -15.40 9.82 52.24
CA ASN D 356 -15.03 8.41 52.12
C ASN D 356 -15.50 7.81 50.81
N LEU D 357 -16.73 8.13 50.40
CA LEU D 357 -17.25 7.62 49.13
C LEU D 357 -16.44 8.15 47.96
N CYS D 358 -16.09 9.44 48.00
CA CYS D 358 -15.30 10.02 46.93
C CYS D 358 -13.92 9.39 46.85
N GLN D 359 -13.29 9.16 48.02
CA GLN D 359 -11.99 8.50 48.03
C GLN D 359 -12.07 7.09 47.47
N ALA D 360 -13.09 6.34 47.87
CA ALA D 360 -13.25 4.98 47.35
C ALA D 360 -13.49 4.99 45.85
N LEU D 361 -14.30 5.93 45.35
CA LEU D 361 -14.53 6.02 43.92
C LEU D 361 -13.26 6.36 43.17
N LYS D 362 -12.45 7.27 43.73
CA LYS D 362 -11.18 7.62 43.10
C LYS D 362 -10.24 6.42 43.06
N LYS D 363 -10.19 5.65 44.15
CA LYS D 363 -9.35 4.46 44.16
C LYS D 363 -9.84 3.43 43.14
N PHE D 364 -11.16 3.27 43.02
CA PHE D 364 -11.71 2.36 42.03
C PHE D 364 -11.36 2.79 40.62
N ASP D 365 -11.46 4.10 40.35
CA ASP D 365 -11.11 4.61 39.02
C ASP D 365 -9.63 4.40 38.73
N SER D 366 -8.77 4.64 39.72
CA SER D 366 -7.34 4.44 39.52
C SER D 366 -7.02 2.97 39.27
N SER D 367 -7.67 2.07 40.01
CA SER D 367 -7.36 0.65 39.89
C SER D 367 -7.87 0.07 38.58
N ARG D 368 -9.10 0.41 38.19
CA ARG D 368 -9.72 -0.21 37.03
C ARG D 368 -9.67 0.63 35.77
N GLY D 369 -9.78 1.95 35.88
CA GLY D 369 -9.82 2.78 34.69
C GLY D 369 -8.52 3.42 34.28
N TYR D 370 -7.84 4.07 35.23
CA TYR D 370 -6.66 4.84 34.87
C TYR D 370 -5.47 3.94 34.54
N GLN D 371 -5.43 2.74 35.09
CA GLN D 371 -4.35 1.81 34.84
C GLN D 371 -4.71 0.75 33.82
N HIS D 372 -5.84 0.91 33.13
CA HIS D 372 -6.18 -0.01 32.04
C HIS D 372 -5.21 0.16 30.89
N ARG D 373 -5.04 -0.91 30.12
CA ARG D 373 -4.04 -0.90 29.05
C ARG D 373 -4.35 0.15 28.00
N SER D 374 -5.63 0.38 27.71
CA SER D 374 -5.99 1.39 26.72
C SER D 374 -5.60 2.79 27.20
N VAL D 375 -5.86 3.10 28.47
CA VAL D 375 -5.51 4.41 29.00
C VAL D 375 -4.00 4.56 29.08
N LEU D 376 -3.29 3.50 29.46
CA LEU D 376 -1.83 3.56 29.49
C LEU D 376 -1.26 3.78 28.11
N LYS D 377 -1.81 3.11 27.09
CA LYS D 377 -1.35 3.32 25.73
C LYS D 377 -1.64 4.74 25.26
N LEU D 378 -2.82 5.27 25.61
CA LEU D 378 -3.13 6.64 25.25
C LEU D 378 -2.16 7.62 25.91
N GLU D 379 -1.83 7.39 27.18
CA GLU D 379 -0.89 8.27 27.87
C GLU D 379 0.50 8.19 27.26
N LEU D 380 0.95 6.98 26.91
CA LEU D 380 2.27 6.82 26.30
C LEU D 380 2.33 7.51 24.95
N GLU D 381 1.30 7.31 24.12
CA GLU D 381 1.26 7.97 22.82
C GLU D 381 1.24 9.48 22.96
N GLY D 382 0.44 9.99 23.91
CA GLY D 382 0.37 11.42 24.13
C GLY D 382 1.70 11.98 24.58
N SER D 383 2.38 11.28 25.49
CA SER D 383 3.69 11.73 25.94
C SER D 383 4.69 11.77 24.79
N ASN D 384 4.71 10.72 23.98
CA ASN D 384 5.62 10.68 22.83
C ASN D 384 5.33 11.85 21.88
N TYR D 385 4.06 12.02 21.51
CA TYR D 385 3.70 13.08 20.57
C TYR D 385 4.05 14.45 21.12
N ILE D 386 3.69 14.69 22.39
CA ILE D 386 3.90 16.00 22.98
C ILE D 386 5.38 16.32 23.07
N LYS D 387 6.18 15.35 23.53
CA LYS D 387 7.61 15.62 23.68
C LYS D 387 8.30 15.82 22.33
N GLY D 388 7.93 15.01 21.33
CA GLY D 388 8.51 15.20 20.01
C GLY D 388 8.15 16.54 19.40
N LEU D 389 6.87 16.92 19.50
CA LEU D 389 6.44 18.20 18.96
C LEU D 389 7.09 19.36 19.71
N MET D 390 7.24 19.23 21.02
CA MET D 390 7.91 20.27 21.79
C MET D 390 9.37 20.41 21.39
N ASP D 391 10.06 19.29 21.15
CA ASP D 391 11.43 19.38 20.63
C ASP D 391 11.47 20.12 19.30
N MET D 392 10.59 19.73 18.37
CA MET D 392 10.62 20.33 17.04
C MET D 392 10.23 21.81 17.08
N LEU D 393 9.33 22.20 17.99
CA LEU D 393 8.97 23.61 18.11
C LEU D 393 10.07 24.40 18.80
N TRP D 394 10.69 23.82 19.83
CA TRP D 394 11.82 24.48 20.48
C TRP D 394 12.96 24.72 19.52
N LEU D 395 13.10 23.85 18.51
CA LEU D 395 14.11 24.09 17.48
C LEU D 395 13.90 25.43 16.78
N GLY D 396 12.66 25.90 16.69
CA GLY D 396 12.37 27.16 16.03
C GLY D 396 12.01 28.30 16.95
N ILE D 397 11.87 28.02 18.24
CA ILE D 397 11.50 29.04 19.22
C ILE D 397 12.71 29.55 19.98
N LYS D 398 13.60 28.64 20.40
CA LYS D 398 14.71 29.02 21.27
C LYS D 398 15.61 30.05 20.61
N GLY D 399 15.96 31.10 21.36
CA GLY D 399 16.83 32.15 20.89
C GLY D 399 16.13 33.31 20.21
N ARG D 400 14.83 33.21 19.96
CA ARG D 400 14.13 34.28 19.26
C ARG D 400 14.09 35.56 20.08
N ALA D 401 14.08 35.45 21.41
CA ALA D 401 14.05 36.61 22.28
C ALA D 401 15.37 36.92 22.95
N THR D 402 16.20 35.90 23.20
CA THR D 402 17.50 36.16 23.81
C THR D 402 18.44 36.87 22.86
N GLY D 403 18.34 36.56 21.56
CA GLY D 403 19.19 37.18 20.57
C GLY D 403 19.96 36.19 19.72
N ASP D 404 20.29 35.04 20.29
CA ASP D 404 21.00 34.02 19.54
C ASP D 404 20.14 33.50 18.40
N THR D 405 20.76 33.34 17.23
CA THR D 405 20.04 33.13 15.97
C THR D 405 20.17 31.69 15.46
N GLN D 406 20.12 30.70 16.36
CA GLN D 406 20.07 29.33 15.90
C GLN D 406 18.73 28.99 15.27
N TYR D 407 17.68 29.77 15.54
CA TYR D 407 16.34 29.52 15.02
C TYR D 407 16.20 29.89 13.56
N ASP D 408 17.09 30.73 13.01
CA ASP D 408 16.92 31.26 11.66
C ASP D 408 17.36 30.21 10.63
N THR D 409 16.55 29.16 10.55
CA THR D 409 16.68 28.10 9.57
C THR D 409 15.32 27.92 8.91
N PRO D 410 15.28 27.37 7.68
CA PRO D 410 13.97 27.17 7.04
C PRO D 410 13.02 26.33 7.88
N PHE D 411 13.52 25.29 8.55
CA PHE D 411 12.67 24.51 9.45
C PHE D 411 12.23 25.34 10.64
N GLY D 412 13.14 26.12 11.22
CA GLY D 412 12.77 26.96 12.34
C GLY D 412 11.76 28.02 11.96
N ARG D 413 11.96 28.65 10.80
CA ARG D 413 11.00 29.64 10.33
C ARG D 413 9.64 29.01 10.06
N TYR D 414 9.63 27.81 9.47
CA TYR D 414 8.36 27.14 9.21
C TYR D 414 7.62 26.81 10.50
N VAL D 415 8.33 26.23 11.48
CA VAL D 415 7.66 25.84 12.72
C VAL D 415 7.22 27.06 13.50
N TYR D 416 7.96 28.17 13.40
CA TYR D 416 7.48 29.41 14.01
C TYR D 416 6.23 29.91 13.31
N GLY D 417 6.17 29.80 11.98
CA GLY D 417 4.99 30.22 11.25
C GLY D 417 3.78 29.34 11.47
N ARG D 418 3.99 28.08 11.87
CA ARG D 418 2.88 27.19 12.17
C ARG D 418 2.25 27.46 13.53
N ILE D 419 2.92 28.20 14.40
CA ILE D 419 2.34 28.56 15.68
C ILE D 419 1.22 29.57 15.46
N SER D 420 0.21 29.53 16.33
CA SER D 420 -0.94 30.42 16.21
C SER D 420 -0.48 31.88 16.29
N GLU D 421 -1.13 32.73 15.47
CA GLU D 421 -0.67 34.11 15.32
C GLU D 421 -0.81 34.89 16.62
N ASN D 422 -1.87 34.63 17.38
CA ASN D 422 -2.08 35.35 18.64
C ASN D 422 -0.95 35.07 19.63
N TYR D 423 -0.54 33.81 19.75
CA TYR D 423 0.55 33.47 20.66
C TYR D 423 1.85 34.15 20.23
N ARG D 424 2.12 34.17 18.93
CA ARG D 424 3.31 34.86 18.44
C ARG D 424 3.25 36.36 18.71
N ARG D 425 2.07 36.95 18.55
CA ARG D 425 1.91 38.38 18.83
C ARG D 425 2.18 38.69 20.30
N ILE D 426 1.67 37.85 21.19
CA ILE D 426 1.95 38.03 22.61
C ILE D 426 3.43 37.84 22.90
N PHE D 427 4.06 36.87 22.23
CA PHE D 427 5.49 36.64 22.42
C PHE D 427 6.32 37.83 21.97
N GLU D 428 5.93 38.47 20.88
CA GLU D 428 6.70 39.59 20.32
C GLU D 428 6.44 40.90 21.04
N GLN D 429 5.47 40.95 21.95
CA GLN D 429 5.21 42.17 22.71
C GLN D 429 6.38 42.47 23.64
N GLU D 430 6.62 43.76 23.87
CA GLU D 430 7.67 44.20 24.76
C GLU D 430 7.12 44.34 26.17
N ASN D 431 7.72 43.62 27.12
CA ASN D 431 7.32 43.69 28.51
C ASN D 431 8.56 43.41 29.37
N ASN D 432 8.33 43.22 30.66
CA ASN D 432 9.42 43.00 31.60
C ASN D 432 9.75 41.53 31.81
N LEU D 433 9.08 40.63 31.10
CA LEU D 433 9.38 39.21 31.25
C LEU D 433 10.76 38.90 30.67
N PRO D 434 11.55 38.04 31.33
CA PRO D 434 12.83 37.63 30.75
C PRO D 434 12.63 36.87 29.45
N ALA D 435 13.64 36.96 28.58
CA ALA D 435 13.53 36.41 27.24
C ALA D 435 13.30 34.90 27.26
N CYS D 436 14.04 34.19 28.10
CA CYS D 436 13.87 32.74 28.20
C CYS D 436 12.46 32.40 28.68
N TYR D 437 11.94 33.17 29.64
CA TYR D 437 10.58 32.98 30.09
C TYR D 437 9.60 33.20 28.94
N LYS D 438 9.84 34.23 28.12
CA LYS D 438 8.94 34.50 27.01
C LYS D 438 8.94 33.35 26.00
N GLU D 439 10.12 32.81 25.69
CA GLU D 439 10.18 31.69 24.76
C GLU D 439 9.48 30.45 25.32
N ALA D 440 9.73 30.14 26.60
CA ALA D 440 9.09 28.99 27.22
C ALA D 440 7.58 29.17 27.27
N GLN D 441 7.11 30.39 27.54
CA GLN D 441 5.67 30.64 27.58
C GLN D 441 5.07 30.54 26.19
N LEU D 442 5.79 30.96 25.16
CA LEU D 442 5.31 30.77 23.79
C LEU D 442 5.14 29.29 23.48
N LEU D 443 6.13 28.48 23.86
CA LEU D 443 6.01 27.04 23.62
C LEU D 443 4.85 26.44 24.40
N ALA D 444 4.69 26.85 25.66
CA ALA D 444 3.61 26.32 26.50
C ALA D 444 2.24 26.71 25.94
N ASP D 445 2.09 27.96 25.51
CA ASP D 445 0.84 28.40 24.92
C ASP D 445 0.54 27.64 23.64
N ALA D 446 1.56 27.42 22.80
CA ALA D 446 1.34 26.69 21.56
C ALA D 446 0.89 25.25 21.85
N ILE D 447 1.58 24.57 22.77
CA ILE D 447 1.27 23.16 23.01
C ILE D 447 -0.08 23.01 23.71
N SER D 448 -0.36 23.87 24.70
CA SER D 448 -1.56 23.71 25.50
C SER D 448 -2.83 23.93 24.68
N GLY D 449 -2.79 24.83 23.71
CA GLY D 449 -3.98 25.15 22.94
C GLY D 449 -4.37 24.15 21.88
N MET D 450 -3.53 23.14 21.63
CA MET D 450 -3.82 22.17 20.60
C MET D 450 -4.74 21.06 21.11
N THR D 451 -5.53 20.51 20.20
CA THR D 451 -6.30 19.31 20.47
C THR D 451 -5.45 18.08 20.16
N ASP D 452 -5.99 16.90 20.50
CA ASP D 452 -5.24 15.67 20.28
C ASP D 452 -4.96 15.44 18.80
N SER D 453 -6.01 15.50 17.97
CA SER D 453 -5.84 15.22 16.55
C SER D 453 -4.97 16.27 15.89
N TYR D 454 -5.16 17.54 16.22
CA TYR D 454 -4.33 18.59 15.65
C TYR D 454 -2.88 18.43 16.06
N LEU D 455 -2.63 18.10 17.32
CA LEU D 455 -1.26 17.88 17.77
C LEU D 455 -0.62 16.73 17.04
N ILE D 456 -1.36 15.62 16.86
CA ILE D 456 -0.80 14.47 16.14
C ILE D 456 -0.49 14.84 14.70
N ALA D 457 -1.42 15.56 14.05
CA ALA D 457 -1.20 15.94 12.65
C ALA D 457 0.01 16.85 12.50
N LEU D 458 0.13 17.85 13.39
CA LEU D 458 1.28 18.75 13.32
C LEU D 458 2.58 18.01 13.61
N HIS D 459 2.55 17.08 14.57
CA HIS D 459 3.74 16.30 14.87
C HIS D 459 4.17 15.48 13.66
N ASP D 460 3.22 14.83 12.99
CA ASP D 460 3.54 14.05 11.80
C ASP D 460 4.09 14.93 10.69
N GLU D 461 3.47 16.10 10.47
CA GLU D 461 3.95 17.02 9.44
C GLU D 461 5.38 17.45 9.71
N LEU D 462 5.64 17.92 10.93
CA LEU D 462 6.98 18.40 11.25
C LEU D 462 8.00 17.27 11.21
N ARG D 463 7.64 16.08 11.67
CA ARG D 463 8.54 14.94 11.61
C ARG D 463 8.88 14.59 10.17
N ALA D 464 7.90 14.66 9.27
CA ALA D 464 8.17 14.43 7.86
C ALA D 464 9.10 15.50 7.31
N LEU D 465 8.91 16.76 7.72
CA LEU D 465 9.72 17.85 7.19
C LEU D 465 11.06 18.03 7.89
N HIS D 466 11.29 17.32 9.00
CA HIS D 466 12.51 17.49 9.79
C HIS D 466 13.58 16.47 9.43
N GLN D 467 13.37 15.66 8.41
CA GLN D 467 14.26 14.54 8.15
C GLN D 467 15.68 15.01 7.82
N TYR D 468 15.81 16.04 6.97
CA TYR D 468 17.14 16.46 6.56
C TYR D 468 17.87 17.17 7.70
N GLU D 469 17.20 18.10 8.38
CA GLU D 469 17.86 18.88 9.42
C GLU D 469 18.15 18.04 10.66
N CYS D 470 17.47 16.90 10.84
CA CYS D 470 17.73 16.06 12.00
C CYS D 470 19.14 15.51 11.97
N ARG D 471 19.61 15.07 10.80
CA ARG D 471 20.95 14.51 10.67
C ARG D 471 21.81 15.40 9.76
N GLY E 1 -16.23 45.43 -54.57
CA GLY E 1 -16.06 45.99 -53.24
C GLY E 1 -14.80 45.55 -52.56
N SER E 2 -14.00 46.51 -52.10
CA SER E 2 -12.75 46.24 -51.41
C SER E 2 -12.80 46.83 -50.01
N MET E 3 -12.43 46.04 -49.01
CA MET E 3 -12.41 46.51 -47.64
C MET E 3 -11.27 47.50 -47.43
N HIS E 4 -11.44 48.37 -46.46
CA HIS E 4 -10.48 49.43 -46.16
C HIS E 4 -9.75 49.13 -44.86
N TRP E 5 -8.46 49.47 -44.82
CA TRP E 5 -7.66 49.22 -43.63
C TRP E 5 -8.12 50.02 -42.43
N ASN E 6 -8.81 51.15 -42.65
CA ASN E 6 -9.32 51.92 -41.52
C ASN E 6 -10.35 51.12 -40.73
N ASP E 7 -11.23 50.40 -41.43
CA ASP E 7 -12.20 49.56 -40.74
C ASP E 7 -11.54 48.30 -40.18
N LEU E 8 -10.64 47.70 -40.95
CA LEU E 8 -9.99 46.46 -40.49
C LEU E 8 -9.11 46.69 -39.27
N LEU E 9 -8.54 47.89 -39.13
CA LEU E 9 -7.73 48.25 -37.98
C LEU E 9 -8.49 49.12 -37.00
N ASN E 10 -9.79 48.88 -36.85
CA ASN E 10 -10.61 49.66 -35.94
C ASN E 10 -10.14 49.44 -34.50
N SER E 11 -9.76 50.52 -33.84
CA SER E 11 -9.27 50.48 -32.47
C SER E 11 -10.37 50.70 -31.44
N ASN E 12 -11.62 50.86 -31.88
CA ASN E 12 -12.71 51.00 -30.94
C ASN E 12 -13.02 49.65 -30.29
N ARG E 13 -13.72 49.71 -29.16
CA ARG E 13 -14.07 48.53 -28.39
C ARG E 13 -15.57 48.39 -28.28
N ARG E 14 -16.03 47.16 -28.05
CA ARG E 14 -17.47 46.90 -28.01
C ARG E 14 -18.14 47.64 -26.87
N LYS E 15 -17.51 47.67 -25.70
CA LYS E 15 -18.10 48.33 -24.55
C LYS E 15 -18.08 49.84 -24.75
N PRO E 16 -19.22 50.52 -24.71
CA PRO E 16 -19.31 51.98 -24.90
C PRO E 16 -18.56 52.76 -23.82
N ARG E 31 0.17 54.19 -24.33
CA ARG E 31 0.07 52.99 -25.14
C ARG E 31 -1.09 53.07 -26.12
N GLN E 32 -0.94 52.44 -27.27
CA GLN E 32 -2.05 52.32 -28.20
C GLN E 32 -3.06 51.30 -27.70
N GLN E 33 -4.25 51.33 -28.29
CA GLN E 33 -5.33 50.45 -27.83
C GLN E 33 -5.00 48.99 -28.09
N ILE E 34 -4.42 48.69 -29.25
CA ILE E 34 -4.12 47.30 -29.61
C ILE E 34 -2.99 46.75 -28.73
N GLU E 35 -2.01 47.59 -28.41
CA GLU E 35 -0.98 47.17 -27.46
C GLU E 35 -1.60 46.83 -26.11
N ARG E 36 -2.56 47.64 -25.67
CA ARG E 36 -3.28 47.33 -24.44
C ARG E 36 -4.04 46.02 -24.58
N ASP E 37 -4.58 45.73 -25.76
CA ASP E 37 -5.24 44.44 -25.99
C ASP E 37 -4.28 43.28 -25.79
N TYR E 38 -3.07 43.40 -26.35
CA TYR E 38 -2.08 42.35 -26.17
C TYR E 38 -1.72 42.19 -24.69
N ASP E 39 -1.57 43.31 -23.98
CA ASP E 39 -1.24 43.24 -22.56
C ASP E 39 -2.36 42.55 -21.77
N ARG E 40 -3.61 42.90 -22.06
CA ARG E 40 -4.73 42.27 -21.36
C ARG E 40 -4.79 40.78 -21.66
N ILE E 41 -4.52 40.39 -22.91
CA ILE E 41 -4.51 38.97 -23.25
C ILE E 41 -3.41 38.25 -22.49
N LEU E 42 -2.23 38.87 -22.41
CA LEU E 42 -1.12 38.22 -21.70
C LEU E 42 -1.42 38.08 -20.21
N PHE E 43 -2.03 39.09 -19.61
CA PHE E 43 -2.30 39.06 -18.17
C PHE E 43 -3.56 38.27 -17.82
N ALA E 44 -4.29 37.77 -18.81
CA ALA E 44 -5.52 37.04 -18.54
C ALA E 44 -5.22 35.70 -17.86
N ALA E 45 -6.15 35.27 -17.01
CA ALA E 45 -6.01 33.99 -16.32
C ALA E 45 -5.98 32.80 -17.28
N PRO E 46 -6.84 32.70 -18.30
CA PRO E 46 -6.74 31.56 -19.22
C PRO E 46 -5.40 31.45 -19.93
N THR E 47 -4.75 32.58 -20.20
CA THR E 47 -3.42 32.54 -20.80
C THR E 47 -2.44 31.81 -19.88
N ARG E 48 -2.51 32.08 -18.58
CA ARG E 48 -1.65 31.36 -17.64
C ARG E 48 -2.08 29.91 -17.50
N ARG E 49 -3.39 29.64 -17.55
CA ARG E 49 -3.86 28.26 -17.49
C ARG E 49 -3.42 27.44 -18.69
N LEU E 50 -3.11 28.10 -19.81
CA LEU E 50 -2.63 27.38 -21.00
C LEU E 50 -1.35 26.61 -20.72
N ALA E 51 -0.58 26.98 -19.70
CA ALA E 51 0.66 26.28 -19.39
C ALA E 51 0.43 24.85 -18.95
N ASP E 52 -0.76 24.52 -18.47
CA ASP E 52 -1.07 23.17 -17.99
C ASP E 52 -1.90 22.37 -18.98
N LYS E 53 -2.06 22.86 -20.20
CA LYS E 53 -2.81 22.16 -21.23
C LYS E 53 -1.85 21.54 -22.23
N THR E 54 -2.05 20.25 -22.52
CA THR E 54 -1.18 19.55 -23.45
C THR E 54 -1.34 20.09 -24.86
N GLN E 55 -0.22 20.27 -25.55
CA GLN E 55 -0.24 20.72 -26.94
C GLN E 55 -0.24 19.53 -27.90
N VAL E 56 0.81 18.72 -27.87
CA VAL E 56 0.86 17.48 -28.64
C VAL E 56 1.28 16.33 -27.74
N PHE E 57 2.44 16.47 -27.12
CA PHE E 57 3.07 15.44 -26.31
C PHE E 57 2.73 15.60 -24.85
N PRO E 58 2.82 14.54 -24.06
CA PRO E 58 2.58 14.67 -22.61
C PRO E 58 3.54 15.67 -21.98
N LEU E 59 3.00 16.52 -21.12
CA LEU E 59 3.78 17.57 -20.47
C LEU E 59 4.32 17.15 -19.11
N ASP E 60 3.99 15.95 -18.63
CA ASP E 60 4.50 15.49 -17.35
C ASP E 60 6.01 15.27 -17.42
N LYS E 61 6.51 14.79 -18.55
CA LYS E 61 7.93 14.50 -18.68
C LYS E 61 8.74 15.79 -18.56
N ASN E 62 9.92 15.67 -17.95
CA ASN E 62 10.82 16.81 -17.76
C ASN E 62 11.77 16.86 -18.96
N ASP E 63 11.23 17.34 -20.09
CA ASP E 63 12.01 17.42 -21.31
C ASP E 63 11.77 18.71 -22.08
N SER E 64 11.22 19.74 -21.43
CA SER E 64 10.98 21.04 -22.05
C SER E 64 10.13 20.90 -23.31
N VAL E 65 9.11 20.05 -23.24
CA VAL E 65 8.24 19.84 -24.38
C VAL E 65 7.24 20.98 -24.50
N ARG E 66 6.78 21.22 -25.72
CA ARG E 66 5.87 22.33 -25.98
C ARG E 66 4.53 22.09 -25.31
N THR E 67 4.04 23.12 -24.63
CA THR E 67 2.68 23.17 -24.11
C THR E 67 1.87 24.17 -24.92
N ARG E 68 0.62 24.38 -24.52
CA ARG E 68 -0.21 25.36 -25.21
C ARG E 68 0.33 26.77 -25.03
N LEU E 69 0.88 27.06 -23.84
CA LEU E 69 1.39 28.40 -23.58
C LEU E 69 2.63 28.69 -24.43
N THR E 70 3.59 27.76 -24.44
CA THR E 70 4.79 27.96 -25.23
C THR E 70 4.48 28.03 -26.72
N HIS E 71 3.58 27.16 -27.18
CA HIS E 71 3.18 27.21 -28.59
C HIS E 71 2.50 28.53 -28.92
N SER E 72 1.63 29.02 -28.04
CA SER E 72 0.97 30.29 -28.27
C SER E 72 1.99 31.44 -28.31
N HIS E 73 2.98 31.41 -27.42
CA HIS E 73 3.99 32.46 -27.43
C HIS E 73 4.83 32.41 -28.70
N GLU E 74 5.15 31.20 -29.18
CA GLU E 74 5.91 31.10 -30.42
C GLU E 74 5.11 31.61 -31.60
N VAL E 75 3.82 31.27 -31.67
CA VAL E 75 2.97 31.77 -32.73
C VAL E 75 2.87 33.30 -32.66
N ALA E 76 2.74 33.83 -31.44
CA ALA E 76 2.67 35.28 -31.27
C ALA E 76 3.96 35.95 -31.72
N ASN E 77 5.11 35.35 -31.42
CA ASN E 77 6.38 35.92 -31.85
C ASN E 77 6.52 35.89 -33.37
N LEU E 78 6.12 34.79 -34.00
CA LEU E 78 6.18 34.74 -35.47
C LEU E 78 5.26 35.77 -36.10
N SER E 79 4.05 35.90 -35.56
CA SER E 79 3.12 36.90 -36.08
C SER E 79 3.64 38.31 -35.86
N ARG E 80 4.26 38.56 -34.71
CA ARG E 80 4.82 39.88 -34.44
C ARG E 80 5.96 40.20 -35.39
N GLY E 81 6.81 39.22 -35.69
CA GLY E 81 7.86 39.44 -36.67
C GLY E 81 7.31 39.74 -38.06
N ILE E 82 6.28 39.00 -38.47
CA ILE E 82 5.64 39.27 -39.75
C ILE E 82 5.05 40.68 -39.77
N GLY E 83 4.44 41.09 -38.66
CA GLY E 83 3.90 42.44 -38.59
C GLY E 83 4.99 43.50 -38.62
N MET E 84 6.12 43.21 -37.98
CA MET E 84 7.27 44.11 -38.05
C MET E 84 7.69 44.32 -39.50
N ARG E 85 7.81 43.22 -40.25
CA ARG E 85 8.18 43.33 -41.66
C ARG E 85 7.12 44.09 -42.45
N LEU E 86 5.85 43.81 -42.21
CA LEU E 86 4.78 44.47 -42.95
C LEU E 86 4.72 45.97 -42.68
N ALA E 87 4.88 46.38 -41.43
CA ALA E 87 4.73 47.79 -41.06
C ALA E 87 5.98 48.61 -41.29
N PHE E 88 7.17 48.01 -41.27
CA PHE E 88 8.40 48.75 -41.44
C PHE E 88 8.99 48.64 -42.83
N GLU E 89 8.93 47.45 -43.44
CA GLU E 89 9.50 47.26 -44.77
C GLU E 89 8.45 47.41 -45.87
N LEU E 90 7.46 46.53 -45.89
CA LEU E 90 6.46 46.54 -46.96
C LEU E 90 5.21 47.32 -46.57
N GLU E 91 5.38 48.60 -46.24
CA GLU E 91 4.23 49.41 -45.85
C GLU E 91 3.44 49.88 -47.07
N ASP E 92 4.12 50.46 -48.06
CA ASP E 92 3.45 50.96 -49.24
C ASP E 92 2.88 49.84 -50.10
N ASP E 93 3.40 48.62 -49.96
CA ASP E 93 2.93 47.52 -50.80
C ASP E 93 1.56 47.01 -50.35
N VAL E 94 1.32 46.96 -49.05
CA VAL E 94 0.11 46.36 -48.52
C VAL E 94 -0.81 47.39 -47.87
N PHE E 95 -0.25 48.41 -47.22
CA PHE E 95 -1.07 49.46 -46.60
C PHE E 95 -1.09 50.67 -47.52
N LYS E 96 -1.86 50.54 -48.61
CA LYS E 96 -1.93 51.62 -49.60
C LYS E 96 -2.78 52.78 -49.11
N ASP E 97 -3.93 52.50 -48.51
CA ASP E 97 -4.89 53.53 -48.09
C ASP E 97 -5.14 53.37 -46.60
N VAL E 98 -4.39 54.10 -45.80
CA VAL E 98 -4.50 54.05 -44.34
C VAL E 98 -4.55 55.48 -43.81
N SER E 99 -5.47 55.74 -42.90
CA SER E 99 -5.57 57.05 -42.28
C SER E 99 -4.32 57.37 -41.48
N GLU E 100 -3.99 58.67 -41.39
CA GLU E 100 -2.76 59.09 -40.75
C GLU E 100 -2.78 58.86 -39.25
N ASP E 101 -3.98 58.90 -38.63
CA ASP E 101 -4.05 58.73 -37.18
C ASP E 101 -3.68 57.32 -36.75
N ILE E 102 -3.71 56.37 -37.67
CA ILE E 102 -3.34 54.99 -37.36
C ILE E 102 -1.83 54.86 -37.45
N CYS E 103 -1.20 54.38 -36.37
CA CYS E 103 0.24 54.13 -36.34
C CYS E 103 0.45 52.65 -36.64
N LEU E 104 0.78 52.34 -37.90
CA LEU E 104 0.95 50.95 -38.30
C LEU E 104 2.08 50.29 -37.53
N LYS E 105 3.19 51.00 -37.34
CA LYS E 105 4.37 50.42 -36.71
C LYS E 105 4.09 50.00 -35.28
N ARG E 106 3.09 50.58 -34.64
CA ARG E 106 2.72 50.21 -33.29
C ARG E 106 1.51 49.29 -33.23
N ASP E 107 0.63 49.35 -34.23
CA ASP E 107 -0.62 48.59 -34.21
C ASP E 107 -0.48 47.22 -34.86
N VAL E 108 0.08 47.14 -36.06
CA VAL E 108 0.13 45.87 -36.79
C VAL E 108 0.92 44.81 -36.05
N PRO E 109 2.16 45.05 -35.60
CA PRO E 109 2.86 44.00 -34.84
C PRO E 109 2.13 43.61 -33.57
N ALA E 110 1.59 44.59 -32.85
CA ALA E 110 0.85 44.29 -31.62
C ALA E 110 -0.40 43.48 -31.91
N LEU E 111 -1.12 43.83 -32.98
CA LEU E 111 -2.34 43.10 -33.32
C LEU E 111 -2.02 41.65 -33.69
N LEU E 112 -0.99 41.46 -34.51
CA LEU E 112 -0.63 40.10 -34.90
C LEU E 112 -0.15 39.30 -33.69
N ALA E 113 0.64 39.92 -32.81
CA ALA E 113 1.10 39.23 -31.61
C ALA E 113 -0.07 38.84 -30.72
N ALA E 114 -1.04 39.75 -30.54
CA ALA E 114 -2.19 39.45 -29.70
C ALA E 114 -3.02 38.30 -30.26
N ILE E 115 -3.32 38.35 -31.56
CA ILE E 115 -4.15 37.30 -32.14
C ILE E 115 -3.40 35.97 -32.17
N GLY E 116 -2.07 36.01 -32.29
CA GLY E 116 -1.29 34.79 -32.19
C GLY E 116 -1.30 34.21 -30.79
N LEU E 117 -1.20 35.08 -29.78
CA LEU E 117 -1.15 34.61 -28.39
C LEU E 117 -2.50 34.06 -27.95
N VAL E 118 -3.60 34.65 -28.42
CA VAL E 118 -4.93 34.27 -27.95
C VAL E 118 -5.56 33.17 -28.78
N HIS E 119 -4.92 32.74 -29.87
CA HIS E 119 -5.61 31.90 -30.86
C HIS E 119 -6.03 30.56 -30.30
N ASP E 120 -5.29 30.01 -29.33
CA ASP E 120 -5.59 28.69 -28.77
C ASP E 120 -6.03 28.77 -27.31
N MET E 121 -6.59 29.91 -26.91
CA MET E 121 -6.90 30.11 -25.50
C MET E 121 -8.09 29.28 -25.04
N GLY E 122 -9.05 29.00 -25.92
CA GLY E 122 -10.24 28.27 -25.58
C GLY E 122 -10.26 26.81 -25.98
N ASN E 123 -9.13 26.25 -26.39
CA ASN E 123 -9.10 24.85 -26.79
C ASN E 123 -9.21 23.95 -25.56
N PRO E 124 -9.92 22.83 -25.67
CA PRO E 124 -10.03 21.89 -24.55
C PRO E 124 -8.70 21.21 -24.29
N PRO E 125 -8.53 20.59 -23.13
CA PRO E 125 -7.26 19.94 -22.81
C PRO E 125 -7.04 18.70 -23.66
N PHE E 126 -5.85 18.11 -23.47
CA PHE E 126 -5.47 16.83 -24.09
C PHE E 126 -5.32 16.94 -25.61
N GLY E 127 -4.86 18.10 -26.08
CA GLY E 127 -4.53 18.27 -27.48
C GLY E 127 -5.74 18.18 -28.40
N HIS E 128 -5.51 17.67 -29.60
CA HIS E 128 -6.58 17.54 -30.58
C HIS E 128 -7.61 16.51 -30.13
N GLN E 129 -7.17 15.51 -29.36
CA GLN E 129 -8.07 14.50 -28.87
C GLN E 129 -9.11 15.10 -27.93
N GLY E 130 -8.81 16.24 -27.33
CA GLY E 130 -9.80 16.92 -26.52
C GLY E 130 -11.02 17.34 -27.33
N GLU E 131 -10.77 18.05 -28.44
CA GLU E 131 -11.85 18.43 -29.33
C GLU E 131 -12.54 17.21 -29.90
N LYS E 132 -11.77 16.20 -30.31
CA LYS E 132 -12.37 15.01 -30.90
C LYS E 132 -13.28 14.29 -29.89
N ALA E 133 -12.84 14.16 -28.65
CA ALA E 133 -13.63 13.48 -27.63
C ALA E 133 -14.87 14.28 -27.27
N MET E 134 -14.75 15.61 -27.16
CA MET E 134 -15.92 16.43 -26.90
C MET E 134 -16.94 16.29 -28.03
N SER E 135 -16.47 16.31 -29.27
CA SER E 135 -17.38 16.16 -30.41
C SER E 135 -18.04 14.79 -30.40
N GLU E 136 -17.29 13.74 -30.11
CA GLU E 136 -17.88 12.40 -30.08
C GLU E 136 -18.91 12.28 -28.97
N TRP E 137 -18.60 12.80 -27.78
CA TRP E 137 -19.55 12.74 -26.68
C TRP E 137 -20.82 13.51 -27.01
N PHE E 138 -20.68 14.69 -27.59
CA PHE E 138 -21.86 15.48 -27.93
C PHE E 138 -22.68 14.81 -29.03
N THR E 139 -22.00 14.18 -30.00
CA THR E 139 -22.72 13.46 -31.03
C THR E 139 -23.50 12.29 -30.46
N LYS E 140 -22.91 11.58 -29.49
CA LYS E 140 -23.60 10.43 -28.92
C LYS E 140 -24.74 10.86 -28.01
N ASN E 141 -24.53 11.90 -27.20
CA ASN E 141 -25.50 12.29 -26.18
C ASN E 141 -26.46 13.37 -26.63
N LEU E 142 -26.27 13.95 -27.82
CA LEU E 142 -27.21 14.89 -28.41
C LEU E 142 -27.54 14.38 -29.79
N PRO E 143 -28.37 13.33 -29.89
CA PRO E 143 -28.63 12.71 -31.19
C PRO E 143 -29.25 13.70 -32.17
N GLU E 144 -28.79 13.65 -33.42
CA GLU E 144 -29.34 14.53 -34.45
C GLU E 144 -30.74 14.11 -34.85
N HIS E 145 -31.08 12.83 -34.71
CA HIS E 145 -32.42 12.37 -35.04
C HIS E 145 -33.44 12.76 -33.98
N SER E 146 -33.00 12.93 -32.74
CA SER E 146 -33.91 13.28 -31.67
C SER E 146 -34.51 14.67 -31.89
N ASP E 147 -35.74 14.85 -31.42
CA ASP E 147 -36.43 16.12 -31.60
C ASP E 147 -35.79 17.26 -30.82
N ASN E 148 -35.21 16.96 -29.66
CA ASN E 148 -34.60 18.01 -28.85
C ASN E 148 -33.34 18.57 -29.50
N TYR E 149 -32.59 17.73 -30.20
CA TYR E 149 -31.28 18.11 -30.75
C TYR E 149 -31.26 17.92 -32.26
N LYS E 150 -32.37 18.23 -32.92
CA LYS E 150 -32.46 18.09 -34.37
C LYS E 150 -31.94 19.30 -35.12
N ASP E 151 -32.01 20.49 -34.52
CA ASP E 151 -31.59 21.70 -35.21
C ASP E 151 -30.09 21.69 -35.46
N LYS E 152 -29.67 22.40 -36.51
CA LYS E 152 -28.26 22.47 -36.86
C LYS E 152 -27.44 23.25 -35.84
N ILE E 153 -28.09 24.03 -34.99
CA ILE E 153 -27.35 24.83 -34.01
C ILE E 153 -26.58 23.93 -33.06
N TYR E 154 -27.14 22.77 -32.72
CA TYR E 154 -26.46 21.83 -31.85
C TYR E 154 -25.23 21.23 -32.50
N GLY E 155 -25.07 21.39 -33.81
CA GLY E 155 -23.79 21.06 -34.43
C GLY E 155 -22.64 21.80 -33.79
N ASP E 156 -22.90 23.02 -33.28
CA ASP E 156 -21.90 23.76 -32.52
C ASP E 156 -21.21 22.90 -31.48
N PHE E 157 -21.92 21.90 -30.94
CA PHE E 157 -21.31 20.96 -30.01
C PHE E 157 -21.00 19.61 -30.65
N ARG E 158 -21.77 19.20 -31.67
CA ARG E 158 -21.47 17.94 -32.33
C ARG E 158 -20.20 18.03 -33.15
N HIS E 159 -19.85 19.23 -33.61
CA HIS E 159 -18.59 19.48 -34.29
C HIS E 159 -17.82 20.55 -33.53
N PHE E 160 -17.72 20.39 -32.22
CA PHE E 160 -17.15 21.40 -31.35
C PHE E 160 -15.73 21.78 -31.80
N ASP E 161 -15.48 23.07 -31.86
CA ASP E 161 -14.19 23.60 -32.29
C ASP E 161 -13.70 24.63 -31.27
N GLY E 162 -12.37 24.68 -31.11
CA GLY E 162 -11.78 25.54 -30.10
C GLY E 162 -11.82 27.02 -30.43
N ASN E 163 -11.91 27.38 -31.71
CA ASN E 163 -11.92 28.79 -32.08
C ASN E 163 -13.17 29.49 -31.59
N SER E 164 -14.33 28.85 -31.76
CA SER E 164 -15.58 29.44 -31.28
C SER E 164 -15.55 29.58 -29.76
N GLN E 165 -15.01 28.58 -29.06
CA GLN E 165 -14.91 28.68 -27.61
C GLN E 165 -13.95 29.79 -27.20
N THR E 166 -12.88 29.99 -27.95
CA THR E 166 -11.96 31.10 -27.64
C THR E 166 -12.65 32.44 -27.82
N LEU E 167 -13.42 32.59 -28.89
CA LEU E 167 -14.15 33.84 -29.10
C LEU E 167 -15.18 34.06 -27.99
N ARG E 168 -15.88 33.00 -27.61
CA ARG E 168 -16.83 33.10 -26.50
C ARG E 168 -16.13 33.50 -25.21
N LEU E 169 -14.95 32.93 -24.97
CA LEU E 169 -14.19 33.24 -23.76
C LEU E 169 -13.78 34.71 -23.73
N VAL E 170 -13.30 35.22 -24.86
CA VAL E 170 -12.83 36.60 -24.88
C VAL E 170 -13.96 37.61 -24.96
N THR E 171 -15.18 37.19 -25.32
CA THR E 171 -16.28 38.13 -25.44
C THR E 171 -17.30 38.07 -24.31
N LYS E 172 -17.43 36.95 -23.60
CA LYS E 172 -18.53 36.78 -22.66
C LYS E 172 -18.09 36.38 -21.26
N LEU E 173 -16.80 36.23 -20.99
CA LEU E 173 -16.32 35.69 -19.73
C LEU E 173 -15.66 36.78 -18.89
N GLN E 174 -16.44 37.35 -17.96
CA GLN E 174 -15.92 38.24 -16.94
C GLN E 174 -16.99 38.52 -15.87
N GLY E 179 -20.77 42.45 -19.71
CA GLY E 179 -20.83 41.33 -20.63
C GLY E 179 -19.99 41.54 -21.88
N TYR E 180 -18.75 41.99 -21.68
CA TYR E 180 -17.83 42.23 -22.79
C TYR E 180 -16.48 41.56 -22.63
N GLY E 181 -16.25 40.86 -21.52
CA GLY E 181 -14.99 40.15 -21.35
C GLY E 181 -13.82 41.09 -21.23
N LEU E 182 -12.76 40.81 -21.99
CA LEU E 182 -11.53 41.59 -21.94
C LEU E 182 -11.64 42.93 -22.66
N ASN E 183 -12.74 43.18 -23.37
CA ASN E 183 -12.97 44.42 -24.10
C ASN E 183 -11.86 44.67 -25.12
N LEU E 184 -11.62 43.66 -25.95
CA LEU E 184 -10.64 43.79 -27.03
C LEU E 184 -11.18 44.73 -28.10
N THR E 185 -10.26 45.29 -28.87
CA THR E 185 -10.65 46.18 -29.96
C THR E 185 -11.35 45.40 -31.06
N TYR E 186 -12.06 46.12 -31.92
CA TYR E 186 -12.77 45.48 -33.02
C TYR E 186 -11.80 44.79 -33.98
N ALA E 187 -10.61 45.37 -34.18
CA ALA E 187 -9.63 44.75 -35.05
C ALA E 187 -9.20 43.39 -34.51
N THR E 188 -8.92 43.33 -33.21
CA THR E 188 -8.50 42.07 -32.59
C THR E 188 -9.60 41.03 -32.71
N LEU E 189 -10.84 41.41 -32.34
CA LEU E 189 -11.95 40.46 -32.39
C LEU E 189 -12.21 39.98 -33.81
N ALA E 190 -12.12 40.89 -34.78
CA ALA E 190 -12.31 40.50 -36.17
C ALA E 190 -11.23 39.52 -36.61
N SER E 191 -9.98 39.76 -36.20
CA SER E 191 -8.91 38.83 -36.56
C SER E 191 -9.02 37.50 -35.81
N MET E 192 -9.73 37.47 -34.68
CA MET E 192 -9.91 36.21 -33.96
C MET E 192 -10.78 35.23 -34.74
N ILE E 193 -11.75 35.74 -35.50
CA ILE E 193 -12.71 34.88 -36.18
C ILE E 193 -11.97 34.16 -37.32
N LYS E 194 -11.65 32.89 -37.11
CA LYS E 194 -10.90 32.11 -38.09
C LYS E 194 -11.78 31.62 -39.23
N TYR E 195 -13.01 31.23 -38.94
CA TYR E 195 -13.94 30.79 -39.97
C TYR E 195 -15.18 31.68 -39.94
N PRO E 196 -15.35 32.60 -40.88
CA PRO E 196 -16.45 33.57 -40.80
C PRO E 196 -17.81 32.97 -41.15
N ARG E 197 -18.20 31.94 -40.39
CA ARG E 197 -19.51 31.32 -40.57
C ARG E 197 -19.86 30.56 -39.31
N SER E 198 -21.15 30.28 -39.15
CA SER E 198 -21.68 29.50 -38.05
C SER E 198 -22.13 28.13 -38.54
N SER E 199 -22.47 27.26 -37.59
CA SER E 199 -22.96 25.93 -37.94
C SER E 199 -24.28 26.01 -38.70
N GLU E 200 -25.10 27.01 -38.40
CA GLU E 200 -26.32 27.22 -39.16
C GLU E 200 -26.04 27.58 -40.61
N SER E 201 -24.96 28.32 -40.85
CA SER E 201 -24.58 28.70 -42.20
C SER E 201 -24.10 27.48 -42.99
N ASP E 202 -24.14 27.61 -44.30
CA ASP E 202 -23.76 26.54 -45.22
C ASP E 202 -22.70 27.03 -46.21
N SER E 203 -21.68 27.71 -45.71
CA SER E 203 -20.62 28.23 -46.56
C SER E 203 -19.80 27.08 -47.12
N SER E 204 -19.59 27.09 -48.45
CA SER E 204 -18.73 26.09 -49.07
C SER E 204 -17.26 26.40 -48.88
N LEU E 205 -16.90 27.68 -48.75
CA LEU E 205 -15.50 28.06 -48.61
C LEU E 205 -14.90 27.50 -47.33
N TRP E 206 -15.64 27.60 -46.22
CA TRP E 206 -15.18 27.14 -44.92
C TRP E 206 -16.02 25.94 -44.48
N LYS E 207 -15.36 24.86 -44.10
CA LYS E 207 -16.02 23.64 -43.68
C LYS E 207 -16.20 23.55 -42.16
N LYS E 208 -15.79 24.58 -41.43
CA LYS E 208 -15.94 24.61 -39.98
C LYS E 208 -16.61 25.91 -39.56
N HIS E 209 -17.38 25.83 -38.49
CA HIS E 209 -18.00 27.03 -37.92
C HIS E 209 -16.99 27.76 -37.05
N GLY E 210 -17.04 29.09 -37.10
CA GLY E 210 -16.07 29.90 -36.38
C GLY E 210 -16.60 30.54 -35.11
N PHE E 211 -17.91 30.50 -34.90
CA PHE E 211 -18.49 31.07 -33.70
C PHE E 211 -19.76 30.32 -33.34
N PHE E 212 -20.12 30.38 -32.07
CA PHE E 212 -21.31 29.73 -31.56
C PHE E 212 -22.55 30.54 -31.90
N LEU E 213 -23.71 29.92 -31.69
CA LEU E 213 -24.97 30.64 -31.85
C LEU E 213 -25.08 31.77 -30.82
N SER E 214 -24.60 31.52 -29.60
CA SER E 214 -24.66 32.52 -28.55
C SER E 214 -23.85 33.76 -28.88
N GLU E 215 -22.87 33.65 -29.79
CA GLU E 215 -22.08 34.79 -30.22
C GLU E 215 -22.58 35.37 -31.53
N LYS E 216 -23.70 34.86 -32.06
CA LYS E 216 -24.17 35.28 -33.38
C LYS E 216 -24.36 36.78 -33.44
N ASP E 217 -24.91 37.39 -32.39
CA ASP E 217 -25.04 38.84 -32.36
C ASP E 217 -23.67 39.51 -32.30
N VAL E 218 -22.81 39.03 -31.41
CA VAL E 218 -21.55 39.73 -31.16
C VAL E 218 -20.73 39.84 -32.44
N VAL E 219 -20.55 38.72 -33.13
CA VAL E 219 -19.77 38.74 -34.37
C VAL E 219 -20.42 39.68 -35.37
N GLN E 220 -21.75 39.71 -35.41
CA GLN E 220 -22.44 40.64 -36.29
C GLN E 220 -22.01 42.07 -35.99
N ASP E 221 -21.99 42.43 -34.70
CA ASP E 221 -21.52 43.75 -34.33
C ASP E 221 -20.10 43.98 -34.82
N ILE E 222 -19.24 42.96 -34.67
CA ILE E 222 -17.87 43.06 -35.19
C ILE E 222 -17.92 43.28 -36.70
N TRP E 223 -18.74 42.50 -37.39
CA TRP E 223 -18.86 42.66 -38.84
C TRP E 223 -19.43 44.02 -39.20
N ASN E 224 -20.15 44.66 -38.28
CA ASN E 224 -20.67 45.99 -38.53
C ASN E 224 -19.68 47.10 -38.25
N ASN E 225 -18.54 46.78 -37.62
CA ASN E 225 -17.56 47.79 -37.27
C ASN E 225 -16.23 47.64 -37.99
N THR E 226 -15.99 46.51 -38.67
CA THR E 226 -14.74 46.28 -39.37
C THR E 226 -14.92 46.15 -40.87
N GLY E 227 -16.13 46.30 -41.39
CA GLY E 227 -16.37 46.14 -42.81
C GLY E 227 -16.41 44.71 -43.29
N LEU E 228 -16.37 43.74 -42.38
CA LEU E 228 -16.40 42.34 -42.75
C LEU E 228 -17.85 41.85 -42.84
N SER E 229 -18.00 40.60 -43.26
CA SER E 229 -19.31 39.98 -43.37
C SER E 229 -19.13 38.47 -43.32
N GLU E 230 -20.25 37.75 -43.41
CA GLU E 230 -20.20 36.29 -43.38
C GLU E 230 -19.40 35.76 -44.56
N GLY E 231 -18.48 34.84 -44.29
CA GLY E 231 -17.66 34.23 -45.29
C GLY E 231 -16.43 35.02 -45.68
N VAL E 232 -16.27 36.23 -45.16
CA VAL E 232 -15.12 37.07 -45.47
C VAL E 232 -14.19 37.07 -44.27
N ARG E 233 -12.94 36.69 -44.50
CA ARG E 233 -11.95 36.58 -43.44
C ARG E 233 -11.17 37.87 -43.30
N HIS E 234 -10.81 38.20 -42.07
CA HIS E 234 -9.91 39.32 -41.84
C HIS E 234 -8.55 39.00 -42.43
N PRO E 235 -7.89 39.96 -43.10
CA PRO E 235 -6.60 39.65 -43.73
C PRO E 235 -5.56 39.12 -42.77
N PHE E 236 -5.55 39.60 -41.52
CA PHE E 236 -4.55 39.14 -40.56
C PHE E 236 -4.86 37.74 -40.04
N THR E 237 -6.08 37.27 -40.22
CA THR E 237 -6.41 35.90 -39.84
C THR E 237 -5.61 34.91 -40.68
N TYR E 238 -5.40 35.22 -41.96
CA TYR E 238 -4.56 34.37 -42.81
C TYR E 238 -3.13 34.31 -42.28
N ILE E 239 -2.58 35.45 -41.86
CA ILE E 239 -1.24 35.49 -41.33
C ILE E 239 -1.15 34.67 -40.04
N MET E 240 -2.14 34.83 -39.15
CA MET E 240 -2.14 34.07 -37.90
C MET E 240 -2.24 32.58 -38.16
N GLU E 241 -3.09 32.17 -39.10
CA GLU E 241 -3.21 30.75 -39.43
C GLU E 241 -1.93 30.21 -40.04
N ALA E 242 -1.27 31.00 -40.90
CA ALA E 242 0.00 30.56 -41.47
C ALA E 242 1.06 30.40 -40.39
N CYS E 243 1.11 31.35 -39.45
CA CYS E 243 2.07 31.23 -38.36
C CYS E 243 1.76 30.01 -37.49
N ASP E 244 0.48 29.74 -37.26
CA ASP E 244 0.09 28.55 -36.50
C ASP E 244 0.55 27.28 -37.20
N ASP E 245 0.34 27.21 -38.52
CA ASP E 245 0.76 26.02 -39.28
C ASP E 245 2.27 25.87 -39.26
N ILE E 246 3.01 26.97 -39.43
CA ILE E 246 4.46 26.91 -39.40
C ILE E 246 4.94 26.42 -38.04
N ALA E 247 4.36 26.97 -36.97
CA ALA E 247 4.75 26.56 -35.63
C ALA E 247 4.49 25.08 -35.42
N TYR E 248 3.28 24.62 -35.74
CA TYR E 248 2.97 23.20 -35.68
C TYR E 248 4.03 22.38 -36.39
N SER E 249 4.18 22.62 -37.70
CA SER E 249 5.02 21.75 -38.53
C SER E 249 6.47 21.74 -38.07
N VAL E 250 7.00 22.90 -37.68
CA VAL E 250 8.43 22.97 -37.38
C VAL E 250 8.71 22.52 -35.95
N LEU E 251 8.03 23.11 -34.96
CA LEU E 251 8.36 22.77 -33.59
C LEU E 251 7.86 21.38 -33.19
N ASP E 252 6.85 20.83 -33.86
CA ASP E 252 6.51 19.44 -33.60
C ASP E 252 7.64 18.51 -34.03
N ALA E 253 8.23 18.77 -35.19
CA ALA E 253 9.39 18.00 -35.63
C ALA E 253 10.57 18.20 -34.67
N GLU E 254 10.77 19.43 -34.21
CA GLU E 254 11.85 19.68 -33.26
C GLU E 254 11.64 18.88 -31.97
N ASP E 255 10.41 18.85 -31.47
CA ASP E 255 10.11 18.06 -30.28
C ASP E 255 10.27 16.57 -30.53
N ILE E 256 9.91 16.12 -31.74
CA ILE E 256 10.07 14.71 -32.09
C ILE E 256 11.54 14.31 -32.02
N ILE E 257 12.41 15.15 -32.59
CA ILE E 257 13.84 14.85 -32.53
C ILE E 257 14.35 14.96 -31.10
N LYS E 258 13.86 15.94 -30.34
CA LYS E 258 14.32 16.14 -28.98
C LYS E 258 13.98 14.94 -28.09
N LYS E 259 12.79 14.39 -28.25
CA LYS E 259 12.37 13.25 -27.44
C LYS E 259 13.04 11.96 -27.88
N GLY E 260 13.74 11.96 -29.00
CA GLY E 260 14.40 10.76 -29.49
C GLY E 260 13.53 9.87 -30.35
N PHE E 261 12.30 10.29 -30.68
CA PHE E 261 11.45 9.50 -31.54
C PHE E 261 11.98 9.41 -32.96
N ALA E 262 12.88 10.32 -33.34
CA ALA E 262 13.52 10.30 -34.64
C ALA E 262 14.82 11.09 -34.54
N SER E 263 15.62 11.00 -35.59
CA SER E 263 16.90 11.68 -35.65
C SER E 263 16.85 12.78 -36.70
N PHE E 264 17.85 13.66 -36.65
CA PHE E 264 17.95 14.73 -37.63
C PHE E 264 18.14 14.15 -39.03
N HIS E 265 18.97 13.11 -39.16
CA HIS E 265 19.16 12.47 -40.45
C HIS E 265 17.86 11.84 -40.94
N ASP E 266 17.03 11.32 -40.03
CA ASP E 266 15.73 10.80 -40.41
C ASP E 266 14.86 11.89 -41.01
N LEU E 267 14.84 13.07 -40.39
CA LEU E 267 14.06 14.18 -40.93
C LEU E 267 14.59 14.61 -42.29
N ILE E 268 15.91 14.68 -42.44
CA ILE E 268 16.49 15.08 -43.72
C ILE E 268 16.14 14.07 -44.81
N ASP E 269 16.23 12.78 -44.49
CA ASP E 269 15.88 11.75 -45.45
C ASP E 269 14.40 11.80 -45.81
N PHE E 270 13.54 12.04 -44.82
CA PHE E 270 12.11 12.14 -45.09
C PHE E 270 11.82 13.31 -46.02
N ILE E 271 12.45 14.46 -45.79
CA ILE E 271 12.22 15.62 -46.64
C ILE E 271 12.74 15.37 -48.04
N GLN E 272 13.94 14.79 -48.16
CA GLN E 272 14.52 14.54 -49.47
C GLN E 272 13.71 13.53 -50.27
N SER E 273 13.22 12.48 -49.61
CA SER E 273 12.46 11.45 -50.29
C SER E 273 11.00 11.82 -50.50
N ASN E 274 10.55 12.94 -49.96
CA ASN E 274 9.18 13.37 -50.19
C ASN E 274 8.96 13.69 -51.66
N GLN E 275 7.80 13.27 -52.18
CA GLN E 275 7.56 13.38 -53.62
C GLN E 275 7.57 14.84 -54.08
N PHE E 276 6.94 15.73 -53.32
CA PHE E 276 6.82 17.12 -53.73
C PHE E 276 8.00 17.98 -53.32
N CYS E 277 8.91 17.46 -52.50
CA CYS E 277 10.07 18.23 -52.05
C CYS E 277 11.34 17.89 -52.80
N LYS E 278 11.29 16.96 -53.76
CA LYS E 278 12.48 16.64 -54.54
C LYS E 278 12.86 17.80 -55.46
N GLU E 279 11.87 18.50 -56.01
CA GLU E 279 12.11 19.62 -56.90
C GLU E 279 11.78 20.97 -56.26
N ASP E 280 11.28 20.98 -55.02
CA ASP E 280 10.93 22.23 -54.37
C ASP E 280 12.17 23.04 -54.05
N ASP E 281 12.17 24.31 -54.47
CA ASP E 281 13.35 25.14 -54.28
C ASP E 281 13.61 25.42 -52.81
N VAL E 282 12.58 25.75 -52.05
CA VAL E 282 12.74 26.07 -50.63
C VAL E 282 13.25 24.85 -49.87
N ALA E 283 12.63 23.69 -50.13
CA ALA E 283 13.05 22.47 -49.43
C ALA E 283 14.49 22.11 -49.76
N LYS E 284 14.86 22.21 -51.04
CA LYS E 284 16.23 21.90 -51.43
C LYS E 284 17.22 22.85 -50.80
N ARG E 285 16.88 24.15 -50.76
CA ARG E 285 17.77 25.12 -50.12
C ARG E 285 17.95 24.83 -48.63
N VAL E 286 16.85 24.52 -47.94
CA VAL E 286 16.93 24.22 -46.51
C VAL E 286 17.76 22.97 -46.28
N ILE E 287 17.54 21.93 -47.10
CA ILE E 287 18.29 20.68 -46.95
C ILE E 287 19.77 20.92 -47.18
N GLU E 288 20.11 21.70 -48.21
CA GLU E 288 21.52 21.96 -48.51
C GLU E 288 22.19 22.74 -47.38
N ASN E 289 21.50 23.75 -46.85
CA ASN E 289 22.08 24.51 -45.74
C ASN E 289 22.26 23.64 -44.51
N CYS E 290 21.29 22.77 -44.22
CA CYS E 290 21.39 21.90 -43.06
C CYS E 290 22.52 20.88 -43.23
N LYS E 291 22.68 20.35 -44.45
CA LYS E 291 23.80 19.46 -44.71
C LYS E 291 25.13 20.16 -44.51
N LYS E 292 25.25 21.40 -45.00
CA LYS E 292 26.48 22.15 -44.82
C LYS E 292 26.79 22.37 -43.35
N ILE E 293 25.76 22.72 -42.56
CA ILE E 293 25.99 22.99 -41.14
C ILE E 293 26.34 21.69 -40.40
N HIS E 294 25.62 20.60 -40.70
CA HIS E 294 25.89 19.33 -40.06
C HIS E 294 27.27 18.80 -40.41
N ALA E 295 27.80 19.18 -41.58
CA ALA E 295 29.17 18.80 -41.93
C ALA E 295 30.18 19.41 -40.97
N ASP E 296 29.87 20.55 -40.36
CA ASP E 296 30.77 21.18 -39.40
C ASP E 296 30.45 20.82 -37.96
N TYR E 297 29.17 20.62 -37.63
CA TYR E 297 28.80 20.31 -36.25
C TYR E 297 29.31 18.95 -35.78
N ALA E 298 29.59 18.03 -36.71
CA ALA E 298 30.01 16.69 -36.32
C ALA E 298 31.47 16.64 -35.88
N GLN E 299 32.28 17.65 -36.23
CA GLN E 299 33.69 17.62 -35.86
C GLN E 299 33.88 17.69 -34.36
N GLN E 300 33.14 18.57 -33.68
CA GLN E 300 33.26 18.70 -32.24
C GLN E 300 32.72 17.46 -31.53
N LYS E 301 33.36 17.10 -30.44
CA LYS E 301 32.98 15.92 -29.66
C LYS E 301 31.62 16.20 -29.01
N LEU E 302 30.57 15.63 -29.57
CA LEU E 302 29.22 15.81 -29.08
C LEU E 302 28.53 14.46 -28.98
N SER E 303 27.68 14.31 -27.98
CA SER E 303 26.85 13.12 -27.87
C SER E 303 25.87 13.07 -29.03
N PRO E 304 25.41 11.87 -29.42
CA PRO E 304 24.41 11.79 -30.50
C PRO E 304 23.17 12.62 -30.23
N ALA E 305 22.71 12.66 -28.98
CA ALA E 305 21.60 13.54 -28.63
C ALA E 305 21.99 15.01 -28.80
N GLU E 306 23.21 15.37 -28.39
CA GLU E 306 23.65 16.75 -28.50
C GLU E 306 23.78 17.19 -29.95
N LEU E 307 24.37 16.32 -30.79
CA LEU E 307 24.48 16.63 -32.21
C LEU E 307 23.11 16.72 -32.85
N ASN E 308 22.20 15.83 -32.48
CA ASN E 308 20.84 15.89 -32.99
C ASN E 308 20.17 17.20 -32.60
N ASP E 309 20.35 17.64 -31.35
CA ASP E 309 19.76 18.89 -30.90
C ASP E 309 20.34 20.09 -31.64
N MET E 310 21.66 20.11 -31.83
CA MET E 310 22.29 21.21 -32.56
C MET E 310 21.77 21.29 -33.99
N SER E 311 21.77 20.17 -34.69
CA SER E 311 21.30 20.15 -36.07
C SER E 311 19.82 20.49 -36.15
N MET E 312 19.03 20.01 -35.18
CA MET E 312 17.61 20.32 -35.14
C MET E 312 17.37 21.80 -34.93
N GLN E 313 18.14 22.43 -34.05
CA GLN E 313 18.00 23.87 -33.83
C GLN E 313 18.36 24.66 -35.09
N MET E 314 19.44 24.26 -35.77
CA MET E 314 19.81 24.96 -37.00
C MET E 314 18.75 24.78 -38.08
N PHE E 315 18.22 23.56 -38.21
CA PHE E 315 17.16 23.31 -39.17
C PHE E 315 15.91 24.12 -38.82
N ARG E 316 15.59 24.22 -37.54
CA ARG E 316 14.45 25.03 -37.12
C ARG E 316 14.64 26.48 -37.53
N VAL E 317 15.83 27.02 -37.29
CA VAL E 317 16.10 28.41 -37.67
C VAL E 317 15.92 28.60 -39.17
N TYR E 318 16.56 27.74 -39.96
CA TYR E 318 16.50 27.90 -41.42
C TYR E 318 15.08 27.73 -41.95
N ALA E 319 14.39 26.68 -41.50
CA ALA E 319 13.05 26.40 -42.00
C ALA E 319 12.07 27.48 -41.59
N ILE E 320 12.15 27.97 -40.35
CA ILE E 320 11.25 29.03 -39.91
C ILE E 320 11.50 30.29 -40.71
N ALA E 321 12.78 30.64 -40.93
CA ALA E 321 13.08 31.82 -41.73
C ALA E 321 12.51 31.69 -43.14
N GLU E 322 12.75 30.55 -43.79
CA GLU E 322 12.28 30.38 -45.16
C GLU E 322 10.75 30.39 -45.24
N LEU E 323 10.08 29.68 -44.33
CA LEU E 323 8.62 29.63 -44.36
C LEU E 323 8.01 30.99 -44.06
N VAL E 324 8.58 31.74 -43.10
CA VAL E 324 8.07 33.06 -42.80
C VAL E 324 8.25 33.99 -43.98
N ASP E 325 9.42 33.93 -44.64
CA ASP E 325 9.64 34.77 -45.81
C ASP E 325 8.66 34.42 -46.93
N ALA E 326 8.43 33.14 -47.17
CA ALA E 326 7.50 32.73 -48.20
C ALA E 326 6.08 33.19 -47.87
N VAL E 327 5.67 33.10 -46.61
CA VAL E 327 4.35 33.53 -46.20
C VAL E 327 4.20 35.03 -46.39
N VAL E 328 5.22 35.80 -46.02
CA VAL E 328 5.18 37.24 -46.19
C VAL E 328 5.08 37.60 -47.68
N ILE E 329 5.85 36.93 -48.52
CA ILE E 329 5.79 37.19 -49.95
C ILE E 329 4.41 36.88 -50.50
N ALA E 330 3.84 35.75 -50.09
CA ALA E 330 2.50 35.38 -50.56
C ALA E 330 1.46 36.39 -50.11
N PHE E 331 1.56 36.86 -48.86
CA PHE E 331 0.61 37.85 -48.37
C PHE E 331 0.74 39.15 -49.13
N LYS E 332 1.97 39.59 -49.42
CA LYS E 332 2.17 40.82 -50.16
C LYS E 332 1.62 40.70 -51.58
N ASP E 333 1.84 39.55 -52.23
CA ASP E 333 1.41 39.38 -53.61
C ASP E 333 -0.12 39.31 -53.71
N ASN E 334 -0.77 38.68 -52.75
CA ASN E 334 -2.21 38.48 -52.77
C ASN E 334 -2.96 39.44 -51.87
N ILE E 335 -2.39 40.62 -51.59
CA ILE E 335 -3.03 41.55 -50.68
C ILE E 335 -4.32 42.11 -51.27
N ASN E 336 -4.34 42.35 -52.58
CA ASN E 336 -5.56 42.86 -53.21
C ASN E 336 -6.67 41.83 -53.16
N GLU E 337 -6.35 40.56 -53.36
CA GLU E 337 -7.36 39.51 -53.24
C GLU E 337 -7.89 39.41 -51.81
N PHE E 338 -7.00 39.52 -50.83
CA PHE E 338 -7.42 39.46 -49.43
C PHE E 338 -8.33 40.64 -49.08
N LEU E 339 -8.00 41.84 -49.57
CA LEU E 339 -8.78 43.02 -49.27
C LEU E 339 -10.13 43.04 -49.99
N ASN E 340 -10.37 42.11 -50.91
CA ASN E 340 -11.63 42.03 -51.63
C ASN E 340 -12.57 41.07 -50.91
N ASP E 341 -13.85 41.39 -50.91
CA ASP E 341 -14.83 40.53 -50.25
C ASP E 341 -14.90 39.16 -50.92
N THR E 342 -14.84 39.13 -52.25
CA THR E 342 -14.87 37.88 -53.01
C THR E 342 -13.47 37.27 -53.03
N CYS E 343 -13.05 36.78 -51.86
CA CYS E 343 -11.74 36.17 -51.68
C CYS E 343 -11.94 34.66 -51.52
N GLU E 344 -11.25 33.88 -52.35
CA GLU E 344 -11.37 32.43 -52.33
C GLU E 344 -10.08 31.75 -51.86
N ILE E 345 -9.12 32.49 -51.34
CA ILE E 345 -7.89 31.89 -50.84
C ILE E 345 -8.20 31.11 -49.57
N LYS E 346 -7.76 29.85 -49.55
CA LYS E 346 -8.01 29.00 -48.38
C LYS E 346 -7.03 29.32 -47.25
N ASP E 347 -5.74 29.23 -47.53
CA ASP E 347 -4.72 29.51 -46.53
C ASP E 347 -3.52 30.16 -47.20
N LEU E 348 -2.72 30.86 -46.39
CA LEU E 348 -1.56 31.57 -46.91
C LEU E 348 -0.44 30.60 -47.29
N ILE E 349 -0.33 29.47 -46.59
CA ILE E 349 0.72 28.50 -46.92
C ILE E 349 0.49 27.92 -48.30
N SER E 350 -0.74 27.57 -48.63
CA SER E 350 -1.03 26.89 -49.89
C SER E 350 -0.66 27.75 -51.10
N CYS E 351 -0.83 29.07 -51.00
CA CYS E 351 -0.49 29.97 -52.08
C CYS E 351 0.95 30.46 -52.02
N SER E 352 1.74 29.98 -51.06
CA SER E 352 3.13 30.39 -50.90
C SER E 352 4.06 29.34 -51.50
N SER E 353 5.34 29.70 -51.59
CA SER E 353 6.34 28.79 -52.13
C SER E 353 6.81 27.77 -51.12
N GLY E 354 6.39 27.88 -49.86
CA GLY E 354 6.81 26.93 -48.83
C GLY E 354 5.77 25.90 -48.50
N LYS E 355 4.76 25.74 -49.37
CA LYS E 355 3.70 24.78 -49.10
C LYS E 355 4.24 23.34 -49.11
N ASN E 356 5.15 23.03 -50.02
CA ASN E 356 5.69 21.68 -50.10
C ASN E 356 6.47 21.31 -48.85
N LEU E 357 7.33 22.22 -48.37
CA LEU E 357 8.11 21.94 -47.17
C LEU E 357 7.21 21.79 -45.96
N CYS E 358 6.19 22.65 -45.84
CA CYS E 358 5.26 22.55 -44.72
C CYS E 358 4.47 21.25 -44.77
N GLN E 359 4.03 20.84 -45.96
CA GLN E 359 3.32 19.58 -46.09
C GLN E 359 4.20 18.41 -45.73
N ALA E 360 5.46 18.43 -46.17
CA ALA E 360 6.39 17.36 -45.81
C ALA E 360 6.63 17.31 -44.31
N LEU E 361 6.78 18.48 -43.69
CA LEU E 361 6.98 18.51 -42.24
C LEU E 361 5.75 17.99 -41.50
N LYS E 362 4.55 18.34 -41.96
CA LYS E 362 3.34 17.81 -41.35
C LYS E 362 3.26 16.29 -41.51
N LYS E 363 3.62 15.78 -42.68
CA LYS E 363 3.62 14.34 -42.89
C LYS E 363 4.62 13.66 -41.97
N PHE E 364 5.80 14.24 -41.81
CA PHE E 364 6.81 13.68 -40.92
C PHE E 364 6.30 13.68 -39.47
N ASP E 365 5.68 14.78 -39.05
CA ASP E 365 5.15 14.85 -37.69
C ASP E 365 4.07 13.82 -37.46
N SER E 366 3.18 13.64 -38.45
CA SER E 366 2.13 12.64 -38.33
C SER E 366 2.70 11.23 -38.25
N SER E 367 3.70 10.93 -39.10
CA SER E 367 4.23 9.58 -39.16
C SER E 367 5.08 9.23 -37.96
N ARG E 368 5.86 10.17 -37.45
CA ARG E 368 6.82 9.90 -36.40
C ARG E 368 6.34 10.31 -35.01
N GLY E 369 5.62 11.41 -34.89
CA GLY E 369 5.24 11.89 -33.57
C GLY E 369 3.79 11.64 -33.19
N TYR E 370 2.86 11.88 -34.11
CA TYR E 370 1.45 11.81 -33.75
C TYR E 370 0.95 10.39 -33.59
N GLN E 371 1.68 9.40 -34.11
CA GLN E 371 1.30 8.00 -33.96
C GLN E 371 2.26 7.23 -33.06
N HIS E 372 3.07 7.95 -32.27
CA HIS E 372 3.95 7.28 -31.33
C HIS E 372 3.13 6.69 -30.18
N ARG E 373 3.74 5.74 -29.47
CA ARG E 373 3.07 5.08 -28.35
C ARG E 373 2.64 6.09 -27.29
N SER E 374 3.54 7.00 -26.93
CA SER E 374 3.22 7.96 -25.87
C SER E 374 2.07 8.87 -26.27
N VAL E 375 2.08 9.37 -27.51
CA VAL E 375 1.03 10.26 -27.96
C VAL E 375 -0.30 9.53 -28.05
N LEU E 376 -0.30 8.30 -28.59
CA LEU E 376 -1.54 7.54 -28.68
C LEU E 376 -2.10 7.22 -27.30
N LYS E 377 -1.22 6.86 -26.36
CA LYS E 377 -1.67 6.59 -25.00
C LYS E 377 -2.26 7.85 -24.36
N LEU E 378 -1.61 8.99 -24.58
CA LEU E 378 -2.14 10.25 -24.06
C LEU E 378 -3.50 10.57 -24.64
N GLU E 379 -3.67 10.36 -25.95
CA GLU E 379 -4.96 10.60 -26.57
C GLU E 379 -6.04 9.68 -26.01
N LEU E 380 -5.70 8.40 -25.83
CA LEU E 380 -6.67 7.46 -25.27
C LEU E 380 -7.07 7.84 -23.85
N GLU E 381 -6.07 8.19 -23.02
CA GLU E 381 -6.36 8.59 -21.65
C GLU E 381 -7.20 9.86 -21.62
N GLY E 382 -6.87 10.83 -22.47
CA GLY E 382 -7.65 12.05 -22.51
C GLY E 382 -9.08 11.82 -22.95
N SER E 383 -9.27 10.96 -23.95
CA SER E 383 -10.63 10.63 -24.40
C SER E 383 -11.42 9.97 -23.27
N ASN E 384 -10.80 9.01 -22.58
CA ASN E 384 -11.49 8.34 -21.48
C ASN E 384 -11.87 9.33 -20.38
N TYR E 385 -10.90 10.14 -19.95
CA TYR E 385 -11.16 11.10 -18.88
C TYR E 385 -12.25 12.09 -19.27
N ILE E 386 -12.15 12.64 -20.48
CA ILE E 386 -13.10 13.66 -20.92
C ILE E 386 -14.50 13.08 -21.02
N LYS E 387 -14.63 11.89 -21.62
CA LYS E 387 -15.96 11.33 -21.80
C LYS E 387 -16.57 10.93 -20.46
N GLY E 388 -15.79 10.36 -19.54
CA GLY E 388 -16.32 10.04 -18.23
C GLY E 388 -16.74 11.27 -17.45
N LEU E 389 -15.91 12.32 -17.49
CA LEU E 389 -16.25 13.55 -16.79
C LEU E 389 -17.48 14.20 -17.39
N MET E 390 -17.60 14.16 -18.73
CA MET E 390 -18.77 14.72 -19.37
C MET E 390 -20.03 13.96 -19.00
N ASP E 391 -19.93 12.64 -18.87
CA ASP E 391 -21.07 11.86 -18.41
C ASP E 391 -21.49 12.28 -17.00
N MET E 392 -20.52 12.32 -16.08
CA MET E 392 -20.86 12.65 -14.70
C MET E 392 -21.37 14.08 -14.57
N LEU E 393 -20.88 15.01 -15.38
CA LEU E 393 -21.38 16.38 -15.33
C LEU E 393 -22.75 16.50 -15.97
N TRP E 394 -22.98 15.80 -17.07
CA TRP E 394 -24.28 15.78 -17.71
C TRP E 394 -25.34 15.23 -16.77
N LEU E 395 -24.95 14.32 -15.88
CA LEU E 395 -25.90 13.85 -14.86
C LEU E 395 -26.45 15.00 -14.03
N GLY E 396 -25.66 16.05 -13.81
CA GLY E 396 -26.11 17.17 -13.01
C GLY E 396 -26.49 18.42 -13.79
N ILE E 397 -26.23 18.42 -15.09
CA ILE E 397 -26.52 19.58 -15.94
C ILE E 397 -27.83 19.39 -16.71
N LYS E 398 -28.05 18.22 -17.27
CA LYS E 398 -29.21 18.00 -18.11
C LYS E 398 -30.50 18.18 -17.33
N GLY E 399 -31.44 18.93 -17.91
CA GLY E 399 -32.74 19.16 -17.32
C GLY E 399 -32.86 20.42 -16.50
N ARG E 400 -31.74 21.09 -16.20
CA ARG E 400 -31.80 22.29 -15.38
C ARG E 400 -32.59 23.40 -16.06
N ALA E 401 -32.41 23.56 -17.37
CA ALA E 401 -33.08 24.62 -18.11
C ALA E 401 -34.35 24.16 -18.81
N THR E 402 -34.46 22.89 -19.17
CA THR E 402 -35.63 22.38 -19.86
C THR E 402 -36.83 22.20 -18.94
N GLY E 403 -36.65 22.28 -17.64
CA GLY E 403 -37.73 22.12 -16.69
C GLY E 403 -37.78 20.77 -15.99
N ASP E 404 -37.04 19.78 -16.48
CA ASP E 404 -37.00 18.49 -15.81
C ASP E 404 -36.31 18.61 -14.45
N THR E 405 -36.36 17.53 -13.68
CA THR E 405 -35.95 17.54 -12.29
C THR E 405 -34.95 16.42 -12.01
N GLN E 406 -34.58 15.67 -13.06
CA GLN E 406 -33.68 14.54 -12.89
C GLN E 406 -32.32 14.93 -12.35
N TYR E 407 -31.93 16.20 -12.45
CA TYR E 407 -30.67 16.66 -11.91
C TYR E 407 -30.71 16.84 -10.39
N ASP E 408 -31.90 16.93 -9.80
CA ASP E 408 -32.05 17.29 -8.39
C ASP E 408 -31.75 16.08 -7.50
N THR E 409 -30.49 15.69 -7.53
CA THR E 409 -29.94 14.63 -6.70
C THR E 409 -28.70 15.17 -6.01
N PRO E 410 -28.29 14.58 -4.89
CA PRO E 410 -27.06 15.06 -4.23
C PRO E 410 -25.84 15.05 -5.15
N PHE E 411 -25.71 14.02 -5.99
CA PHE E 411 -24.61 14.01 -6.96
C PHE E 411 -24.78 15.11 -7.98
N GLY E 412 -26.00 15.31 -8.48
CA GLY E 412 -26.24 16.39 -9.43
C GLY E 412 -25.96 17.75 -8.84
N ARG E 413 -26.41 17.97 -7.61
CA ARG E 413 -26.13 19.25 -6.94
C ARG E 413 -24.64 19.45 -6.74
N TYR E 414 -23.93 18.39 -6.35
CA TYR E 414 -22.49 18.53 -6.14
C TYR E 414 -21.76 18.84 -7.43
N VAL E 415 -22.08 18.13 -8.51
CA VAL E 415 -21.37 18.36 -9.77
C VAL E 415 -21.74 19.72 -10.34
N TYR E 416 -22.97 20.19 -10.12
CA TYR E 416 -23.29 21.55 -10.52
C TYR E 416 -22.49 22.56 -9.72
N GLY E 417 -22.34 22.34 -8.42
CA GLY E 417 -21.54 23.24 -7.60
C GLY E 417 -20.06 23.20 -7.92
N ARG E 418 -19.58 22.11 -8.52
CA ARG E 418 -18.18 22.03 -8.90
C ARG E 418 -17.86 22.84 -10.15
N ILE E 419 -18.86 23.17 -10.96
CA ILE E 419 -18.63 23.97 -12.15
C ILE E 419 -18.25 25.39 -11.74
N SER E 420 -17.40 26.02 -12.53
CA SER E 420 -16.95 27.37 -12.24
C SER E 420 -18.14 28.33 -12.20
N GLU E 421 -18.07 29.31 -11.30
CA GLU E 421 -19.23 30.15 -11.02
C GLU E 421 -19.62 31.02 -12.22
N ASN E 422 -18.66 31.47 -13.01
CA ASN E 422 -18.99 32.32 -14.16
C ASN E 422 -19.78 31.55 -15.21
N TYR E 423 -19.41 30.29 -15.46
CA TYR E 423 -20.16 29.48 -16.41
C TYR E 423 -21.60 29.28 -15.96
N ARG E 424 -21.79 29.01 -14.67
CA ARG E 424 -23.15 28.87 -14.13
C ARG E 424 -23.92 30.18 -14.22
N ARG E 425 -23.25 31.30 -13.95
CA ARG E 425 -23.90 32.61 -14.04
C ARG E 425 -24.38 32.88 -15.46
N ILE E 426 -23.54 32.58 -16.45
CA ILE E 426 -23.96 32.73 -17.84
C ILE E 426 -25.09 31.75 -18.16
N PHE E 427 -25.04 30.55 -17.59
CA PHE E 427 -26.09 29.56 -17.84
C PHE E 427 -27.43 30.02 -17.28
N GLU E 428 -27.43 30.69 -16.13
CA GLU E 428 -28.66 31.21 -15.53
C GLU E 428 -28.85 32.65 -15.98
N GLN E 429 -29.26 32.80 -17.24
CA GLN E 429 -29.53 34.11 -17.81
C GLN E 429 -30.72 33.99 -18.76
N GLU E 430 -31.29 35.14 -19.11
CA GLU E 430 -32.40 35.20 -20.04
C GLU E 430 -31.88 35.57 -21.42
N ASN E 431 -32.16 34.72 -22.40
CA ASN E 431 -31.76 34.96 -23.78
C ASN E 431 -32.61 34.08 -24.68
N ASN E 432 -32.39 34.19 -25.98
CA ASN E 432 -33.14 33.42 -26.96
C ASN E 432 -32.58 32.01 -27.17
N LEU E 433 -31.50 31.67 -26.49
CA LEU E 433 -30.91 30.34 -26.65
C LEU E 433 -31.86 29.27 -26.15
N PRO E 434 -32.05 28.18 -26.90
CA PRO E 434 -32.88 27.07 -26.39
C PRO E 434 -32.27 26.46 -25.14
N ALA E 435 -33.14 25.90 -24.30
CA ALA E 435 -32.71 25.36 -23.02
C ALA E 435 -31.70 24.24 -23.19
N CYS E 436 -31.94 23.34 -24.14
CA CYS E 436 -30.98 22.28 -24.42
C CYS E 436 -29.65 22.85 -24.88
N TYR E 437 -29.70 23.89 -25.72
CA TYR E 437 -28.48 24.56 -26.14
C TYR E 437 -27.75 25.17 -24.95
N LYS E 438 -28.50 25.77 -24.01
CA LYS E 438 -27.85 26.36 -22.84
C LYS E 438 -27.17 25.30 -21.99
N GLU E 439 -27.83 24.14 -21.79
CA GLU E 439 -27.20 23.07 -21.02
C GLU E 439 -25.95 22.55 -21.71
N ALA E 440 -26.03 22.33 -23.03
CA ALA E 440 -24.88 21.84 -23.76
C ALA E 440 -23.74 22.85 -23.72
N GLN E 441 -24.05 24.14 -23.83
CA GLN E 441 -23.02 25.16 -23.77
C GLN E 441 -22.39 25.24 -22.39
N LEU E 442 -23.20 25.05 -21.33
CA LEU E 442 -22.63 25.01 -19.99
C LEU E 442 -21.64 23.86 -19.85
N LEU E 443 -22.01 22.68 -20.35
CA LEU E 443 -21.10 21.55 -20.30
C LEU E 443 -19.83 21.81 -21.10
N ALA E 444 -19.98 22.38 -22.29
CA ALA E 444 -18.81 22.65 -23.15
C ALA E 444 -17.90 23.68 -22.50
N ASP E 445 -18.47 24.73 -21.90
CA ASP E 445 -17.66 25.72 -21.21
C ASP E 445 -16.93 25.11 -20.02
N ALA E 446 -17.61 24.25 -19.26
CA ALA E 446 -16.96 23.63 -18.11
C ALA E 446 -15.80 22.74 -18.56
N ILE E 447 -16.00 21.94 -19.60
CA ILE E 447 -14.96 21.01 -20.03
C ILE E 447 -13.80 21.76 -20.68
N SER E 448 -14.10 22.75 -21.52
CA SER E 448 -13.06 23.40 -22.31
C SER E 448 -12.06 24.16 -21.44
N GLY E 449 -12.53 24.78 -20.37
CA GLY E 449 -11.68 25.60 -19.54
C GLY E 449 -10.79 24.84 -18.58
N MET E 450 -10.87 23.52 -18.56
CA MET E 450 -10.11 22.71 -17.62
C MET E 450 -8.74 22.38 -18.18
N THR E 451 -7.77 22.29 -17.27
CA THR E 451 -6.45 21.78 -17.61
C THR E 451 -6.43 20.26 -17.45
N ASP E 452 -5.34 19.64 -17.91
CA ASP E 452 -5.23 18.19 -17.84
C ASP E 452 -5.28 17.71 -16.39
N SER E 453 -4.45 18.30 -15.53
CA SER E 453 -4.40 17.86 -14.13
C SER E 453 -5.73 18.10 -13.43
N TYR E 454 -6.32 19.27 -13.63
CA TYR E 454 -7.60 19.58 -13.00
C TYR E 454 -8.70 18.64 -13.49
N LEU E 455 -8.73 18.37 -14.80
CA LEU E 455 -9.73 17.47 -15.34
C LEU E 455 -9.57 16.07 -14.78
N ILE E 456 -8.34 15.58 -14.69
CA ILE E 456 -8.09 14.24 -14.16
C ILE E 456 -8.50 14.17 -12.70
N ALA E 457 -8.12 15.17 -11.90
CA ALA E 457 -8.46 15.16 -10.49
C ALA E 457 -9.96 15.21 -10.28
N LEU E 458 -10.66 16.09 -11.01
CA LEU E 458 -12.11 16.16 -10.88
C LEU E 458 -12.78 14.86 -11.32
N HIS E 459 -12.29 14.26 -12.41
CA HIS E 459 -12.85 13.00 -12.86
C HIS E 459 -12.68 11.91 -11.80
N ASP E 460 -11.49 11.83 -11.20
CA ASP E 460 -11.26 10.82 -10.18
C ASP E 460 -12.15 11.04 -8.96
N GLU E 461 -12.27 12.29 -8.51
CA GLU E 461 -13.08 12.58 -7.34
C GLU E 461 -14.56 12.28 -7.61
N LEU E 462 -15.07 12.71 -8.77
CA LEU E 462 -16.46 12.43 -9.11
C LEU E 462 -16.71 10.95 -9.27
N ARG E 463 -15.76 10.22 -9.85
CA ARG E 463 -15.91 8.77 -9.98
C ARG E 463 -15.96 8.11 -8.61
N ALA E 464 -15.14 8.59 -7.68
CA ALA E 464 -15.17 8.06 -6.32
C ALA E 464 -16.51 8.34 -5.65
N LEU E 465 -17.07 9.53 -5.86
CA LEU E 465 -18.32 9.91 -5.21
C LEU E 465 -19.56 9.37 -5.91
N HIS E 466 -19.43 8.86 -7.14
CA HIS E 466 -20.56 8.41 -7.94
C HIS E 466 -20.89 6.94 -7.74
N GLN E 467 -20.23 6.26 -6.81
CA GLN E 467 -20.34 4.81 -6.74
C GLN E 467 -21.78 4.37 -6.44
N TYR E 468 -22.43 5.02 -5.48
CA TYR E 468 -23.78 4.59 -5.10
C TYR E 468 -24.79 4.89 -6.20
N GLU E 469 -24.78 6.12 -6.72
CA GLU E 469 -25.78 6.50 -7.71
C GLU E 469 -25.58 5.75 -9.02
N CYS E 470 -24.33 5.43 -9.37
CA CYS E 470 -24.08 4.67 -10.58
C CYS E 470 -24.70 3.27 -10.51
N ARG E 471 -24.59 2.63 -9.35
CA ARG E 471 -25.16 1.29 -9.17
C ARG E 471 -26.64 1.37 -8.88
N SER F 2 31.15 60.93 -21.05
CA SER F 2 29.87 60.22 -20.99
C SER F 2 29.88 59.00 -21.90
N MET F 3 28.72 58.38 -22.06
CA MET F 3 28.54 57.19 -22.88
C MET F 3 27.62 57.48 -24.04
N HIS F 4 27.95 56.94 -25.20
CA HIS F 4 27.19 57.17 -26.42
C HIS F 4 26.25 56.00 -26.68
N TRP F 5 25.07 56.30 -27.23
CA TRP F 5 24.09 55.27 -27.53
C TRP F 5 24.55 54.35 -28.65
N ASN F 6 25.50 54.79 -29.48
CA ASN F 6 26.00 53.91 -30.54
C ASN F 6 26.69 52.68 -29.96
N ASP F 7 27.49 52.87 -28.90
CA ASP F 7 28.14 51.73 -28.25
C ASP F 7 27.16 50.94 -27.39
N LEU F 8 26.25 51.65 -26.69
CA LEU F 8 25.31 50.96 -25.82
C LEU F 8 24.33 50.10 -26.60
N LEU F 9 24.01 50.50 -27.83
CA LEU F 9 23.13 49.73 -28.71
C LEU F 9 23.91 48.97 -29.77
N ASN F 10 25.09 48.47 -29.41
CA ASN F 10 25.92 47.74 -30.35
C ASN F 10 25.24 46.44 -30.76
N SER F 11 24.89 46.33 -32.03
CA SER F 11 24.21 45.15 -32.56
C SER F 11 25.19 44.08 -33.02
N ASN F 12 26.49 44.32 -32.90
CA ASN F 12 27.48 43.30 -33.23
C ASN F 12 27.40 42.15 -32.22
N ARG F 13 27.65 40.94 -32.72
CA ARG F 13 27.60 39.75 -31.89
C ARG F 13 29.02 39.31 -31.53
N ARG F 14 29.13 38.64 -30.38
CA ARG F 14 30.44 38.29 -29.85
C ARG F 14 31.17 37.32 -30.76
N LYS F 15 30.46 36.37 -31.35
CA LYS F 15 31.10 35.38 -32.20
C LYS F 15 31.64 36.05 -33.46
N PRO F 16 32.92 35.82 -33.79
CA PRO F 16 33.47 36.44 -35.01
C PRO F 16 32.77 35.94 -36.26
N LYS F 17 32.65 36.84 -37.23
CA LYS F 17 31.97 36.53 -38.48
C LYS F 17 32.95 36.56 -39.66
N ARG F 31 14.79 41.31 -40.78
CA ARG F 31 14.73 41.65 -39.36
C ARG F 31 15.95 42.43 -38.92
N GLN F 32 16.07 42.63 -37.61
CA GLN F 32 17.22 43.24 -37.00
C GLN F 32 17.90 42.24 -36.09
N GLN F 33 19.18 42.50 -35.78
CA GLN F 33 19.93 41.60 -34.92
C GLN F 33 19.32 41.54 -33.52
N ILE F 34 18.92 42.68 -32.99
CA ILE F 34 18.39 42.74 -31.63
C ILE F 34 17.05 42.01 -31.53
N GLU F 35 16.22 42.14 -32.57
CA GLU F 35 14.98 41.35 -32.62
C GLU F 35 15.30 39.86 -32.67
N ARG F 36 16.34 39.49 -33.44
CA ARG F 36 16.78 38.11 -33.48
C ARG F 36 17.21 37.63 -32.11
N ASP F 37 17.75 38.53 -31.28
CA ASP F 37 18.11 38.14 -29.91
C ASP F 37 16.90 37.67 -29.13
N TYR F 38 15.81 38.44 -29.16
CA TYR F 38 14.59 38.01 -28.48
C TYR F 38 14.04 36.73 -29.07
N ASP F 39 14.08 36.59 -30.39
CA ASP F 39 13.61 35.37 -31.02
C ASP F 39 14.40 34.15 -30.56
N ARG F 40 15.73 34.28 -30.50
CA ARG F 40 16.56 33.17 -30.04
C ARG F 40 16.31 32.86 -28.57
N ILE F 41 16.14 33.89 -27.74
CA ILE F 41 15.91 33.66 -26.32
C ILE F 41 14.59 32.94 -26.10
N LEU F 42 13.55 33.31 -26.88
CA LEU F 42 12.25 32.68 -26.68
C LEU F 42 12.29 31.19 -27.00
N PHE F 43 13.02 30.80 -28.05
CA PHE F 43 13.05 29.40 -28.47
C PHE F 43 14.07 28.57 -27.70
N ALA F 44 14.82 29.18 -26.78
CA ALA F 44 15.81 28.42 -26.02
C ALA F 44 15.14 27.42 -25.09
N ALA F 45 15.79 26.27 -24.92
CA ALA F 45 15.26 25.24 -24.04
C ALA F 45 15.13 25.70 -22.58
N PRO F 46 16.12 26.37 -21.98
CA PRO F 46 15.93 26.84 -20.60
C PRO F 46 14.75 27.80 -20.45
N THR F 47 14.41 28.55 -21.49
CA THR F 47 13.22 29.39 -21.42
C THR F 47 11.97 28.55 -21.23
N ARG F 48 11.88 27.42 -21.93
CA ARG F 48 10.76 26.51 -21.70
C ARG F 48 10.86 25.84 -20.34
N ARG F 49 12.08 25.53 -19.89
CA ARG F 49 12.26 24.94 -18.58
C ARG F 49 11.80 25.88 -17.47
N LEU F 50 11.81 27.19 -17.72
CA LEU F 50 11.35 28.15 -16.74
C LEU F 50 9.90 27.92 -16.33
N ALA F 51 9.11 27.25 -17.18
CA ALA F 51 7.72 27.00 -16.84
C ALA F 51 7.58 26.03 -15.68
N ASP F 52 8.61 25.24 -15.39
CA ASP F 52 8.58 24.25 -14.32
C ASP F 52 9.32 24.69 -13.07
N LYS F 53 9.72 25.96 -13.00
CA LYS F 53 10.40 26.50 -11.83
C LYS F 53 9.45 27.42 -11.08
N THR F 54 9.33 27.23 -9.78
CA THR F 54 8.42 28.04 -8.97
C THR F 54 8.96 29.46 -8.84
N GLN F 55 8.04 30.43 -8.83
CA GLN F 55 8.43 31.81 -8.65
C GLN F 55 8.37 32.23 -7.19
N VAL F 56 7.18 32.16 -6.59
CA VAL F 56 7.02 32.39 -5.16
C VAL F 56 6.24 31.25 -4.54
N PHE F 57 5.04 30.99 -5.07
CA PHE F 57 4.06 30.03 -4.57
C PHE F 57 4.22 28.68 -5.25
N PRO F 58 3.85 27.60 -4.56
CA PRO F 58 3.91 26.26 -5.18
C PRO F 58 2.92 26.13 -6.32
N LEU F 59 3.26 25.25 -7.26
CA LEU F 59 2.46 25.05 -8.46
C LEU F 59 1.34 24.04 -8.16
N ASP F 60 0.11 24.53 -8.10
CA ASP F 60 -1.05 23.67 -7.88
C ASP F 60 -1.62 23.22 -9.23
N LYS F 61 -2.68 22.41 -9.16
CA LYS F 61 -3.33 21.90 -10.36
C LYS F 61 -4.43 22.82 -10.89
N ASN F 62 -4.81 23.85 -10.13
CA ASN F 62 -5.92 24.71 -10.53
C ASN F 62 -5.51 26.17 -10.50
N ASP F 63 -4.67 26.55 -9.54
CA ASP F 63 -4.27 27.94 -9.39
C ASP F 63 -3.46 28.40 -10.60
N SER F 64 -3.61 29.68 -10.94
CA SER F 64 -2.88 30.29 -12.03
C SER F 64 -1.73 31.16 -11.50
N VAL F 65 -1.07 30.72 -10.43
CA VAL F 65 0.00 31.49 -9.85
C VAL F 65 1.16 31.58 -10.84
N ARG F 66 1.93 32.66 -10.72
CA ARG F 66 3.03 32.91 -11.65
C ARG F 66 4.14 31.87 -11.48
N THR F 67 4.63 31.36 -12.60
CA THR F 67 5.86 30.59 -12.65
C THR F 67 7.00 31.52 -13.04
N ARG F 68 8.19 30.96 -13.19
CA ARG F 68 9.30 31.76 -13.71
C ARG F 68 9.04 32.18 -15.15
N LEU F 69 8.40 31.32 -15.94
CA LEU F 69 8.13 31.66 -17.33
C LEU F 69 7.10 32.76 -17.45
N THR F 70 5.99 32.65 -16.71
CA THR F 70 4.97 33.70 -16.76
C THR F 70 5.50 35.02 -16.22
N HIS F 71 6.26 34.96 -15.13
CA HIS F 71 6.86 36.17 -14.59
C HIS F 71 7.83 36.80 -15.59
N SER F 72 8.64 35.97 -16.26
CA SER F 72 9.58 36.50 -17.24
C SER F 72 8.84 37.12 -18.42
N HIS F 73 7.75 36.50 -18.87
CA HIS F 73 6.98 37.07 -19.97
C HIS F 73 6.33 38.38 -19.57
N GLU F 74 5.84 38.47 -18.34
CA GLU F 74 5.25 39.72 -17.86
C GLU F 74 6.29 40.82 -17.76
N VAL F 75 7.48 40.50 -17.25
CA VAL F 75 8.55 41.49 -17.19
C VAL F 75 8.96 41.92 -18.59
N ALA F 76 9.02 40.98 -19.53
CA ALA F 76 9.36 41.31 -20.91
C ALA F 76 8.32 42.22 -21.53
N ASN F 77 7.04 41.97 -21.25
CA ASN F 77 5.99 42.82 -21.78
C ASN F 77 6.08 44.24 -21.20
N LEU F 78 6.33 44.34 -19.89
CA LEU F 78 6.49 45.66 -19.28
C LEU F 78 7.67 46.40 -19.90
N SER F 79 8.80 45.72 -20.05
CA SER F 79 9.98 46.34 -20.63
C SER F 79 9.74 46.74 -22.08
N ARG F 80 9.01 45.92 -22.84
CA ARG F 80 8.70 46.27 -24.22
C ARG F 80 7.80 47.49 -24.28
N GLY F 81 6.84 47.60 -23.37
CA GLY F 81 6.03 48.82 -23.32
C GLY F 81 6.86 50.04 -23.00
N ILE F 82 7.78 49.92 -22.04
CA ILE F 82 8.69 51.02 -21.73
C ILE F 82 9.49 51.40 -22.97
N GLY F 83 9.97 50.41 -23.72
CA GLY F 83 10.74 50.69 -24.91
C GLY F 83 9.93 51.36 -26.00
N MET F 84 8.67 50.94 -26.17
CA MET F 84 7.79 51.63 -27.11
C MET F 84 7.61 53.09 -26.73
N ARG F 85 7.39 53.35 -25.43
CA ARG F 85 7.25 54.73 -24.99
C ARG F 85 8.52 55.53 -25.24
N LEU F 86 9.68 54.92 -24.97
CA LEU F 86 10.94 55.64 -25.15
C LEU F 86 11.24 55.92 -26.61
N ALA F 87 10.98 54.95 -27.49
CA ALA F 87 11.38 55.08 -28.89
C ALA F 87 10.37 55.84 -29.72
N PHE F 88 9.09 55.82 -29.34
CA PHE F 88 8.07 56.44 -30.16
C PHE F 88 7.63 57.82 -29.66
N GLU F 89 7.84 58.13 -28.40
CA GLU F 89 7.39 59.38 -27.82
C GLU F 89 8.50 60.24 -27.25
N LEU F 90 9.48 59.64 -26.57
CA LEU F 90 10.54 60.37 -25.91
C LEU F 90 11.89 60.18 -26.59
N GLU F 91 11.90 60.00 -27.91
CA GLU F 91 13.15 59.77 -28.62
C GLU F 91 14.07 60.98 -28.52
N ASP F 92 13.51 62.19 -28.69
CA ASP F 92 14.34 63.39 -28.64
C ASP F 92 14.86 63.65 -27.23
N ASP F 93 14.05 63.35 -26.21
CA ASP F 93 14.46 63.59 -24.83
C ASP F 93 15.46 62.56 -24.32
N VAL F 94 15.44 61.34 -24.86
CA VAL F 94 16.27 60.25 -24.35
C VAL F 94 17.45 59.96 -25.28
N PHE F 95 17.16 59.65 -26.54
CA PHE F 95 18.19 59.23 -27.49
C PHE F 95 18.63 60.45 -28.31
N LYS F 96 19.75 61.05 -27.90
CA LYS F 96 20.37 62.13 -28.64
C LYS F 96 21.70 61.65 -29.20
N ASP F 97 22.05 62.14 -30.39
CA ASP F 97 23.29 61.76 -31.08
C ASP F 97 23.34 60.25 -31.29
N VAL F 98 22.37 59.75 -32.06
CA VAL F 98 22.27 58.34 -32.41
C VAL F 98 22.36 58.23 -33.92
N SER F 99 23.19 57.29 -34.38
CA SER F 99 23.39 57.12 -35.81
C SER F 99 22.09 56.75 -36.50
N GLU F 100 21.91 57.27 -37.72
CA GLU F 100 20.72 56.95 -38.50
C GLU F 100 20.65 55.49 -38.88
N ASP F 101 21.77 54.77 -38.81
CA ASP F 101 21.75 53.34 -39.10
C ASP F 101 20.92 52.58 -38.06
N ILE F 102 20.94 53.04 -36.81
CA ILE F 102 20.22 52.37 -35.73
C ILE F 102 18.74 52.75 -35.82
N CYS F 103 17.88 51.74 -35.92
CA CYS F 103 16.43 51.93 -35.91
C CYS F 103 15.95 51.75 -34.48
N LEU F 104 15.75 52.87 -33.77
CA LEU F 104 15.37 52.80 -32.36
C LEU F 104 14.03 52.10 -32.18
N LYS F 105 13.06 52.42 -33.04
CA LYS F 105 11.72 51.87 -32.91
C LYS F 105 11.69 50.36 -33.05
N ARG F 106 12.70 49.77 -33.67
CA ARG F 106 12.80 48.32 -33.79
C ARG F 106 13.78 47.70 -32.81
N ASP F 107 14.78 48.46 -32.36
CA ASP F 107 15.82 47.92 -31.50
C ASP F 107 15.48 48.06 -30.02
N VAL F 108 15.12 49.26 -29.59
CA VAL F 108 14.93 49.50 -28.14
C VAL F 108 13.82 48.63 -27.56
N PRO F 109 12.60 48.57 -28.13
CA PRO F 109 11.60 47.66 -27.55
C PRO F 109 12.02 46.21 -27.59
N ALA F 110 12.63 45.78 -28.69
CA ALA F 110 13.10 44.39 -28.78
C ALA F 110 14.19 44.11 -27.77
N LEU F 111 15.11 45.06 -27.59
CA LEU F 111 16.19 44.86 -26.62
C LEU F 111 15.63 44.76 -25.20
N LEU F 112 14.71 45.65 -24.84
CA LEU F 112 14.15 45.60 -23.50
C LEU F 112 13.34 44.34 -23.28
N ALA F 113 12.56 43.91 -24.28
CA ALA F 113 11.83 42.66 -24.15
C ALA F 113 12.75 41.47 -24.00
N ALA F 114 13.84 41.44 -24.79
CA ALA F 114 14.77 40.32 -24.71
C ALA F 114 15.44 40.25 -23.35
N ILE F 115 15.88 41.41 -22.82
CA ILE F 115 16.54 41.38 -21.52
C ILE F 115 15.55 41.13 -20.39
N GLY F 116 14.26 41.46 -20.59
CA GLY F 116 13.27 41.10 -19.59
C GLY F 116 12.93 39.63 -19.58
N LEU F 117 12.89 39.01 -20.76
CA LEU F 117 12.57 37.58 -20.85
C LEU F 117 13.70 36.70 -20.32
N VAL F 118 14.94 37.19 -20.37
CA VAL F 118 16.10 36.38 -20.03
C VAL F 118 16.59 36.63 -18.61
N HIS F 119 16.00 37.58 -17.89
CA HIS F 119 16.58 38.03 -16.63
C HIS F 119 16.60 36.95 -15.55
N ASP F 120 15.77 35.91 -15.68
CA ASP F 120 15.67 34.87 -14.65
C ASP F 120 15.94 33.49 -15.21
N MET F 121 16.66 33.40 -16.33
CA MET F 121 16.91 32.11 -16.95
C MET F 121 17.77 31.21 -16.05
N GLY F 122 18.81 31.76 -15.45
CA GLY F 122 19.74 30.97 -14.66
C GLY F 122 19.41 30.82 -13.19
N ASN F 123 18.25 31.30 -12.76
CA ASN F 123 17.91 31.21 -11.35
C ASN F 123 17.65 29.76 -10.95
N PRO F 124 18.05 29.35 -9.75
CA PRO F 124 17.80 27.99 -9.30
C PRO F 124 16.31 27.79 -9.02
N PRO F 125 15.86 26.54 -8.90
CA PRO F 125 14.45 26.30 -8.59
C PRO F 125 14.09 26.66 -7.16
N PHE F 126 12.81 26.46 -6.80
CA PHE F 126 12.31 26.69 -5.44
C PHE F 126 12.46 28.15 -5.02
N GLY F 127 12.26 29.07 -5.98
CA GLY F 127 12.22 30.48 -5.66
C GLY F 127 13.52 31.04 -5.13
N HIS F 128 13.37 32.06 -4.27
CA HIS F 128 14.54 32.68 -3.65
C HIS F 128 15.24 31.72 -2.71
N GLN F 129 14.47 30.79 -2.12
CA GLN F 129 15.06 29.81 -1.24
C GLN F 129 16.04 28.92 -1.98
N GLY F 130 15.90 28.79 -3.30
CA GLY F 130 16.88 28.05 -4.07
C GLY F 130 18.25 28.68 -3.99
N GLU F 131 18.33 29.98 -4.27
CA GLU F 131 19.60 30.69 -4.16
C GLU F 131 20.10 30.67 -2.72
N LYS F 132 19.19 30.86 -1.76
CA LYS F 132 19.61 30.86 -0.36
C LYS F 132 20.21 29.52 0.06
N ALA F 133 19.57 28.43 -0.37
CA ALA F 133 20.04 27.09 -0.01
C ALA F 133 21.37 26.78 -0.69
N MET F 134 21.50 27.16 -1.96
CA MET F 134 22.78 26.97 -2.64
C MET F 134 23.89 27.73 -1.92
N SER F 135 23.62 28.98 -1.54
CA SER F 135 24.62 29.78 -0.84
C SER F 135 24.98 29.16 0.49
N GLU F 136 23.99 28.69 1.26
CA GLU F 136 24.27 28.08 2.56
C GLU F 136 25.08 26.80 2.41
N TRP F 137 24.72 25.96 1.44
CA TRP F 137 25.46 24.73 1.23
C TRP F 137 26.89 25.01 0.81
N PHE F 138 27.09 25.99 -0.07
CA PHE F 138 28.45 26.32 -0.50
C PHE F 138 29.25 26.92 0.64
N THR F 139 28.61 27.72 1.49
CA THR F 139 29.29 28.26 2.66
C THR F 139 29.73 27.15 3.60
N LYS F 140 28.88 26.15 3.81
CA LYS F 140 29.22 25.06 4.72
C LYS F 140 30.27 24.12 4.14
N ASN F 141 30.14 23.73 2.87
CA ASN F 141 31.01 22.73 2.27
C ASN F 141 32.21 23.31 1.53
N LEU F 142 32.30 24.64 1.44
CA LEU F 142 33.48 25.32 0.89
C LEU F 142 33.94 26.33 1.93
N PRO F 143 34.51 25.86 3.04
CA PRO F 143 34.80 26.75 4.17
C PRO F 143 35.75 27.87 3.77
N GLU F 144 35.47 29.07 4.28
CA GLU F 144 36.31 30.23 4.00
C GLU F 144 37.66 30.14 4.70
N HIS F 145 37.73 29.48 5.84
CA HIS F 145 39.00 29.33 6.55
C HIS F 145 39.90 28.28 5.93
N SER F 146 39.33 27.27 5.27
CA SER F 146 40.14 26.23 4.65
C SER F 146 41.00 26.82 3.54
N ASP F 147 42.27 26.40 3.50
CA ASP F 147 43.21 26.94 2.53
C ASP F 147 42.78 26.65 1.10
N ASN F 148 42.02 25.57 0.88
CA ASN F 148 41.52 25.28 -0.45
C ASN F 148 40.54 26.36 -0.92
N TYR F 149 39.79 26.96 0.00
CA TYR F 149 38.81 27.99 -0.33
C TYR F 149 39.04 29.20 0.56
N LYS F 150 39.95 30.09 0.13
CA LYS F 150 40.17 31.36 0.81
C LYS F 150 39.98 32.56 -0.09
N ASP F 151 40.20 32.42 -1.39
CA ASP F 151 40.09 33.54 -2.30
C ASP F 151 38.65 34.03 -2.40
N LYS F 152 38.51 35.31 -2.74
CA LYS F 152 37.18 35.89 -2.92
C LYS F 152 36.43 35.25 -4.07
N ILE F 153 37.12 34.55 -4.97
CA ILE F 153 36.47 33.96 -6.14
C ILE F 153 35.44 32.92 -5.71
N TYR F 154 35.74 32.18 -4.64
CA TYR F 154 34.80 31.19 -4.16
C TYR F 154 33.57 31.82 -3.53
N GLY F 155 33.63 33.12 -3.22
CA GLY F 155 32.42 33.84 -2.88
C GLY F 155 31.37 33.75 -3.96
N ASP F 156 31.81 33.64 -5.22
CA ASP F 156 30.91 33.40 -6.34
C ASP F 156 29.91 32.29 -6.03
N PHE F 157 30.30 31.32 -5.22
CA PHE F 157 29.41 30.26 -4.79
C PHE F 157 28.89 30.43 -3.38
N ARG F 158 29.65 31.09 -2.51
CA ARG F 158 29.17 31.32 -1.15
C ARG F 158 28.07 32.38 -1.13
N HIS F 159 28.06 33.27 -2.13
CA HIS F 159 27.01 34.25 -2.30
C HIS F 159 26.39 34.07 -3.68
N PHE F 160 26.06 32.82 -4.03
CA PHE F 160 25.59 32.48 -5.36
C PHE F 160 24.42 33.36 -5.78
N ASP F 161 24.50 33.88 -7.00
CA ASP F 161 23.50 34.78 -7.55
C ASP F 161 23.02 34.25 -8.89
N GLY F 162 21.71 34.39 -9.14
CA GLY F 162 21.14 33.88 -10.37
C GLY F 162 21.55 34.65 -11.61
N ASN F 163 21.89 35.94 -11.45
CA ASN F 163 22.28 36.74 -12.60
C ASN F 163 23.59 36.25 -13.22
N SER F 164 24.55 35.89 -12.37
CA SER F 164 25.82 35.36 -12.87
C SER F 164 25.59 34.06 -13.64
N GLN F 165 24.73 33.19 -13.10
CA GLN F 165 24.43 31.94 -13.81
C GLN F 165 23.69 32.20 -15.11
N THR F 166 22.82 33.20 -15.14
CA THR F 166 22.15 33.56 -16.39
C THR F 166 23.15 34.02 -17.45
N LEU F 167 24.10 34.87 -17.05
CA LEU F 167 25.12 35.30 -17.98
C LEU F 167 25.97 34.13 -18.45
N ARG F 168 26.30 33.22 -17.53
CA ARG F 168 27.06 32.03 -17.89
C ARG F 168 26.29 31.18 -18.90
N LEU F 169 24.99 31.01 -18.69
CA LEU F 169 24.17 30.22 -19.61
C LEU F 169 24.12 30.86 -20.99
N VAL F 170 23.91 32.17 -21.04
CA VAL F 170 23.76 32.80 -22.34
C VAL F 170 25.10 32.96 -23.07
N THR F 171 26.21 32.94 -22.35
CA THR F 171 27.51 33.16 -22.98
C THR F 171 28.33 31.90 -23.20
N LYS F 172 28.18 30.88 -22.35
CA LYS F 172 29.05 29.71 -22.40
C LYS F 172 28.22 28.42 -22.31
N LEU F 173 27.14 28.33 -23.07
CA LEU F 173 26.34 27.12 -23.02
C LEU F 173 25.68 26.78 -24.35
N GLN F 174 26.32 25.91 -25.13
CA GLN F 174 25.74 25.31 -26.32
C GLN F 174 26.66 24.22 -26.86
N GLY F 179 32.48 28.22 -27.65
CA GLY F 179 32.85 29.33 -26.77
C GLY F 179 31.73 30.33 -26.57
N TYR F 180 30.71 30.24 -27.42
CA TYR F 180 29.55 31.12 -27.37
C TYR F 180 28.28 30.30 -27.31
N GLY F 181 27.23 30.91 -26.78
CA GLY F 181 25.96 30.23 -26.64
C GLY F 181 24.92 30.69 -27.64
N LEU F 182 23.97 31.50 -27.18
CA LEU F 182 22.93 32.06 -28.04
C LEU F 182 23.46 33.11 -29.00
N ASN F 183 24.71 33.55 -28.84
CA ASN F 183 25.32 34.57 -29.68
C ASN F 183 24.49 35.85 -29.66
N LEU F 184 24.16 36.30 -28.45
CA LEU F 184 23.41 37.54 -28.29
C LEU F 184 24.27 38.73 -28.67
N THR F 185 23.61 39.82 -29.05
CA THR F 185 24.33 41.03 -29.42
C THR F 185 25.01 41.64 -28.19
N TYR F 186 25.98 42.53 -28.46
CA TYR F 186 26.71 43.16 -27.37
C TYR F 186 25.79 44.01 -26.51
N ALA F 187 24.81 44.66 -27.12
CA ALA F 187 23.86 45.47 -26.35
C ALA F 187 23.09 44.61 -25.37
N THR F 188 22.60 43.47 -25.82
CA THR F 188 21.85 42.58 -24.93
C THR F 188 22.73 42.09 -23.79
N LEU F 189 23.91 41.58 -24.11
CA LEU F 189 24.80 41.05 -23.07
C LEU F 189 25.19 42.12 -22.07
N ALA F 190 25.44 43.34 -22.55
CA ALA F 190 25.73 44.45 -21.64
C ALA F 190 24.53 44.75 -20.76
N SER F 191 23.32 44.63 -21.30
CA SER F 191 22.13 44.93 -20.52
C SER F 191 21.85 43.87 -19.46
N MET F 192 22.21 42.62 -19.71
CA MET F 192 21.94 41.57 -18.72
C MET F 192 22.88 41.61 -17.53
N ILE F 193 23.95 42.41 -17.57
CA ILE F 193 24.87 42.50 -16.44
C ILE F 193 24.20 43.43 -15.41
N LYS F 194 23.52 42.82 -14.44
CA LYS F 194 22.77 43.61 -13.47
C LYS F 194 23.71 44.37 -12.53
N TYR F 195 24.71 43.68 -11.99
CA TYR F 195 25.69 44.30 -11.10
C TYR F 195 27.05 44.28 -11.78
N PRO F 196 27.52 45.39 -12.32
CA PRO F 196 28.78 45.37 -13.07
C PRO F 196 30.02 45.25 -12.19
N ARG F 197 30.14 44.14 -11.46
CA ARG F 197 31.32 43.89 -10.64
C ARG F 197 31.42 42.39 -10.40
N SER F 198 32.61 41.97 -9.99
CA SER F 198 32.90 40.57 -9.67
C SER F 198 33.05 40.41 -8.16
N SER F 199 33.22 39.16 -7.74
CA SER F 199 33.43 38.87 -6.32
C SER F 199 34.76 39.46 -5.84
N GLU F 200 35.81 39.35 -6.66
CA GLU F 200 37.11 39.88 -6.26
C GLU F 200 37.05 41.40 -6.09
N SER F 201 36.40 42.10 -7.00
CA SER F 201 36.30 43.55 -6.92
C SER F 201 35.31 43.95 -5.84
N ASP F 202 35.73 44.84 -4.95
CA ASP F 202 34.91 45.33 -3.86
C ASP F 202 34.57 46.79 -4.12
N SER F 203 33.28 47.07 -4.29
CA SER F 203 32.80 48.42 -4.52
C SER F 203 31.58 48.68 -3.66
N SER F 204 31.46 49.91 -3.15
CA SER F 204 30.31 50.28 -2.35
C SER F 204 29.07 50.51 -3.19
N LEU F 205 29.22 50.67 -4.50
CA LEU F 205 28.07 50.92 -5.36
C LEU F 205 27.13 49.72 -5.39
N TRP F 206 27.69 48.52 -5.55
CA TRP F 206 26.90 47.30 -5.66
C TRP F 206 27.37 46.30 -4.61
N LYS F 207 26.42 45.73 -3.88
CA LYS F 207 26.71 44.76 -2.85
C LYS F 207 26.67 43.32 -3.35
N LYS F 208 26.40 43.11 -4.63
CA LYS F 208 26.36 41.78 -5.22
C LYS F 208 27.25 41.74 -6.45
N HIS F 209 27.79 40.55 -6.73
CA HIS F 209 28.56 40.33 -7.95
C HIS F 209 27.62 39.95 -9.09
N GLY F 210 27.95 40.42 -10.28
CA GLY F 210 27.08 40.19 -11.42
C GLY F 210 27.55 39.12 -12.39
N PHE F 211 28.77 38.62 -12.20
CA PHE F 211 29.30 37.58 -13.07
C PHE F 211 30.32 36.75 -12.31
N PHE F 212 30.50 35.52 -12.78
CA PHE F 212 31.46 34.61 -12.17
C PHE F 212 32.87 34.95 -12.63
N LEU F 213 33.85 34.30 -11.99
CA LEU F 213 35.24 34.45 -12.42
C LEU F 213 35.43 33.92 -13.83
N SER F 214 34.78 32.81 -14.16
CA SER F 214 34.95 32.19 -15.47
C SER F 214 34.47 33.08 -16.61
N GLU F 215 33.65 34.09 -16.32
CA GLU F 215 33.16 35.01 -17.32
C GLU F 215 33.92 36.33 -17.31
N LYS F 216 34.98 36.44 -16.50
CA LYS F 216 35.71 37.70 -16.40
C LYS F 216 36.23 38.15 -17.75
N ASP F 217 36.70 37.22 -18.57
CA ASP F 217 37.17 37.58 -19.90
C ASP F 217 36.02 37.97 -20.81
N VAL F 218 34.86 37.31 -20.66
CA VAL F 218 33.72 37.63 -21.50
C VAL F 218 33.21 39.03 -21.20
N VAL F 219 32.99 39.33 -19.92
CA VAL F 219 32.45 40.63 -19.53
C VAL F 219 33.41 41.74 -19.96
N GLN F 220 34.71 41.54 -19.73
CA GLN F 220 35.69 42.51 -20.20
C GLN F 220 35.59 42.74 -21.69
N ASP F 221 35.26 41.69 -22.46
CA ASP F 221 35.01 41.88 -23.88
C ASP F 221 33.77 42.74 -24.11
N ILE F 222 32.69 42.43 -23.39
CA ILE F 222 31.44 43.18 -23.55
C ILE F 222 31.65 44.65 -23.23
N TRP F 223 32.30 44.93 -22.10
CA TRP F 223 32.61 46.31 -21.73
C TRP F 223 33.44 46.99 -22.80
N ASN F 224 34.28 46.22 -23.50
CA ASN F 224 35.10 46.81 -24.54
C ASN F 224 34.27 47.23 -25.75
N ASN F 225 33.18 46.52 -26.02
CA ASN F 225 32.36 46.77 -27.21
C ASN F 225 31.14 47.62 -26.92
N THR F 226 30.96 48.08 -25.67
CA THR F 226 29.82 48.89 -25.31
C THR F 226 30.20 50.18 -24.57
N GLY F 227 31.48 50.44 -24.38
CA GLY F 227 31.89 51.64 -23.68
C GLY F 227 31.58 51.63 -22.20
N LEU F 228 31.37 50.46 -21.63
CA LEU F 228 31.07 50.32 -20.21
C LEU F 228 32.33 49.89 -19.46
N SER F 229 32.23 49.87 -18.14
CA SER F 229 33.37 49.54 -17.29
C SER F 229 32.85 48.95 -15.98
N GLU F 230 33.78 48.54 -15.13
CA GLU F 230 33.43 48.03 -13.81
C GLU F 230 32.72 49.10 -13.00
N GLY F 231 31.60 48.72 -12.41
CA GLY F 231 30.78 49.62 -11.63
C GLY F 231 29.84 50.47 -12.44
N VAL F 232 30.00 50.48 -13.76
CA VAL F 232 29.12 51.24 -14.65
C VAL F 232 28.09 50.28 -15.23
N ARG F 233 26.82 50.63 -15.07
CA ARG F 233 25.72 49.75 -15.45
C ARG F 233 25.04 50.28 -16.70
N HIS F 234 24.65 49.36 -17.58
CA HIS F 234 23.97 49.76 -18.80
C HIS F 234 22.65 50.44 -18.46
N PRO F 235 22.29 51.53 -19.15
CA PRO F 235 21.06 52.26 -18.77
C PRO F 235 19.81 51.40 -18.82
N PHE F 236 19.70 50.48 -19.77
CA PHE F 236 18.50 49.67 -19.86
C PHE F 236 18.40 48.64 -18.74
N THR F 237 19.51 48.37 -18.06
CA THR F 237 19.45 47.47 -16.90
C THR F 237 18.61 48.08 -15.78
N TYR F 238 18.68 49.40 -15.62
CA TYR F 238 17.82 50.07 -14.66
C TYR F 238 16.35 49.86 -14.99
N ILE F 239 16.00 49.98 -16.27
CA ILE F 239 14.62 49.78 -16.71
C ILE F 239 14.19 48.35 -16.46
N MET F 240 15.05 47.39 -16.80
CA MET F 240 14.72 45.99 -16.58
C MET F 240 14.53 45.68 -15.10
N GLU F 241 15.39 46.22 -14.25
CA GLU F 241 15.25 46.01 -12.81
C GLU F 241 13.99 46.65 -12.26
N ALA F 242 13.65 47.85 -12.75
CA ALA F 242 12.42 48.50 -12.30
C ALA F 242 11.20 47.70 -12.73
N CYS F 243 11.20 47.18 -13.96
CA CYS F 243 10.09 46.35 -14.40
C CYS F 243 10.01 45.06 -13.59
N ASP F 244 11.15 44.48 -13.26
CA ASP F 244 11.17 43.28 -12.42
C ASP F 244 10.56 43.57 -11.06
N ASP F 245 10.93 44.70 -10.45
CA ASP F 245 10.39 45.04 -9.13
C ASP F 245 8.88 45.30 -9.21
N ILE F 246 8.43 46.00 -10.25
CA ILE F 246 7.01 46.29 -10.41
C ILE F 246 6.23 44.99 -10.56
N ALA F 247 6.72 44.10 -11.42
CA ALA F 247 6.07 42.80 -11.59
C ALA F 247 6.03 42.04 -10.28
N TYR F 248 7.18 41.93 -9.61
CA TYR F 248 7.24 41.27 -8.31
C TYR F 248 6.14 41.78 -7.40
N SER F 249 6.16 43.07 -7.08
CA SER F 249 5.23 43.62 -6.10
C SER F 249 3.78 43.42 -6.54
N VAL F 250 3.41 43.99 -7.69
CA VAL F 250 2.00 44.02 -8.08
C VAL F 250 1.47 42.61 -8.30
N LEU F 251 2.20 41.80 -9.05
CA LEU F 251 1.70 40.47 -9.39
C LEU F 251 1.74 39.52 -8.21
N ASP F 252 2.68 39.67 -7.28
CA ASP F 252 2.63 38.87 -6.07
C ASP F 252 1.44 39.26 -5.20
N ALA F 253 1.11 40.55 -5.14
CA ALA F 253 -0.11 40.96 -4.45
C ALA F 253 -1.33 40.35 -5.12
N GLU F 254 -1.37 40.35 -6.44
CA GLU F 254 -2.50 39.76 -7.16
C GLU F 254 -2.60 38.27 -6.89
N ASP F 255 -1.47 37.56 -6.86
CA ASP F 255 -1.48 36.14 -6.56
C ASP F 255 -1.94 35.88 -5.13
N ILE F 256 -1.53 36.75 -4.19
CA ILE F 256 -1.99 36.61 -2.81
C ILE F 256 -3.50 36.74 -2.73
N ILE F 257 -4.05 37.74 -3.42
CA ILE F 257 -5.50 37.92 -3.40
C ILE F 257 -6.19 36.73 -4.06
N LYS F 258 -5.64 36.25 -5.18
CA LYS F 258 -6.28 35.15 -5.90
C LYS F 258 -6.28 33.87 -5.07
N LYS F 259 -5.17 33.57 -4.39
CA LYS F 259 -5.09 32.36 -3.59
C LYS F 259 -5.95 32.42 -2.34
N GLY F 260 -6.51 33.57 -2.00
CA GLY F 260 -7.35 33.71 -0.83
C GLY F 260 -6.62 34.01 0.46
N PHE F 261 -5.30 34.22 0.41
CA PHE F 261 -4.56 34.56 1.62
C PHE F 261 -4.92 35.93 2.16
N ALA F 262 -5.47 36.80 1.31
CA ALA F 262 -5.91 38.12 1.73
C ALA F 262 -6.97 38.60 0.76
N SER F 263 -7.70 39.62 1.17
CA SER F 263 -8.77 40.19 0.37
C SER F 263 -8.31 41.52 -0.23
N PHE F 264 -9.08 41.98 -1.22
CA PHE F 264 -8.80 43.28 -1.83
C PHE F 264 -8.89 44.40 -0.80
N HIS F 265 -9.89 44.34 0.07
CA HIS F 265 -10.01 45.33 1.14
C HIS F 265 -8.82 45.29 2.08
N ASP F 266 -8.26 44.10 2.32
CA ASP F 266 -7.05 44.01 3.14
C ASP F 266 -5.90 44.77 2.50
N LEU F 267 -5.72 44.61 1.19
CA LEU F 267 -4.65 45.33 0.49
C LEU F 267 -4.90 46.84 0.52
N ILE F 268 -6.16 47.25 0.31
CA ILE F 268 -6.47 48.67 0.33
C ILE F 268 -6.19 49.27 1.70
N ASP F 269 -6.59 48.57 2.76
CA ASP F 269 -6.33 49.05 4.11
C ASP F 269 -4.83 49.09 4.40
N PHE F 270 -4.10 48.08 3.95
CA PHE F 270 -2.66 48.05 4.18
C PHE F 270 -1.98 49.23 3.50
N ILE F 271 -2.37 49.53 2.26
CA ILE F 271 -1.79 50.68 1.57
C ILE F 271 -2.18 51.98 2.24
N GLN F 272 -3.45 52.11 2.62
CA GLN F 272 -3.91 53.34 3.27
C GLN F 272 -3.25 53.54 4.62
N SER F 273 -3.10 52.48 5.40
CA SER F 273 -2.49 52.56 6.72
C SER F 273 -0.97 52.59 6.69
N ASN F 274 -0.37 52.41 5.51
CA ASN F 274 1.08 52.48 5.41
C ASN F 274 1.56 53.90 5.71
N GLN F 275 2.64 54.00 6.48
CA GLN F 275 3.13 55.30 6.91
C GLN F 275 3.59 56.15 5.72
N PHE F 276 4.34 55.55 4.81
CA PHE F 276 4.86 56.31 3.68
C PHE F 276 3.80 56.55 2.62
N CYS F 277 2.88 55.59 2.43
CA CYS F 277 1.85 55.75 1.42
C CYS F 277 0.81 56.80 1.78
N LYS F 278 0.77 57.23 3.03
CA LYS F 278 -0.04 58.39 3.38
C LYS F 278 0.50 59.62 2.68
N GLU F 279 -0.40 60.53 2.30
CA GLU F 279 -0.12 61.74 1.54
C GLU F 279 0.89 61.50 0.42
N ASP F 280 0.74 60.38 -0.29
CA ASP F 280 1.55 60.06 -1.46
C ASP F 280 0.64 60.10 -2.68
N ASP F 281 1.01 60.91 -3.68
CA ASP F 281 0.10 61.21 -4.78
C ASP F 281 -0.28 59.95 -5.56
N VAL F 282 0.71 59.13 -5.92
CA VAL F 282 0.43 57.94 -6.70
C VAL F 282 -0.41 56.96 -5.91
N ALA F 283 -0.06 56.74 -4.65
CA ALA F 283 -0.82 55.81 -3.82
C ALA F 283 -2.25 56.29 -3.63
N LYS F 284 -2.44 57.58 -3.36
CA LYS F 284 -3.80 58.10 -3.20
C LYS F 284 -4.61 57.98 -4.48
N ARG F 285 -3.98 58.28 -5.63
CA ARG F 285 -4.68 58.17 -6.90
C ARG F 285 -5.15 56.74 -7.14
N VAL F 286 -4.24 55.78 -6.95
CA VAL F 286 -4.60 54.38 -7.15
C VAL F 286 -5.70 53.97 -6.18
N ILE F 287 -5.60 54.40 -4.91
CA ILE F 287 -6.58 54.00 -3.91
C ILE F 287 -7.96 54.54 -4.28
N GLU F 288 -8.04 55.81 -4.67
CA GLU F 288 -9.33 56.39 -5.03
C GLU F 288 -9.92 55.72 -6.26
N ASN F 289 -9.11 55.48 -7.30
CA ASN F 289 -9.62 54.82 -8.49
C ASN F 289 -10.14 53.42 -8.16
N CYS F 290 -9.38 52.67 -7.38
CA CYS F 290 -9.79 51.31 -7.02
C CYS F 290 -11.04 51.32 -6.15
N LYS F 291 -11.16 52.29 -5.25
CA LYS F 291 -12.35 52.37 -4.41
C LYS F 291 -13.59 52.68 -5.25
N LYS F 292 -13.47 53.61 -6.20
CA LYS F 292 -14.62 53.88 -7.08
C LYS F 292 -14.99 52.65 -7.89
N ILE F 293 -14.00 51.97 -8.46
CA ILE F 293 -14.30 50.80 -9.28
C ILE F 293 -14.91 49.68 -8.43
N HIS F 294 -14.41 49.51 -7.21
CA HIS F 294 -14.96 48.49 -6.32
C HIS F 294 -16.40 48.81 -5.94
N ALA F 295 -16.69 50.09 -5.67
CA ALA F 295 -18.06 50.49 -5.38
C ALA F 295 -18.97 50.19 -6.56
N ASP F 296 -18.51 50.47 -7.79
CA ASP F 296 -19.30 50.15 -8.97
C ASP F 296 -19.50 48.65 -9.11
N TYR F 297 -18.44 47.86 -8.84
CA TYR F 297 -18.52 46.42 -9.03
C TYR F 297 -19.43 45.76 -8.00
N ALA F 298 -19.49 46.31 -6.79
CA ALA F 298 -20.22 45.65 -5.72
C ALA F 298 -21.70 45.48 -6.05
N GLN F 299 -22.23 46.33 -6.93
CA GLN F 299 -23.63 46.22 -7.32
C GLN F 299 -23.91 44.90 -8.03
N GLN F 300 -23.03 44.49 -8.94
CA GLN F 300 -23.19 43.24 -9.66
C GLN F 300 -23.12 42.06 -8.71
N LYS F 301 -24.05 41.13 -8.85
CA LYS F 301 -24.14 39.97 -7.97
C LYS F 301 -23.04 38.99 -8.35
N LEU F 302 -21.94 39.01 -7.59
CA LEU F 302 -20.81 38.13 -7.81
C LEU F 302 -20.42 37.46 -6.50
N SER F 303 -19.82 36.27 -6.62
CA SER F 303 -19.29 35.59 -5.46
C SER F 303 -18.14 36.42 -4.86
N PRO F 304 -17.90 36.30 -3.55
CA PRO F 304 -16.79 37.08 -2.95
C PRO F 304 -15.45 36.86 -3.64
N ALA F 305 -15.17 35.63 -4.07
CA ALA F 305 -13.96 35.37 -4.83
C ALA F 305 -13.97 36.13 -6.15
N GLU F 306 -15.11 36.13 -6.84
CA GLU F 306 -15.20 36.84 -8.12
C GLU F 306 -15.05 38.34 -7.95
N LEU F 307 -15.69 38.91 -6.93
CA LEU F 307 -15.54 40.34 -6.66
C LEU F 307 -14.10 40.69 -6.31
N ASN F 308 -13.46 39.86 -5.48
CA ASN F 308 -12.07 40.07 -5.16
C ASN F 308 -11.20 40.01 -6.41
N ASP F 309 -11.45 39.04 -7.28
CA ASP F 309 -10.67 38.92 -8.51
C ASP F 309 -10.82 40.14 -9.40
N MET F 310 -12.06 40.61 -9.58
CA MET F 310 -12.28 41.78 -10.44
C MET F 310 -11.63 43.02 -9.86
N SER F 311 -11.80 43.24 -8.56
CA SER F 311 -11.19 44.41 -7.92
C SER F 311 -9.68 44.34 -7.99
N MET F 312 -9.10 43.15 -7.78
CA MET F 312 -7.66 43.01 -7.83
C MET F 312 -7.14 43.19 -9.26
N GLN F 313 -7.89 42.75 -10.26
CA GLN F 313 -7.48 42.97 -11.64
C GLN F 313 -7.46 44.46 -11.96
N MET F 314 -8.50 45.19 -11.56
CA MET F 314 -8.50 46.63 -11.80
C MET F 314 -7.39 47.33 -11.04
N PHE F 315 -7.13 46.89 -9.80
CA PHE F 315 -6.01 47.46 -9.04
C PHE F 315 -4.69 47.18 -9.73
N ARG F 316 -4.52 45.97 -10.27
CA ARG F 316 -3.30 45.64 -10.98
C ARG F 316 -3.11 46.55 -12.19
N VAL F 317 -4.18 46.77 -12.95
CA VAL F 317 -4.10 47.64 -14.12
C VAL F 317 -3.67 49.04 -13.70
N TYR F 318 -4.37 49.61 -12.71
CA TYR F 318 -4.08 50.98 -12.29
C TYR F 318 -2.67 51.11 -11.73
N ALA F 319 -2.28 50.20 -10.85
CA ALA F 319 -0.98 50.27 -10.19
C ALA F 319 0.15 50.08 -11.20
N ILE F 320 0.00 49.12 -12.11
CA ILE F 320 1.03 48.89 -13.12
C ILE F 320 1.16 50.12 -14.01
N ALA F 321 0.04 50.70 -14.42
CA ALA F 321 0.11 51.90 -15.26
C ALA F 321 0.82 53.03 -14.53
N GLU F 322 0.45 53.28 -13.27
CA GLU F 322 1.06 54.37 -12.52
C GLU F 322 2.55 54.14 -12.30
N LEU F 323 2.93 52.92 -11.92
CA LEU F 323 4.33 52.63 -11.65
C LEU F 323 5.16 52.69 -12.92
N VAL F 324 4.62 52.21 -14.05
CA VAL F 324 5.34 52.27 -15.30
C VAL F 324 5.53 53.72 -15.74
N ASP F 325 4.49 54.54 -15.59
CA ASP F 325 4.62 55.95 -15.95
C ASP F 325 5.65 56.65 -15.07
N ALA F 326 5.64 56.35 -13.77
CA ALA F 326 6.63 56.95 -12.87
C ALA F 326 8.04 56.52 -13.25
N VAL F 327 8.22 55.24 -13.58
CA VAL F 327 9.53 54.74 -13.99
C VAL F 327 10.00 55.42 -15.26
N VAL F 328 9.09 55.59 -16.22
CA VAL F 328 9.44 56.27 -17.47
C VAL F 328 9.87 57.70 -17.19
N ILE F 329 9.12 58.41 -16.35
CA ILE F 329 9.46 59.80 -16.03
C ILE F 329 10.81 59.88 -15.34
N ALA F 330 11.07 58.98 -14.38
CA ALA F 330 12.34 58.99 -13.68
C ALA F 330 13.49 58.70 -14.62
N PHE F 331 13.32 57.74 -15.53
CA PHE F 331 14.38 57.41 -16.49
C PHE F 331 14.64 58.58 -17.42
N LYS F 332 13.58 59.22 -17.91
CA LYS F 332 13.76 60.36 -18.81
C LYS F 332 14.45 61.53 -18.12
N ASP F 333 14.07 61.79 -16.86
CA ASP F 333 14.66 62.93 -16.14
C ASP F 333 16.13 62.68 -15.82
N ASN F 334 16.49 61.44 -15.51
CA ASN F 334 17.85 61.11 -15.09
C ASN F 334 18.66 60.47 -16.20
N ILE F 335 18.30 60.70 -17.46
CA ILE F 335 18.99 60.03 -18.57
C ILE F 335 20.43 60.52 -18.67
N ASN F 336 20.68 61.80 -18.39
CA ASN F 336 22.04 62.32 -18.47
C ASN F 336 22.94 61.66 -17.43
N GLU F 337 22.43 61.47 -16.21
CA GLU F 337 23.21 60.80 -15.19
C GLU F 337 23.44 59.33 -15.54
N PHE F 338 22.44 58.67 -16.13
CA PHE F 338 22.59 57.27 -16.52
C PHE F 338 23.64 57.11 -17.61
N LEU F 339 23.81 58.12 -18.46
CA LEU F 339 24.80 58.06 -19.53
C LEU F 339 26.18 58.50 -19.06
N ASN F 340 26.33 58.86 -17.79
CA ASN F 340 27.62 59.26 -17.24
C ASN F 340 28.25 58.08 -16.52
N ASP F 341 29.58 57.95 -16.68
CA ASP F 341 30.30 56.85 -16.06
C ASP F 341 30.29 56.91 -14.54
N THR F 342 30.01 58.07 -13.96
CA THR F 342 29.99 58.26 -12.52
C THR F 342 28.57 58.24 -11.96
N CYS F 343 27.70 57.42 -12.53
CA CYS F 343 26.32 57.36 -12.06
C CYS F 343 26.26 56.75 -10.67
N GLU F 344 25.53 57.42 -9.77
CA GLU F 344 25.35 56.95 -8.40
C GLU F 344 23.96 56.41 -8.14
N ILE F 345 23.11 56.33 -9.16
CA ILE F 345 21.75 55.82 -8.99
C ILE F 345 21.81 54.32 -8.71
N LYS F 346 21.10 53.89 -7.66
CA LYS F 346 21.07 52.48 -7.31
C LYS F 346 19.90 51.74 -7.96
N ASP F 347 18.76 52.40 -8.11
CA ASP F 347 17.60 51.79 -8.76
C ASP F 347 16.72 52.90 -9.32
N LEU F 348 15.93 52.53 -10.34
CA LEU F 348 15.06 53.50 -10.98
C LEU F 348 13.82 53.81 -10.15
N ILE F 349 13.34 52.83 -9.37
CA ILE F 349 12.11 53.02 -8.60
C ILE F 349 12.30 54.10 -7.55
N SER F 350 13.44 54.07 -6.83
CA SER F 350 13.65 55.00 -5.73
C SER F 350 13.72 56.45 -6.20
N CYS F 351 14.06 56.68 -7.46
CA CYS F 351 14.07 58.03 -8.01
C CYS F 351 12.75 58.43 -8.64
N SER F 352 11.75 57.56 -8.60
CA SER F 352 10.45 57.83 -9.19
C SER F 352 9.43 58.17 -8.12
N SER F 353 8.27 58.64 -8.57
CA SER F 353 7.19 58.99 -7.66
C SER F 353 6.43 57.77 -7.16
N GLY F 354 6.70 56.58 -7.69
CA GLY F 354 5.99 55.39 -7.28
C GLY F 354 6.78 54.51 -6.32
N LYS F 355 7.84 55.07 -5.72
CA LYS F 355 8.66 54.28 -4.81
C LYS F 355 7.88 53.89 -3.55
N ASN F 356 7.06 54.80 -3.03
CA ASN F 356 6.30 54.50 -1.82
C ASN F 356 5.30 53.39 -2.05
N LEU F 357 4.59 53.43 -3.19
CA LEU F 357 3.62 52.39 -3.50
C LEU F 357 4.30 51.04 -3.67
N CYS F 358 5.46 51.03 -4.35
CA CYS F 358 6.19 49.78 -4.53
C CYS F 358 6.67 49.22 -3.21
N GLN F 359 7.17 50.09 -2.32
CA GLN F 359 7.61 49.64 -1.01
C GLN F 359 6.45 49.07 -0.20
N ALA F 360 5.30 49.74 -0.22
CA ALA F 360 4.14 49.25 0.50
C ALA F 360 3.67 47.91 -0.06
N LEU F 361 3.67 47.76 -1.39
CA LEU F 361 3.29 46.49 -1.99
C LEU F 361 4.25 45.38 -1.61
N LYS F 362 5.55 45.68 -1.58
CA LYS F 362 6.53 44.68 -1.17
C LYS F 362 6.33 44.28 0.28
N LYS F 363 6.05 45.25 1.16
CA LYS F 363 5.78 44.92 2.55
C LYS F 363 4.52 44.07 2.69
N PHE F 364 3.48 44.39 1.92
CA PHE F 364 2.26 43.60 1.95
C PHE F 364 2.52 42.17 1.49
N ASP F 365 3.30 42.01 0.42
CA ASP F 365 3.63 40.67 -0.07
C ASP F 365 4.44 39.90 0.96
N SER F 366 5.39 40.55 1.61
CA SER F 366 6.19 39.88 2.63
C SER F 366 5.33 39.46 3.82
N SER F 367 4.40 40.34 4.23
CA SER F 367 3.60 40.04 5.42
C SER F 367 2.57 38.95 5.15
N ARG F 368 1.90 39.01 4.00
CA ARG F 368 0.80 38.09 3.73
C ARG F 368 1.16 36.93 2.83
N GLY F 369 2.03 37.14 1.84
CA GLY F 369 2.34 36.08 0.91
C GLY F 369 3.60 35.29 1.20
N TYR F 370 4.72 35.99 1.43
CA TYR F 370 5.99 35.29 1.55
C TYR F 370 6.10 34.54 2.87
N GLN F 371 5.40 34.99 3.90
CA GLN F 371 5.44 34.35 5.20
C GLN F 371 4.23 33.45 5.44
N HIS F 372 3.43 33.19 4.41
CA HIS F 372 2.34 32.23 4.55
C HIS F 372 2.89 30.83 4.76
N ARG F 373 2.09 29.99 5.42
CA ARG F 373 2.56 28.66 5.78
C ARG F 373 2.87 27.82 4.54
N SER F 374 2.09 27.98 3.48
CA SER F 374 2.36 27.23 2.26
C SER F 374 3.70 27.62 1.64
N VAL F 375 4.00 28.91 1.60
CA VAL F 375 5.26 29.36 1.03
C VAL F 375 6.42 28.94 1.93
N LEU F 376 6.24 29.01 3.25
CA LEU F 376 7.28 28.56 4.15
C LEU F 376 7.55 27.07 4.00
N LYS F 377 6.49 26.27 3.85
CA LYS F 377 6.68 24.84 3.63
C LYS F 377 7.38 24.57 2.31
N LEU F 378 7.02 25.31 1.26
CA LEU F 378 7.69 25.14 -0.02
C LEU F 378 9.17 25.49 0.10
N GLU F 379 9.50 26.57 0.81
CA GLU F 379 10.90 26.95 0.98
C GLU F 379 11.66 25.90 1.78
N LEU F 380 11.06 25.37 2.84
CA LEU F 380 11.72 24.35 3.65
C LEU F 380 11.97 23.09 2.83
N GLU F 381 10.96 22.64 2.09
CA GLU F 381 11.12 21.46 1.25
C GLU F 381 12.19 21.68 0.19
N GLY F 382 12.20 22.86 -0.44
CA GLY F 382 13.20 23.16 -1.44
C GLY F 382 14.60 23.17 -0.85
N SER F 383 14.75 23.77 0.33
CA SER F 383 16.06 23.78 0.98
C SER F 383 16.53 22.37 1.29
N ASN F 384 15.64 21.54 1.84
CA ASN F 384 16.00 20.16 2.15
C ASN F 384 16.43 19.41 0.88
N TYR F 385 15.60 19.49 -0.16
CA TYR F 385 15.91 18.78 -1.41
C TYR F 385 17.22 19.26 -2.01
N ILE F 386 17.40 20.58 -2.08
CA ILE F 386 18.59 21.13 -2.72
C ILE F 386 19.84 20.74 -1.96
N LYS F 387 19.81 20.86 -0.62
CA LYS F 387 21.00 20.54 0.15
C LYS F 387 21.33 19.05 0.10
N GLY F 388 20.31 18.19 0.17
CA GLY F 388 20.57 16.76 0.06
C GLY F 388 21.14 16.37 -1.29
N LEU F 389 20.54 16.91 -2.37
CA LEU F 389 21.04 16.61 -3.70
C LEU F 389 22.44 17.16 -3.91
N MET F 390 22.73 18.33 -3.36
CA MET F 390 24.07 18.89 -3.46
C MET F 390 25.09 18.03 -2.72
N ASP F 391 24.73 17.52 -1.54
CA ASP F 391 25.62 16.57 -0.85
C ASP F 391 25.89 15.35 -1.71
N MET F 392 24.83 14.75 -2.25
CA MET F 392 25.00 13.51 -3.02
C MET F 392 25.77 13.75 -4.31
N LEU F 393 25.62 14.93 -4.93
CA LEU F 393 26.39 15.23 -6.14
C LEU F 393 27.83 15.56 -5.80
N TRP F 394 28.07 16.29 -4.71
CA TRP F 394 29.43 16.56 -4.28
C TRP F 394 30.18 15.28 -3.96
N LEU F 395 29.46 14.24 -3.52
CA LEU F 395 30.11 12.95 -3.31
C LEU F 395 30.76 12.43 -4.59
N GLY F 396 30.22 12.78 -5.75
CA GLY F 396 30.77 12.31 -7.01
C GLY F 396 31.51 13.36 -7.81
N ILE F 397 31.48 14.61 -7.36
CA ILE F 397 32.14 15.70 -8.06
C ILE F 397 33.49 16.04 -7.43
N LYS F 398 33.55 16.10 -6.09
CA LYS F 398 34.75 16.56 -5.41
C LYS F 398 35.95 15.69 -5.74
N GLY F 399 37.07 16.34 -6.06
CA GLY F 399 38.31 15.66 -6.37
C GLY F 399 38.51 15.30 -7.82
N ARG F 400 37.49 15.50 -8.67
CA ARG F 400 37.62 15.12 -10.07
C ARG F 400 38.67 15.98 -10.79
N ALA F 401 38.85 17.22 -10.36
CA ALA F 401 39.82 18.11 -10.98
C ALA F 401 41.08 18.32 -10.16
N THR F 402 40.98 18.22 -8.83
CA THR F 402 42.18 18.38 -8.00
C THR F 402 43.12 17.20 -8.15
N GLY F 403 42.57 16.00 -8.34
CA GLY F 403 43.39 14.82 -8.50
C GLY F 403 43.04 13.71 -7.52
N ASP F 404 42.58 14.08 -6.34
CA ASP F 404 42.20 13.09 -5.34
C ASP F 404 41.01 12.27 -5.84
N THR F 405 41.08 10.96 -5.64
CA THR F 405 40.18 10.00 -6.29
C THR F 405 39.16 9.41 -5.32
N GLN F 406 38.62 10.22 -4.41
CA GLN F 406 37.52 9.74 -3.59
C GLN F 406 36.24 9.57 -4.38
N TYR F 407 36.13 10.21 -5.55
CA TYR F 407 34.93 10.16 -6.38
C TYR F 407 34.80 8.85 -7.12
N ASP F 408 35.88 8.08 -7.29
CA ASP F 408 35.86 6.89 -8.14
C ASP F 408 35.22 5.72 -7.38
N THR F 409 33.91 5.87 -7.18
CA THR F 409 33.05 4.84 -6.61
C THR F 409 31.86 4.67 -7.54
N PRO F 410 31.20 3.50 -7.50
CA PRO F 410 30.03 3.32 -8.38
C PRO F 410 28.96 4.39 -8.18
N PHE F 411 28.71 4.80 -6.93
CA PHE F 411 27.77 5.89 -6.69
C PHE F 411 28.29 7.20 -7.25
N GLY F 412 29.58 7.48 -7.05
CA GLY F 412 30.15 8.70 -7.60
C GLY F 412 30.12 8.73 -9.11
N ARG F 413 30.46 7.60 -9.74
CA ARG F 413 30.40 7.53 -11.19
C ARG F 413 28.98 7.70 -11.70
N TYR F 414 28.01 7.09 -11.01
CA TYR F 414 26.62 7.23 -11.42
C TYR F 414 26.15 8.67 -11.32
N VAL F 415 26.42 9.33 -10.19
CA VAL F 415 25.94 10.70 -10.02
C VAL F 415 26.66 11.64 -10.96
N TYR F 416 27.92 11.36 -11.29
CA TYR F 416 28.59 12.16 -12.32
C TYR F 416 27.94 11.94 -13.68
N GLY F 417 27.55 10.70 -14.00
CA GLY F 417 26.89 10.43 -15.26
C GLY F 417 25.49 10.99 -15.36
N ARG F 418 24.84 11.23 -14.22
CA ARG F 418 23.51 11.84 -14.22
C ARG F 418 23.55 13.35 -14.47
N ILE F 419 24.71 13.98 -14.32
CA ILE F 419 24.83 15.40 -14.62
C ILE F 419 24.73 15.61 -16.12
N SER F 420 24.18 16.77 -16.52
CA SER F 420 24.00 17.08 -17.93
C SER F 420 25.34 17.07 -18.65
N GLU F 421 25.33 16.56 -19.89
CA GLU F 421 26.58 16.34 -20.62
C GLU F 421 27.30 17.64 -20.91
N ASN F 422 26.55 18.70 -21.21
CA ASN F 422 27.17 19.99 -21.53
C ASN F 422 27.95 20.54 -20.33
N TYR F 423 27.37 20.45 -19.14
CA TYR F 423 28.06 20.92 -17.94
C TYR F 423 29.34 20.13 -17.70
N ARG F 424 29.28 18.81 -17.88
CA ARG F 424 30.47 17.98 -17.73
C ARG F 424 31.53 18.33 -18.77
N ARG F 425 31.11 18.61 -20.00
CA ARG F 425 32.06 18.99 -21.04
C ARG F 425 32.76 20.30 -20.69
N ILE F 426 32.00 21.26 -20.19
CA ILE F 426 32.62 22.52 -19.76
C ILE F 426 33.55 22.29 -18.58
N PHE F 427 33.17 21.40 -17.66
CA PHE F 427 34.02 21.10 -16.52
C PHE F 427 35.33 20.46 -16.94
N GLU F 428 35.29 19.58 -17.95
CA GLU F 428 36.48 18.86 -18.39
C GLU F 428 37.38 19.69 -19.30
N GLN F 429 36.93 20.87 -19.73
CA GLN F 429 37.76 21.73 -20.56
C GLN F 429 38.97 22.23 -19.76
N GLU F 430 40.08 22.44 -20.47
CA GLU F 430 41.29 22.94 -19.86
C GLU F 430 41.29 24.46 -19.94
N ASN F 431 41.40 25.12 -18.78
CA ASN F 431 41.47 26.57 -18.72
C ASN F 431 42.29 26.96 -17.49
N ASN F 432 42.26 28.23 -17.15
CA ASN F 432 43.05 28.75 -16.04
C ASN F 432 42.28 28.76 -14.72
N LEU F 433 41.05 28.27 -14.71
CA LEU F 433 40.29 28.24 -13.46
C LEU F 433 40.90 27.22 -12.50
N PRO F 434 40.97 27.54 -11.20
CA PRO F 434 41.44 26.55 -10.23
C PRO F 434 40.50 25.34 -10.17
N ALA F 435 41.08 24.20 -9.81
CA ALA F 435 40.34 22.94 -9.85
C ALA F 435 39.13 22.96 -8.91
N CYS F 436 39.31 23.48 -7.70
CA CYS F 436 38.19 23.56 -6.76
C CYS F 436 37.10 24.45 -7.30
N TYR F 437 37.48 25.57 -7.93
CA TYR F 437 36.50 26.44 -8.56
C TYR F 437 35.76 25.70 -9.66
N LYS F 438 36.47 24.90 -10.46
CA LYS F 438 35.82 24.16 -11.53
C LYS F 438 34.81 23.16 -10.97
N GLU F 439 35.17 22.44 -9.91
CA GLU F 439 34.23 21.49 -9.32
C GLU F 439 33.00 22.19 -8.74
N ALA F 440 33.22 23.30 -8.02
CA ALA F 440 32.10 24.04 -7.45
C ALA F 440 31.21 24.59 -8.55
N GLN F 441 31.79 25.07 -9.65
CA GLN F 441 31.00 25.60 -10.75
C GLN F 441 30.23 24.48 -11.44
N LEU F 442 30.81 23.30 -11.55
CA LEU F 442 30.07 22.16 -12.09
C LEU F 442 28.85 21.85 -11.24
N LEU F 443 29.03 21.83 -9.92
CA LEU F 443 27.90 21.58 -9.03
C LEU F 443 26.84 22.67 -9.15
N ALA F 444 27.28 23.93 -9.21
CA ALA F 444 26.34 25.05 -9.31
C ALA F 444 25.56 25.01 -10.62
N ASP F 445 26.25 24.70 -11.73
CA ASP F 445 25.58 24.59 -13.01
C ASP F 445 24.58 23.44 -13.01
N ALA F 446 24.95 22.30 -12.41
CA ALA F 446 24.04 21.18 -12.36
C ALA F 446 22.78 21.53 -11.55
N ILE F 447 22.96 22.13 -10.37
CA ILE F 447 21.81 22.39 -9.51
C ILE F 447 20.93 23.49 -10.09
N SER F 448 21.54 24.56 -10.62
CA SER F 448 20.77 25.70 -11.08
C SER F 448 19.89 25.36 -12.27
N GLY F 449 20.35 24.48 -13.15
CA GLY F 449 19.60 24.17 -14.36
C GLY F 449 18.42 23.25 -14.18
N MET F 450 18.23 22.69 -12.98
CA MET F 450 17.15 21.76 -12.76
C MET F 450 15.85 22.50 -12.43
N THR F 451 14.73 21.88 -12.80
CA THR F 451 13.42 22.33 -12.36
C THR F 451 13.08 21.70 -11.02
N ASP F 452 11.95 22.13 -10.45
CA ASP F 452 11.56 21.62 -9.14
C ASP F 452 11.28 20.12 -9.19
N SER F 453 10.44 19.69 -10.13
CA SER F 453 10.06 18.28 -10.20
C SER F 453 11.26 17.42 -10.56
N TYR F 454 12.09 17.86 -11.50
CA TYR F 454 13.27 17.09 -11.87
C TYR F 454 14.24 16.99 -10.69
N LEU F 455 14.43 18.08 -9.96
CA LEU F 455 15.31 18.04 -8.80
C LEU F 455 14.79 17.08 -7.75
N ILE F 456 13.47 17.10 -7.49
CA ILE F 456 12.90 16.18 -6.51
C ILE F 456 13.08 14.74 -6.96
N ALA F 457 12.81 14.47 -8.24
CA ALA F 457 12.94 13.10 -8.75
C ALA F 457 14.38 12.60 -8.65
N LEU F 458 15.34 13.45 -9.04
CA LEU F 458 16.74 13.05 -8.95
C LEU F 458 17.17 12.85 -7.51
N HIS F 459 16.70 13.72 -6.61
CA HIS F 459 17.02 13.56 -5.20
C HIS F 459 16.49 12.24 -4.66
N ASP F 460 15.25 11.89 -4.99
CA ASP F 460 14.68 10.63 -4.54
C ASP F 460 15.45 9.45 -5.11
N GLU F 461 15.80 9.50 -6.40
CA GLU F 461 16.56 8.42 -7.02
C GLU F 461 17.90 8.21 -6.32
N LEU F 462 18.65 9.30 -6.17
CA LEU F 462 19.97 9.18 -5.55
C LEU F 462 19.87 8.74 -4.10
N ARG F 463 18.88 9.24 -3.36
CA ARG F 463 18.68 8.82 -1.98
C ARG F 463 18.38 7.34 -1.90
N ALA F 464 17.57 6.82 -2.82
CA ALA F 464 17.31 5.39 -2.86
C ALA F 464 18.58 4.62 -3.17
N LEU F 465 19.41 5.13 -4.07
CA LEU F 465 20.62 4.41 -4.46
C LEU F 465 21.81 4.64 -3.54
N HIS F 466 21.70 5.57 -2.59
CA HIS F 466 22.81 5.92 -1.70
C HIS F 466 22.76 5.17 -0.38
N GLN F 467 21.83 4.24 -0.21
CA GLN F 467 21.61 3.65 1.10
C GLN F 467 22.83 2.89 1.59
N TYR F 468 23.47 2.09 0.72
CA TYR F 468 24.59 1.28 1.17
C TYR F 468 25.82 2.15 1.45
N GLU F 469 26.15 3.05 0.53
CA GLU F 469 27.36 3.85 0.69
C GLU F 469 27.23 4.88 1.80
N CYS F 470 26.00 5.22 2.21
CA CYS F 470 25.83 6.19 3.30
C CYS F 470 26.40 5.66 4.60
N ARG F 471 26.17 4.38 4.90
CA ARG F 471 26.67 3.79 6.13
C ARG F 471 27.69 2.69 5.82
N GLY G 1 9.56 -43.73 -57.45
CA GLY G 1 10.34 -42.51 -57.39
C GLY G 1 11.04 -42.31 -56.07
N SER G 2 12.35 -42.10 -56.11
CA SER G 2 13.15 -41.87 -54.93
C SER G 2 13.82 -40.51 -55.01
N MET G 3 13.73 -39.74 -53.93
CA MET G 3 14.35 -38.42 -53.90
C MET G 3 15.86 -38.56 -53.80
N HIS G 4 16.56 -37.54 -54.27
CA HIS G 4 18.02 -37.53 -54.32
C HIS G 4 18.57 -36.57 -53.28
N TRP G 5 19.70 -36.94 -52.68
CA TRP G 5 20.31 -36.10 -51.66
C TRP G 5 20.81 -34.77 -52.21
N ASN G 6 21.09 -34.69 -53.52
CA ASN G 6 21.51 -33.42 -54.10
C ASN G 6 20.41 -32.38 -53.99
N ASP G 7 19.15 -32.78 -54.23
CA ASP G 7 18.04 -31.85 -54.08
C ASP G 7 17.72 -31.60 -52.61
N LEU G 8 17.77 -32.65 -51.80
CA LEU G 8 17.43 -32.50 -50.38
C LEU G 8 18.44 -31.63 -49.64
N LEU G 9 19.70 -31.63 -50.09
CA LEU G 9 20.75 -30.80 -49.51
C LEU G 9 21.04 -29.58 -50.36
N ASN G 10 20.01 -29.03 -50.99
CA ASN G 10 20.19 -27.85 -51.83
C ASN G 10 20.65 -26.66 -50.99
N SER G 11 21.80 -26.11 -51.34
CA SER G 11 22.38 -24.99 -50.62
C SER G 11 22.00 -23.64 -51.22
N ASN G 12 21.17 -23.63 -52.26
CA ASN G 12 20.71 -22.38 -52.82
C ASN G 12 19.69 -21.73 -51.89
N ARG G 13 19.48 -20.43 -52.08
CA ARG G 13 18.58 -19.64 -51.27
C ARG G 13 17.48 -19.05 -52.12
N ARG G 14 16.35 -18.74 -51.47
CA ARG G 14 15.19 -18.24 -52.21
C ARG G 14 15.48 -16.90 -52.87
N LYS G 15 16.17 -16.01 -52.17
CA LYS G 15 16.47 -14.70 -52.71
C LYS G 15 17.50 -14.82 -53.82
N PRO G 16 17.20 -14.37 -55.05
CA PRO G 16 18.13 -14.45 -56.19
C PRO G 16 19.41 -13.64 -55.97
N ARG G 31 33.11 -20.28 -44.95
CA ARG G 31 32.03 -21.07 -44.38
C ARG G 31 31.09 -21.60 -45.46
N GLN G 32 30.52 -22.77 -45.22
CA GLN G 32 29.48 -23.29 -46.11
C GLN G 32 28.18 -22.52 -45.90
N GLN G 33 27.27 -22.68 -46.85
CA GLN G 33 26.01 -21.94 -46.80
C GLN G 33 25.16 -22.37 -45.62
N ILE G 34 25.11 -23.66 -45.34
CA ILE G 34 24.27 -24.17 -44.25
C ILE G 34 24.83 -23.75 -42.89
N GLU G 35 26.16 -23.73 -42.76
CA GLU G 35 26.76 -23.20 -41.54
C GLU G 35 26.38 -21.74 -41.34
N ARG G 36 26.38 -20.96 -42.43
CA ARG G 36 25.92 -19.58 -42.35
C ARG G 36 24.45 -19.52 -41.94
N ASP G 37 23.64 -20.47 -42.40
CA ASP G 37 22.24 -20.53 -41.98
C ASP G 37 22.12 -20.72 -40.47
N TYR G 38 22.91 -21.64 -39.93
CA TYR G 38 22.89 -21.86 -38.49
C TYR G 38 23.33 -20.59 -37.74
N ASP G 39 24.37 -19.92 -38.25
CA ASP G 39 24.83 -18.69 -37.60
C ASP G 39 23.75 -17.61 -37.63
N ARG G 40 23.07 -17.45 -38.77
CA ARG G 40 22.01 -16.45 -38.86
C ARG G 40 20.86 -16.78 -37.92
N ILE G 41 20.52 -18.07 -37.81
CA ILE G 41 19.46 -18.46 -36.88
C ILE G 41 19.86 -18.15 -35.45
N LEU G 42 21.12 -18.44 -35.09
CA LEU G 42 21.58 -18.17 -33.73
C LEU G 42 21.58 -16.68 -33.42
N PHE G 43 21.99 -15.85 -34.38
CA PHE G 43 22.07 -14.41 -34.15
C PHE G 43 20.74 -13.70 -34.31
N ALA G 44 19.68 -14.41 -34.69
CA ALA G 44 18.38 -13.79 -34.90
C ALA G 44 17.79 -13.31 -33.57
N ALA G 45 17.03 -12.22 -33.64
CA ALA G 45 16.37 -11.68 -32.45
C ALA G 45 15.36 -12.65 -31.85
N PRO G 46 14.49 -13.33 -32.61
CA PRO G 46 13.57 -14.29 -31.97
C PRO G 46 14.26 -15.41 -31.21
N THR G 47 15.45 -15.83 -31.67
CA THR G 47 16.20 -16.84 -30.94
C THR G 47 16.55 -16.34 -29.54
N ARG G 48 16.96 -15.07 -29.43
CA ARG G 48 17.23 -14.51 -28.11
C ARG G 48 15.95 -14.30 -27.31
N ARG G 49 14.86 -13.93 -27.98
CA ARG G 49 13.58 -13.79 -27.30
C ARG G 49 13.07 -15.10 -26.74
N LEU G 50 13.51 -16.23 -27.31
CA LEU G 50 13.09 -17.54 -26.81
C LEU G 50 13.48 -17.75 -25.35
N ALA G 51 14.48 -17.02 -24.84
CA ALA G 51 14.90 -17.17 -23.46
C ALA G 51 13.83 -16.76 -22.47
N ASP G 52 12.88 -15.92 -22.87
CA ASP G 52 11.82 -15.43 -21.99
C ASP G 52 10.49 -16.13 -22.23
N LYS G 53 10.47 -17.20 -23.00
CA LYS G 53 9.26 -17.96 -23.27
C LYS G 53 9.27 -19.25 -22.47
N THR G 54 8.18 -19.52 -21.76
CA THR G 54 8.08 -20.72 -20.94
C THR G 54 8.07 -21.97 -21.81
N GLN G 55 8.82 -22.98 -21.39
CA GLN G 55 8.83 -24.26 -22.10
C GLN G 55 7.80 -25.22 -21.51
N VAL G 56 7.97 -25.59 -20.24
CA VAL G 56 6.97 -26.39 -19.54
C VAL G 56 6.64 -25.74 -18.21
N PHE G 57 7.65 -25.53 -17.39
CA PHE G 57 7.52 -25.04 -16.02
C PHE G 57 7.71 -23.53 -15.97
N PRO G 58 7.19 -22.87 -14.95
CA PRO G 58 7.41 -21.43 -14.81
C PRO G 58 8.90 -21.10 -14.72
N LEU G 59 9.30 -20.07 -15.45
CA LEU G 59 10.70 -19.67 -15.52
C LEU G 59 11.06 -18.59 -14.50
N ASP G 60 10.08 -18.09 -13.74
CA ASP G 60 10.38 -17.07 -12.74
C ASP G 60 11.24 -17.65 -11.62
N LYS G 61 11.01 -18.90 -11.26
CA LYS G 61 11.75 -19.52 -10.17
C LYS G 61 13.23 -19.60 -10.52
N ASN G 62 14.08 -19.43 -9.50
CA ASN G 62 15.53 -19.49 -9.68
C ASN G 62 15.98 -20.94 -9.42
N ASP G 63 15.71 -21.80 -10.41
CA ASP G 63 16.05 -23.20 -10.29
C ASP G 63 16.63 -23.78 -11.57
N SER G 64 17.11 -22.94 -12.49
CA SER G 64 17.73 -23.38 -13.73
C SER G 64 16.79 -24.29 -14.52
N VAL G 65 15.52 -23.92 -14.56
CA VAL G 65 14.53 -24.72 -15.28
C VAL G 65 14.63 -24.45 -16.77
N ARG G 66 14.24 -25.43 -17.57
CA ARG G 66 14.34 -25.32 -19.02
C ARG G 66 13.39 -24.25 -19.55
N THR G 67 13.91 -23.39 -20.41
CA THR G 67 13.13 -22.45 -21.19
C THR G 67 13.11 -22.90 -22.64
N ARG G 68 12.48 -22.09 -23.50
CA ARG G 68 12.46 -22.41 -24.92
C ARG G 68 13.86 -22.35 -25.52
N LEU G 69 14.68 -21.40 -25.06
CA LEU G 69 16.02 -21.26 -25.61
C LEU G 69 16.90 -22.46 -25.24
N THR G 70 16.90 -22.83 -23.96
CA THR G 70 17.70 -23.97 -23.52
C THR G 70 17.23 -25.26 -24.18
N HIS G 71 15.91 -25.45 -24.27
CA HIS G 71 15.38 -26.63 -24.94
C HIS G 71 15.77 -26.65 -26.41
N SER G 72 15.71 -25.51 -27.09
CA SER G 72 16.10 -25.44 -28.48
C SER G 72 17.59 -25.76 -28.65
N HIS G 73 18.43 -25.26 -27.75
CA HIS G 73 19.85 -25.55 -27.84
C HIS G 73 20.13 -27.03 -27.59
N GLU G 74 19.41 -27.65 -26.65
CA GLU G 74 19.60 -29.07 -26.42
C GLU G 74 19.17 -29.89 -27.62
N VAL G 75 18.03 -29.54 -28.23
CA VAL G 75 17.59 -30.24 -29.43
C VAL G 75 18.61 -30.06 -30.56
N ALA G 76 19.14 -28.85 -30.70
CA ALA G 76 20.14 -28.59 -31.72
C ALA G 76 21.39 -29.41 -31.49
N ASN G 77 21.82 -29.54 -30.23
CA ASN G 77 23.00 -30.34 -29.92
C ASN G 77 22.77 -31.82 -30.23
N LEU G 78 21.60 -32.34 -29.87
CA LEU G 78 21.30 -33.73 -30.18
C LEU G 78 21.27 -33.97 -31.68
N SER G 79 20.64 -33.06 -32.43
CA SER G 79 20.59 -33.19 -33.88
C SER G 79 21.98 -33.08 -34.49
N ARG G 80 22.82 -32.19 -33.95
CA ARG G 80 24.18 -32.06 -34.45
C ARG G 80 24.99 -33.32 -34.19
N GLY G 81 24.82 -33.94 -33.02
CA GLY G 81 25.49 -35.20 -32.76
C GLY G 81 25.05 -36.30 -33.70
N ILE G 82 23.74 -36.38 -33.96
CA ILE G 82 23.23 -37.37 -34.90
C ILE G 82 23.80 -37.12 -36.30
N GLY G 83 23.90 -35.85 -36.70
CA GLY G 83 24.50 -35.53 -37.98
C GLY G 83 25.98 -35.87 -38.03
N MET G 84 26.68 -35.66 -36.92
CA MET G 84 28.08 -36.07 -36.83
C MET G 84 28.22 -37.56 -37.10
N ARG G 85 27.37 -38.36 -36.44
CA ARG G 85 27.41 -39.81 -36.66
C ARG G 85 27.07 -40.17 -38.09
N LEU G 86 26.05 -39.52 -38.66
CA LEU G 86 25.63 -39.83 -40.02
C LEU G 86 26.69 -39.49 -41.06
N ALA G 87 27.35 -38.34 -40.91
CA ALA G 87 28.30 -37.88 -41.91
C ALA G 87 29.69 -38.47 -41.74
N PHE G 88 30.08 -38.87 -40.53
CA PHE G 88 31.42 -39.41 -40.31
C PHE G 88 31.45 -40.92 -40.22
N GLU G 89 30.45 -41.53 -39.57
CA GLU G 89 30.44 -42.98 -39.43
C GLU G 89 29.60 -43.66 -40.51
N LEU G 90 28.30 -43.40 -40.53
CA LEU G 90 27.41 -44.06 -41.47
C LEU G 90 27.18 -43.25 -42.73
N GLU G 91 28.25 -42.93 -43.45
CA GLU G 91 28.11 -42.14 -44.67
C GLU G 91 27.65 -43.00 -45.84
N ASP G 92 28.33 -44.13 -46.07
CA ASP G 92 27.97 -45.00 -47.18
C ASP G 92 26.63 -45.67 -46.98
N ASP G 93 26.16 -45.77 -45.74
CA ASP G 93 24.89 -46.46 -45.49
C ASP G 93 23.69 -45.61 -45.89
N VAL G 94 23.76 -44.30 -45.67
CA VAL G 94 22.62 -43.43 -45.88
C VAL G 94 22.85 -42.46 -47.04
N PHE G 95 24.07 -41.98 -47.23
CA PHE G 95 24.38 -41.07 -48.34
C PHE G 95 25.02 -41.88 -49.47
N LYS G 96 24.19 -42.65 -50.16
CA LYS G 96 24.69 -43.51 -51.24
C LYS G 96 25.02 -42.71 -52.49
N ASP G 97 24.16 -41.77 -52.88
CA ASP G 97 24.31 -41.01 -54.12
C ASP G 97 24.33 -39.53 -53.77
N VAL G 98 25.53 -38.99 -53.59
CA VAL G 98 25.71 -37.58 -53.24
C VAL G 98 26.79 -37.00 -54.15
N SER G 99 26.53 -35.81 -54.69
CA SER G 99 27.51 -35.13 -55.52
C SER G 99 28.75 -34.78 -54.72
N GLU G 100 29.90 -34.75 -55.41
CA GLU G 100 31.17 -34.53 -54.73
C GLU G 100 31.30 -33.12 -54.19
N ASP G 101 30.64 -32.14 -54.83
CA ASP G 101 30.77 -30.76 -54.37
C ASP G 101 30.12 -30.55 -53.00
N ILE G 102 29.25 -31.45 -52.59
CA ILE G 102 28.60 -31.35 -51.28
C ILE G 102 29.52 -31.94 -50.24
N CYS G 103 29.83 -31.16 -49.20
CA CYS G 103 30.65 -31.62 -48.08
C CYS G 103 29.69 -32.05 -46.97
N LEU G 104 29.45 -33.35 -46.87
CA LEU G 104 28.51 -33.86 -45.88
C LEU G 104 28.97 -33.55 -44.47
N LYS G 105 30.27 -33.70 -44.20
CA LYS G 105 30.80 -33.53 -42.85
C LYS G 105 30.61 -32.11 -42.35
N ARG G 106 30.46 -31.14 -43.25
CA ARG G 106 30.23 -29.77 -42.86
C ARG G 106 28.76 -29.35 -42.98
N ASP G 107 27.99 -30.00 -43.86
CA ASP G 107 26.62 -29.60 -44.12
C ASP G 107 25.61 -30.33 -43.23
N VAL G 108 25.70 -31.65 -43.13
CA VAL G 108 24.70 -32.42 -42.39
C VAL G 108 24.63 -32.03 -40.91
N PRO G 109 25.75 -32.02 -40.17
CA PRO G 109 25.65 -31.58 -38.77
C PRO G 109 25.14 -30.16 -38.62
N ALA G 110 25.60 -29.25 -39.48
CA ALA G 110 25.14 -27.87 -39.41
C ALA G 110 23.66 -27.76 -39.73
N LEU G 111 23.20 -28.51 -40.73
CA LEU G 111 21.78 -28.47 -41.10
C LEU G 111 20.91 -28.99 -39.96
N LEU G 112 21.30 -30.11 -39.37
CA LEU G 112 20.52 -30.67 -38.27
C LEU G 112 20.53 -29.73 -37.07
N ALA G 113 21.69 -29.13 -36.76
CA ALA G 113 21.76 -28.19 -35.65
C ALA G 113 20.88 -26.98 -35.90
N ALA G 114 20.88 -26.45 -37.13
CA ALA G 114 20.06 -25.28 -37.44
C ALA G 114 18.57 -25.59 -37.31
N ILE G 115 18.14 -26.71 -37.89
CA ILE G 115 16.71 -27.03 -37.83
C ILE G 115 16.29 -27.38 -36.41
N GLY G 116 17.21 -27.93 -35.60
CA GLY G 116 16.90 -28.16 -34.20
C GLY G 116 16.78 -26.86 -33.42
N LEU G 117 17.66 -25.91 -33.70
CA LEU G 117 17.65 -24.64 -32.96
C LEU G 117 16.43 -23.80 -33.33
N VAL G 118 16.00 -23.85 -34.60
CA VAL G 118 14.92 -22.99 -35.06
C VAL G 118 13.55 -23.61 -34.91
N HIS G 119 13.46 -24.87 -34.48
CA HIS G 119 12.20 -25.61 -34.59
C HIS G 119 11.08 -25.01 -33.76
N ASP G 120 11.40 -24.38 -32.63
CA ASP G 120 10.39 -23.81 -31.74
C ASP G 120 10.45 -22.29 -31.69
N MET G 121 10.94 -21.66 -32.76
CA MET G 121 11.16 -20.22 -32.73
C MET G 121 9.86 -19.43 -32.79
N GLY G 122 8.83 -19.96 -33.45
CA GLY G 122 7.57 -19.27 -33.61
C GLY G 122 6.45 -19.72 -32.69
N ASN G 123 6.75 -20.51 -31.66
CA ASN G 123 5.71 -20.96 -30.76
C ASN G 123 5.25 -19.82 -29.86
N PRO G 124 3.96 -19.74 -29.55
CA PRO G 124 3.46 -18.70 -28.66
C PRO G 124 3.94 -18.92 -27.24
N PRO G 125 3.86 -17.91 -26.38
CA PRO G 125 4.34 -18.08 -25.00
C PRO G 125 3.44 -19.01 -24.20
N PHE G 126 3.88 -19.26 -22.96
CA PHE G 126 3.12 -20.03 -21.96
C PHE G 126 2.99 -21.50 -22.36
N GLY G 127 4.02 -22.04 -23.00
CA GLY G 127 4.07 -23.46 -23.29
C GLY G 127 3.00 -23.93 -24.25
N HIS G 128 2.55 -25.17 -24.07
CA HIS G 128 1.52 -25.73 -24.93
C HIS G 128 0.20 -25.02 -24.74
N GLN G 129 -0.04 -24.49 -23.54
CA GLN G 129 -1.28 -23.78 -23.28
C GLN G 129 -1.37 -22.52 -24.13
N GLY G 130 -0.24 -22.00 -24.58
CA GLY G 130 -0.28 -20.87 -25.50
C GLY G 130 -0.98 -21.21 -26.80
N GLU G 131 -0.54 -22.31 -27.44
CA GLU G 131 -1.19 -22.76 -28.65
C GLU G 131 -2.64 -23.13 -28.39
N LYS G 132 -2.90 -23.82 -27.27
CA LYS G 132 -4.27 -24.23 -26.98
C LYS G 132 -5.18 -23.01 -26.79
N ALA G 133 -4.72 -22.00 -26.07
CA ALA G 133 -5.53 -20.81 -25.83
C ALA G 133 -5.74 -20.02 -27.11
N MET G 134 -4.71 -19.89 -27.95
CA MET G 134 -4.88 -19.21 -29.22
C MET G 134 -5.91 -19.94 -30.09
N SER G 135 -5.83 -21.27 -30.13
CA SER G 135 -6.78 -22.05 -30.92
C SER G 135 -8.19 -21.88 -30.37
N GLU G 136 -8.36 -21.91 -29.06
CA GLU G 136 -9.69 -21.75 -28.48
C GLU G 136 -10.26 -20.37 -28.76
N TRP G 137 -9.43 -19.33 -28.62
CA TRP G 137 -9.90 -17.98 -28.90
C TRP G 137 -10.30 -17.83 -30.36
N PHE G 138 -9.49 -18.37 -31.26
CA PHE G 138 -9.82 -18.25 -32.68
C PHE G 138 -11.07 -19.05 -33.03
N THR G 139 -11.24 -20.22 -32.40
CA THR G 139 -12.45 -20.99 -32.63
C THR G 139 -13.69 -20.24 -32.15
N LYS G 140 -13.59 -19.57 -31.00
CA LYS G 140 -14.75 -18.86 -30.48
C LYS G 140 -15.03 -17.59 -31.29
N ASN G 141 -14.00 -16.86 -31.67
CA ASN G 141 -14.18 -15.55 -32.31
C ASN G 141 -14.17 -15.60 -33.82
N LEU G 142 -13.87 -16.75 -34.43
CA LEU G 142 -13.98 -16.95 -35.87
C LEU G 142 -14.85 -18.17 -36.09
N PRO G 143 -16.17 -18.04 -35.91
CA PRO G 143 -17.04 -19.21 -35.98
C PRO G 143 -16.97 -19.87 -37.35
N GLU G 144 -16.96 -21.20 -37.35
CA GLU G 144 -16.93 -21.95 -38.61
C GLU G 144 -18.26 -21.88 -39.33
N HIS G 145 -19.36 -21.70 -38.60
CA HIS G 145 -20.66 -21.58 -39.23
C HIS G 145 -20.87 -20.23 -39.88
N SER G 146 -20.20 -19.19 -39.40
CA SER G 146 -20.36 -17.86 -39.95
C SER G 146 -19.84 -17.81 -41.38
N ASP G 147 -20.45 -16.94 -42.18
CA ASP G 147 -20.08 -16.83 -43.59
C ASP G 147 -18.68 -16.24 -43.77
N ASN G 148 -18.25 -15.36 -42.87
CA ASN G 148 -16.93 -14.76 -43.01
C ASN G 148 -15.81 -15.76 -42.76
N TYR G 149 -16.04 -16.71 -41.86
CA TYR G 149 -14.99 -17.64 -41.43
C TYR G 149 -15.41 -19.07 -41.69
N LYS G 150 -16.09 -19.32 -42.80
CA LYS G 150 -16.55 -20.66 -43.15
C LYS G 150 -15.50 -21.48 -43.87
N ASP G 151 -14.59 -20.83 -44.60
CA ASP G 151 -13.60 -21.55 -45.37
C ASP G 151 -12.63 -22.29 -44.46
N LYS G 152 -12.06 -23.39 -44.98
CA LYS G 152 -11.12 -24.18 -44.20
C LYS G 152 -9.80 -23.46 -43.95
N ILE G 153 -9.52 -22.40 -44.70
CA ILE G 153 -8.26 -21.68 -44.53
C ILE G 153 -8.17 -21.09 -43.13
N TYR G 154 -9.30 -20.65 -42.58
CA TYR G 154 -9.31 -20.10 -41.23
C TYR G 154 -9.02 -21.15 -40.18
N GLY G 155 -9.07 -22.43 -40.54
CA GLY G 155 -8.55 -23.46 -39.65
C GLY G 155 -7.11 -23.20 -39.25
N ASP G 156 -6.34 -22.57 -40.15
CA ASP G 156 -4.98 -22.15 -39.83
C ASP G 156 -4.89 -21.44 -38.49
N PHE G 157 -5.97 -20.75 -38.09
CA PHE G 157 -6.03 -20.12 -36.78
C PHE G 157 -6.89 -20.89 -35.79
N ARG G 158 -7.91 -21.62 -36.27
CA ARG G 158 -8.72 -22.40 -35.36
C ARG G 158 -7.96 -23.60 -34.81
N HIS G 159 -6.98 -24.09 -35.57
CA HIS G 159 -6.08 -25.13 -35.10
C HIS G 159 -4.64 -24.62 -35.16
N PHE G 160 -4.43 -23.42 -34.63
CA PHE G 160 -3.15 -22.75 -34.75
C PHE G 160 -2.01 -23.62 -34.22
N ASP G 161 -0.94 -23.70 -34.99
CA ASP G 161 0.23 -24.52 -34.65
C ASP G 161 1.49 -23.67 -34.78
N GLY G 162 2.47 -23.96 -33.92
CA GLY G 162 3.68 -23.16 -33.88
C GLY G 162 4.62 -23.38 -35.04
N ASN G 163 4.55 -24.54 -35.70
CA ASN G 163 5.46 -24.81 -36.80
C ASN G 163 5.19 -23.90 -37.99
N SER G 164 3.91 -23.70 -38.33
CA SER G 164 3.57 -22.81 -39.43
C SER G 164 4.00 -21.38 -39.11
N GLN G 165 3.82 -20.95 -37.86
CA GLN G 165 4.25 -19.62 -37.47
C GLN G 165 5.77 -19.49 -37.54
N THR G 166 6.49 -20.55 -37.18
CA THR G 166 7.95 -20.51 -37.29
C THR G 166 8.39 -20.37 -38.74
N LEU G 167 7.75 -21.13 -39.64
CA LEU G 167 8.08 -21.01 -41.05
C LEU G 167 7.76 -19.62 -41.58
N ARG G 168 6.61 -19.07 -41.18
CA ARG G 168 6.26 -17.71 -41.57
C ARG G 168 7.29 -16.71 -41.05
N LEU G 169 7.74 -16.90 -39.82
CA LEU G 169 8.73 -16.01 -39.22
C LEU G 169 10.04 -16.04 -40.00
N VAL G 170 10.50 -17.24 -40.35
CA VAL G 170 11.78 -17.35 -41.04
C VAL G 170 11.70 -16.99 -42.51
N THR G 171 10.50 -16.94 -43.09
CA THR G 171 10.38 -16.64 -44.51
C THR G 171 9.88 -15.25 -44.83
N LYS G 172 9.15 -14.59 -43.93
CA LYS G 172 8.47 -13.34 -44.27
C LYS G 172 8.77 -12.19 -43.32
N LEU G 173 9.61 -12.38 -42.31
CA LEU G 173 9.82 -11.38 -41.27
C LEU G 173 11.20 -10.75 -41.40
N GLN G 174 11.25 -9.59 -42.06
CA GLN G 174 12.45 -8.75 -42.08
C GLN G 174 12.13 -7.39 -42.69
N GLY G 179 11.50 -9.55 -48.97
CA GLY G 179 10.50 -10.45 -48.47
C GLY G 179 10.96 -11.89 -48.40
N TYR G 180 12.17 -12.09 -47.86
CA TYR G 180 12.73 -13.43 -47.73
C TYR G 180 13.22 -13.75 -46.33
N GLY G 181 13.13 -12.82 -45.39
CA GLY G 181 13.52 -13.12 -44.02
C GLY G 181 15.01 -13.36 -43.91
N LEU G 182 15.37 -14.44 -43.21
CA LEU G 182 16.77 -14.77 -42.95
C LEU G 182 17.49 -15.34 -44.17
N ASN G 183 16.76 -15.63 -45.25
CA ASN G 183 17.33 -16.17 -46.48
C ASN G 183 18.05 -17.49 -46.20
N LEU G 184 17.34 -18.41 -45.56
CA LEU G 184 17.87 -19.74 -45.30
C LEU G 184 17.95 -20.53 -46.61
N THR G 185 18.82 -21.54 -46.61
CA THR G 185 18.94 -22.38 -47.79
C THR G 185 17.69 -23.22 -47.98
N TYR G 186 17.54 -23.76 -49.19
CA TYR G 186 16.38 -24.59 -49.49
C TYR G 186 16.36 -25.85 -48.63
N ALA G 187 17.54 -26.41 -48.32
CA ALA G 187 17.59 -27.59 -47.47
C ALA G 187 17.05 -27.28 -46.08
N THR G 188 17.47 -26.16 -45.50
CA THR G 188 16.99 -25.78 -44.17
C THR G 188 15.49 -25.57 -44.18
N LEU G 189 14.98 -24.79 -45.15
CA LEU G 189 13.55 -24.52 -45.21
C LEU G 189 12.74 -25.79 -45.42
N ALA G 190 13.25 -26.69 -46.27
CA ALA G 190 12.56 -27.95 -46.48
C ALA G 190 12.52 -28.78 -45.20
N SER G 191 13.62 -28.80 -44.45
CA SER G 191 13.63 -29.54 -43.19
C SER G 191 12.78 -28.86 -42.12
N MET G 192 12.50 -27.56 -42.25
CA MET G 192 11.65 -26.89 -41.28
C MET G 192 10.21 -27.38 -41.36
N ILE G 193 9.75 -27.74 -42.55
CA ILE G 193 8.35 -28.11 -42.75
C ILE G 193 8.11 -29.46 -42.06
N LYS G 194 7.48 -29.43 -40.89
CA LYS G 194 7.24 -30.64 -40.11
C LYS G 194 6.07 -31.45 -40.64
N TYR G 195 5.01 -30.79 -41.08
CA TYR G 195 3.86 -31.47 -41.65
C TYR G 195 3.64 -30.99 -43.08
N PRO G 196 3.98 -31.77 -44.10
CA PRO G 196 3.93 -31.28 -45.48
C PRO G 196 2.50 -31.18 -46.03
N ARG G 197 1.67 -30.39 -45.35
CA ARG G 197 0.31 -30.15 -45.81
C ARG G 197 -0.21 -28.89 -45.15
N SER G 198 -1.25 -28.33 -45.76
CA SER G 198 -1.94 -27.14 -45.25
C SER G 198 -3.31 -27.53 -44.70
N SER G 199 -3.95 -26.56 -44.04
CA SER G 199 -5.29 -26.79 -43.51
C SER G 199 -6.30 -27.07 -44.62
N GLU G 200 -6.09 -26.46 -45.79
CA GLU G 200 -6.94 -26.76 -46.94
C GLU G 200 -6.79 -28.20 -47.39
N SER G 201 -5.58 -28.75 -47.29
CA SER G 201 -5.33 -30.13 -47.68
C SER G 201 -6.02 -31.09 -46.70
N ASP G 202 -6.23 -32.31 -47.17
CA ASP G 202 -6.90 -33.35 -46.41
C ASP G 202 -6.04 -34.61 -46.33
N SER G 203 -4.76 -34.45 -46.02
CA SER G 203 -3.85 -35.58 -45.93
C SER G 203 -4.20 -36.44 -44.73
N SER G 204 -4.33 -37.75 -44.96
CA SER G 204 -4.57 -38.68 -43.85
C SER G 204 -3.31 -38.97 -43.06
N LEU G 205 -2.14 -38.90 -43.71
CA LEU G 205 -0.89 -39.23 -43.02
C LEU G 205 -0.61 -38.24 -41.90
N TRP G 206 -0.82 -36.95 -42.15
CA TRP G 206 -0.56 -35.90 -41.18
C TRP G 206 -1.88 -35.26 -40.75
N LYS G 207 -2.11 -35.18 -39.45
CA LYS G 207 -3.34 -34.63 -38.90
C LYS G 207 -3.20 -33.15 -38.55
N LYS G 208 -2.05 -32.54 -38.82
CA LYS G 208 -1.84 -31.12 -38.55
C LYS G 208 -1.30 -30.44 -39.80
N HIS G 209 -1.66 -29.18 -39.96
CA HIS G 209 -1.13 -28.38 -41.06
C HIS G 209 0.25 -27.86 -40.69
N GLY G 210 1.14 -27.82 -41.68
CA GLY G 210 2.52 -27.43 -41.44
C GLY G 210 2.86 -26.03 -41.90
N PHE G 211 1.99 -25.39 -42.67
CA PHE G 211 2.24 -24.04 -43.13
C PHE G 211 0.91 -23.31 -43.32
N PHE G 212 0.97 -22.00 -43.26
CA PHE G 212 -0.20 -21.16 -43.44
C PHE G 212 -0.54 -21.02 -44.91
N LEU G 213 -1.73 -20.46 -45.17
CA LEU G 213 -2.12 -20.15 -46.54
C LEU G 213 -1.19 -19.10 -47.14
N SER G 214 -0.79 -18.12 -46.32
CA SER G 214 0.09 -17.06 -46.80
C SER G 214 1.44 -17.58 -47.25
N GLU G 215 1.85 -18.77 -46.77
CA GLU G 215 3.09 -19.38 -47.18
C GLU G 215 2.89 -20.42 -48.27
N LYS G 216 1.66 -20.58 -48.77
CA LYS G 216 1.37 -21.63 -49.74
C LYS G 216 2.28 -21.56 -50.94
N ASP G 217 2.54 -20.35 -51.45
CA ASP G 217 3.48 -20.21 -52.56
C ASP G 217 4.89 -20.57 -52.13
N VAL G 218 5.33 -20.06 -50.99
CA VAL G 218 6.73 -20.20 -50.60
C VAL G 218 7.11 -21.67 -50.48
N VAL G 219 6.30 -22.44 -49.75
CA VAL G 219 6.60 -23.86 -49.60
C VAL G 219 6.60 -24.54 -50.96
N GLN G 220 5.71 -24.13 -51.85
CA GLN G 220 5.71 -24.69 -53.20
C GLN G 220 7.07 -24.48 -53.86
N ASP G 221 7.60 -23.26 -53.76
CA ASP G 221 8.92 -22.99 -54.29
C ASP G 221 9.95 -23.92 -53.66
N ILE G 222 9.85 -24.11 -52.34
CA ILE G 222 10.75 -25.06 -51.66
C ILE G 222 10.56 -26.45 -52.25
N TRP G 223 9.31 -26.86 -52.41
CA TRP G 223 9.05 -28.18 -52.99
C TRP G 223 9.54 -28.26 -54.43
N ASN G 224 9.68 -27.13 -55.10
CA ASN G 224 10.21 -27.12 -56.46
C ASN G 224 11.73 -27.13 -56.53
N ASN G 225 12.40 -26.94 -55.39
CA ASN G 225 13.86 -26.89 -55.38
C ASN G 225 14.51 -28.01 -54.60
N THR G 226 13.75 -28.78 -53.82
CA THR G 226 14.30 -29.87 -53.03
C THR G 226 13.76 -31.23 -53.46
N GLY G 227 12.94 -31.31 -54.49
CA GLY G 227 12.37 -32.58 -54.91
C GLY G 227 11.25 -33.09 -54.05
N LEU G 228 10.78 -32.29 -53.09
CA LEU G 228 9.70 -32.70 -52.21
C LEU G 228 8.35 -32.32 -52.82
N SER G 229 7.28 -32.73 -52.14
CA SER G 229 5.93 -32.43 -52.58
C SER G 229 5.01 -32.52 -51.38
N GLU G 230 3.72 -32.27 -51.62
CA GLU G 230 2.74 -32.33 -50.54
C GLU G 230 2.67 -33.73 -49.96
N GLY G 231 2.71 -33.82 -48.63
CA GLY G 231 2.64 -35.08 -47.94
C GLY G 231 3.96 -35.81 -47.80
N VAL G 232 5.01 -35.31 -48.42
CA VAL G 232 6.33 -35.94 -48.36
C VAL G 232 7.21 -35.13 -47.43
N ARG G 233 7.75 -35.78 -46.41
CA ARG G 233 8.56 -35.12 -45.40
C ARG G 233 10.03 -35.18 -45.77
N HIS G 234 10.76 -34.12 -45.46
CA HIS G 234 12.20 -34.15 -45.60
C HIS G 234 12.79 -35.18 -44.65
N PRO G 235 13.77 -35.98 -45.08
CA PRO G 235 14.32 -37.02 -44.19
C PRO G 235 14.86 -36.48 -42.88
N PHE G 236 15.45 -35.29 -42.88
CA PHE G 236 16.01 -34.74 -41.65
C PHE G 236 14.92 -34.22 -40.71
N THR G 237 13.72 -34.00 -41.22
CA THR G 237 12.61 -33.61 -40.36
C THR G 237 12.30 -34.71 -39.36
N TYR G 238 12.39 -35.97 -39.78
CA TYR G 238 12.20 -37.09 -38.86
C TYR G 238 13.24 -37.07 -37.74
N ILE G 239 14.50 -36.80 -38.09
CA ILE G 239 15.56 -36.75 -37.10
C ILE G 239 15.30 -35.60 -36.12
N MET G 240 14.92 -34.43 -36.64
CA MET G 240 14.65 -33.29 -35.76
C MET G 240 13.48 -33.58 -34.84
N GLU G 241 12.42 -34.20 -35.35
CA GLU G 241 11.28 -34.54 -34.52
C GLU G 241 11.65 -35.57 -33.45
N ALA G 242 12.47 -36.56 -33.81
CA ALA G 242 12.92 -37.54 -32.83
C ALA G 242 13.75 -36.89 -31.74
N CYS G 243 14.64 -35.97 -32.13
CA CYS G 243 15.44 -35.26 -31.13
C CYS G 243 14.55 -34.40 -30.23
N ASP G 244 13.53 -33.77 -30.81
CA ASP G 244 12.59 -32.98 -30.01
C ASP G 244 11.87 -33.87 -29.00
N ASP G 245 11.40 -35.04 -29.43
CA ASP G 245 10.71 -35.95 -28.52
C ASP G 245 11.64 -36.44 -27.42
N ILE G 246 12.88 -36.80 -27.78
CA ILE G 246 13.84 -37.25 -26.78
C ILE G 246 14.10 -36.16 -25.76
N ALA G 247 14.30 -34.93 -26.24
CA ALA G 247 14.55 -33.82 -25.34
C ALA G 247 13.38 -33.60 -24.39
N TYR G 248 12.17 -33.53 -24.94
CA TYR G 248 10.97 -33.44 -24.12
C TYR G 248 10.98 -34.50 -23.03
N SER G 249 10.98 -35.77 -23.45
CA SER G 249 10.78 -36.87 -22.51
C SER G 249 11.85 -36.93 -21.44
N VAL G 250 13.11 -36.68 -21.81
CA VAL G 250 14.19 -36.87 -20.86
C VAL G 250 14.37 -35.63 -19.97
N LEU G 251 14.51 -34.45 -20.58
CA LEU G 251 14.79 -33.28 -19.75
C LEU G 251 13.56 -32.82 -18.98
N ASP G 252 12.34 -33.13 -19.42
CA ASP G 252 11.19 -32.84 -18.58
C ASP G 252 11.22 -33.67 -17.30
N ALA G 253 11.57 -34.95 -17.42
CA ALA G 253 11.73 -35.78 -16.23
C ALA G 253 12.87 -35.26 -15.35
N GLU G 254 13.97 -34.84 -15.97
CA GLU G 254 15.07 -34.29 -15.20
C GLU G 254 14.64 -33.05 -14.42
N ASP G 255 13.87 -32.17 -15.06
CA ASP G 255 13.36 -30.98 -14.37
C ASP G 255 12.37 -31.35 -13.28
N ILE G 256 11.56 -32.39 -13.51
CA ILE G 256 10.61 -32.84 -12.50
C ILE G 256 11.35 -33.28 -11.25
N ILE G 257 12.42 -34.07 -11.43
CA ILE G 257 13.20 -34.50 -10.27
C ILE G 257 13.91 -33.32 -9.63
N LYS G 258 14.43 -32.40 -10.45
CA LYS G 258 15.16 -31.26 -9.93
C LYS G 258 14.27 -30.37 -9.06
N LYS G 259 13.04 -30.14 -9.48
CA LYS G 259 12.12 -29.31 -8.72
C LYS G 259 11.58 -30.00 -7.49
N GLY G 260 11.83 -31.29 -7.33
CA GLY G 260 11.34 -32.03 -6.19
C GLY G 260 9.94 -32.60 -6.35
N PHE G 261 9.33 -32.47 -7.53
CA PHE G 261 8.01 -33.04 -7.75
C PHE G 261 8.03 -34.56 -7.72
N ALA G 262 9.20 -35.17 -7.88
CA ALA G 262 9.36 -36.61 -7.80
C ALA G 262 10.82 -36.91 -7.49
N SER G 263 11.09 -38.17 -7.19
CA SER G 263 12.43 -38.62 -6.86
C SER G 263 12.95 -39.54 -7.95
N PHE G 264 14.26 -39.78 -7.92
CA PHE G 264 14.87 -40.68 -8.87
C PHE G 264 14.32 -42.10 -8.72
N HIS G 265 14.13 -42.54 -7.47
CA HIS G 265 13.54 -43.86 -7.23
C HIS G 265 12.11 -43.91 -7.75
N ASP G 266 11.37 -42.80 -7.69
CA ASP G 266 10.04 -42.76 -8.26
C ASP G 266 10.08 -42.98 -9.77
N LEU G 267 11.03 -42.33 -10.45
CA LEU G 267 11.16 -42.53 -11.89
C LEU G 267 11.54 -43.95 -12.22
N ILE G 268 12.46 -44.53 -11.45
CA ILE G 268 12.88 -45.91 -11.70
C ILE G 268 11.71 -46.87 -11.50
N ASP G 269 10.93 -46.66 -10.44
CA ASP G 269 9.78 -47.51 -10.19
C ASP G 269 8.72 -47.35 -11.28
N PHE G 270 8.50 -46.12 -11.75
CA PHE G 270 7.54 -45.89 -12.82
C PHE G 270 7.97 -46.61 -14.09
N ILE G 271 9.26 -46.55 -14.43
CA ILE G 271 9.74 -47.21 -15.64
C ILE G 271 9.63 -48.72 -15.49
N GLN G 272 10.02 -49.26 -14.33
CA GLN G 272 9.98 -50.70 -14.13
C GLN G 272 8.55 -51.23 -14.16
N SER G 273 7.61 -50.50 -13.55
CA SER G 273 6.23 -50.93 -13.49
C SER G 273 5.45 -50.63 -14.76
N ASN G 274 6.04 -49.92 -15.70
CA ASN G 274 5.36 -49.66 -16.96
C ASN G 274 5.13 -50.95 -17.73
N GLN G 275 3.95 -51.09 -18.32
CA GLN G 275 3.56 -52.35 -18.94
C GLN G 275 4.49 -52.71 -20.10
N PHE G 276 4.84 -51.74 -20.94
CA PHE G 276 5.65 -52.02 -22.11
C PHE G 276 7.14 -51.99 -21.84
N CYS G 277 7.57 -51.54 -20.66
CA CYS G 277 8.99 -51.46 -20.34
C CYS G 277 9.47 -52.61 -19.47
N LYS G 278 8.58 -53.54 -19.09
CA LYS G 278 9.01 -54.69 -18.31
C LYS G 278 9.90 -55.63 -19.13
N GLU G 279 9.59 -55.78 -20.42
CA GLU G 279 10.36 -56.64 -21.30
C GLU G 279 11.22 -55.86 -22.31
N ASP G 280 11.14 -54.53 -22.30
CA ASP G 280 11.90 -53.74 -23.25
C ASP G 280 13.38 -53.81 -22.94
N ASP G 281 14.19 -54.14 -23.95
CA ASP G 281 15.62 -54.31 -23.72
C ASP G 281 16.29 -53.00 -23.36
N VAL G 282 15.97 -51.93 -24.06
CA VAL G 282 16.60 -50.63 -23.80
C VAL G 282 16.25 -50.14 -22.41
N ALA G 283 14.96 -50.24 -22.04
CA ALA G 283 14.53 -49.78 -20.73
C ALA G 283 15.20 -50.59 -19.62
N LYS G 284 15.26 -51.91 -19.79
CA LYS G 284 15.90 -52.75 -18.78
C LYS G 284 17.37 -52.44 -18.65
N ARG G 285 18.06 -52.22 -19.78
CA ARG G 285 19.48 -51.86 -19.72
C ARG G 285 19.70 -50.55 -19.00
N VAL G 286 18.87 -49.54 -19.31
CA VAL G 286 19.01 -48.23 -18.67
C VAL G 286 18.75 -48.36 -17.17
N ILE G 287 17.70 -49.10 -16.80
CA ILE G 287 17.37 -49.27 -15.38
C ILE G 287 18.51 -49.97 -14.65
N GLU G 288 19.07 -51.02 -15.25
CA GLU G 288 20.15 -51.76 -14.60
C GLU G 288 21.39 -50.88 -14.42
N ASN G 289 21.74 -50.11 -15.45
CA ASN G 289 22.89 -49.21 -15.32
C ASN G 289 22.65 -48.16 -14.25
N CYS G 290 21.44 -47.60 -14.19
CA CYS G 290 21.15 -46.59 -13.19
C CYS G 290 21.16 -47.17 -11.79
N LYS G 291 20.65 -48.40 -11.63
CA LYS G 291 20.74 -49.07 -10.33
C LYS G 291 22.18 -49.28 -9.91
N LYS G 292 23.03 -49.73 -10.85
CA LYS G 292 24.44 -49.93 -10.54
C LYS G 292 25.10 -48.63 -10.10
N ILE G 293 24.81 -47.53 -10.81
CA ILE G 293 25.44 -46.26 -10.47
C ILE G 293 24.92 -45.74 -9.12
N HIS G 294 23.60 -45.83 -8.89
CA HIS G 294 23.03 -45.38 -7.64
C HIS G 294 23.53 -46.20 -6.46
N ALA G 295 23.92 -47.46 -6.70
CA ALA G 295 24.52 -48.26 -5.63
C ALA G 295 25.83 -47.67 -5.15
N ASP G 296 26.54 -46.93 -6.00
CA ASP G 296 27.80 -46.30 -5.61
C ASP G 296 27.62 -44.85 -5.18
N TYR G 297 26.67 -44.12 -5.78
CA TYR G 297 26.49 -42.72 -5.43
C TYR G 297 25.98 -42.53 -4.00
N ALA G 298 25.33 -43.53 -3.42
CA ALA G 298 24.77 -43.37 -2.09
C ALA G 298 25.82 -43.45 -0.98
N GLN G 299 27.00 -43.99 -1.27
CA GLN G 299 28.02 -44.12 -0.23
C GLN G 299 28.51 -42.76 0.24
N GLN G 300 28.75 -41.83 -0.69
CA GLN G 300 29.23 -40.51 -0.31
C GLN G 300 28.13 -39.73 0.40
N LYS G 301 28.54 -38.93 1.38
CA LYS G 301 27.62 -38.12 2.17
C LYS G 301 27.02 -37.05 1.26
N LEU G 302 25.78 -37.26 0.84
CA LEU G 302 25.09 -36.33 -0.04
C LEU G 302 23.69 -36.08 0.50
N SER G 303 23.21 -34.85 0.32
CA SER G 303 21.84 -34.54 0.66
C SER G 303 20.88 -35.31 -0.26
N PRO G 304 19.65 -35.58 0.20
CA PRO G 304 18.70 -36.26 -0.68
C PRO G 304 18.49 -35.55 -2.01
N ALA G 305 18.45 -34.22 -2.00
CA ALA G 305 18.38 -33.48 -3.25
C ALA G 305 19.64 -33.70 -4.09
N GLU G 306 20.82 -33.71 -3.45
CA GLU G 306 22.06 -33.89 -4.18
C GLU G 306 22.16 -35.28 -4.78
N LEU G 307 21.78 -36.30 -4.01
CA LEU G 307 21.79 -37.66 -4.53
C LEU G 307 20.78 -37.81 -5.66
N ASN G 308 19.60 -37.19 -5.52
CA ASN G 308 18.62 -37.22 -6.58
C ASN G 308 19.16 -36.57 -7.85
N ASP G 309 19.84 -35.43 -7.71
CA ASP G 309 20.41 -34.75 -8.86
C ASP G 309 21.50 -35.58 -9.54
N MET G 310 22.37 -36.19 -8.74
CA MET G 310 23.42 -37.03 -9.32
C MET G 310 22.83 -38.20 -10.09
N SER G 311 21.90 -38.92 -9.48
CA SER G 311 21.28 -40.06 -10.14
C SER G 311 20.49 -39.63 -11.37
N MET G 312 19.82 -38.47 -11.28
CA MET G 312 19.07 -37.95 -12.41
C MET G 312 19.99 -37.60 -13.56
N GLN G 313 21.13 -36.99 -13.28
CA GLN G 313 22.09 -36.67 -14.33
C GLN G 313 22.63 -37.93 -15.00
N MET G 314 22.96 -38.96 -14.19
CA MET G 314 23.44 -40.20 -14.78
C MET G 314 22.38 -40.87 -15.62
N PHE G 315 21.13 -40.88 -15.14
CA PHE G 315 20.03 -41.44 -15.91
C PHE G 315 19.82 -40.66 -17.20
N ARG G 316 19.93 -39.34 -17.14
CA ARG G 316 19.80 -38.53 -18.34
C ARG G 316 20.87 -38.90 -19.36
N VAL G 317 22.11 -39.05 -18.91
CA VAL G 317 23.19 -39.43 -19.83
C VAL G 317 22.89 -40.77 -20.48
N TYR G 318 22.56 -41.77 -19.66
CA TYR G 318 22.34 -43.12 -20.20
C TYR G 318 21.14 -43.15 -21.14
N ALA G 319 20.03 -42.55 -20.72
CA ALA G 319 18.81 -42.59 -21.53
C ALA G 319 18.98 -41.82 -22.83
N ILE G 320 19.63 -40.65 -22.79
CA ILE G 320 19.85 -39.89 -24.01
C ILE G 320 20.74 -40.67 -24.96
N ALA G 321 21.82 -41.28 -24.44
CA ALA G 321 22.69 -42.08 -25.29
C ALA G 321 21.92 -43.22 -25.95
N GLU G 322 21.15 -43.97 -25.16
CA GLU G 322 20.42 -45.11 -25.71
C GLU G 322 19.37 -44.68 -26.73
N LEU G 323 18.61 -43.63 -26.42
CA LEU G 323 17.57 -43.17 -27.34
C LEU G 323 18.16 -42.62 -28.62
N VAL G 324 19.27 -41.87 -28.53
CA VAL G 324 19.91 -41.35 -29.72
C VAL G 324 20.44 -42.48 -30.59
N ASP G 325 21.07 -43.49 -29.95
CA ASP G 325 21.56 -44.62 -30.72
C ASP G 325 20.43 -45.37 -31.41
N ALA G 326 19.32 -45.58 -30.71
CA ALA G 326 18.18 -46.26 -31.30
C ALA G 326 17.60 -45.46 -32.47
N VAL G 327 17.52 -44.14 -32.32
CA VAL G 327 17.00 -43.29 -33.39
C VAL G 327 17.91 -43.35 -34.60
N VAL G 328 19.22 -43.30 -34.38
CA VAL G 328 20.18 -43.38 -35.48
C VAL G 328 20.05 -44.72 -36.20
N ILE G 329 19.93 -45.81 -35.44
CA ILE G 329 19.79 -47.13 -36.05
C ILE G 329 18.51 -47.19 -36.88
N ALA G 330 17.41 -46.67 -36.33
CA ALA G 330 16.14 -46.70 -37.06
C ALA G 330 16.23 -45.87 -38.34
N PHE G 331 16.88 -44.71 -38.27
CA PHE G 331 17.03 -43.88 -39.46
C PHE G 331 17.87 -44.57 -40.51
N LYS G 332 18.96 -45.23 -40.10
CA LYS G 332 19.81 -45.94 -41.05
C LYS G 332 19.06 -47.10 -41.69
N ASP G 333 18.27 -47.83 -40.90
CA ASP G 333 17.57 -49.00 -41.44
C ASP G 333 16.46 -48.60 -42.40
N ASN G 334 15.77 -47.50 -42.12
CA ASN G 334 14.64 -47.05 -42.93
C ASN G 334 14.99 -45.90 -43.86
N ILE G 335 16.26 -45.78 -44.25
CA ILE G 335 16.66 -44.65 -45.08
C ILE G 335 16.05 -44.76 -46.47
N ASN G 336 15.94 -45.97 -47.01
CA ASN G 336 15.33 -46.14 -48.33
C ASN G 336 13.86 -45.76 -48.31
N GLU G 337 13.15 -46.12 -47.25
CA GLU G 337 11.75 -45.73 -47.13
C GLU G 337 11.61 -44.21 -47.02
N PHE G 338 12.50 -43.58 -46.26
CA PHE G 338 12.45 -42.13 -46.11
C PHE G 338 12.74 -41.43 -47.44
N LEU G 339 13.70 -41.94 -48.22
CA LEU G 339 14.05 -41.34 -49.49
C LEU G 339 13.00 -41.56 -50.57
N ASN G 340 11.99 -42.40 -50.31
CA ASN G 340 10.93 -42.66 -51.26
C ASN G 340 9.76 -41.72 -50.99
N ASP G 341 9.11 -41.27 -52.06
CA ASP G 341 7.97 -40.37 -51.91
C ASP G 341 6.83 -41.05 -51.16
N THR G 342 6.58 -42.32 -51.45
CA THR G 342 5.52 -43.08 -50.78
C THR G 342 6.04 -43.61 -49.44
N CYS G 343 6.24 -42.67 -48.51
CA CYS G 343 6.73 -42.97 -47.18
C CYS G 343 5.58 -42.82 -46.19
N GLU G 344 5.33 -43.87 -45.41
CA GLU G 344 4.24 -43.88 -44.45
C GLU G 344 4.73 -43.91 -43.00
N ILE G 345 6.02 -43.70 -42.78
CA ILE G 345 6.54 -43.66 -41.40
C ILE G 345 6.04 -42.41 -40.71
N LYS G 346 5.46 -42.59 -39.52
CA LYS G 346 4.93 -41.46 -38.77
C LYS G 346 6.05 -40.70 -38.06
N ASP G 347 6.82 -41.39 -37.23
CA ASP G 347 7.92 -40.78 -36.50
C ASP G 347 9.06 -41.78 -36.36
N LEU G 348 10.25 -41.25 -36.12
CA LEU G 348 11.44 -42.09 -36.02
C LEU G 348 11.45 -42.87 -34.70
N ILE G 349 10.88 -42.30 -33.64
CA ILE G 349 10.85 -43.01 -32.35
C ILE G 349 10.00 -44.27 -32.45
N SER G 350 8.85 -44.18 -33.10
CA SER G 350 7.92 -45.31 -33.13
C SER G 350 8.53 -46.52 -33.84
N CYS G 351 9.35 -46.31 -34.85
CA CYS G 351 10.00 -47.40 -35.56
C CYS G 351 11.34 -47.79 -34.96
N SER G 352 11.73 -47.17 -33.85
CA SER G 352 13.00 -47.47 -33.20
C SER G 352 12.78 -48.39 -32.00
N SER G 353 13.89 -48.88 -31.46
CA SER G 353 13.83 -49.78 -30.30
C SER G 353 13.64 -49.02 -29.00
N GLY G 354 13.69 -47.70 -29.01
CA GLY G 354 13.52 -46.92 -27.79
C GLY G 354 12.15 -46.31 -27.64
N LYS G 355 11.17 -46.80 -28.42
CA LYS G 355 9.83 -46.24 -28.35
C LYS G 355 9.19 -46.50 -26.98
N ASN G 356 9.42 -47.67 -26.41
CA ASN G 356 8.81 -47.99 -25.12
C ASN G 356 9.35 -47.10 -24.01
N LEU G 357 10.67 -46.89 -23.98
CA LEU G 357 11.25 -46.03 -22.95
C LEU G 357 10.78 -44.60 -23.10
N CYS G 358 10.71 -44.10 -24.35
CA CYS G 358 10.23 -42.74 -24.58
C CYS G 358 8.77 -42.59 -24.18
N GLN G 359 7.94 -43.59 -24.50
CA GLN G 359 6.54 -43.54 -24.10
C GLN G 359 6.40 -43.55 -22.59
N ALA G 360 7.19 -44.38 -21.90
CA ALA G 360 7.14 -44.41 -20.45
C ALA G 360 7.59 -43.07 -19.85
N LEU G 361 8.63 -42.48 -20.42
CA LEU G 361 9.08 -41.18 -19.93
C LEU G 361 8.03 -40.10 -20.15
N LYS G 362 7.36 -40.12 -21.31
CA LYS G 362 6.29 -39.17 -21.55
C LYS G 362 5.14 -39.36 -20.57
N LYS G 363 4.79 -40.61 -20.28
CA LYS G 363 3.73 -40.89 -19.32
C LYS G 363 4.13 -40.38 -17.93
N PHE G 364 5.38 -40.60 -17.54
CA PHE G 364 5.85 -40.12 -16.24
C PHE G 364 5.81 -38.59 -16.19
N ASP G 365 6.24 -37.93 -17.26
CA ASP G 365 6.21 -36.47 -17.29
C ASP G 365 4.79 -35.95 -17.21
N SER G 366 3.85 -36.59 -17.91
CA SER G 366 2.46 -36.18 -17.85
C SER G 366 1.88 -36.37 -16.45
N SER G 367 2.18 -37.51 -15.82
CA SER G 367 1.58 -37.81 -14.53
C SER G 367 2.16 -36.98 -13.41
N ARG G 368 3.46 -36.72 -13.44
CA ARG G 368 4.14 -36.05 -12.34
C ARG G 368 4.39 -34.57 -12.57
N GLY G 369 4.69 -34.16 -13.79
CA GLY G 369 5.03 -32.77 -14.03
C GLY G 369 3.95 -31.94 -14.69
N TYR G 370 3.29 -32.49 -15.72
CA TYR G 370 2.35 -31.68 -16.48
C TYR G 370 1.04 -31.44 -15.75
N GLN G 371 0.75 -32.21 -14.71
CA GLN G 371 -0.46 -32.02 -13.92
C GLN G 371 -0.16 -31.53 -12.51
N HIS G 372 1.05 -31.01 -12.28
CA HIS G 372 1.37 -30.45 -10.99
C HIS G 372 0.64 -29.12 -10.79
N ARG G 373 0.55 -28.70 -9.53
CA ARG G 373 -0.15 -27.47 -9.20
C ARG G 373 0.48 -26.27 -9.91
N SER G 374 1.81 -26.18 -9.89
CA SER G 374 2.48 -25.04 -10.49
C SER G 374 2.24 -24.99 -11.99
N VAL G 375 2.35 -26.13 -12.67
CA VAL G 375 2.17 -26.16 -14.11
C VAL G 375 0.72 -25.84 -14.47
N LEU G 376 -0.24 -26.41 -13.74
CA LEU G 376 -1.65 -26.12 -14.02
C LEU G 376 -1.97 -24.65 -13.80
N LYS G 377 -1.43 -24.07 -12.72
CA LYS G 377 -1.65 -22.65 -12.46
C LYS G 377 -1.03 -21.80 -13.56
N LEU G 378 0.16 -22.17 -14.01
CA LEU G 378 0.80 -21.43 -15.11
C LEU G 378 -0.04 -21.52 -16.38
N GLU G 379 -0.56 -22.70 -16.69
CA GLU G 379 -1.41 -22.84 -17.87
C GLU G 379 -2.67 -22.00 -17.76
N LEU G 380 -3.30 -22.00 -16.58
CA LEU G 380 -4.51 -21.21 -16.39
C LEU G 380 -4.22 -19.72 -16.54
N GLU G 381 -3.14 -19.26 -15.93
CA GLU G 381 -2.76 -17.84 -16.03
C GLU G 381 -2.44 -17.47 -17.47
N GLY G 382 -1.71 -18.33 -18.18
CA GLY G 382 -1.39 -18.06 -19.56
C GLY G 382 -2.62 -18.00 -20.44
N SER G 383 -3.56 -18.92 -20.23
CA SER G 383 -4.81 -18.91 -20.99
C SER G 383 -5.58 -17.62 -20.73
N ASN G 384 -5.70 -17.22 -19.47
CA ASN G 384 -6.41 -15.99 -19.14
C ASN G 384 -5.75 -14.78 -19.79
N TYR G 385 -4.43 -14.66 -19.63
CA TYR G 385 -3.72 -13.51 -20.20
C TYR G 385 -3.85 -13.47 -21.71
N ILE G 386 -3.64 -14.61 -22.36
CA ILE G 386 -3.66 -14.66 -23.82
C ILE G 386 -5.04 -14.32 -24.35
N LYS G 387 -6.09 -14.89 -23.74
CA LYS G 387 -7.43 -14.64 -24.25
C LYS G 387 -7.85 -13.20 -24.01
N GLY G 388 -7.53 -12.63 -22.85
CA GLY G 388 -7.85 -11.23 -22.62
C GLY G 388 -7.11 -10.30 -23.56
N LEU G 389 -5.82 -10.56 -23.77
CA LEU G 389 -5.05 -9.72 -24.69
C LEU G 389 -5.56 -9.85 -26.11
N MET G 390 -5.93 -11.07 -26.51
CA MET G 390 -6.48 -11.26 -27.85
C MET G 390 -7.79 -10.53 -28.02
N ASP G 391 -8.63 -10.51 -26.98
CA ASP G 391 -9.86 -9.73 -27.05
C ASP G 391 -9.57 -8.24 -27.24
N MET G 392 -8.69 -7.70 -26.40
CA MET G 392 -8.40 -6.27 -26.48
C MET G 392 -7.72 -5.90 -27.80
N LEU G 393 -6.90 -6.79 -28.35
CA LEU G 393 -6.27 -6.50 -29.64
C LEU G 393 -7.26 -6.64 -30.79
N TRP G 394 -8.13 -7.64 -30.73
CA TRP G 394 -9.17 -7.81 -31.74
C TRP G 394 -10.08 -6.59 -31.79
N LEU G 395 -10.27 -5.93 -30.65
CA LEU G 395 -11.04 -4.68 -30.65
C LEU G 395 -10.44 -3.66 -31.61
N GLY G 396 -9.12 -3.66 -31.78
CA GLY G 396 -8.47 -2.70 -32.66
C GLY G 396 -8.02 -3.25 -34.01
N ILE G 397 -8.11 -4.56 -34.19
CA ILE G 397 -7.67 -5.20 -35.42
C ILE G 397 -8.85 -5.50 -36.35
N LYS G 398 -9.94 -6.02 -35.80
CA LYS G 398 -11.06 -6.44 -36.63
C LYS G 398 -11.65 -5.26 -37.39
N GLY G 399 -11.89 -5.46 -38.69
CA GLY G 399 -12.50 -4.46 -39.53
C GLY G 399 -11.53 -3.58 -40.29
N ARG G 400 -10.23 -3.64 -39.95
CA ARG G 400 -9.26 -2.79 -40.64
C ARG G 400 -9.17 -3.11 -42.12
N ALA G 401 -9.20 -4.40 -42.46
CA ALA G 401 -9.06 -4.82 -43.85
C ALA G 401 -10.39 -5.07 -44.53
N THR G 402 -11.43 -5.44 -43.80
CA THR G 402 -12.73 -5.72 -44.39
C THR G 402 -13.49 -4.47 -44.79
N GLY G 403 -13.05 -3.30 -44.38
CA GLY G 403 -13.71 -2.05 -44.71
C GLY G 403 -14.54 -1.45 -43.60
N ASP G 404 -14.83 -2.20 -42.55
CA ASP G 404 -15.57 -1.65 -41.42
C ASP G 404 -14.73 -0.59 -40.70
N THR G 405 -15.37 0.09 -39.75
CA THR G 405 -14.79 1.27 -39.12
C THR G 405 -14.84 1.14 -37.60
N GLN G 406 -15.32 0.00 -37.11
CA GLN G 406 -15.46 -0.21 -35.68
C GLN G 406 -14.15 -0.13 -34.92
N TYR G 407 -13.02 -0.29 -35.60
CA TYR G 407 -11.72 -0.18 -34.96
C TYR G 407 -11.31 1.27 -34.71
N ASP G 408 -11.94 2.23 -35.39
CA ASP G 408 -11.51 3.63 -35.37
C ASP G 408 -11.97 4.30 -34.08
N THR G 409 -11.39 3.84 -32.99
CA THR G 409 -11.58 4.39 -31.66
C THR G 409 -10.22 4.65 -31.05
N PRO G 410 -10.12 5.54 -30.06
CA PRO G 410 -8.81 5.77 -29.43
C PRO G 410 -8.17 4.50 -28.88
N PHE G 411 -8.97 3.62 -28.28
CA PHE G 411 -8.43 2.34 -27.82
C PHE G 411 -7.98 1.48 -28.98
N GLY G 412 -8.78 1.44 -30.05
CA GLY G 412 -8.38 0.67 -31.23
C GLY G 412 -7.11 1.20 -31.86
N ARG G 413 -7.01 2.52 -31.99
CA ARG G 413 -5.79 3.12 -32.54
C ARG G 413 -4.59 2.82 -31.65
N TYR G 414 -4.76 2.90 -30.33
CA TYR G 414 -3.64 2.63 -29.44
C TYR G 414 -3.19 1.18 -29.53
N VAL G 415 -4.13 0.23 -29.52
CA VAL G 415 -3.74 -1.17 -29.56
C VAL G 415 -3.16 -1.52 -30.92
N TYR G 416 -3.62 -0.89 -32.00
CA TYR G 416 -2.97 -1.08 -33.28
C TYR G 416 -1.55 -0.55 -33.27
N GLY G 417 -1.34 0.62 -32.66
CA GLY G 417 0.01 1.17 -32.57
C GLY G 417 0.92 0.37 -31.66
N ARG G 418 0.37 -0.41 -30.73
CA ARG G 418 1.19 -1.23 -29.87
C ARG G 418 1.72 -2.48 -30.57
N ILE G 419 1.10 -2.90 -31.67
CA ILE G 419 1.58 -4.05 -32.41
C ILE G 419 2.91 -3.72 -33.07
N SER G 420 3.78 -4.72 -33.17
CA SER G 420 5.09 -4.52 -33.76
C SER G 420 4.96 -4.04 -35.21
N GLU G 421 5.87 -3.17 -35.62
CA GLU G 421 5.73 -2.48 -36.90
C GLU G 421 5.82 -3.44 -38.09
N ASN G 422 6.64 -4.48 -37.99
CA ASN G 422 6.77 -5.41 -39.12
C ASN G 422 5.48 -6.17 -39.37
N TYR G 423 4.79 -6.60 -38.30
CA TYR G 423 3.52 -7.28 -38.46
C TYR G 423 2.49 -6.38 -39.13
N ARG G 424 2.44 -5.12 -38.72
CA ARG G 424 1.52 -4.17 -39.36
C ARG G 424 1.89 -3.93 -40.82
N ARG G 425 3.19 -3.85 -41.11
CA ARG G 425 3.64 -3.64 -42.48
C ARG G 425 3.21 -4.81 -43.37
N ILE G 426 3.37 -6.04 -42.88
CA ILE G 426 2.90 -7.20 -43.62
C ILE G 426 1.38 -7.18 -43.75
N PHE G 427 0.69 -6.72 -42.71
CA PHE G 427 -0.77 -6.64 -42.75
C PHE G 427 -1.25 -5.65 -43.80
N GLU G 428 -0.54 -4.53 -43.98
CA GLU G 428 -0.90 -3.53 -44.98
C GLU G 428 -0.11 -3.83 -46.25
N GLN G 429 -0.54 -4.87 -46.96
CA GLN G 429 0.08 -5.26 -48.22
C GLN G 429 -1.02 -5.75 -49.16
N GLU G 430 -0.68 -5.84 -50.44
CA GLU G 430 -1.58 -6.33 -51.46
C GLU G 430 -1.25 -7.79 -51.75
N ASN G 431 -2.23 -8.67 -51.57
CA ASN G 431 -2.08 -10.08 -51.87
C ASN G 431 -3.46 -10.68 -52.03
N ASN G 432 -3.50 -11.99 -52.31
CA ASN G 432 -4.75 -12.69 -52.52
C ASN G 432 -5.39 -13.14 -51.21
N LEU G 433 -4.76 -12.88 -50.08
CA LEU G 433 -5.32 -13.30 -48.80
C LEU G 433 -6.62 -12.57 -48.52
N PRO G 434 -7.67 -13.26 -48.06
CA PRO G 434 -8.91 -12.56 -47.68
C PRO G 434 -8.67 -11.62 -46.51
N ALA G 435 -9.48 -10.56 -46.46
CA ALA G 435 -9.30 -9.53 -45.45
C ALA G 435 -9.43 -10.08 -44.04
N CYS G 436 -10.42 -10.94 -43.81
CA CYS G 436 -10.57 -11.57 -42.51
C CYS G 436 -9.35 -12.42 -42.18
N TYR G 437 -8.82 -13.14 -43.17
CA TYR G 437 -7.61 -13.91 -42.96
C TYR G 437 -6.43 -13.01 -42.61
N LYS G 438 -6.34 -11.85 -43.26
CA LYS G 438 -5.25 -10.93 -42.96
C LYS G 438 -5.34 -10.41 -41.53
N GLU G 439 -6.56 -10.06 -41.08
CA GLU G 439 -6.73 -9.59 -39.71
C GLU G 439 -6.38 -10.69 -38.71
N ALA G 440 -6.86 -11.91 -38.96
CA ALA G 440 -6.56 -13.01 -38.06
C ALA G 440 -5.07 -13.30 -38.02
N GLN G 441 -4.40 -13.23 -39.17
CA GLN G 441 -2.97 -13.47 -39.21
C GLN G 441 -2.20 -12.37 -38.49
N LEU G 442 -2.67 -11.12 -38.60
CA LEU G 442 -2.04 -10.05 -37.84
C LEU G 442 -2.13 -10.31 -36.34
N LEU G 443 -3.32 -10.71 -35.88
CA LEU G 443 -3.48 -11.02 -34.46
C LEU G 443 -2.59 -12.19 -34.04
N ALA G 444 -2.54 -13.23 -34.86
CA ALA G 444 -1.73 -14.41 -34.53
C ALA G 444 -0.25 -14.06 -34.49
N ASP G 445 0.22 -13.25 -35.45
CA ASP G 445 1.61 -12.82 -35.44
C ASP G 445 1.93 -11.97 -34.22
N ALA G 446 1.01 -11.07 -33.85
CA ALA G 446 1.25 -10.24 -32.68
C ALA G 446 1.33 -11.09 -31.41
N ILE G 447 0.42 -12.04 -31.25
CA ILE G 447 0.39 -12.84 -30.03
C ILE G 447 1.58 -13.80 -29.98
N SER G 448 1.90 -14.44 -31.10
CA SER G 448 2.91 -15.50 -31.10
C SER G 448 4.29 -14.98 -30.76
N GLY G 449 4.63 -13.78 -31.22
CA GLY G 449 5.95 -13.25 -31.02
C GLY G 449 6.22 -12.67 -29.65
N MET G 450 5.25 -12.69 -28.76
CA MET G 450 5.39 -12.10 -27.44
C MET G 450 5.99 -13.10 -26.46
N THR G 451 6.77 -12.57 -25.52
CA THR G 451 7.25 -13.35 -24.40
C THR G 451 6.23 -13.29 -23.26
N ASP G 452 6.45 -14.11 -22.23
CA ASP G 452 5.52 -14.15 -21.11
C ASP G 452 5.44 -12.80 -20.41
N SER G 453 6.60 -12.24 -20.07
CA SER G 453 6.61 -10.96 -19.35
C SER G 453 6.02 -9.84 -20.19
N TYR G 454 6.39 -9.78 -21.47
CA TYR G 454 5.86 -8.74 -22.34
C TYR G 454 4.35 -8.89 -22.52
N LEU G 455 3.88 -10.12 -22.70
CA LEU G 455 2.45 -10.34 -22.86
C LEU G 455 1.69 -9.93 -21.61
N ILE G 456 2.21 -10.29 -20.43
CA ILE G 456 1.54 -9.94 -19.18
C ILE G 456 1.52 -8.43 -19.00
N ALA G 457 2.64 -7.75 -19.25
CA ALA G 457 2.70 -6.31 -19.09
C ALA G 457 1.74 -5.61 -20.04
N LEU G 458 1.73 -6.02 -21.32
CA LEU G 458 0.82 -5.41 -22.28
C LEU G 458 -0.64 -5.67 -21.90
N HIS G 459 -0.95 -6.88 -21.45
CA HIS G 459 -2.31 -7.19 -21.03
C HIS G 459 -2.73 -6.30 -19.87
N ASP G 460 -1.86 -6.14 -18.88
CA ASP G 460 -2.20 -5.30 -17.73
C ASP G 460 -2.40 -3.84 -18.14
N GLU G 461 -1.52 -3.32 -18.99
CA GLU G 461 -1.64 -1.93 -19.42
C GLU G 461 -2.90 -1.71 -20.24
N LEU G 462 -3.19 -2.61 -21.17
CA LEU G 462 -4.40 -2.48 -21.98
C LEU G 462 -5.65 -2.62 -21.13
N ARG G 463 -5.63 -3.52 -20.14
CA ARG G 463 -6.77 -3.66 -19.24
C ARG G 463 -6.99 -2.40 -18.44
N ALA G 464 -5.90 -1.76 -18.00
CA ALA G 464 -6.01 -0.50 -17.28
C ALA G 464 -6.60 0.59 -18.17
N LEU G 465 -6.19 0.63 -19.43
CA LEU G 465 -6.64 1.68 -20.35
C LEU G 465 -8.01 1.40 -20.96
N HIS G 466 -8.53 0.19 -20.84
CA HIS G 466 -9.78 -0.21 -21.47
C HIS G 466 -11.00 0.01 -20.58
N GLN G 467 -10.84 0.63 -19.41
CA GLN G 467 -11.91 0.67 -18.44
C GLN G 467 -13.14 1.41 -18.98
N TYR G 468 -12.93 2.56 -19.61
CA TYR G 468 -14.07 3.34 -20.08
C TYR G 468 -14.78 2.66 -21.24
N GLU G 469 -14.02 2.22 -22.25
CA GLU G 469 -14.64 1.64 -23.43
C GLU G 469 -15.30 0.30 -23.14
N CYS G 470 -14.74 -0.46 -22.18
CA CYS G 470 -15.35 -1.73 -21.81
C CYS G 470 -16.73 -1.53 -21.22
N ARG G 471 -16.89 -0.52 -20.37
CA ARG G 471 -18.18 -0.23 -19.74
C ARG G 471 -19.09 0.52 -20.70
N SER H 2 59.67 -27.18 -28.75
CA SER H 2 58.32 -26.73 -29.06
C SER H 2 57.28 -27.65 -28.43
N MET H 3 56.01 -27.44 -28.79
CA MET H 3 54.89 -28.22 -28.27
C MET H 3 54.23 -28.99 -29.39
N HIS H 4 53.84 -30.22 -29.10
CA HIS H 4 53.22 -31.10 -30.08
C HIS H 4 51.71 -31.09 -29.93
N TRP H 5 51.01 -31.20 -31.06
CA TRP H 5 49.56 -31.21 -31.04
C TRP H 5 48.99 -32.46 -30.39
N ASN H 6 49.78 -33.54 -30.30
CA ASN H 6 49.29 -34.75 -29.64
C ASN H 6 49.01 -34.49 -28.16
N ASP H 7 49.91 -33.75 -27.49
CA ASP H 7 49.69 -33.41 -26.09
C ASP H 7 48.64 -32.31 -25.93
N LEU H 8 48.66 -31.32 -26.83
CA LEU H 8 47.72 -30.22 -26.72
C LEU H 8 46.28 -30.68 -26.96
N LEU H 9 46.09 -31.70 -27.78
CA LEU H 9 44.77 -32.28 -28.04
C LEU H 9 44.55 -33.57 -27.27
N ASN H 10 45.09 -33.65 -26.05
CA ASN H 10 44.95 -34.85 -25.24
C ASN H 10 43.49 -35.07 -24.88
N SER H 11 42.91 -36.16 -25.36
CA SER H 11 41.52 -36.49 -25.10
C SER H 11 41.34 -37.30 -23.83
N ASN H 12 42.42 -37.61 -23.12
CA ASN H 12 42.31 -38.30 -21.84
C ASN H 12 41.66 -37.38 -20.81
N ARG H 13 40.88 -37.99 -19.92
CA ARG H 13 40.18 -37.26 -18.88
C ARG H 13 40.91 -37.41 -17.55
N ARG H 14 40.76 -36.40 -16.69
CA ARG H 14 41.52 -36.35 -15.45
C ARG H 14 41.15 -37.50 -14.52
N LYS H 15 39.87 -37.86 -14.47
CA LYS H 15 39.44 -38.93 -13.58
C LYS H 15 40.03 -40.26 -14.04
N PRO H 16 40.67 -41.01 -13.14
CA PRO H 16 41.24 -42.31 -13.54
C PRO H 16 40.15 -43.27 -13.98
N LYS H 17 40.50 -44.11 -14.95
CA LYS H 17 39.56 -45.08 -15.51
C LYS H 17 40.01 -46.51 -15.20
N ARG H 31 30.70 -41.28 -30.69
CA ARG H 31 31.18 -39.91 -30.59
C ARG H 31 32.66 -39.86 -30.24
N GLN H 32 33.14 -38.66 -29.95
CA GLN H 32 34.49 -38.44 -29.47
C GLN H 32 34.44 -37.85 -28.07
N GLN H 33 35.56 -37.98 -27.35
CA GLN H 33 35.62 -37.46 -25.99
C GLN H 33 35.44 -35.94 -25.97
N ILE H 34 36.08 -35.25 -26.90
CA ILE H 34 36.04 -33.79 -26.92
C ILE H 34 34.63 -33.29 -27.24
N GLU H 35 33.93 -33.99 -28.15
CA GLU H 35 32.53 -33.66 -28.41
C GLU H 35 31.69 -33.89 -27.15
N ARG H 36 31.99 -34.98 -26.43
CA ARG H 36 31.31 -35.23 -25.17
C ARG H 36 31.55 -34.11 -24.18
N ASP H 37 32.72 -33.46 -24.25
CA ASP H 37 32.97 -32.31 -23.37
C ASP H 37 31.97 -31.19 -23.61
N TYR H 38 31.76 -30.82 -24.88
CA TYR H 38 30.77 -29.79 -25.19
C TYR H 38 29.38 -30.23 -24.78
N ASP H 39 29.04 -31.50 -25.02
CA ASP H 39 27.72 -31.99 -24.62
C ASP H 39 27.51 -31.89 -23.12
N ARG H 40 28.52 -32.26 -22.32
CA ARG H 40 28.41 -32.16 -20.87
C ARG H 40 28.32 -30.71 -20.43
N ILE H 41 29.09 -29.82 -21.04
CA ILE H 41 29.06 -28.42 -20.65
C ILE H 41 27.70 -27.81 -20.94
N LEU H 42 27.10 -28.17 -22.08
CA LEU H 42 25.80 -27.59 -22.43
C LEU H 42 24.72 -27.98 -21.42
N PHE H 43 24.73 -29.23 -20.96
CA PHE H 43 23.69 -29.70 -20.05
C PHE H 43 23.96 -29.36 -18.59
N ALA H 44 25.09 -28.71 -18.29
CA ALA H 44 25.39 -28.36 -16.91
C ALA H 44 24.41 -27.31 -16.38
N ALA H 45 24.09 -27.42 -15.10
CA ALA H 45 23.19 -26.47 -14.48
C ALA H 45 23.72 -25.03 -14.49
N PRO H 46 24.99 -24.77 -14.16
CA PRO H 46 25.48 -23.38 -14.26
C PRO H 46 25.37 -22.79 -15.66
N THR H 47 25.45 -23.63 -16.70
CA THR H 47 25.24 -23.12 -18.05
C THR H 47 23.84 -22.56 -18.22
N ARG H 48 22.84 -23.25 -17.65
CA ARG H 48 21.48 -22.71 -17.67
C ARG H 48 21.36 -21.49 -16.77
N ARG H 49 22.07 -21.49 -15.64
CA ARG H 49 22.05 -20.34 -14.74
C ARG H 49 22.62 -19.10 -15.42
N LEU H 50 23.49 -19.28 -16.41
CA LEU H 50 24.05 -18.15 -17.13
C LEU H 50 22.98 -17.30 -17.80
N ALA H 51 21.80 -17.86 -18.07
CA ALA H 51 20.74 -17.09 -18.70
C ALA H 51 20.20 -16.00 -17.79
N ASP H 52 20.42 -16.11 -16.48
CA ASP H 52 19.92 -15.15 -15.51
C ASP H 52 20.99 -14.19 -15.01
N LYS H 53 22.17 -14.19 -15.63
CA LYS H 53 23.26 -13.29 -15.26
C LYS H 53 23.40 -12.22 -16.34
N THR H 54 23.45 -10.97 -15.93
CA THR H 54 23.56 -9.87 -16.88
C THR H 54 24.96 -9.86 -17.50
N GLN H 55 25.01 -9.49 -18.79
CA GLN H 55 26.28 -9.38 -19.48
C GLN H 55 26.83 -7.96 -19.42
N VAL H 56 26.09 -7.00 -19.99
CA VAL H 56 26.44 -5.59 -19.88
C VAL H 56 25.23 -4.81 -19.40
N PHE H 57 24.12 -4.92 -20.13
CA PHE H 57 22.88 -4.17 -19.96
C PHE H 57 21.90 -4.93 -19.07
N PRO H 58 21.03 -4.21 -18.36
CA PRO H 58 20.02 -4.88 -17.53
C PRO H 58 19.01 -5.63 -18.38
N LEU H 59 18.43 -6.67 -17.79
CA LEU H 59 17.50 -7.54 -18.49
C LEU H 59 16.09 -6.94 -18.42
N ASP H 60 15.61 -6.45 -19.55
CA ASP H 60 14.26 -5.91 -19.64
C ASP H 60 13.27 -7.00 -20.04
N LYS H 61 11.99 -6.62 -20.14
CA LYS H 61 10.95 -7.56 -20.53
C LYS H 61 10.73 -7.65 -22.04
N ASN H 62 11.35 -6.76 -22.81
CA ASN H 62 11.12 -6.72 -24.25
C ASN H 62 12.43 -6.75 -25.02
N ASP H 63 13.46 -6.11 -24.47
CA ASP H 63 14.74 -6.03 -25.16
C ASP H 63 15.37 -7.42 -25.28
N SER H 64 16.08 -7.63 -26.38
CA SER H 64 16.80 -8.88 -26.65
C SER H 64 18.29 -8.72 -26.38
N VAL H 65 18.65 -7.95 -25.35
CA VAL H 65 20.05 -7.72 -25.05
C VAL H 65 20.70 -9.03 -24.62
N ARG H 66 22.01 -9.12 -24.85
CA ARG H 66 22.74 -10.35 -24.57
C ARG H 66 22.79 -10.61 -23.07
N THR H 67 22.56 -11.86 -22.68
CA THR H 67 22.85 -12.35 -21.34
C THR H 67 24.20 -13.05 -21.37
N ARG H 68 24.59 -13.62 -20.24
CA ARG H 68 25.81 -14.43 -20.22
C ARG H 68 25.62 -15.68 -21.07
N LEU H 69 24.42 -16.26 -21.09
CA LEU H 69 24.18 -17.46 -21.88
C LEU H 69 24.24 -17.17 -23.36
N THR H 70 23.55 -16.11 -23.81
CA THR H 70 23.58 -15.77 -25.23
C THR H 70 24.97 -15.37 -25.68
N HIS H 71 25.68 -14.61 -24.86
CA HIS H 71 27.05 -14.23 -25.18
C HIS H 71 27.95 -15.47 -25.27
N SER H 72 27.78 -16.41 -24.33
CA SER H 72 28.58 -17.62 -24.36
C SER H 72 28.28 -18.45 -25.60
N HIS H 73 27.01 -18.54 -25.99
CA HIS H 73 26.65 -19.30 -27.18
C HIS H 73 27.21 -18.64 -28.43
N GLU H 74 27.19 -17.31 -28.49
CA GLU H 74 27.76 -16.60 -29.63
C GLU H 74 29.27 -16.80 -29.71
N VAL H 75 29.95 -16.73 -28.58
CA VAL H 75 31.39 -16.98 -28.56
C VAL H 75 31.69 -18.41 -28.98
N ALA H 76 30.88 -19.36 -28.52
CA ALA H 76 31.06 -20.76 -28.90
C ALA H 76 30.86 -20.95 -30.40
N ASN H 77 29.87 -20.28 -30.97
CA ASN H 77 29.64 -20.38 -32.40
C ASN H 77 30.81 -19.80 -33.19
N LEU H 78 31.32 -18.64 -32.76
CA LEU H 78 32.48 -18.06 -33.43
C LEU H 78 33.69 -18.99 -33.36
N SER H 79 33.94 -19.55 -32.17
CA SER H 79 35.07 -20.46 -32.01
C SER H 79 34.88 -21.72 -32.84
N ARG H 80 33.66 -22.23 -32.93
CA ARG H 80 33.40 -23.41 -33.75
C ARG H 80 33.64 -23.11 -35.22
N GLY H 81 33.24 -21.92 -35.68
CA GLY H 81 33.55 -21.55 -37.06
C GLY H 81 35.04 -21.47 -37.30
N ILE H 82 35.78 -20.88 -36.36
CA ILE H 82 37.24 -20.83 -36.47
C ILE H 82 37.79 -22.25 -36.55
N GLY H 83 37.27 -23.16 -35.73
CA GLY H 83 37.75 -24.53 -35.75
C GLY H 83 37.45 -25.25 -37.05
N MET H 84 36.26 -25.01 -37.62
CA MET H 84 35.95 -25.57 -38.93
C MET H 84 36.92 -25.08 -39.98
N ARG H 85 37.23 -23.77 -39.96
CA ARG H 85 38.19 -23.23 -40.91
C ARG H 85 39.57 -23.85 -40.73
N LEU H 86 39.99 -24.02 -39.47
CA LEU H 86 41.32 -24.57 -39.21
C LEU H 86 41.41 -26.03 -39.61
N ALA H 87 40.38 -26.82 -39.32
CA ALA H 87 40.46 -28.27 -39.52
C ALA H 87 40.13 -28.68 -40.94
N PHE H 88 39.31 -27.90 -41.66
CA PHE H 88 38.88 -28.30 -42.99
C PHE H 88 39.65 -27.61 -44.12
N GLU H 89 40.27 -26.47 -43.86
CA GLU H 89 40.96 -25.72 -44.90
C GLU H 89 42.44 -25.51 -44.63
N LEU H 90 42.82 -25.23 -43.39
CA LEU H 90 44.20 -24.92 -43.04
C LEU H 90 44.85 -26.02 -42.21
N GLU H 91 44.45 -27.27 -42.43
CA GLU H 91 45.01 -28.37 -41.64
C GLU H 91 46.50 -28.52 -41.88
N ASP H 92 46.93 -28.44 -43.15
CA ASP H 92 48.35 -28.61 -43.45
C ASP H 92 49.17 -27.44 -42.92
N ASP H 93 48.62 -26.23 -42.96
CA ASP H 93 49.36 -25.05 -42.50
C ASP H 93 49.42 -24.95 -40.98
N VAL H 94 48.45 -25.51 -40.27
CA VAL H 94 48.35 -25.37 -38.82
C VAL H 94 48.76 -26.65 -38.09
N PHE H 95 48.09 -27.76 -38.40
CA PHE H 95 48.30 -29.02 -37.68
C PHE H 95 49.29 -29.87 -38.48
N LYS H 96 50.56 -29.83 -38.07
CA LYS H 96 51.60 -30.68 -38.63
C LYS H 96 52.05 -31.67 -37.58
N ASP H 97 52.39 -32.88 -38.02
CA ASP H 97 52.82 -33.97 -37.13
C ASP H 97 51.76 -34.26 -36.08
N VAL H 98 50.59 -34.68 -36.56
CA VAL H 98 49.46 -35.05 -35.72
C VAL H 98 49.13 -36.50 -35.97
N SER H 99 48.95 -37.26 -34.89
CA SER H 99 48.67 -38.69 -35.02
C SER H 99 47.38 -38.92 -35.79
N GLU H 100 47.37 -39.98 -36.60
CA GLU H 100 46.18 -40.33 -37.36
C GLU H 100 45.03 -40.74 -36.47
N ASP H 101 45.30 -41.09 -35.21
CA ASP H 101 44.23 -41.42 -34.28
C ASP H 101 43.35 -40.20 -34.00
N ILE H 102 43.93 -39.01 -33.98
CA ILE H 102 43.19 -37.79 -33.69
C ILE H 102 42.43 -37.36 -34.93
N CYS H 103 41.11 -37.22 -34.80
CA CYS H 103 40.26 -36.72 -35.88
C CYS H 103 40.10 -35.22 -35.68
N LEU H 104 40.89 -34.43 -36.42
CA LEU H 104 40.87 -32.98 -36.24
C LEU H 104 39.50 -32.40 -36.56
N LYS H 105 38.88 -32.87 -37.65
CA LYS H 105 37.61 -32.32 -38.09
C LYS H 105 36.51 -32.52 -37.08
N ARG H 106 36.65 -33.48 -36.17
CA ARG H 106 35.68 -33.68 -35.10
C ARG H 106 36.12 -33.12 -33.76
N ASP H 107 37.43 -33.00 -33.53
CA ASP H 107 37.93 -32.56 -32.24
C ASP H 107 38.11 -31.05 -32.16
N VAL H 108 38.79 -30.46 -33.14
CA VAL H 108 39.12 -29.02 -33.05
C VAL H 108 37.86 -28.15 -32.99
N PRO H 109 36.88 -28.28 -33.89
CA PRO H 109 35.68 -27.45 -33.74
C PRO H 109 34.94 -27.69 -32.45
N ALA H 110 34.83 -28.96 -32.04
CA ALA H 110 34.16 -29.27 -30.78
C ALA H 110 34.91 -28.69 -29.60
N LEU H 111 36.25 -28.78 -29.62
CA LEU H 111 37.05 -28.24 -28.52
C LEU H 111 36.88 -26.72 -28.43
N LEU H 112 36.95 -26.03 -29.57
CA LEU H 112 36.81 -24.58 -29.54
C LEU H 112 35.41 -24.17 -29.11
N ALA H 113 34.38 -24.88 -29.58
CA ALA H 113 33.03 -24.57 -29.13
C ALA H 113 32.86 -24.80 -27.64
N ALA H 114 33.41 -25.90 -27.12
CA ALA H 114 33.29 -26.19 -25.70
C ALA H 114 33.98 -25.14 -24.85
N ILE H 115 35.19 -24.72 -25.25
CA ILE H 115 35.89 -23.72 -24.45
C ILE H 115 35.27 -22.34 -24.62
N GLY H 116 34.58 -22.08 -25.74
CA GLY H 116 33.85 -20.83 -25.87
C GLY H 116 32.59 -20.79 -25.04
N LEU H 117 31.89 -21.91 -24.93
CA LEU H 117 30.65 -21.95 -24.15
C LEU H 117 30.91 -21.88 -22.65
N VAL H 118 32.10 -22.32 -22.21
CA VAL H 118 32.40 -22.42 -20.78
C VAL H 118 33.19 -21.24 -20.26
N HIS H 119 33.61 -20.32 -21.13
CA HIS H 119 34.57 -19.30 -20.73
C HIS H 119 34.05 -18.34 -19.67
N ASP H 120 32.73 -18.24 -19.50
CA ASP H 120 32.15 -17.29 -18.55
C ASP H 120 31.24 -17.98 -17.54
N MET H 121 31.45 -19.27 -17.31
CA MET H 121 30.58 -20.01 -16.39
C MET H 121 30.72 -19.49 -14.96
N GLY H 122 31.94 -19.24 -14.51
CA GLY H 122 32.19 -18.85 -13.14
C GLY H 122 32.16 -17.36 -12.85
N ASN H 123 31.79 -16.54 -13.83
CA ASN H 123 31.78 -15.11 -13.61
C ASN H 123 30.67 -14.72 -12.64
N PRO H 124 30.90 -13.74 -11.76
CA PRO H 124 29.87 -13.30 -10.84
C PRO H 124 28.77 -12.55 -11.59
N PRO H 125 27.61 -12.35 -10.96
CA PRO H 125 26.54 -11.60 -11.62
C PRO H 125 26.84 -10.12 -11.73
N PHE H 126 25.90 -9.36 -12.32
CA PHE H 126 26.00 -7.91 -12.45
C PHE H 126 27.21 -7.49 -13.28
N GLY H 127 27.52 -8.28 -14.32
CA GLY H 127 28.55 -7.89 -15.27
C GLY H 127 29.94 -7.80 -14.67
N HIS H 128 30.73 -6.89 -15.27
CA HIS H 128 32.09 -6.66 -14.79
C HIS H 128 32.09 -6.06 -13.40
N GLN H 129 31.03 -5.29 -13.08
CA GLN H 129 30.93 -4.71 -11.76
C GLN H 129 30.82 -5.78 -10.68
N GLY H 130 30.36 -6.97 -11.04
CA GLY H 130 30.36 -8.06 -10.08
C GLY H 130 31.75 -8.41 -9.62
N GLU H 131 32.66 -8.65 -10.57
CA GLU H 131 34.05 -8.92 -10.22
C GLU H 131 34.67 -7.74 -9.49
N LYS H 132 34.38 -6.52 -9.96
CA LYS H 132 34.95 -5.34 -9.32
C LYS H 132 34.51 -5.21 -7.86
N ALA H 133 33.22 -5.46 -7.62
CA ALA H 133 32.68 -5.34 -6.26
C ALA H 133 33.22 -6.44 -5.36
N MET H 134 33.32 -7.66 -5.88
CA MET H 134 33.92 -8.74 -5.10
C MET H 134 35.36 -8.40 -4.73
N SER H 135 36.13 -7.89 -5.70
CA SER H 135 37.52 -7.52 -5.42
C SER H 135 37.60 -6.42 -4.39
N GLU H 136 36.75 -5.39 -4.50
CA GLU H 136 36.79 -4.29 -3.53
C GLU H 136 36.42 -4.76 -2.14
N TRP H 137 35.38 -5.59 -2.04
CA TRP H 137 34.98 -6.10 -0.73
C TRP H 137 36.07 -6.95 -0.12
N PHE H 138 36.71 -7.80 -0.91
CA PHE H 138 37.78 -8.64 -0.38
C PHE H 138 38.98 -7.81 0.02
N THR H 139 39.28 -6.76 -0.74
CA THR H 139 40.36 -5.85 -0.37
C THR H 139 40.08 -5.17 0.95
N LYS H 140 38.84 -4.73 1.17
CA LYS H 140 38.50 -4.05 2.41
C LYS H 140 38.44 -4.99 3.61
N ASN H 141 37.82 -6.16 3.46
CA ASN H 141 37.58 -7.06 4.57
C ASN H 141 38.66 -8.13 4.74
N LEU H 142 39.64 -8.19 3.84
CA LEU H 142 40.80 -9.06 3.97
C LEU H 142 42.04 -8.18 3.83
N PRO H 143 42.33 -7.35 4.83
CA PRO H 143 43.38 -6.35 4.69
C PRO H 143 44.73 -6.98 4.40
N GLU H 144 45.49 -6.35 3.50
CA GLU H 144 46.82 -6.83 3.15
C GLU H 144 47.82 -6.64 4.27
N HIS H 145 47.64 -5.61 5.09
CA HIS H 145 48.55 -5.37 6.21
C HIS H 145 48.30 -6.31 7.38
N SER H 146 47.07 -6.79 7.55
CA SER H 146 46.77 -7.70 8.65
C SER H 146 47.54 -9.00 8.50
N ASP H 147 48.10 -9.48 9.61
CA ASP H 147 48.93 -10.68 9.58
C ASP H 147 48.13 -11.90 9.12
N ASN H 148 46.82 -11.90 9.34
CA ASN H 148 45.99 -13.00 8.86
C ASN H 148 45.98 -13.07 7.34
N TYR H 149 46.09 -11.92 6.66
CA TYR H 149 46.06 -11.86 5.20
C TYR H 149 47.26 -11.03 4.73
N LYS H 150 48.41 -11.69 4.58
CA LYS H 150 49.59 -11.07 3.99
C LYS H 150 50.12 -11.79 2.77
N ASP H 151 49.90 -13.09 2.67
CA ASP H 151 50.43 -13.86 1.56
C ASP H 151 49.77 -13.45 0.25
N LYS H 152 50.50 -13.66 -0.85
CA LYS H 152 49.96 -13.36 -2.17
C LYS H 152 48.76 -14.23 -2.50
N ILE H 153 48.56 -15.34 -1.80
CA ILE H 153 47.46 -16.25 -2.12
C ILE H 153 46.12 -15.55 -1.92
N TYR H 154 46.02 -14.68 -0.92
CA TYR H 154 44.78 -13.96 -0.70
C TYR H 154 44.52 -12.93 -1.78
N GLY H 155 45.53 -12.59 -2.58
CA GLY H 155 45.28 -11.83 -3.79
C GLY H 155 44.28 -12.51 -4.70
N ASP H 156 44.24 -13.85 -4.67
CA ASP H 156 43.23 -14.61 -5.38
C ASP H 156 41.83 -14.05 -5.16
N PHE H 157 41.59 -13.46 -4.00
CA PHE H 157 40.32 -12.81 -3.71
C PHE H 157 40.37 -11.30 -3.79
N ARG H 158 41.53 -10.70 -3.53
CA ARG H 158 41.64 -9.25 -3.65
C ARG H 158 41.64 -8.81 -5.11
N HIS H 159 42.06 -9.70 -6.01
CA HIS H 159 41.98 -9.47 -7.44
C HIS H 159 41.16 -10.57 -8.09
N PHE H 160 39.98 -10.85 -7.51
CA PHE H 160 39.15 -11.97 -7.92
C PHE H 160 38.88 -11.93 -9.42
N ASP H 161 39.04 -13.08 -10.07
CA ASP H 161 38.88 -13.22 -11.50
C ASP H 161 37.91 -14.35 -11.80
N GLY H 162 37.06 -14.14 -12.81
CA GLY H 162 36.06 -15.13 -13.15
C GLY H 162 36.63 -16.40 -13.76
N ASN H 163 37.80 -16.30 -14.41
CA ASN H 163 38.39 -17.47 -15.05
C ASN H 163 38.81 -18.51 -14.01
N SER H 164 39.39 -18.05 -12.90
CA SER H 164 39.77 -18.97 -11.84
C SER H 164 38.56 -19.68 -11.26
N GLN H 165 37.47 -18.93 -11.05
CA GLN H 165 36.25 -19.56 -10.55
C GLN H 165 35.65 -20.53 -11.56
N THR H 166 35.76 -20.22 -12.85
CA THR H 166 35.29 -21.15 -13.87
C THR H 166 36.08 -22.45 -13.83
N LEU H 167 37.41 -22.35 -13.72
CA LEU H 167 38.23 -23.55 -13.60
C LEU H 167 37.88 -24.33 -12.35
N ARG H 168 37.66 -23.62 -11.24
CA ARG H 168 37.27 -24.29 -10.00
C ARG H 168 35.94 -25.01 -10.16
N LEU H 169 34.97 -24.39 -10.83
CA LEU H 169 33.68 -25.01 -11.04
C LEU H 169 33.80 -26.27 -11.90
N VAL H 170 34.57 -26.18 -12.99
CA VAL H 170 34.65 -27.33 -13.88
C VAL H 170 35.51 -28.45 -13.31
N THR H 171 36.42 -28.15 -12.37
CA THR H 171 37.33 -29.16 -11.87
C THR H 171 36.96 -29.70 -10.49
N LYS H 172 36.32 -28.91 -9.64
CA LYS H 172 36.08 -29.30 -8.25
C LYS H 172 34.63 -29.00 -7.85
N LEU H 173 33.67 -29.36 -8.70
CA LEU H 173 32.29 -29.11 -8.33
C LEU H 173 31.33 -30.16 -8.88
N GLN H 174 31.00 -31.15 -8.06
CA GLN H 174 29.92 -32.11 -8.32
C GLN H 174 29.69 -32.97 -7.10
N GLY H 179 36.31 -35.45 -6.37
CA GLY H 179 37.52 -34.70 -6.68
C GLY H 179 37.49 -34.08 -8.07
N TYR H 180 36.56 -34.55 -8.90
CA TYR H 180 36.39 -34.07 -10.26
C TYR H 180 34.96 -33.63 -10.49
N GLY H 181 34.78 -32.75 -11.46
CA GLY H 181 33.46 -32.23 -11.76
C GLY H 181 32.88 -32.81 -13.04
N LEU H 182 32.88 -32.02 -14.11
CA LEU H 182 32.39 -32.46 -15.41
C LEU H 182 33.29 -33.48 -16.07
N ASN H 183 34.49 -33.72 -15.53
CA ASN H 183 35.45 -34.67 -16.08
C ASN H 183 35.78 -34.31 -17.53
N LEU H 184 36.12 -33.04 -17.74
CA LEU H 184 36.51 -32.57 -19.06
C LEU H 184 37.85 -33.16 -19.46
N THR H 185 38.09 -33.25 -20.76
CA THR H 185 39.35 -33.77 -21.25
C THR H 185 40.49 -32.82 -20.92
N TYR H 186 41.72 -33.34 -20.99
CA TYR H 186 42.89 -32.54 -20.68
C TYR H 186 43.04 -31.37 -21.65
N ALA H 187 42.69 -31.59 -22.92
CA ALA H 187 42.77 -30.51 -23.90
C ALA H 187 41.84 -29.36 -23.52
N THR H 188 40.61 -29.68 -23.15
CA THR H 188 39.65 -28.64 -22.77
C THR H 188 40.15 -27.88 -21.54
N LEU H 189 40.54 -28.61 -20.50
CA LEU H 189 40.98 -27.96 -19.27
C LEU H 189 42.21 -27.09 -19.52
N ALA H 190 43.14 -27.56 -20.34
CA ALA H 190 44.30 -26.75 -20.70
C ALA H 190 43.87 -25.50 -21.46
N SER H 191 42.84 -25.62 -22.30
CA SER H 191 42.42 -24.47 -23.09
C SER H 191 41.69 -23.44 -22.24
N MET H 192 41.00 -23.85 -21.16
CA MET H 192 40.30 -22.87 -20.34
C MET H 192 41.20 -22.07 -19.43
N ILE H 193 42.49 -22.42 -19.31
CA ILE H 193 43.42 -21.66 -18.48
C ILE H 193 43.81 -20.43 -19.30
N LYS H 194 43.12 -19.31 -19.06
CA LYS H 194 43.36 -18.11 -19.84
C LYS H 194 44.72 -17.50 -19.52
N TYR H 195 45.04 -17.36 -18.24
CA TYR H 195 46.32 -16.82 -17.80
C TYR H 195 47.10 -17.91 -17.08
N PRO H 196 48.09 -18.52 -17.71
CA PRO H 196 48.78 -19.65 -17.08
C PRO H 196 49.73 -19.24 -15.96
N ARG H 197 49.18 -18.64 -14.89
CA ARG H 197 49.98 -18.28 -13.73
C ARG H 197 49.05 -18.16 -12.53
N SER H 198 49.65 -18.19 -11.35
CA SER H 198 48.93 -18.06 -10.09
C SER H 198 49.23 -16.70 -9.46
N SER H 199 48.55 -16.41 -8.35
CA SER H 199 48.79 -15.17 -7.63
C SER H 199 50.20 -15.12 -7.06
N GLU H 200 50.68 -16.25 -6.52
CA GLU H 200 52.02 -16.28 -5.95
C GLU H 200 53.08 -16.03 -7.02
N SER H 201 52.94 -16.63 -8.18
CA SER H 201 53.90 -16.46 -9.26
C SER H 201 53.73 -15.09 -9.90
N ASP H 202 54.82 -14.35 -10.02
CA ASP H 202 54.82 -13.02 -10.61
C ASP H 202 55.56 -13.08 -11.94
N SER H 203 54.85 -12.80 -13.03
CA SER H 203 55.42 -12.79 -14.36
C SER H 203 54.94 -11.56 -15.11
N SER H 204 55.83 -10.98 -15.92
CA SER H 204 55.46 -9.82 -16.72
C SER H 204 54.60 -10.19 -17.91
N LEU H 205 54.56 -11.47 -18.28
CA LEU H 205 53.77 -11.89 -19.44
C LEU H 205 52.28 -11.66 -19.20
N TRP H 206 51.78 -12.05 -18.03
CA TRP H 206 50.37 -11.95 -17.70
C TRP H 206 50.20 -11.16 -16.40
N LYS H 207 49.30 -10.19 -16.42
CA LYS H 207 49.03 -9.36 -15.26
C LYS H 207 47.89 -9.89 -14.39
N LYS H 208 47.30 -11.02 -14.76
CA LYS H 208 46.22 -11.63 -14.00
C LYS H 208 46.54 -13.08 -13.73
N HIS H 209 46.03 -13.58 -12.61
CA HIS H 209 46.15 -15.00 -12.27
C HIS H 209 45.01 -15.78 -12.92
N GLY H 210 45.31 -16.99 -13.35
CA GLY H 210 44.33 -17.79 -14.06
C GLY H 210 43.70 -18.90 -13.25
N PHE H 211 44.23 -19.16 -12.05
CA PHE H 211 43.68 -20.21 -11.20
C PHE H 211 43.95 -19.87 -9.75
N PHE H 212 43.12 -20.43 -8.88
CA PHE H 212 43.26 -20.23 -7.44
C PHE H 212 44.37 -21.11 -6.89
N LEU H 213 44.71 -20.87 -5.62
CA LEU H 213 45.68 -21.73 -4.94
C LEU H 213 45.15 -23.15 -4.82
N SER H 214 43.86 -23.30 -4.53
CA SER H 214 43.26 -24.61 -4.34
C SER H 214 43.34 -25.48 -5.59
N GLU H 215 43.53 -24.89 -6.76
CA GLU H 215 43.65 -25.62 -8.00
C GLU H 215 45.09 -25.80 -8.45
N LYS H 216 46.06 -25.38 -7.61
CA LYS H 216 47.46 -25.47 -8.01
C LYS H 216 47.86 -26.90 -8.36
N ASP H 217 47.36 -27.87 -7.60
CA ASP H 217 47.66 -29.26 -7.91
C ASP H 217 46.96 -29.71 -9.19
N VAL H 218 45.74 -29.22 -9.42
CA VAL H 218 45.01 -29.62 -10.62
C VAL H 218 45.70 -29.09 -11.87
N VAL H 219 46.02 -27.80 -11.88
CA VAL H 219 46.65 -27.19 -13.05
C VAL H 219 47.98 -27.85 -13.33
N GLN H 220 48.79 -28.09 -12.29
CA GLN H 220 50.04 -28.80 -12.46
C GLN H 220 49.82 -30.17 -13.09
N ASP H 221 48.71 -30.83 -12.76
CA ASP H 221 48.38 -32.08 -13.44
C ASP H 221 48.08 -31.83 -14.92
N ILE H 222 47.29 -30.81 -15.20
CA ILE H 222 46.91 -30.51 -16.59
C ILE H 222 48.16 -30.21 -17.42
N TRP H 223 49.03 -29.34 -16.90
CA TRP H 223 50.28 -29.03 -17.58
C TRP H 223 51.11 -30.28 -17.80
N ASN H 224 51.00 -31.26 -16.90
CA ASN H 224 51.76 -32.49 -17.07
C ASN H 224 51.23 -33.32 -18.23
N ASN H 225 49.94 -33.25 -18.50
CA ASN H 225 49.31 -34.08 -19.53
C ASN H 225 49.14 -33.36 -20.85
N THR H 226 49.59 -32.11 -20.96
CA THR H 226 49.45 -31.34 -22.19
C THR H 226 50.76 -30.72 -22.66
N GLY H 227 51.86 -30.95 -21.96
CA GLY H 227 53.13 -30.36 -22.36
C GLY H 227 53.21 -28.87 -22.16
N LEU H 228 52.36 -28.32 -21.31
CA LEU H 228 52.35 -26.89 -21.02
C LEU H 228 53.07 -26.62 -19.71
N SER H 229 53.26 -25.35 -19.40
CA SER H 229 53.97 -24.94 -18.20
C SER H 229 53.47 -23.57 -17.76
N GLU H 230 54.00 -23.10 -16.64
CA GLU H 230 53.67 -21.77 -16.15
C GLU H 230 54.10 -20.71 -17.16
N GLY H 231 53.19 -19.80 -17.46
CA GLY H 231 53.42 -18.74 -18.43
C GLY H 231 53.21 -19.16 -19.86
N VAL H 232 53.05 -20.45 -20.12
CA VAL H 232 52.81 -20.96 -21.46
C VAL H 232 51.31 -21.21 -21.61
N ARG H 233 50.72 -20.62 -22.63
CA ARG H 233 49.27 -20.65 -22.83
C ARG H 233 48.92 -21.58 -23.98
N HIS H 234 47.84 -22.33 -23.81
CA HIS H 234 47.39 -23.22 -24.86
C HIS H 234 47.04 -22.43 -26.11
N PRO H 235 47.42 -22.91 -27.30
CA PRO H 235 47.17 -22.11 -28.52
C PRO H 235 45.70 -21.77 -28.74
N PHE H 236 44.78 -22.68 -28.41
CA PHE H 236 43.38 -22.41 -28.64
C PHE H 236 42.82 -21.37 -27.67
N THR H 237 43.52 -21.11 -26.57
CA THR H 237 43.10 -20.05 -25.67
C THR H 237 43.18 -18.68 -26.34
N TYR H 238 44.18 -18.49 -27.20
CA TYR H 238 44.26 -17.26 -27.97
C TYR H 238 43.04 -17.10 -28.87
N ILE H 239 42.62 -18.18 -29.52
CA ILE H 239 41.45 -18.14 -30.39
C ILE H 239 40.20 -17.83 -29.59
N MET H 240 40.05 -18.49 -28.43
CA MET H 240 38.88 -18.24 -27.60
C MET H 240 38.84 -16.80 -27.11
N GLU H 241 39.99 -16.26 -26.70
CA GLU H 241 40.04 -14.87 -26.26
C GLU H 241 39.74 -13.90 -27.39
N ALA H 242 40.25 -14.18 -28.59
CA ALA H 242 39.95 -13.32 -29.74
C ALA H 242 38.47 -13.35 -30.07
N CYS H 243 37.85 -14.54 -30.03
CA CYS H 243 36.42 -14.63 -30.28
C CYS H 243 35.63 -13.90 -29.20
N ASP H 244 36.07 -14.00 -27.95
CA ASP H 244 35.42 -13.28 -26.87
C ASP H 244 35.48 -11.78 -27.10
N ASP H 245 36.65 -11.27 -27.50
CA ASP H 245 36.79 -9.83 -27.75
C ASP H 245 35.92 -9.39 -28.93
N ILE H 246 35.90 -10.18 -30.00
CA ILE H 246 35.09 -9.84 -31.17
C ILE H 246 33.62 -9.79 -30.79
N ALA H 247 33.15 -10.81 -30.07
CA ALA H 247 31.76 -10.82 -29.62
C ALA H 247 31.47 -9.61 -28.75
N TYR H 248 32.32 -9.37 -27.74
CA TYR H 248 32.17 -8.20 -26.89
C TYR H 248 31.95 -6.94 -27.72
N SER H 249 32.94 -6.59 -28.54
CA SER H 249 32.89 -5.33 -29.28
C SER H 249 31.67 -5.27 -30.20
N VAL H 250 31.58 -6.20 -31.15
CA VAL H 250 30.56 -6.10 -32.19
C VAL H 250 29.16 -6.19 -31.59
N LEU H 251 28.94 -7.18 -30.73
CA LEU H 251 27.60 -7.40 -30.21
C LEU H 251 27.20 -6.36 -29.19
N ASP H 252 28.14 -5.79 -28.44
CA ASP H 252 27.79 -4.67 -27.58
C ASP H 252 27.43 -3.43 -28.40
N ALA H 253 28.12 -3.21 -29.51
CA ALA H 253 27.72 -2.13 -30.41
C ALA H 253 26.32 -2.38 -30.95
N GLU H 254 26.02 -3.61 -31.33
CA GLU H 254 24.69 -3.94 -31.83
C GLU H 254 23.63 -3.72 -30.77
N ASP H 255 23.91 -4.12 -29.52
CA ASP H 255 22.97 -3.89 -28.44
C ASP H 255 22.77 -2.41 -28.17
N ILE H 256 23.84 -1.61 -28.27
CA ILE H 256 23.72 -0.17 -28.10
C ILE H 256 22.80 0.41 -29.15
N ILE H 257 22.98 0.00 -30.40
CA ILE H 257 22.12 0.50 -31.47
C ILE H 257 20.67 0.06 -31.25
N LYS H 258 20.49 -1.20 -30.85
CA LYS H 258 19.13 -1.73 -30.67
C LYS H 258 18.40 -1.01 -29.54
N LYS H 259 19.09 -0.75 -28.42
CA LYS H 259 18.46 -0.09 -27.29
C LYS H 259 18.17 1.39 -27.57
N GLY H 260 18.67 1.95 -28.66
CA GLY H 260 18.43 3.33 -28.99
C GLY H 260 19.40 4.32 -28.38
N PHE H 261 20.44 3.84 -27.69
CA PHE H 261 21.43 4.76 -27.13
C PHE H 261 22.25 5.45 -28.20
N ALA H 262 22.32 4.88 -29.40
CA ALA H 262 23.03 5.49 -30.50
C ALA H 262 22.44 4.94 -31.80
N SER H 263 22.74 5.63 -32.89
CA SER H 263 22.25 5.25 -34.20
C SER H 263 23.36 4.60 -35.01
N PHE H 264 22.96 3.96 -36.10
CA PHE H 264 23.94 3.35 -37.01
C PHE H 264 24.87 4.40 -37.59
N HIS H 265 24.32 5.56 -37.96
CA HIS H 265 25.15 6.65 -38.46
C HIS H 265 26.14 7.13 -37.40
N ASP H 266 25.73 7.11 -36.13
CA ASP H 266 26.67 7.48 -35.07
C ASP H 266 27.85 6.54 -35.03
N LEU H 267 27.60 5.23 -35.14
CA LEU H 267 28.69 4.26 -35.16
C LEU H 267 29.58 4.44 -36.38
N ILE H 268 28.97 4.68 -37.54
CA ILE H 268 29.76 4.87 -38.75
C ILE H 268 30.65 6.10 -38.63
N ASP H 269 30.10 7.20 -38.11
CA ASP H 269 30.89 8.40 -37.92
C ASP H 269 32.00 8.18 -36.90
N PHE H 270 31.70 7.46 -35.82
CA PHE H 270 32.71 7.20 -34.81
C PHE H 270 33.86 6.39 -35.39
N ILE H 271 33.56 5.37 -36.18
CA ILE H 271 34.61 4.58 -36.81
C ILE H 271 35.40 5.41 -37.81
N GLN H 272 34.70 6.20 -38.63
CA GLN H 272 35.37 7.02 -39.63
C GLN H 272 36.25 8.08 -38.98
N SER H 273 35.76 8.71 -37.92
CA SER H 273 36.50 9.76 -37.23
C SER H 273 37.56 9.22 -36.27
N ASN H 274 37.60 7.91 -36.07
CA ASN H 274 38.62 7.33 -35.21
C ASN H 274 40.01 7.52 -35.82
N GLN H 275 40.97 7.90 -34.98
CA GLN H 275 42.31 8.20 -35.48
C GLN H 275 42.97 6.97 -36.10
N PHE H 276 42.88 5.83 -35.43
CA PHE H 276 43.53 4.62 -35.93
C PHE H 276 42.76 3.99 -37.08
N CYS H 277 41.42 4.07 -37.04
CA CYS H 277 40.62 3.47 -38.10
C CYS H 277 40.72 4.21 -39.41
N LYS H 278 41.26 5.44 -39.42
CA LYS H 278 41.59 6.08 -40.68
C LYS H 278 42.68 5.29 -41.39
N GLU H 279 42.62 5.30 -42.73
CA GLU H 279 43.51 4.54 -43.60
C GLU H 279 43.79 3.13 -43.08
N ASP H 280 42.76 2.47 -42.57
CA ASP H 280 42.85 1.08 -42.13
C ASP H 280 42.01 0.23 -43.08
N ASP H 281 42.62 -0.79 -43.68
CA ASP H 281 41.98 -1.51 -44.78
C ASP H 281 40.68 -2.18 -44.33
N VAL H 282 40.71 -2.88 -43.20
CA VAL H 282 39.53 -3.59 -42.75
C VAL H 282 38.42 -2.61 -42.39
N ALA H 283 38.77 -1.55 -41.66
CA ALA H 283 37.76 -0.56 -41.27
C ALA H 283 37.16 0.11 -42.49
N LYS H 284 37.99 0.50 -43.46
CA LYS H 284 37.46 1.13 -44.67
C LYS H 284 36.56 0.18 -45.45
N ARG H 285 36.97 -1.09 -45.57
CA ARG H 285 36.15 -2.06 -46.28
C ARG H 285 34.78 -2.20 -45.63
N VAL H 286 34.77 -2.37 -44.31
CA VAL H 286 33.50 -2.51 -43.59
C VAL H 286 32.66 -1.25 -43.76
N ILE H 287 33.29 -0.07 -43.66
CA ILE H 287 32.54 1.18 -43.75
C ILE H 287 31.90 1.32 -45.13
N GLU H 288 32.66 1.04 -46.19
CA GLU H 288 32.11 1.16 -47.53
C GLU H 288 30.98 0.16 -47.77
N ASN H 289 31.16 -1.09 -47.35
CA ASN H 289 30.10 -2.08 -47.53
C ASN H 289 28.83 -1.66 -46.79
N CYS H 290 28.99 -1.22 -45.55
CA CYS H 290 27.83 -0.81 -44.76
C CYS H 290 27.16 0.42 -45.34
N LYS H 291 27.94 1.36 -45.87
CA LYS H 291 27.36 2.55 -46.47
C LYS H 291 26.55 2.19 -47.72
N LYS H 292 27.09 1.30 -48.56
CA LYS H 292 26.32 0.87 -49.73
C LYS H 292 25.03 0.17 -49.32
N ILE H 293 25.11 -0.73 -48.34
CA ILE H 293 23.92 -1.46 -47.92
C ILE H 293 22.90 -0.52 -47.29
N HIS H 294 23.37 0.46 -46.52
CA HIS H 294 22.46 1.43 -45.92
C HIS H 294 21.78 2.29 -46.98
N ALA H 295 22.53 2.70 -48.01
CA ALA H 295 21.94 3.44 -49.10
C ALA H 295 20.87 2.62 -49.80
N ASP H 296 21.13 1.33 -50.03
CA ASP H 296 20.12 0.46 -50.63
C ASP H 296 18.90 0.32 -49.72
N TYR H 297 19.13 0.19 -48.41
CA TYR H 297 18.03 -0.04 -47.48
C TYR H 297 17.15 1.20 -47.32
N ALA H 298 17.74 2.39 -47.43
CA ALA H 298 17.00 3.61 -47.16
C ALA H 298 15.80 3.78 -48.08
N GLN H 299 15.85 3.17 -49.27
CA GLN H 299 14.74 3.26 -50.20
C GLN H 299 13.48 2.62 -49.63
N GLN H 300 13.62 1.46 -49.02
CA GLN H 300 12.47 0.77 -48.43
C GLN H 300 11.89 1.58 -47.29
N LYS H 301 10.57 1.71 -47.26
CA LYS H 301 9.88 2.51 -46.26
C LYS H 301 9.87 1.74 -44.95
N LEU H 302 10.78 2.09 -44.05
CA LEU H 302 10.90 1.47 -42.74
C LEU H 302 10.96 2.54 -41.66
N SER H 303 10.52 2.16 -40.46
CA SER H 303 10.64 3.05 -39.32
C SER H 303 12.13 3.27 -39.01
N PRO H 304 12.48 4.41 -38.41
CA PRO H 304 13.90 4.65 -38.09
C PRO H 304 14.52 3.54 -37.25
N ALA H 305 13.77 2.98 -36.30
CA ALA H 305 14.26 1.85 -35.53
C ALA H 305 14.51 0.65 -36.43
N GLU H 306 13.59 0.38 -37.36
CA GLU H 306 13.76 -0.76 -38.26
C GLU H 306 14.95 -0.57 -39.18
N LEU H 307 15.12 0.63 -39.74
CA LEU H 307 16.28 0.90 -40.59
C LEU H 307 17.58 0.76 -39.80
N ASN H 308 17.61 1.29 -38.58
CA ASN H 308 18.78 1.15 -37.74
C ASN H 308 19.07 -0.32 -37.47
N ASP H 309 18.04 -1.11 -37.17
CA ASP H 309 18.24 -2.53 -36.91
C ASP H 309 18.81 -3.26 -38.11
N MET H 310 18.25 -3.00 -39.30
CA MET H 310 18.74 -3.68 -40.50
C MET H 310 20.18 -3.29 -40.81
N SER H 311 20.48 -1.99 -40.72
CA SER H 311 21.85 -1.53 -40.99
C SER H 311 22.82 -2.10 -39.98
N MET H 312 22.42 -2.16 -38.70
CA MET H 312 23.31 -2.70 -37.68
C MET H 312 23.49 -4.20 -37.85
N GLN H 313 22.46 -4.92 -38.29
CA GLN H 313 22.61 -6.34 -38.55
C GLN H 313 23.61 -6.58 -39.68
N MET H 314 23.49 -5.82 -40.77
CA MET H 314 24.45 -5.97 -41.86
C MET H 314 25.85 -5.59 -41.43
N PHE H 315 25.98 -4.54 -40.62
CA PHE H 315 27.29 -4.17 -40.10
C PHE H 315 27.86 -5.27 -39.23
N ARG H 316 27.02 -5.89 -38.39
CA ARG H 316 27.48 -6.98 -37.56
C ARG H 316 28.00 -8.13 -38.41
N VAL H 317 27.26 -8.49 -39.46
CA VAL H 317 27.69 -9.58 -40.34
C VAL H 317 29.05 -9.25 -40.95
N TYR H 318 29.17 -8.06 -41.54
CA TYR H 318 30.42 -7.69 -42.22
C TYR H 318 31.58 -7.63 -41.25
N ALA H 319 31.39 -6.97 -40.10
CA ALA H 319 32.47 -6.80 -39.14
C ALA H 319 32.90 -8.12 -38.54
N ILE H 320 31.94 -8.98 -38.19
CA ILE H 320 32.27 -10.28 -37.63
C ILE H 320 33.04 -11.10 -38.66
N ALA H 321 32.60 -11.09 -39.91
CA ALA H 321 33.31 -11.84 -40.95
C ALA H 321 34.74 -11.33 -41.09
N GLU H 322 34.92 -10.01 -41.17
CA GLU H 322 36.26 -9.45 -41.35
C GLU H 322 37.16 -9.76 -40.16
N LEU H 323 36.64 -9.58 -38.94
CA LEU H 323 37.45 -9.81 -37.75
C LEU H 323 37.80 -11.28 -37.60
N VAL H 324 36.86 -12.18 -37.91
CA VAL H 324 37.14 -13.60 -37.82
C VAL H 324 38.19 -14.00 -38.85
N ASP H 325 38.09 -13.47 -40.07
CA ASP H 325 39.10 -13.79 -41.08
C ASP H 325 40.47 -13.27 -40.67
N ALA H 326 40.53 -12.06 -40.12
CA ALA H 326 41.80 -11.51 -39.66
C ALA H 326 42.39 -12.35 -38.54
N VAL H 327 41.54 -12.79 -37.60
CA VAL H 327 42.00 -13.64 -36.50
C VAL H 327 42.54 -14.96 -37.03
N VAL H 328 41.84 -15.55 -37.99
CA VAL H 328 42.31 -16.81 -38.58
C VAL H 328 43.66 -16.62 -39.24
N ILE H 329 43.81 -15.54 -40.01
CA ILE H 329 45.08 -15.29 -40.70
C ILE H 329 46.20 -15.08 -39.69
N ALA H 330 45.94 -14.31 -38.63
CA ALA H 330 46.97 -14.07 -37.62
C ALA H 330 47.36 -15.36 -36.92
N PHE H 331 46.38 -16.21 -36.59
CA PHE H 331 46.68 -17.47 -35.92
C PHE H 331 47.48 -18.38 -36.84
N LYS H 332 47.11 -18.46 -38.11
CA LYS H 332 47.84 -19.31 -39.04
C LYS H 332 49.27 -18.83 -39.24
N ASP H 333 49.46 -17.51 -39.34
CA ASP H 333 50.81 -16.97 -39.57
C ASP H 333 51.71 -17.17 -38.36
N ASN H 334 51.15 -17.06 -37.16
CA ASN H 334 51.93 -17.13 -35.93
C ASN H 334 51.81 -18.48 -35.24
N ILE H 335 51.46 -19.54 -35.98
CA ILE H 335 51.24 -20.84 -35.35
C ILE H 335 52.55 -21.39 -34.78
N ASN H 336 53.67 -21.15 -35.46
CA ASN H 336 54.95 -21.65 -34.97
C ASN H 336 55.33 -21.01 -33.65
N GLU H 337 55.08 -19.70 -33.51
CA GLU H 337 55.35 -19.03 -32.24
C GLU H 337 54.41 -19.50 -31.15
N PHE H 338 53.15 -19.76 -31.49
CA PHE H 338 52.19 -20.25 -30.50
C PHE H 338 52.57 -21.63 -29.99
N LEU H 339 53.21 -22.44 -30.83
CA LEU H 339 53.63 -23.78 -30.43
C LEU H 339 54.98 -23.77 -29.71
N ASN H 340 55.59 -22.61 -29.53
CA ASN H 340 56.87 -22.50 -28.83
C ASN H 340 56.62 -22.10 -27.39
N ASP H 341 57.41 -22.69 -26.48
CA ASP H 341 57.25 -22.41 -25.06
C ASP H 341 57.60 -20.97 -24.71
N THR H 342 58.34 -20.27 -25.56
CA THR H 342 58.76 -18.89 -25.32
C THR H 342 57.89 -17.89 -26.08
N CYS H 343 56.60 -18.18 -26.22
CA CYS H 343 55.71 -17.29 -26.94
C CYS H 343 55.52 -15.98 -26.18
N GLU H 344 55.69 -14.86 -26.89
CA GLU H 344 55.51 -13.54 -26.30
C GLU H 344 54.23 -12.85 -26.76
N ILE H 345 53.38 -13.54 -27.53
CA ILE H 345 52.14 -12.95 -28.00
C ILE H 345 51.19 -12.77 -26.82
N LYS H 346 50.61 -11.58 -26.69
CA LYS H 346 49.68 -11.31 -25.62
C LYS H 346 48.23 -11.57 -26.03
N ASP H 347 47.88 -11.29 -27.27
CA ASP H 347 46.53 -11.55 -27.77
C ASP H 347 46.59 -11.73 -29.27
N LEU H 348 45.59 -12.45 -29.80
CA LEU H 348 45.53 -12.71 -31.23
C LEU H 348 45.07 -11.50 -32.03
N ILE H 349 44.22 -10.66 -31.44
CA ILE H 349 43.67 -9.51 -32.16
C ILE H 349 44.77 -8.53 -32.52
N SER H 350 45.67 -8.24 -31.58
CA SER H 350 46.69 -7.22 -31.81
C SER H 350 47.66 -7.61 -32.92
N CYS H 351 47.80 -8.90 -33.20
CA CYS H 351 48.64 -9.36 -34.30
C CYS H 351 47.89 -9.50 -35.61
N SER H 352 46.60 -9.16 -35.63
CA SER H 352 45.78 -9.28 -36.82
C SER H 352 45.55 -7.91 -37.44
N SER H 353 44.99 -7.92 -38.65
CA SER H 353 44.68 -6.69 -39.36
C SER H 353 43.41 -6.02 -38.85
N GLY H 354 42.65 -6.68 -37.97
CA GLY H 354 41.42 -6.11 -37.47
C GLY H 354 41.54 -5.51 -36.08
N LYS H 355 42.77 -5.27 -35.63
CA LYS H 355 42.96 -4.73 -34.29
C LYS H 355 42.42 -3.31 -34.18
N ASN H 356 42.61 -2.50 -35.22
CA ASN H 356 42.13 -1.12 -35.18
C ASN H 356 40.61 -1.06 -35.10
N LEU H 357 39.93 -1.88 -35.90
CA LEU H 357 38.46 -1.91 -35.87
C LEU H 357 37.95 -2.37 -34.51
N CYS H 358 38.59 -3.39 -33.93
CA CYS H 358 38.18 -3.87 -32.62
C CYS H 358 38.39 -2.81 -31.55
N GLN H 359 39.53 -2.10 -31.61
CA GLN H 359 39.78 -1.03 -30.65
C GLN H 359 38.75 0.09 -30.78
N ALA H 360 38.44 0.48 -32.02
CA ALA H 360 37.44 1.53 -32.23
C ALA H 360 36.07 1.09 -31.72
N LEU H 361 35.69 -0.17 -31.97
CA LEU H 361 34.42 -0.67 -31.49
C LEU H 361 34.37 -0.68 -29.97
N LYS H 362 35.48 -1.08 -29.33
CA LYS H 362 35.53 -1.07 -27.87
C LYS H 362 35.41 0.35 -27.33
N LYS H 363 36.08 1.31 -27.96
CA LYS H 363 35.95 2.70 -27.53
C LYS H 363 34.52 3.21 -27.71
N PHE H 364 33.88 2.84 -28.82
CA PHE H 364 32.49 3.23 -29.04
C PHE H 364 31.58 2.65 -27.98
N ASP H 365 31.78 1.37 -27.64
CA ASP H 365 30.97 0.73 -26.60
C ASP H 365 31.19 1.40 -25.25
N SER H 366 32.43 1.73 -24.93
CA SER H 366 32.72 2.39 -23.65
C SER H 366 32.08 3.78 -23.60
N SER H 367 32.14 4.52 -24.71
CA SER H 367 31.63 5.88 -24.71
C SER H 367 30.11 5.92 -24.67
N ARG H 368 29.45 5.06 -25.46
CA ARG H 368 28.00 5.13 -25.60
C ARG H 368 27.26 4.10 -24.77
N GLY H 369 27.79 2.90 -24.62
CA GLY H 369 27.07 1.86 -23.91
C GLY H 369 27.43 1.67 -22.46
N TYR H 370 28.73 1.55 -22.16
CA TYR H 370 29.14 1.21 -20.81
C TYR H 370 28.96 2.38 -19.85
N GLN H 371 29.01 3.60 -20.35
CA GLN H 371 28.85 4.79 -19.52
C GLN H 371 27.45 5.37 -19.60
N HIS H 372 26.51 4.65 -20.21
CA HIS H 372 25.11 5.10 -20.21
C HIS H 372 24.55 5.04 -18.80
N ARG H 373 23.56 5.89 -18.54
CA ARG H 373 23.02 6.01 -17.18
C ARG H 373 22.39 4.70 -16.72
N SER H 374 21.75 3.96 -17.63
CA SER H 374 21.15 2.69 -17.24
C SER H 374 22.22 1.68 -16.81
N VAL H 375 23.32 1.60 -17.55
CA VAL H 375 24.38 0.67 -17.20
C VAL H 375 25.06 1.11 -15.91
N LEU H 376 25.26 2.41 -15.72
CA LEU H 376 25.84 2.90 -14.48
C LEU H 376 24.95 2.59 -13.29
N LYS H 377 23.63 2.76 -13.45
CA LYS H 377 22.71 2.42 -12.37
C LYS H 377 22.73 0.93 -12.07
N LEU H 378 22.79 0.10 -13.12
CA LEU H 378 22.87 -1.33 -12.90
C LEU H 378 24.15 -1.70 -12.16
N GLU H 379 25.27 -1.09 -12.52
CA GLU H 379 26.53 -1.37 -11.84
C GLU H 379 26.49 -0.93 -10.38
N LEU H 380 25.92 0.25 -10.11
CA LEU H 380 25.82 0.73 -8.74
C LEU H 380 24.93 -0.18 -7.90
N GLU H 381 23.78 -0.57 -8.44
CA GLU H 381 22.90 -1.47 -7.71
C GLU H 381 23.56 -2.81 -7.45
N GLY H 382 24.26 -3.34 -8.46
CA GLY H 382 24.96 -4.61 -8.29
C GLY H 382 26.04 -4.52 -7.23
N SER H 383 26.80 -3.43 -7.24
CA SER H 383 27.84 -3.25 -6.23
C SER H 383 27.24 -3.18 -4.83
N ASN H 384 26.16 -2.41 -4.68
CA ASN H 384 25.50 -2.31 -3.37
C ASN H 384 25.01 -3.68 -2.91
N TYR H 385 24.29 -4.39 -3.78
CA TYR H 385 23.74 -5.69 -3.41
C TYR H 385 24.85 -6.67 -3.05
N ILE H 386 25.89 -6.73 -3.89
CA ILE H 386 26.95 -7.70 -3.69
C ILE H 386 27.69 -7.43 -2.39
N LYS H 387 28.02 -6.15 -2.14
CA LYS H 387 28.78 -5.83 -0.93
C LYS H 387 27.94 -6.07 0.33
N GLY H 388 26.66 -5.70 0.30
CA GLY H 388 25.81 -5.97 1.45
C GLY H 388 25.66 -7.45 1.74
N LEU H 389 25.41 -8.24 0.68
CA LEU H 389 25.25 -9.67 0.86
C LEU H 389 26.56 -10.30 1.33
N MET H 390 27.69 -9.83 0.82
CA MET H 390 28.98 -10.34 1.27
C MET H 390 29.22 -10.03 2.74
N ASP H 391 28.86 -8.82 3.19
CA ASP H 391 28.94 -8.52 4.62
C ASP H 391 28.10 -9.47 5.44
N MET H 392 26.84 -9.66 5.03
CA MET H 392 25.93 -10.50 5.82
C MET H 392 26.37 -11.96 5.81
N LEU H 393 26.96 -12.44 4.71
CA LEU H 393 27.45 -13.81 4.67
C LEU H 393 28.74 -13.97 5.46
N TRP H 394 29.63 -12.98 5.38
CA TRP H 394 30.84 -13.01 6.19
C TRP H 394 30.52 -13.02 7.67
N LEU H 395 29.39 -12.42 8.06
CA LEU H 395 28.97 -12.50 9.46
C LEU H 395 28.79 -13.95 9.91
N GLY H 396 28.43 -14.85 9.00
CA GLY H 396 28.22 -16.24 9.35
C GLY H 396 29.29 -17.19 8.87
N ILE H 397 30.24 -16.69 8.09
CA ILE H 397 31.32 -17.52 7.56
C ILE H 397 32.60 -17.36 8.36
N LYS H 398 32.96 -16.11 8.71
CA LYS H 398 34.24 -15.85 9.34
C LYS H 398 34.39 -16.60 10.65
N GLY H 399 35.54 -17.24 10.84
CA GLY H 399 35.84 -17.97 12.05
C GLY H 399 35.43 -19.43 12.04
N ARG H 400 34.70 -19.88 11.01
CA ARG H 400 34.24 -21.26 10.99
C ARG H 400 35.41 -22.24 10.87
N ALA H 401 36.50 -21.84 10.22
CA ALA H 401 37.65 -22.70 10.05
C ALA H 401 38.82 -22.34 10.94
N THR H 402 38.96 -21.06 11.31
CA THR H 402 40.06 -20.67 12.18
C THR H 402 39.85 -21.19 13.61
N GLY H 403 38.59 -21.24 14.04
CA GLY H 403 38.28 -21.72 15.37
C GLY H 403 37.47 -20.74 16.19
N ASP H 404 37.66 -19.45 15.95
CA ASP H 404 36.91 -18.42 16.67
C ASP H 404 35.42 -18.54 16.35
N THR H 405 34.60 -18.45 17.38
CA THR H 405 33.18 -18.82 17.30
C THR H 405 32.26 -17.61 17.31
N GLN H 406 32.66 -16.52 16.65
CA GLN H 406 31.73 -15.40 16.49
C GLN H 406 30.57 -15.73 15.56
N TYR H 407 30.72 -16.75 14.73
CA TYR H 407 29.69 -17.14 13.77
C TYR H 407 28.52 -17.86 14.41
N ASP H 408 28.69 -18.41 15.61
CA ASP H 408 27.67 -19.27 16.22
C ASP H 408 26.56 -18.39 16.83
N THR H 409 25.81 -17.77 15.94
CA THR H 409 24.62 -16.99 16.26
C THR H 409 23.50 -17.48 15.36
N PRO H 410 22.23 -17.28 15.77
CA PRO H 410 21.13 -17.72 14.91
C PRO H 410 21.20 -17.12 13.51
N PHE H 411 21.56 -15.85 13.39
CA PHE H 411 21.73 -15.25 12.07
C PHE H 411 22.89 -15.89 11.32
N GLY H 412 24.01 -16.12 12.01
CA GLY H 412 25.14 -16.77 11.37
C GLY H 412 24.83 -18.18 10.92
N ARG H 413 24.15 -18.94 11.78
CA ARG H 413 23.76 -20.29 11.40
C ARG H 413 22.80 -20.29 10.23
N TYR H 414 21.85 -19.35 10.21
CA TYR H 414 20.92 -19.27 9.10
C TYR H 414 21.62 -18.94 7.79
N VAL H 415 22.51 -17.93 7.80
CA VAL H 415 23.18 -17.54 6.56
C VAL H 415 24.13 -18.63 6.10
N TYR H 416 24.73 -19.37 7.04
CA TYR H 416 25.53 -20.52 6.63
C TYR H 416 24.66 -21.60 6.00
N GLY H 417 23.46 -21.83 6.55
CA GLY H 417 22.55 -22.81 5.97
C GLY H 417 21.98 -22.41 4.63
N ARG H 418 21.93 -21.10 4.34
CA ARG H 418 21.45 -20.64 3.05
C ARG H 418 22.48 -20.80 1.94
N ILE H 419 23.75 -21.02 2.28
CA ILE H 419 24.76 -21.27 1.26
C ILE H 419 24.53 -22.64 0.65
N SER H 420 24.89 -22.78 -0.64
CA SER H 420 24.69 -24.03 -1.35
C SER H 420 25.46 -25.16 -0.66
N GLU H 421 24.84 -26.35 -0.64
CA GLU H 421 25.39 -27.46 0.13
C GLU H 421 26.73 -27.91 -0.41
N ASN H 422 26.90 -27.89 -1.73
CA ASN H 422 28.17 -28.33 -2.33
C ASN H 422 29.32 -27.44 -1.89
N TYR H 423 29.11 -26.12 -1.88
CA TYR H 423 30.16 -25.20 -1.45
C TYR H 423 30.53 -25.45 0.01
N ARG H 424 29.52 -25.66 0.86
CA ARG H 424 29.79 -25.95 2.26
C ARG H 424 30.55 -27.26 2.42
N ARG H 425 30.20 -28.27 1.63
CA ARG H 425 30.91 -29.55 1.69
C ARG H 425 32.37 -29.39 1.31
N ILE H 426 32.63 -28.62 0.26
CA ILE H 426 34.02 -28.35 -0.12
C ILE H 426 34.74 -27.57 0.97
N PHE H 427 34.04 -26.62 1.60
CA PHE H 427 34.65 -25.84 2.68
C PHE H 427 35.01 -26.71 3.87
N GLU H 428 34.16 -27.69 4.19
CA GLU H 428 34.38 -28.53 5.37
C GLU H 428 35.39 -29.65 5.11
N GLN H 429 35.82 -29.85 3.87
CA GLN H 429 36.82 -30.86 3.57
C GLN H 429 38.16 -30.49 4.21
N GLU H 430 38.91 -31.51 4.60
CA GLU H 430 40.22 -31.31 5.19
C GLU H 430 41.27 -31.32 4.09
N ASN H 431 42.04 -30.23 4.00
CA ASN H 431 43.12 -30.12 3.03
C ASN H 431 44.20 -29.22 3.61
N ASN H 432 45.15 -28.83 2.78
CA ASN H 432 46.28 -28.02 3.22
C ASN H 432 46.03 -26.52 3.07
N LEU H 433 44.85 -26.12 2.62
CA LEU H 433 44.57 -24.70 2.48
C LEU H 433 44.46 -24.04 3.86
N PRO H 434 45.00 -22.83 4.03
CA PRO H 434 44.82 -22.12 5.30
C PRO H 434 43.35 -21.81 5.56
N ALA H 435 43.02 -21.72 6.85
CA ALA H 435 41.63 -21.58 7.25
C ALA H 435 41.01 -20.29 6.70
N CYS H 436 41.74 -19.18 6.78
CA CYS H 436 41.22 -17.92 6.24
C CYS H 436 40.99 -18.02 4.75
N TYR H 437 41.91 -18.68 4.03
CA TYR H 437 41.72 -18.91 2.61
C TYR H 437 40.46 -19.74 2.36
N LYS H 438 40.23 -20.77 3.18
CA LYS H 438 39.04 -21.59 2.99
C LYS H 438 37.76 -20.78 3.20
N GLU H 439 37.73 -19.94 4.23
CA GLU H 439 36.54 -19.12 4.46
C GLU H 439 36.31 -18.13 3.31
N ALA H 440 37.39 -17.47 2.86
CA ALA H 440 37.26 -16.52 1.76
C ALA H 440 36.81 -17.23 0.49
N GLN H 441 37.32 -18.44 0.24
CA GLN H 441 36.92 -19.18 -0.95
C GLN H 441 35.47 -19.63 -0.84
N LEU H 442 35.01 -19.98 0.35
CA LEU H 442 33.59 -20.30 0.53
C LEU H 442 32.72 -19.11 0.19
N LEU H 443 33.11 -17.93 0.67
CA LEU H 443 32.33 -16.73 0.36
C LEU H 443 32.35 -16.43 -1.14
N ALA H 444 33.52 -16.57 -1.77
CA ALA H 444 33.64 -16.30 -3.21
C ALA H 444 32.81 -17.28 -4.03
N ASP H 445 32.84 -18.56 -3.66
CA ASP H 445 32.05 -19.55 -4.36
C ASP H 445 30.56 -19.28 -4.19
N ALA H 446 30.14 -18.90 -2.98
CA ALA H 446 28.73 -18.60 -2.76
C ALA H 446 28.29 -17.40 -3.60
N ILE H 447 29.07 -16.32 -3.61
CA ILE H 447 28.64 -15.12 -4.31
C ILE H 447 28.70 -15.31 -5.82
N SER H 448 29.75 -15.96 -6.32
CA SER H 448 29.94 -16.08 -7.76
C SER H 448 28.85 -16.93 -8.40
N GLY H 449 28.37 -17.95 -7.71
CA GLY H 449 27.39 -18.85 -8.30
C GLY H 449 25.97 -18.34 -8.36
N MET H 450 25.70 -17.17 -7.77
CA MET H 450 24.35 -16.65 -7.75
C MET H 450 24.05 -15.87 -9.04
N THR H 451 22.78 -15.87 -9.42
CA THR H 451 22.29 -15.01 -10.48
C THR H 451 21.88 -13.66 -9.89
N ASP H 452 21.53 -12.72 -10.78
CA ASP H 452 21.17 -11.38 -10.31
C ASP H 452 19.92 -11.42 -9.44
N SER H 453 18.85 -12.04 -9.94
CA SER H 453 17.60 -12.06 -9.20
C SER H 453 17.73 -12.83 -7.90
N TYR H 454 18.42 -13.97 -7.93
CA TYR H 454 18.62 -14.75 -6.71
C TYR H 454 19.44 -13.97 -5.70
N LEU H 455 20.49 -13.29 -6.15
CA LEU H 455 21.30 -12.49 -5.24
C LEU H 455 20.48 -11.38 -4.62
N ILE H 456 19.65 -10.70 -5.41
CA ILE H 456 18.82 -9.63 -4.87
C ILE H 456 17.84 -10.18 -3.85
N ALA H 457 17.21 -11.31 -4.17
CA ALA H 457 16.23 -11.90 -3.25
C ALA H 457 16.89 -12.31 -1.94
N LEU H 458 18.06 -12.96 -2.02
CA LEU H 458 18.75 -13.37 -0.80
C LEU H 458 19.20 -12.15 0.01
N HIS H 459 19.67 -11.10 -0.68
CA HIS H 459 20.07 -9.89 0.02
C HIS H 459 18.89 -9.27 0.76
N ASP H 460 17.74 -9.20 0.11
CA ASP H 460 16.55 -8.64 0.76
C ASP H 460 16.13 -9.49 1.95
N GLU H 461 16.14 -10.82 1.79
CA GLU H 461 15.78 -11.71 2.89
C GLU H 461 16.69 -11.51 4.09
N LEU H 462 18.00 -11.56 3.85
CA LEU H 462 18.94 -11.42 4.96
C LEU H 462 18.86 -10.04 5.59
N ARG H 463 18.68 -9.00 4.78
CA ARG H 463 18.54 -7.66 5.34
C ARG H 463 17.30 -7.55 6.22
N ALA H 464 16.21 -8.17 5.81
CA ALA H 464 15.01 -8.20 6.64
C ALA H 464 15.28 -8.94 7.94
N LEU H 465 16.02 -10.05 7.87
CA LEU H 465 16.27 -10.85 9.06
C LEU H 465 17.43 -10.36 9.92
N HIS H 466 18.20 -9.39 9.44
CA HIS H 466 19.38 -8.91 10.15
C HIS H 466 19.10 -7.68 11.00
N GLN H 467 17.85 -7.26 11.10
CA GLN H 467 17.55 -5.98 11.74
C GLN H 467 17.95 -5.96 13.21
N TYR H 468 17.65 -7.04 13.95
CA TYR H 468 17.94 -7.02 15.38
C TYR H 468 19.45 -7.13 15.63
N GLU H 469 20.12 -8.06 14.96
CA GLU H 469 21.54 -8.28 15.22
C GLU H 469 22.40 -7.13 14.70
N CYS H 470 21.88 -6.32 13.77
CA CYS H 470 22.66 -5.19 13.26
C CYS H 470 22.95 -4.18 14.35
N ARG H 471 21.96 -3.89 15.19
CA ARG H 471 22.14 -2.92 16.27
C ARG H 471 22.00 -3.61 17.63
#